data_9KTI
#
_entry.id   9KTI
#
_cell.length_a   1.00
_cell.length_b   1.00
_cell.length_c   1.00
_cell.angle_alpha   90.00
_cell.angle_beta   90.00
_cell.angle_gamma   90.00
#
_symmetry.space_group_name_H-M   'P 1'
#
loop_
_entity.id
_entity.type
_entity.pdbx_description
1 polymer '2,3-dihydroxyphenylpropionate/2,3-dihydroxicinnamic acid 1,2-dioxygenase'
2 non-polymer 'FE (II) ION'
3 non-polymer '3-[2,3-bis(oxidanyl)phenyl]propanoic acid'
#
_entity_poly.entity_id   1
_entity_poly.type   'polypeptide(L)'
_entity_poly.pdbx_seq_one_letter_code
;MHAYLHCLSHSPLVGYVDPAQEVLDEVNGVIASARERIAAFSPELVVLFAPDHYNGFFYDVMPPFCLGVGATAIGDFGSA
AGELPVPVELAEACAHAVMKSGIDLAVSYCMQVDHGFAQPLEFLLGGLDKVPVLPVFINGVATPLPGFQRTRMLGEAIGR
FTSTLNKRVLFLGSGGLSHQPPVPELAKADAHMRDRLLGSGKDLPASERELRQQRVISAAEKFVEDQRTLHPLNPIWDNQ
FMTLLEQGRIQELDAVSNEELSAIAGKSTHEIKTWVAAFAAISAFGNWRSEGRYYRPIPEWIAGFGSLSARTEN
;
_entity_poly.pdbx_strand_id   A,B,C,D,E,F,G,H,I,J
#
# COMPACT_ATOMS: atom_id res chain seq x y z
N MET A 1 33.38 -14.67 4.78
CA MET A 1 32.75 -14.36 6.06
C MET A 1 33.49 -15.01 7.21
N HIS A 2 33.28 -16.30 7.39
CA HIS A 2 34.06 -17.13 8.33
C HIS A 2 33.96 -16.59 9.75
N ALA A 3 32.75 -16.66 10.30
CA ALA A 3 32.49 -16.23 11.67
C ALA A 3 32.22 -17.42 12.56
N TYR A 4 32.69 -17.34 13.80
CA TYR A 4 32.45 -18.34 14.82
C TYR A 4 31.89 -17.69 16.07
N LEU A 5 31.09 -18.46 16.82
CA LEU A 5 30.46 -17.96 18.03
C LEU A 5 30.50 -19.04 19.09
N HIS A 6 30.78 -18.65 20.33
CA HIS A 6 30.70 -19.57 21.46
C HIS A 6 30.26 -18.81 22.70
N CYS A 7 29.16 -19.27 23.30
CA CYS A 7 28.64 -18.69 24.53
C CYS A 7 28.80 -19.71 25.66
N LEU A 8 29.34 -19.26 26.79
CA LEU A 8 29.68 -20.14 27.89
C LEU A 8 29.45 -19.44 29.22
N SER A 9 28.91 -20.18 30.19
CA SER A 9 28.72 -19.65 31.52
C SER A 9 30.05 -19.55 32.26
N HIS A 10 30.19 -18.50 33.07
CA HIS A 10 31.38 -18.31 33.88
C HIS A 10 30.99 -18.39 35.35
N SER A 11 31.92 -18.89 36.16
CA SER A 11 31.65 -19.07 37.59
C SER A 11 32.92 -18.81 38.40
N PRO A 12 32.91 -17.82 39.29
CA PRO A 12 34.10 -17.57 40.11
C PRO A 12 34.44 -18.70 41.07
N LEU A 13 33.48 -19.58 41.35
CA LEU A 13 33.68 -20.65 42.34
C LEU A 13 34.14 -21.93 41.65
N VAL A 14 35.31 -21.85 41.04
CA VAL A 14 35.97 -23.00 40.44
C VAL A 14 37.14 -23.38 41.33
N GLY A 15 36.98 -24.44 42.11
CA GLY A 15 37.96 -24.89 43.06
C GLY A 15 37.67 -24.47 44.49
N TYR A 16 36.97 -23.35 44.67
CA TYR A 16 36.55 -22.94 46.02
C TYR A 16 35.43 -23.81 46.53
N VAL A 17 34.44 -24.09 45.68
CA VAL A 17 33.36 -25.03 45.97
C VAL A 17 33.24 -25.97 44.77
N ASP A 18 33.21 -27.27 45.04
CA ASP A 18 33.27 -28.23 43.95
C ASP A 18 32.13 -29.24 44.04
N PRO A 19 31.55 -29.60 42.90
CA PRO A 19 30.59 -30.71 42.87
C PRO A 19 31.29 -32.06 42.77
N ALA A 20 30.53 -33.11 42.49
CA ALA A 20 31.12 -34.43 42.32
C ALA A 20 32.17 -34.44 41.22
N GLN A 21 33.06 -35.43 41.25
CA GLN A 21 34.15 -35.47 40.28
C GLN A 21 33.64 -35.77 38.88
N GLU A 22 32.56 -36.54 38.75
CA GLU A 22 32.06 -36.91 37.43
C GLU A 22 31.56 -35.69 36.67
N VAL A 23 30.75 -34.86 37.31
CA VAL A 23 30.23 -33.67 36.64
C VAL A 23 31.36 -32.69 36.35
N LEU A 24 32.35 -32.61 37.23
CA LEU A 24 33.51 -31.76 36.97
C LEU A 24 34.26 -32.23 35.72
N ASP A 25 34.46 -33.55 35.60
CA ASP A 25 35.09 -34.09 34.41
C ASP A 25 34.27 -33.83 33.16
N GLU A 26 32.95 -33.95 33.26
CA GLU A 26 32.09 -33.68 32.11
C GLU A 26 32.18 -32.22 31.67
N VAL A 27 32.16 -31.30 32.63
CA VAL A 27 32.27 -29.87 32.30
C VAL A 27 33.64 -29.58 31.67
N ASN A 28 34.70 -30.14 32.24
CA ASN A 28 36.03 -29.94 31.69
C ASN A 28 36.14 -30.49 30.28
N GLY A 29 35.51 -31.64 30.02
CA GLY A 29 35.51 -32.20 28.68
C GLY A 29 34.76 -31.34 27.68
N VAL A 30 33.62 -30.80 28.09
CA VAL A 30 32.86 -29.90 27.21
C VAL A 30 33.70 -28.66 26.88
N ILE A 31 34.33 -28.08 27.90
CA ILE A 31 35.15 -26.89 27.69
C ILE A 31 36.33 -27.21 26.78
N ALA A 32 36.95 -28.37 26.97
CA ALA A 32 38.07 -28.76 26.12
C ALA A 32 37.64 -28.96 24.67
N SER A 33 36.47 -29.57 24.46
CA SER A 33 35.98 -29.75 23.09
C SER A 33 35.71 -28.40 22.43
N ALA A 34 35.11 -27.46 23.17
CA ALA A 34 34.89 -26.14 22.62
C ALA A 34 36.21 -25.44 22.29
N ARG A 35 37.21 -25.58 23.17
CA ARG A 35 38.52 -25.01 22.90
C ARG A 35 39.15 -25.62 21.65
N GLU A 36 38.99 -26.93 21.47
CA GLU A 36 39.52 -27.58 20.27
C GLU A 36 38.85 -27.07 19.01
N ARG A 37 37.52 -26.91 19.05
CA ARG A 37 36.83 -26.36 17.88
C ARG A 37 37.29 -24.94 17.57
N ILE A 38 37.46 -24.12 18.60
CA ILE A 38 37.92 -22.75 18.39
C ILE A 38 39.32 -22.75 17.80
N ALA A 39 40.20 -23.59 18.32
CA ALA A 39 41.58 -23.67 17.80
C ALA A 39 41.59 -24.13 16.35
N ALA A 40 40.70 -25.07 16.00
CA ALA A 40 40.59 -25.48 14.61
C ALA A 40 40.11 -24.34 13.73
N PHE A 41 39.19 -23.51 14.24
CA PHE A 41 38.69 -22.38 13.45
C PHE A 41 39.80 -21.37 13.18
N SER A 42 40.72 -21.18 14.12
CA SER A 42 41.86 -20.27 14.00
C SER A 42 41.41 -18.83 13.75
N PRO A 43 40.82 -18.17 14.73
CA PRO A 43 40.33 -16.81 14.52
C PRO A 43 41.45 -15.78 14.49
N GLU A 44 41.13 -14.62 13.88
CA GLU A 44 42.04 -13.49 13.84
C GLU A 44 41.60 -12.33 14.72
N LEU A 45 40.32 -12.22 15.03
CA LEU A 45 39.79 -11.18 15.90
C LEU A 45 38.77 -11.80 16.85
N VAL A 46 38.73 -11.26 18.07
CA VAL A 46 37.78 -11.68 19.10
C VAL A 46 36.98 -10.47 19.55
N VAL A 47 35.66 -10.62 19.60
CA VAL A 47 34.77 -9.61 20.18
C VAL A 47 34.12 -10.24 21.39
N LEU A 48 34.41 -9.70 22.58
CA LEU A 48 34.01 -10.33 23.84
C LEU A 48 33.00 -9.45 24.55
N PHE A 49 31.75 -9.91 24.62
CA PHE A 49 30.71 -9.26 25.41
C PHE A 49 30.72 -9.85 26.81
N ALA A 50 30.76 -8.99 27.83
CA ALA A 50 30.84 -9.51 29.19
C ALA A 50 30.16 -8.53 30.14
N PRO A 51 29.68 -9.02 31.30
CA PRO A 51 29.17 -8.13 32.34
C PRO A 51 30.23 -7.76 33.37
N ASP A 52 29.84 -6.95 34.35
CA ASP A 52 30.70 -6.59 35.47
C ASP A 52 29.99 -6.90 36.77
N HIS A 53 30.77 -7.07 37.82
CA HIS A 53 30.26 -7.45 39.15
C HIS A 53 30.68 -6.42 40.19
N TYR A 54 30.44 -5.15 39.88
CA TYR A 54 30.77 -4.02 40.76
C TYR A 54 32.28 -3.98 41.05
N ASN A 55 33.08 -4.23 40.01
CA ASN A 55 34.53 -4.17 40.13
C ASN A 55 35.18 -3.14 39.23
N GLY A 56 34.57 -2.79 38.09
CA GLY A 56 35.13 -1.79 37.20
C GLY A 56 34.22 -0.60 36.97
N PHE A 57 32.92 -0.81 37.09
CA PHE A 57 31.92 0.23 36.86
C PHE A 57 31.08 0.43 38.11
N PHE A 58 30.82 1.69 38.45
CA PHE A 58 30.06 2.00 39.65
C PHE A 58 29.01 3.07 39.37
N TYR A 59 28.39 3.60 40.42
CA TYR A 59 27.29 4.55 40.26
C TYR A 59 27.76 5.98 40.05
N ASP A 60 29.07 6.23 40.02
CA ASP A 60 29.54 7.56 39.63
C ASP A 60 29.15 7.86 38.19
N VAL A 61 29.39 6.91 37.28
CA VAL A 61 28.84 6.91 35.93
C VAL A 61 28.54 5.47 35.57
N MET A 62 27.26 5.15 35.33
CA MET A 62 26.84 3.80 34.97
C MET A 62 26.23 3.79 33.58
N PRO A 63 26.96 3.36 32.55
CA PRO A 63 26.40 3.30 31.21
C PRO A 63 25.74 1.97 30.95
N PRO A 64 24.78 1.90 30.01
CA PRO A 64 24.24 0.59 29.64
C PRO A 64 25.22 -0.24 28.82
N PHE A 65 25.91 0.37 27.87
CA PHE A 65 26.92 -0.30 27.06
C PHE A 65 28.22 0.49 27.14
N CYS A 66 29.34 -0.23 27.07
CA CYS A 66 30.63 0.43 27.05
C CYS A 66 31.60 -0.37 26.20
N LEU A 67 32.49 0.33 25.50
CA LEU A 67 33.54 -0.27 24.69
C LEU A 67 34.89 0.06 25.29
N GLY A 68 35.73 -0.96 25.48
CA GLY A 68 37.02 -0.73 26.09
C GLY A 68 38.16 -0.56 25.09
N VAL A 69 38.56 0.68 24.85
CA VAL A 69 39.72 0.93 24.00
C VAL A 69 41.00 0.47 24.70
N GLY A 70 41.06 0.66 26.02
CA GLY A 70 42.12 0.09 26.81
C GLY A 70 41.57 -0.63 28.02
N ALA A 71 41.95 -1.89 28.22
CA ALA A 71 41.39 -2.70 29.28
C ALA A 71 42.50 -3.42 30.04
N THR A 72 42.28 -3.61 31.34
CA THR A 72 43.21 -4.32 32.20
C THR A 72 42.42 -5.21 33.15
N ALA A 73 42.80 -6.48 33.24
CA ALA A 73 42.16 -7.42 34.14
C ALA A 73 42.81 -7.35 35.50
N ILE A 74 41.99 -7.18 36.54
CA ILE A 74 42.50 -6.97 37.89
C ILE A 74 42.90 -8.26 38.60
N GLY A 75 42.46 -9.41 38.11
CA GLY A 75 42.84 -10.68 38.71
C GLY A 75 42.14 -10.98 40.01
N ASP A 76 40.84 -11.19 39.96
CA ASP A 76 40.05 -11.52 41.15
C ASP A 76 39.56 -12.95 41.07
N PHE A 77 39.34 -13.55 42.24
CA PHE A 77 38.84 -14.92 42.38
C PHE A 77 39.76 -15.93 41.70
N GLY A 78 41.07 -15.66 41.70
CA GLY A 78 42.04 -16.55 41.11
C GLY A 78 42.22 -16.41 39.61
N SER A 79 41.51 -15.48 38.97
CA SER A 79 41.68 -15.26 37.54
C SER A 79 42.98 -14.51 37.27
N ALA A 80 43.35 -14.47 35.99
CA ALA A 80 44.60 -13.83 35.60
C ALA A 80 44.49 -12.31 35.69
N ALA A 81 45.64 -11.66 35.85
CA ALA A 81 45.72 -10.22 35.95
C ALA A 81 46.75 -9.69 34.95
N GLY A 82 46.44 -8.56 34.35
CA GLY A 82 47.35 -7.95 33.40
C GLY A 82 46.60 -7.21 32.31
N GLU A 83 47.36 -6.57 31.45
CA GLU A 83 46.79 -5.73 30.40
C GLU A 83 46.42 -6.58 29.18
N LEU A 84 45.22 -6.30 28.61
CA LEU A 84 44.66 -6.94 27.44
C LEU A 84 45.15 -6.28 26.15
N PRO A 85 45.44 -7.08 25.11
CA PRO A 85 45.85 -6.51 23.82
C PRO A 85 44.64 -6.05 23.01
N VAL A 86 44.49 -4.74 22.87
CA VAL A 86 43.37 -4.14 22.16
C VAL A 86 43.92 -3.30 21.03
N PRO A 87 43.49 -3.52 19.79
CA PRO A 87 43.90 -2.61 18.70
C PRO A 87 43.20 -1.27 18.80
N VAL A 88 43.98 -0.20 19.01
CA VAL A 88 43.41 1.12 19.31
C VAL A 88 42.66 1.66 18.10
N GLU A 89 43.29 1.60 16.91
CA GLU A 89 42.66 2.17 15.72
C GLU A 89 41.39 1.42 15.35
N LEU A 90 41.43 0.08 15.41
CA LEU A 90 40.24 -0.70 15.12
C LEU A 90 39.13 -0.42 16.12
N ALA A 91 39.49 -0.28 17.39
CA ALA A 91 38.49 0.02 18.42
C ALA A 91 37.84 1.38 18.18
N GLU A 92 38.65 2.38 17.83
CA GLU A 92 38.10 3.71 17.58
C GLU A 92 37.20 3.72 16.33
N ALA A 93 37.61 2.99 15.29
CA ALA A 93 36.76 2.88 14.11
C ALA A 93 35.44 2.19 14.45
N CYS A 94 35.49 1.13 15.26
CA CYS A 94 34.28 0.44 15.68
C CYS A 94 33.36 1.37 16.47
N ALA A 95 33.95 2.15 17.39
CA ALA A 95 33.15 3.09 18.16
C ALA A 95 32.47 4.11 17.26
N HIS A 96 33.21 4.65 16.29
CA HIS A 96 32.62 5.62 15.36
C HIS A 96 31.48 4.99 14.56
N ALA A 97 31.69 3.78 14.05
CA ALA A 97 30.65 3.13 13.24
C ALA A 97 29.41 2.82 14.06
N VAL A 98 29.58 2.31 15.28
CA VAL A 98 28.44 1.97 16.11
C VAL A 98 27.69 3.21 16.54
N MET A 99 28.41 4.29 16.87
CA MET A 99 27.77 5.55 17.19
C MET A 99 26.96 6.06 16.00
N LYS A 100 27.51 5.94 14.79
CA LYS A 100 26.79 6.38 13.60
C LYS A 100 25.57 5.52 13.33
N SER A 101 25.62 4.23 13.68
CA SER A 101 24.50 3.34 13.42
C SER A 101 23.26 3.66 14.23
N GLY A 102 23.38 4.48 15.28
CA GLY A 102 22.23 4.83 16.08
C GLY A 102 22.22 4.21 17.46
N ILE A 103 23.39 3.86 17.97
CA ILE A 103 23.55 3.28 19.30
C ILE A 103 24.32 4.26 20.16
N ASP A 104 23.80 4.56 21.34
CA ASP A 104 24.45 5.48 22.28
C ASP A 104 25.44 4.68 23.10
N LEU A 105 26.70 4.68 22.67
CA LEU A 105 27.74 3.83 23.23
C LEU A 105 28.77 4.67 23.96
N ALA A 106 29.09 4.27 25.19
CA ALA A 106 30.15 4.92 25.94
C ALA A 106 31.50 4.29 25.60
N VAL A 107 32.56 5.06 25.80
CA VAL A 107 33.92 4.60 25.51
C VAL A 107 34.78 4.82 26.74
N SER A 108 35.76 3.95 26.91
CA SER A 108 36.69 4.01 28.02
C SER A 108 38.10 3.72 27.53
N TYR A 109 39.07 4.45 28.06
CA TYR A 109 40.47 4.23 27.72
C TYR A 109 41.24 3.56 28.85
N CYS A 110 40.63 3.39 30.03
CA CYS A 110 41.21 2.65 31.15
C CYS A 110 40.06 1.91 31.82
N MET A 111 39.82 0.67 31.38
CA MET A 111 38.69 -0.12 31.85
C MET A 111 39.21 -1.30 32.67
N GLN A 112 38.91 -1.30 33.97
CA GLN A 112 39.28 -2.40 34.84
C GLN A 112 38.22 -3.50 34.74
N VAL A 113 38.66 -4.71 34.41
CA VAL A 113 37.75 -5.83 34.22
C VAL A 113 38.07 -6.93 35.22
N ASP A 114 37.11 -7.83 35.40
CA ASP A 114 37.13 -8.87 36.42
C ASP A 114 37.06 -10.25 35.77
N HIS A 115 36.82 -11.27 36.61
CA HIS A 115 36.83 -12.66 36.14
C HIS A 115 35.85 -12.89 35.00
N GLY A 116 34.80 -12.08 34.91
CA GLY A 116 33.85 -12.23 33.83
C GLY A 116 34.48 -12.05 32.46
N PHE A 117 35.47 -11.16 32.36
CA PHE A 117 36.22 -10.98 31.13
C PHE A 117 37.39 -11.94 31.00
N ALA A 118 38.11 -12.19 32.10
CA ALA A 118 39.36 -12.92 32.03
C ALA A 118 39.15 -14.43 31.88
N GLN A 119 38.15 -14.99 32.55
CA GLN A 119 38.01 -16.45 32.60
C GLN A 119 37.76 -17.06 31.23
N PRO A 120 36.83 -16.56 30.40
CA PRO A 120 36.68 -17.15 29.06
C PRO A 120 37.94 -17.07 28.22
N LEU A 121 38.72 -16.01 28.34
CA LEU A 121 39.96 -15.90 27.57
C LEU A 121 40.95 -16.98 27.97
N GLU A 122 41.08 -17.26 29.27
CA GLU A 122 41.95 -18.33 29.72
C GLU A 122 41.43 -19.69 29.26
N PHE A 123 40.12 -19.91 29.38
CA PHE A 123 39.58 -21.25 29.15
C PHE A 123 39.54 -21.61 27.66
N LEU A 124 39.16 -20.67 26.80
CA LEU A 124 38.93 -20.98 25.39
C LEU A 124 40.07 -20.58 24.48
N LEU A 125 40.82 -19.53 24.81
CA LEU A 125 41.93 -19.11 23.97
C LEU A 125 43.29 -19.55 24.48
N GLY A 126 43.41 -19.85 25.78
CA GLY A 126 44.65 -20.26 26.38
C GLY A 126 45.37 -19.17 27.15
N GLY A 127 45.00 -17.91 26.95
CA GLY A 127 45.64 -16.82 27.67
C GLY A 127 44.98 -15.51 27.31
N LEU A 128 45.43 -14.46 28.01
CA LEU A 128 44.87 -13.13 27.79
C LEU A 128 45.44 -12.47 26.55
N ASP A 129 46.70 -12.74 26.22
CA ASP A 129 47.42 -12.03 25.17
C ASP A 129 47.67 -12.92 23.95
N LYS A 130 46.69 -13.73 23.57
CA LYS A 130 46.84 -14.58 22.39
C LYS A 130 46.35 -13.88 21.13
N VAL A 131 45.11 -13.38 21.15
CA VAL A 131 44.48 -12.81 19.97
C VAL A 131 44.00 -11.40 20.32
N PRO A 132 44.06 -10.44 19.40
CA PRO A 132 43.49 -9.12 19.68
C PRO A 132 42.01 -9.21 20.00
N VAL A 133 41.57 -8.42 20.97
CA VAL A 133 40.23 -8.53 21.53
C VAL A 133 39.59 -7.16 21.63
N LEU A 134 38.30 -7.08 21.30
CA LEU A 134 37.48 -5.90 21.54
C LEU A 134 36.56 -6.20 22.72
N PRO A 135 36.77 -5.59 23.88
CA PRO A 135 35.89 -5.84 25.02
C PRO A 135 34.67 -4.92 25.06
N VAL A 136 33.49 -5.50 25.21
CA VAL A 136 32.24 -4.76 25.30
C VAL A 136 31.58 -5.11 26.62
N PHE A 137 31.45 -4.12 27.50
CA PHE A 137 30.78 -4.28 28.78
C PHE A 137 29.29 -4.00 28.62
N ILE A 138 28.47 -4.92 29.13
CA ILE A 138 27.02 -4.75 29.15
C ILE A 138 26.56 -4.76 30.60
N ASN A 139 25.77 -3.76 30.99
CA ASN A 139 25.30 -3.62 32.36
C ASN A 139 24.21 -4.64 32.64
N GLY A 140 24.30 -5.29 33.81
CA GLY A 140 23.32 -6.29 34.18
C GLY A 140 23.00 -6.34 35.67
N VAL A 141 23.49 -5.38 36.45
CA VAL A 141 23.31 -5.43 37.89
C VAL A 141 22.67 -4.16 38.43
N ALA A 142 22.82 -3.05 37.72
CA ALA A 142 22.34 -1.75 38.19
C ALA A 142 21.18 -1.29 37.33
N THR A 143 20.01 -1.06 37.97
CA THR A 143 18.81 -0.59 37.30
C THR A 143 18.86 0.93 37.12
N PRO A 144 18.28 1.46 36.03
CA PRO A 144 17.59 0.76 34.95
C PRO A 144 18.54 0.00 34.02
N LEU A 145 18.04 -1.05 33.39
CA LEU A 145 18.84 -1.94 32.58
C LEU A 145 18.41 -1.86 31.12
N PRO A 146 19.32 -2.11 30.18
CA PRO A 146 18.92 -2.16 28.77
C PRO A 146 18.04 -3.36 28.48
N GLY A 147 17.19 -3.21 27.46
CA GLY A 147 16.27 -4.25 27.07
C GLY A 147 16.87 -5.22 26.07
N PHE A 148 16.08 -6.22 25.70
CA PHE A 148 16.52 -7.22 24.73
C PHE A 148 16.66 -6.61 23.34
N GLN A 149 15.76 -5.68 22.99
CA GLN A 149 15.77 -5.11 21.64
C GLN A 149 17.00 -4.23 21.41
N ARG A 150 17.35 -3.39 22.39
CA ARG A 150 18.53 -2.55 22.25
C ARG A 150 19.81 -3.39 22.22
N THR A 151 19.86 -4.45 23.03
CA THR A 151 21.01 -5.34 23.00
C THR A 151 21.14 -6.03 21.64
N ARG A 152 20.00 -6.45 21.07
CA ARG A 152 20.03 -7.05 19.74
C ARG A 152 20.52 -6.06 18.69
N MET A 153 20.07 -4.80 18.79
CA MET A 153 20.53 -3.80 17.82
C MET A 153 22.02 -3.51 17.98
N LEU A 154 22.52 -3.49 19.22
CA LEU A 154 23.95 -3.31 19.43
C LEU A 154 24.75 -4.44 18.80
N GLY A 155 24.30 -5.68 19.02
CA GLY A 155 24.97 -6.81 18.41
C GLY A 155 24.94 -6.76 16.90
N GLU A 156 23.80 -6.37 16.32
CA GLU A 156 23.68 -6.26 14.87
C GLU A 156 24.62 -5.20 14.32
N ALA A 157 24.71 -4.05 14.99
CA ALA A 157 25.61 -3.00 14.53
C ALA A 157 27.06 -3.44 14.59
N ILE A 158 27.45 -4.11 15.67
CA ILE A 158 28.84 -4.56 15.78
C ILE A 158 29.15 -5.61 14.72
N GLY A 159 28.21 -6.54 14.49
CA GLY A 159 28.43 -7.53 13.45
C GLY A 159 28.50 -6.93 12.06
N ARG A 160 27.66 -5.93 11.80
CA ARG A 160 27.70 -5.26 10.50
C ARG A 160 29.02 -4.53 10.29
N PHE A 161 29.56 -3.92 11.35
CA PHE A 161 30.88 -3.31 11.22
C PHE A 161 31.95 -4.35 10.97
N THR A 162 31.93 -5.47 11.72
CA THR A 162 33.00 -6.44 11.63
C THR A 162 32.94 -7.29 10.37
N SER A 163 31.79 -7.34 9.69
CA SER A 163 31.69 -8.15 8.48
C SER A 163 32.47 -7.57 7.31
N THR A 164 32.96 -6.33 7.41
CA THR A 164 33.69 -5.69 6.33
C THR A 164 35.19 -5.62 6.58
N LEU A 165 35.71 -6.39 7.54
CA LEU A 165 37.12 -6.33 7.89
C LEU A 165 37.96 -7.37 7.16
N ASN A 166 37.34 -8.28 6.43
CA ASN A 166 38.06 -9.34 5.70
C ASN A 166 38.90 -10.19 6.65
N LYS A 167 38.35 -10.49 7.82
CA LYS A 167 39.04 -11.28 8.85
C LYS A 167 38.15 -12.42 9.29
N ARG A 168 38.74 -13.33 10.07
CA ARG A 168 37.99 -14.38 10.74
C ARG A 168 37.71 -13.93 12.17
N VAL A 169 36.43 -13.80 12.51
CA VAL A 169 36.01 -13.19 13.75
C VAL A 169 35.38 -14.24 14.65
N LEU A 170 35.77 -14.24 15.92
CA LEU A 170 35.19 -15.10 16.94
C LEU A 170 34.41 -14.23 17.93
N PHE A 171 33.15 -14.59 18.15
CA PHE A 171 32.28 -13.88 19.07
C PHE A 171 32.10 -14.69 20.34
N LEU A 172 32.17 -14.01 21.48
CA LEU A 172 32.07 -14.67 22.78
C LEU A 172 31.02 -13.99 23.64
N GLY A 173 30.24 -14.78 24.35
CA GLY A 173 29.32 -14.28 25.36
C GLY A 173 29.63 -14.89 26.71
N SER A 174 30.02 -14.07 27.69
CA SER A 174 30.51 -14.56 28.96
C SER A 174 29.44 -14.62 30.04
N GLY A 175 28.21 -14.24 29.75
CA GLY A 175 27.17 -14.25 30.76
C GLY A 175 26.74 -15.65 31.12
N GLY A 176 26.21 -15.79 32.34
CA GLY A 176 25.71 -17.06 32.81
C GLY A 176 24.20 -17.17 32.70
N LEU A 177 23.70 -18.36 32.99
CA LEU A 177 22.28 -18.64 32.91
C LEU A 177 21.61 -18.23 34.23
N SER A 178 20.36 -18.64 34.43
CA SER A 178 19.58 -18.18 35.58
C SER A 178 20.28 -18.50 36.90
N HIS A 179 20.37 -17.48 37.76
CA HIS A 179 20.94 -17.60 39.09
C HIS A 179 20.61 -16.33 39.86
N GLN A 180 20.86 -16.35 41.16
CA GLN A 180 20.54 -15.22 42.05
C GLN A 180 21.55 -15.18 43.19
N PRO A 181 22.77 -14.74 42.93
CA PRO A 181 23.76 -14.60 44.00
C PRO A 181 23.50 -13.35 44.81
N PRO A 182 24.05 -13.26 46.03
CA PRO A 182 23.88 -12.04 46.82
C PRO A 182 24.66 -10.89 46.21
N VAL A 183 23.93 -9.86 45.79
CA VAL A 183 24.53 -8.70 45.13
C VAL A 183 24.14 -7.43 45.89
N PRO A 184 25.10 -6.58 46.23
CA PRO A 184 24.76 -5.33 46.93
C PRO A 184 23.84 -4.45 46.11
N GLU A 185 22.90 -3.79 46.79
CA GLU A 185 21.93 -2.91 46.15
C GLU A 185 22.03 -1.50 46.72
N LEU A 186 21.62 -0.52 45.91
CA LEU A 186 21.71 0.88 46.32
C LEU A 186 20.60 1.24 47.30
N ALA A 187 19.39 0.70 47.10
CA ALA A 187 18.25 1.13 47.90
C ALA A 187 18.39 0.70 49.36
N LYS A 188 18.89 -0.50 49.61
CA LYS A 188 18.96 -1.06 50.95
C LYS A 188 20.33 -0.92 51.58
N ALA A 189 21.21 -0.13 50.99
CA ALA A 189 22.59 -0.02 51.47
C ALA A 189 22.68 0.86 52.71
N ASP A 190 23.81 0.73 53.41
CA ASP A 190 24.15 1.57 54.54
C ASP A 190 25.17 2.62 54.11
N ALA A 191 25.69 3.38 55.07
CA ALA A 191 26.56 4.51 54.75
C ALA A 191 27.84 4.04 54.05
N HIS A 192 28.55 3.09 54.65
CA HIS A 192 29.77 2.56 54.04
C HIS A 192 29.46 1.84 52.73
N MET A 193 28.38 1.08 52.71
CA MET A 193 27.98 0.36 51.51
C MET A 193 27.59 1.32 50.39
N ARG A 194 26.88 2.39 50.72
CA ARG A 194 26.55 3.41 49.72
C ARG A 194 27.82 4.09 49.21
N ASP A 195 28.76 4.39 50.12
CA ASP A 195 30.00 5.03 49.71
C ASP A 195 30.79 4.13 48.75
N ARG A 196 30.81 2.83 49.02
CA ARG A 196 31.48 1.90 48.11
C ARG A 196 30.74 1.77 46.79
N LEU A 197 29.41 1.86 46.80
CA LEU A 197 28.65 1.70 45.56
C LEU A 197 28.84 2.90 44.63
N LEU A 198 28.85 4.12 45.17
CA LEU A 198 29.01 5.32 44.36
C LEU A 198 30.47 5.59 44.06
N GLY A 199 31.16 4.62 43.47
CA GLY A 199 32.57 4.77 43.23
C GLY A 199 33.40 4.50 44.48
N SER A 200 34.67 4.87 44.39
CA SER A 200 35.64 4.73 45.47
C SER A 200 35.85 3.27 45.84
N GLY A 201 35.26 2.36 45.07
CA GLY A 201 35.45 0.93 45.24
C GLY A 201 36.38 0.29 44.23
N LYS A 202 37.03 1.09 43.38
CA LYS A 202 37.98 0.53 42.42
C LYS A 202 39.22 -0.01 43.14
N ASP A 203 39.79 0.80 44.04
CA ASP A 203 40.98 0.41 44.79
C ASP A 203 40.60 -0.21 46.13
N LEU A 204 39.88 -1.32 46.06
CA LEU A 204 39.47 -2.01 47.27
C LEU A 204 40.68 -2.64 47.97
N PRO A 205 40.79 -2.50 49.29
CA PRO A 205 41.83 -3.22 50.02
C PRO A 205 41.58 -4.73 49.98
N ALA A 206 42.67 -5.49 50.15
CA ALA A 206 42.58 -6.94 50.04
C ALA A 206 41.68 -7.55 51.10
N SER A 207 41.57 -6.90 52.27
CA SER A 207 40.70 -7.43 53.32
C SER A 207 39.24 -7.42 52.90
N GLU A 208 38.77 -6.33 52.29
CA GLU A 208 37.39 -6.28 51.84
C GLU A 208 37.13 -7.29 50.72
N ARG A 209 38.11 -7.48 49.83
CA ARG A 209 37.97 -8.50 48.79
C ARG A 209 37.87 -9.88 49.40
N GLU A 210 38.69 -10.17 50.42
CA GLU A 210 38.61 -11.47 51.09
C GLU A 210 37.25 -11.66 51.75
N LEU A 211 36.73 -10.61 52.41
CA LEU A 211 35.42 -10.71 53.03
C LEU A 211 34.32 -10.95 51.99
N ARG A 212 34.40 -10.26 50.85
CA ARG A 212 33.40 -10.44 49.80
C ARG A 212 33.45 -11.86 49.24
N GLN A 213 34.66 -12.37 48.98
CA GLN A 213 34.79 -13.74 48.50
C GLN A 213 34.26 -14.74 49.51
N GLN A 214 34.54 -14.52 50.79
CA GLN A 214 34.06 -15.43 51.83
C GLN A 214 32.55 -15.41 51.93
N ARG A 215 31.93 -14.23 51.85
CA ARG A 215 30.47 -14.16 51.93
C ARG A 215 29.83 -14.83 50.71
N VAL A 216 30.43 -14.65 49.52
CA VAL A 216 29.90 -15.32 48.33
C VAL A 216 30.00 -16.83 48.48
N ILE A 217 31.14 -17.32 48.99
CA ILE A 217 31.32 -18.77 49.17
C ILE A 217 30.32 -19.31 50.19
N SER A 218 30.13 -18.60 51.30
CA SER A 218 29.18 -19.04 52.31
C SER A 218 27.76 -19.06 51.78
N ALA A 219 27.38 -18.03 51.01
CA ALA A 219 26.06 -18.01 50.40
C ALA A 219 25.89 -19.16 49.42
N ALA A 220 26.94 -19.48 48.67
CA ALA A 220 26.88 -20.63 47.76
C ALA A 220 26.67 -21.93 48.53
N GLU A 221 27.36 -22.10 49.65
CA GLU A 221 27.18 -23.30 50.45
C GLU A 221 25.77 -23.40 51.02
N LYS A 222 25.23 -22.28 51.49
CA LYS A 222 23.85 -22.28 51.97
C LYS A 222 22.88 -22.60 50.84
N PHE A 223 23.16 -22.10 49.63
CA PHE A 223 22.33 -22.43 48.48
C PHE A 223 22.38 -23.92 48.17
N VAL A 224 23.56 -24.54 48.31
CA VAL A 224 23.68 -25.98 48.16
C VAL A 224 22.83 -26.68 49.22
N GLU A 225 22.84 -26.17 50.44
CA GLU A 225 22.00 -26.74 51.49
C GLU A 225 20.52 -26.63 51.13
N ASP A 226 20.11 -25.46 50.64
CA ASP A 226 18.72 -25.24 50.24
C ASP A 226 18.67 -24.11 49.23
N GLN A 227 17.87 -24.28 48.19
CA GLN A 227 17.80 -23.31 47.10
C GLN A 227 16.83 -22.16 47.37
N ARG A 228 16.07 -22.21 48.47
CA ARG A 228 15.12 -21.14 48.75
C ARG A 228 15.75 -19.94 49.45
N THR A 229 17.01 -20.05 49.90
CA THR A 229 17.69 -18.88 50.45
C THR A 229 17.86 -17.80 49.39
N LEU A 230 18.04 -18.20 48.14
CA LEU A 230 18.06 -17.31 46.97
C LEU A 230 16.91 -17.72 46.06
N HIS A 231 16.85 -17.11 44.88
CA HIS A 231 15.85 -17.53 43.90
C HIS A 231 16.23 -18.89 43.33
N PRO A 232 15.33 -19.88 43.38
CA PRO A 232 15.67 -21.21 42.89
C PRO A 232 15.90 -21.22 41.38
N LEU A 233 16.70 -22.19 40.94
CA LEU A 233 17.02 -22.33 39.52
C LEU A 233 15.78 -22.68 38.72
N ASN A 234 15.78 -22.28 37.45
CA ASN A 234 14.64 -22.45 36.55
C ASN A 234 15.13 -23.12 35.27
N PRO A 235 15.27 -24.45 35.28
CA PRO A 235 15.72 -25.16 34.07
C PRO A 235 14.80 -24.97 32.87
N ILE A 236 13.50 -24.84 33.11
CA ILE A 236 12.54 -24.72 32.01
C ILE A 236 12.83 -23.47 31.19
N TRP A 237 13.01 -22.33 31.87
CA TRP A 237 13.25 -21.09 31.15
C TRP A 237 14.61 -21.11 30.47
N ASP A 238 15.62 -21.72 31.10
CA ASP A 238 16.94 -21.82 30.48
C ASP A 238 16.87 -22.61 29.19
N ASN A 239 16.16 -23.74 29.21
CA ASN A 239 16.03 -24.55 28.00
C ASN A 239 15.24 -23.82 26.92
N GLN A 240 14.19 -23.09 27.32
CA GLN A 240 13.44 -22.31 26.34
C GLN A 240 14.32 -21.24 25.70
N PHE A 241 15.14 -20.55 26.51
CA PHE A 241 16.01 -19.51 26.00
C PHE A 241 17.03 -20.09 25.01
N MET A 242 17.65 -21.20 25.36
CA MET A 242 18.62 -21.83 24.47
C MET A 242 17.96 -22.28 23.17
N THR A 243 16.76 -22.88 23.26
CA THR A 243 16.07 -23.33 22.07
C THR A 243 15.68 -22.15 21.17
N LEU A 244 15.24 -21.04 21.78
CA LEU A 244 14.91 -19.85 21.00
C LEU A 244 16.14 -19.31 20.29
N LEU A 245 17.29 -19.30 20.97
CA LEU A 245 18.53 -18.83 20.34
C LEU A 245 18.92 -19.72 19.16
N GLU A 246 18.80 -21.04 19.32
CA GLU A 246 19.22 -21.95 18.25
C GLU A 246 18.32 -21.86 17.03
N GLN A 247 17.01 -21.73 17.23
CA GLN A 247 16.06 -21.74 16.13
C GLN A 247 16.02 -20.44 15.35
N GLY A 248 16.87 -19.48 15.67
CA GLY A 248 16.86 -18.20 14.96
C GLY A 248 15.68 -17.33 15.27
N ARG A 249 15.10 -17.47 16.47
CA ARG A 249 13.92 -16.74 16.88
C ARG A 249 14.25 -15.70 17.95
N ILE A 250 15.38 -15.02 17.76
CA ILE A 250 15.88 -14.07 18.76
C ILE A 250 14.91 -12.91 18.94
N GLN A 251 14.26 -12.48 17.85
CA GLN A 251 13.34 -11.35 17.93
C GLN A 251 12.19 -11.61 18.88
N GLU A 252 11.79 -12.87 19.08
CA GLU A 252 10.72 -13.19 20.02
C GLU A 252 11.06 -12.77 21.44
N LEU A 253 12.34 -12.54 21.74
CA LEU A 253 12.74 -12.09 23.06
C LEU A 253 12.45 -10.61 23.29
N ASP A 254 12.07 -9.87 22.25
CA ASP A 254 11.73 -8.46 22.44
C ASP A 254 10.47 -8.27 23.26
N ALA A 255 9.59 -9.27 23.30
CA ALA A 255 8.36 -9.16 24.07
C ALA A 255 8.59 -9.31 25.55
N VAL A 256 9.65 -10.04 25.95
CA VAL A 256 9.95 -10.21 27.36
C VAL A 256 10.52 -8.91 27.93
N SER A 257 10.03 -8.52 29.09
CA SER A 257 10.47 -7.29 29.75
C SER A 257 11.50 -7.62 30.84
N ASN A 258 12.11 -6.57 31.38
CA ASN A 258 13.15 -6.76 32.39
C ASN A 258 12.56 -7.25 33.70
N GLU A 259 11.46 -6.66 34.16
CA GLU A 259 10.84 -7.09 35.39
C GLU A 259 10.25 -8.49 35.27
N GLU A 260 9.69 -8.82 34.11
CA GLU A 260 9.20 -10.17 33.89
C GLU A 260 10.32 -11.20 33.97
N LEU A 261 11.46 -10.89 33.37
CA LEU A 261 12.62 -11.79 33.44
C LEU A 261 13.12 -11.92 34.87
N SER A 262 13.18 -10.81 35.61
CA SER A 262 13.64 -10.86 36.99
C SER A 262 12.70 -11.70 37.86
N ALA A 263 11.39 -11.57 37.63
CA ALA A 263 10.43 -12.35 38.41
C ALA A 263 10.51 -13.83 38.03
N ILE A 264 10.64 -14.15 36.75
CA ILE A 264 10.61 -15.54 36.31
C ILE A 264 11.88 -16.27 36.76
N ALA A 265 13.05 -15.67 36.52
CA ALA A 265 14.30 -16.39 36.68
C ALA A 265 15.24 -15.83 37.74
N GLY A 266 15.17 -14.54 38.05
CA GLY A 266 16.09 -13.95 39.00
C GLY A 266 16.76 -12.70 38.48
N LYS A 267 17.31 -11.89 39.40
CA LYS A 267 17.86 -10.59 39.02
C LYS A 267 19.13 -10.74 38.18
N SER A 268 19.95 -11.75 38.45
CA SER A 268 21.21 -11.89 37.74
C SER A 268 21.07 -12.51 36.36
N THR A 269 19.91 -13.10 36.05
CA THR A 269 19.70 -13.70 34.73
C THR A 269 19.91 -12.71 33.61
N HIS A 270 19.88 -11.41 33.92
CA HIS A 270 20.10 -10.39 32.89
C HIS A 270 21.48 -10.51 32.25
N GLU A 271 22.41 -11.23 32.88
CA GLU A 271 23.70 -11.47 32.24
C GLU A 271 23.53 -12.13 30.87
N ILE A 272 22.47 -12.91 30.68
CA ILE A 272 22.25 -13.56 29.40
C ILE A 272 22.13 -12.58 28.25
N LYS A 273 21.94 -11.28 28.54
CA LYS A 273 21.91 -10.30 27.46
C LYS A 273 23.16 -10.39 26.61
N THR A 274 24.31 -10.67 27.24
CA THR A 274 25.54 -10.84 26.48
C THR A 274 25.36 -11.89 25.39
N TRP A 275 24.81 -13.05 25.76
CA TRP A 275 24.53 -14.09 24.78
C TRP A 275 23.75 -13.52 23.61
N VAL A 276 22.67 -12.79 23.90
CA VAL A 276 21.84 -12.24 22.84
C VAL A 276 22.68 -11.42 21.88
N ALA A 277 23.49 -10.51 22.44
CA ALA A 277 24.33 -9.67 21.58
C ALA A 277 25.17 -10.53 20.66
N ALA A 278 25.84 -11.53 21.22
CA ALA A 278 26.71 -12.39 20.42
C ALA A 278 25.94 -12.97 19.25
N PHE A 279 24.75 -13.53 19.52
CA PHE A 279 24.01 -14.17 18.44
C PHE A 279 23.63 -13.16 17.38
N ALA A 280 23.20 -11.97 17.80
CA ALA A 280 22.85 -10.93 16.84
C ALA A 280 24.02 -10.66 15.91
N ALA A 281 25.22 -10.62 16.48
CA ALA A 281 26.40 -10.33 15.66
C ALA A 281 26.55 -11.35 14.54
N ILE A 282 26.39 -12.64 14.85
CA ILE A 282 26.62 -13.64 13.82
C ILE A 282 25.55 -13.55 12.74
N SER A 283 24.37 -13.03 13.08
CA SER A 283 23.33 -12.89 12.07
C SER A 283 23.73 -11.91 10.98
N ALA A 284 24.74 -11.07 11.22
CA ALA A 284 25.19 -10.15 10.19
C ALA A 284 26.10 -10.83 9.17
N PHE A 285 26.63 -12.02 9.47
CA PHE A 285 27.57 -12.65 8.55
C PHE A 285 26.88 -13.56 7.54
N GLY A 286 25.57 -13.76 7.66
CA GLY A 286 24.87 -14.59 6.71
C GLY A 286 24.23 -15.81 7.35
N ASN A 287 24.26 -16.94 6.65
CA ASN A 287 23.69 -18.17 7.17
C ASN A 287 24.64 -18.85 8.14
N TRP A 288 24.09 -19.34 9.25
CA TRP A 288 24.88 -19.99 10.28
C TRP A 288 24.12 -21.19 10.83
N ARG A 289 24.87 -22.07 11.49
CA ARG A 289 24.27 -23.26 12.12
C ARG A 289 24.91 -23.46 13.49
N SER A 290 24.12 -24.01 14.41
CA SER A 290 24.52 -24.16 15.80
C SER A 290 25.00 -25.57 16.09
N GLU A 291 25.65 -25.72 17.24
CA GLU A 291 26.25 -27.00 17.63
C GLU A 291 26.67 -26.92 19.10
N GLY A 292 27.08 -28.07 19.62
CA GLY A 292 27.69 -28.13 20.94
C GLY A 292 26.80 -27.69 22.07
N ARG A 293 25.50 -27.95 21.99
CA ARG A 293 24.60 -27.55 23.06
C ARG A 293 24.86 -28.38 24.31
N TYR A 294 24.99 -27.71 25.44
CA TYR A 294 25.16 -28.39 26.72
C TYR A 294 24.52 -27.54 27.80
N TYR A 295 23.75 -28.18 28.68
CA TYR A 295 23.16 -27.49 29.82
C TYR A 295 23.10 -28.46 31.00
N ARG A 296 23.32 -27.93 32.20
CA ARG A 296 23.19 -28.75 33.39
C ARG A 296 23.03 -27.86 34.62
N PRO A 297 22.01 -28.10 35.43
CA PRO A 297 21.85 -27.34 36.69
C PRO A 297 22.81 -27.85 37.75
N ILE A 298 23.85 -27.07 38.03
CA ILE A 298 24.85 -27.41 39.03
C ILE A 298 24.52 -26.63 40.29
N PRO A 299 24.03 -27.27 41.35
CA PRO A 299 23.67 -26.52 42.56
C PRO A 299 24.87 -26.14 43.40
N GLU A 300 25.97 -26.87 43.24
CA GLU A 300 27.18 -26.56 44.02
C GLU A 300 27.69 -25.17 43.70
N TRP A 301 27.72 -24.80 42.42
CA TRP A 301 27.85 -23.41 42.03
C TRP A 301 26.46 -22.79 42.02
N ILE A 302 26.41 -21.46 42.08
CA ILE A 302 25.12 -20.80 42.16
C ILE A 302 24.38 -20.89 40.81
N ALA A 303 25.11 -20.77 39.71
CA ALA A 303 24.49 -20.70 38.40
C ALA A 303 24.19 -22.10 37.85
N GLY A 304 23.46 -22.11 36.74
CA GLY A 304 23.22 -23.33 35.98
C GLY A 304 24.05 -23.31 34.71
N PHE A 305 24.96 -24.27 34.60
CA PHE A 305 25.98 -24.21 33.56
C PHE A 305 25.38 -24.43 32.17
N GLY A 306 25.85 -23.65 31.21
CA GLY A 306 25.41 -23.79 29.83
C GLY A 306 26.53 -23.47 28.86
N SER A 307 26.38 -23.98 27.65
CA SER A 307 27.39 -23.77 26.61
C SER A 307 26.77 -24.04 25.25
N LEU A 308 27.10 -23.19 24.29
CA LEU A 308 26.55 -23.30 22.94
C LEU A 308 27.55 -22.73 21.95
N SER A 309 27.50 -23.21 20.70
CA SER A 309 28.42 -22.72 19.68
C SER A 309 27.66 -22.57 18.36
N ALA A 310 28.22 -21.76 17.47
CA ALA A 310 27.63 -21.56 16.16
C ALA A 310 28.74 -21.22 15.16
N ARG A 311 28.47 -21.51 13.89
CA ARG A 311 29.45 -21.33 12.84
C ARG A 311 28.77 -20.83 11.57
N THR A 312 29.44 -19.93 10.85
CA THR A 312 28.94 -19.50 9.56
C THR A 312 29.20 -20.57 8.51
N GLU A 313 28.16 -20.94 7.76
CA GLU A 313 28.27 -21.95 6.71
C GLU A 313 28.57 -21.25 5.39
N ASN A 314 29.87 -21.08 5.14
CA ASN A 314 30.34 -20.40 3.93
C ASN A 314 29.99 -21.21 2.68
N MET B 1 12.13 -30.13 15.92
CA MET B 1 10.93 -30.41 16.71
C MET B 1 10.08 -31.50 16.08
N HIS B 2 9.55 -32.38 16.92
CA HIS B 2 8.79 -33.54 16.50
C HIS B 2 7.44 -33.54 17.21
N ALA B 3 6.37 -33.86 16.47
CA ALA B 3 5.04 -33.83 17.05
C ALA B 3 4.15 -34.90 16.42
N TYR B 4 3.27 -35.44 17.25
CA TYR B 4 2.27 -36.40 16.82
C TYR B 4 0.90 -35.92 17.28
N LEU B 5 -0.14 -36.31 16.54
CA LEU B 5 -1.51 -35.91 16.85
C LEU B 5 -2.43 -37.10 16.60
N HIS B 6 -3.39 -37.30 17.49
CA HIS B 6 -4.42 -38.31 17.27
C HIS B 6 -5.73 -37.84 17.88
N CYS B 7 -6.78 -37.79 17.06
CA CYS B 7 -8.11 -37.42 17.50
C CYS B 7 -9.02 -38.63 17.39
N LEU B 8 -9.77 -38.90 18.45
CA LEU B 8 -10.57 -40.11 18.55
C LEU B 8 -11.86 -39.82 19.29
N SER B 9 -12.96 -40.39 18.82
CA SER B 9 -14.25 -40.25 19.50
C SER B 9 -14.29 -41.11 20.75
N HIS B 10 -14.94 -40.61 21.78
CA HIS B 10 -15.12 -41.33 23.03
C HIS B 10 -16.60 -41.63 23.23
N SER B 11 -16.88 -42.76 23.87
CA SER B 11 -18.26 -43.18 24.08
C SER B 11 -18.40 -43.88 25.43
N PRO B 12 -19.19 -43.34 26.35
CA PRO B 12 -19.37 -44.01 27.65
C PRO B 12 -20.06 -45.35 27.55
N LEU B 13 -20.76 -45.63 26.45
CA LEU B 13 -21.53 -46.86 26.30
C LEU B 13 -20.70 -47.94 25.59
N VAL B 14 -19.61 -48.33 26.23
CA VAL B 14 -18.78 -49.44 25.76
C VAL B 14 -19.05 -50.61 26.68
N GLY B 15 -19.64 -51.66 26.13
CA GLY B 15 -20.06 -52.83 26.90
C GLY B 15 -21.49 -52.77 27.37
N TYR B 16 -21.96 -51.59 27.79
CA TYR B 16 -23.35 -51.44 28.20
C TYR B 16 -24.29 -51.66 27.02
N VAL B 17 -23.97 -51.09 25.87
CA VAL B 17 -24.71 -51.30 24.62
C VAL B 17 -23.67 -51.60 23.54
N ASP B 18 -23.92 -52.64 22.74
CA ASP B 18 -22.91 -53.08 21.80
C ASP B 18 -23.49 -53.23 20.40
N PRO B 19 -22.71 -52.92 19.37
CA PRO B 19 -23.12 -53.24 18.00
C PRO B 19 -22.77 -54.68 17.64
N ALA B 20 -22.89 -55.02 16.36
CA ALA B 20 -22.49 -56.35 15.90
C ALA B 20 -21.02 -56.59 16.20
N GLN B 21 -20.66 -57.87 16.36
CA GLN B 21 -19.30 -58.22 16.78
C GLN B 21 -18.27 -57.80 15.74
N GLU B 22 -18.64 -57.83 14.46
CA GLU B 22 -17.70 -57.41 13.41
C GLU B 22 -17.34 -55.93 13.55
N VAL B 23 -18.34 -55.08 13.83
CA VAL B 23 -18.09 -53.67 13.99
C VAL B 23 -17.20 -53.43 15.20
N LEU B 24 -17.46 -54.13 16.30
CA LEU B 24 -16.63 -54.00 17.49
C LEU B 24 -15.20 -54.43 17.22
N ASP B 25 -15.02 -55.53 16.47
CA ASP B 25 -13.68 -55.96 16.13
C ASP B 25 -12.96 -54.94 15.26
N GLU B 26 -13.67 -54.34 14.31
CA GLU B 26 -13.05 -53.32 13.45
C GLU B 26 -12.64 -52.10 14.26
N VAL B 27 -13.51 -51.65 15.17
CA VAL B 27 -13.18 -50.49 16.00
C VAL B 27 -11.98 -50.79 16.89
N ASN B 28 -11.96 -51.98 17.49
CA ASN B 28 -10.84 -52.37 18.35
C ASN B 28 -9.55 -52.45 17.54
N GLY B 29 -9.62 -52.94 16.31
CA GLY B 29 -8.43 -52.99 15.47
C GLY B 29 -7.91 -51.61 15.12
N VAL B 30 -8.81 -50.68 14.80
CA VAL B 30 -8.39 -49.31 14.52
C VAL B 30 -7.72 -48.69 15.74
N ILE B 31 -8.34 -48.88 16.91
CA ILE B 31 -7.78 -48.32 18.15
C ILE B 31 -6.41 -48.94 18.45
N ALA B 32 -6.28 -50.24 18.24
CA ALA B 32 -5.00 -50.91 18.48
C ALA B 32 -3.92 -50.40 17.52
N SER B 33 -4.27 -50.19 16.26
CA SER B 33 -3.30 -49.67 15.31
C SER B 33 -2.85 -48.27 15.69
N ALA B 34 -3.80 -47.42 16.13
CA ALA B 34 -3.42 -46.09 16.59
C ALA B 34 -2.52 -46.16 17.82
N ARG B 35 -2.83 -47.06 18.74
CA ARG B 35 -2.00 -47.23 19.92
C ARG B 35 -0.59 -47.68 19.54
N GLU B 36 -0.48 -48.59 18.57
CA GLU B 36 0.83 -49.03 18.12
C GLU B 36 1.62 -47.89 17.50
N ARG B 37 0.98 -47.06 16.67
CA ARG B 37 1.68 -45.91 16.10
C ARG B 37 2.15 -44.96 17.19
N ILE B 38 1.30 -44.69 18.19
CA ILE B 38 1.69 -43.80 19.28
C ILE B 38 2.87 -44.38 20.05
N ALA B 39 2.83 -45.68 20.34
CA ALA B 39 3.92 -46.32 21.06
C ALA B 39 5.22 -46.27 20.26
N ALA B 40 5.12 -46.41 18.94
CA ALA B 40 6.30 -46.27 18.09
C ALA B 40 6.85 -44.85 18.15
N PHE B 41 5.96 -43.85 18.21
CA PHE B 41 6.41 -42.47 18.28
C PHE B 41 7.18 -42.19 19.57
N SER B 42 6.76 -42.80 20.69
CA SER B 42 7.39 -42.66 21.99
C SER B 42 7.40 -41.22 22.46
N PRO B 43 6.24 -40.65 22.81
CA PRO B 43 6.18 -39.25 23.22
C PRO B 43 6.73 -39.02 24.63
N GLU B 44 7.12 -37.77 24.87
CA GLU B 44 7.57 -37.34 26.19
C GLU B 44 6.57 -36.47 26.91
N LEU B 45 5.69 -35.78 26.19
CA LEU B 45 4.65 -34.94 26.79
C LEU B 45 3.35 -35.16 26.05
N VAL B 46 2.24 -35.06 26.77
CA VAL B 46 0.90 -35.19 26.23
C VAL B 46 0.10 -33.94 26.58
N VAL B 47 -0.57 -33.36 25.59
CA VAL B 47 -1.51 -32.27 25.80
C VAL B 47 -2.88 -32.77 25.39
N LEU B 48 -3.79 -32.85 26.36
CA LEU B 48 -5.08 -33.51 26.15
C LEU B 48 -6.20 -32.49 26.24
N PHE B 49 -6.83 -32.18 25.10
CA PHE B 49 -8.03 -31.36 25.06
C PHE B 49 -9.25 -32.24 25.22
N ALA B 50 -10.16 -31.87 26.12
CA ALA B 50 -11.32 -32.71 26.36
C ALA B 50 -12.49 -31.86 26.82
N PRO B 51 -13.72 -32.33 26.61
CA PRO B 51 -14.90 -31.65 27.17
C PRO B 51 -15.31 -32.23 28.53
N ASP B 52 -16.37 -31.68 29.10
CA ASP B 52 -16.96 -32.18 30.33
C ASP B 52 -18.45 -32.42 30.11
N HIS B 53 -19.02 -33.29 30.94
CA HIS B 53 -20.42 -33.71 30.81
C HIS B 53 -21.17 -33.43 32.10
N TYR B 54 -21.02 -32.22 32.63
CA TYR B 54 -21.65 -31.79 33.88
C TYR B 54 -21.20 -32.68 35.04
N ASN B 55 -19.90 -32.93 35.12
CA ASN B 55 -19.32 -33.70 36.22
C ASN B 55 -18.24 -32.95 36.99
N GLY B 56 -17.54 -32.01 36.35
CA GLY B 56 -16.50 -31.26 37.03
C GLY B 56 -16.74 -29.76 37.02
N PHE B 57 -17.45 -29.26 36.02
CA PHE B 57 -17.73 -27.84 35.87
C PHE B 57 -19.24 -27.62 35.84
N PHE B 58 -19.69 -26.61 36.57
CA PHE B 58 -21.12 -26.32 36.70
C PHE B 58 -21.32 -24.82 36.50
N TYR B 59 -22.54 -24.36 36.77
CA TYR B 59 -22.89 -22.97 36.51
C TYR B 59 -22.50 -22.03 37.65
N ASP B 60 -21.87 -22.54 38.71
CA ASP B 60 -21.31 -21.64 39.72
C ASP B 60 -20.22 -20.76 39.11
N VAL B 61 -19.32 -21.37 38.35
CA VAL B 61 -18.38 -20.67 37.47
C VAL B 61 -18.20 -21.54 36.23
N MET B 62 -18.58 -21.02 35.07
CA MET B 62 -18.45 -21.77 33.82
C MET B 62 -17.50 -21.04 32.87
N PRO B 63 -16.24 -21.47 32.76
CA PRO B 63 -15.32 -20.81 31.84
C PRO B 63 -15.38 -21.43 30.46
N PRO B 64 -14.99 -20.70 29.42
CA PRO B 64 -14.90 -21.33 28.09
C PRO B 64 -13.72 -22.27 27.97
N PHE B 65 -12.55 -21.88 28.49
CA PHE B 65 -11.36 -22.73 28.50
C PHE B 65 -10.82 -22.83 29.91
N CYS B 66 -10.25 -23.98 30.25
CA CYS B 66 -9.64 -24.14 31.55
C CYS B 66 -8.41 -25.04 31.43
N LEU B 67 -7.39 -24.75 32.23
CA LEU B 67 -6.18 -25.57 32.29
C LEU B 67 -6.08 -26.20 33.67
N GLY B 68 -5.84 -27.51 33.69
CA GLY B 68 -5.78 -28.20 34.97
C GLY B 68 -4.38 -28.40 35.51
N VAL B 69 -3.99 -27.56 36.47
CA VAL B 69 -2.69 -27.74 37.12
C VAL B 69 -2.72 -29.00 37.98
N GLY B 70 -3.84 -29.29 38.63
CA GLY B 70 -4.04 -30.55 39.32
C GLY B 70 -5.36 -31.17 38.92
N ALA B 71 -5.35 -32.42 38.49
CA ALA B 71 -6.56 -33.07 37.99
C ALA B 71 -6.70 -34.45 38.60
N THR B 72 -7.95 -34.86 38.84
CA THR B 72 -8.27 -36.18 39.38
C THR B 72 -9.47 -36.73 38.62
N ALA B 73 -9.35 -37.97 38.15
CA ALA B 73 -10.43 -38.63 37.42
C ALA B 73 -11.34 -39.34 38.41
N ILE B 74 -12.65 -39.12 38.26
CA ILE B 74 -13.63 -39.64 39.22
C ILE B 74 -14.05 -41.07 38.93
N GLY B 75 -13.77 -41.59 37.74
CA GLY B 75 -14.10 -42.96 37.43
C GLY B 75 -15.58 -43.22 37.21
N ASP B 76 -16.18 -42.57 36.22
CA ASP B 76 -17.58 -42.79 35.88
C ASP B 76 -17.69 -43.68 34.64
N PHE B 77 -18.82 -44.39 34.56
CA PHE B 77 -19.10 -45.30 33.44
C PHE B 77 -18.04 -46.39 33.31
N GLY B 78 -17.46 -46.81 34.43
CA GLY B 78 -16.46 -47.86 34.43
C GLY B 78 -15.06 -47.42 34.06
N SER B 79 -14.84 -46.13 33.83
CA SER B 79 -13.51 -45.64 33.52
C SER B 79 -12.64 -45.61 34.79
N ALA B 80 -11.34 -45.43 34.59
CA ALA B 80 -10.42 -45.45 35.71
C ALA B 80 -10.55 -44.18 36.55
N ALA B 81 -10.16 -44.29 37.82
CA ALA B 81 -10.25 -43.18 38.76
C ALA B 81 -8.91 -43.03 39.48
N GLY B 82 -8.56 -41.80 39.78
CA GLY B 82 -7.34 -41.53 40.52
C GLY B 82 -6.69 -40.24 40.07
N GLU B 83 -5.57 -39.92 40.72
CA GLU B 83 -4.84 -38.69 40.46
C GLU B 83 -4.12 -38.78 39.11
N LEU B 84 -4.06 -37.65 38.41
CA LEU B 84 -3.35 -37.59 37.14
C LEU B 84 -1.96 -36.95 37.33
N PRO B 85 -0.94 -37.47 36.64
CA PRO B 85 0.39 -36.87 36.75
C PRO B 85 0.54 -35.61 35.91
N VAL B 86 0.58 -34.44 36.56
CA VAL B 86 0.69 -33.16 35.88
C VAL B 86 1.95 -32.46 36.37
N PRO B 87 2.86 -32.05 35.48
CA PRO B 87 4.00 -31.23 35.92
C PRO B 87 3.56 -29.82 36.31
N VAL B 88 3.69 -29.49 37.59
CA VAL B 88 3.14 -28.23 38.09
C VAL B 88 3.87 -27.04 37.50
N GLU B 89 5.20 -27.08 37.48
CA GLU B 89 5.97 -25.94 36.98
C GLU B 89 5.73 -25.72 35.49
N LEU B 90 5.72 -26.80 34.71
CA LEU B 90 5.44 -26.68 33.29
C LEU B 90 4.03 -26.17 33.04
N ALA B 91 3.06 -26.62 33.84
CA ALA B 91 1.69 -26.16 33.69
C ALA B 91 1.57 -24.67 33.98
N GLU B 92 2.25 -24.20 35.04
CA GLU B 92 2.20 -22.79 35.38
C GLU B 92 2.87 -21.94 34.31
N ALA B 93 4.00 -22.42 33.77
CA ALA B 93 4.65 -21.70 32.67
C ALA B 93 3.74 -21.63 31.44
N CYS B 94 3.06 -22.74 31.13
CA CYS B 94 2.13 -22.75 30.00
C CYS B 94 1.00 -21.77 30.21
N ALA B 95 0.44 -21.73 31.43
CA ALA B 95 -0.63 -20.79 31.73
C ALA B 95 -0.17 -19.35 31.54
N HIS B 96 1.03 -19.04 32.05
CA HIS B 96 1.57 -17.68 31.90
C HIS B 96 1.75 -17.32 30.43
N ALA B 97 2.32 -18.24 29.64
CA ALA B 97 2.57 -17.97 28.23
C ALA B 97 1.27 -17.78 27.46
N VAL B 98 0.27 -18.64 27.71
CA VAL B 98 -0.99 -18.54 26.98
C VAL B 98 -1.73 -17.28 27.38
N MET B 99 -1.71 -16.93 28.67
CA MET B 99 -2.32 -15.67 29.11
C MET B 99 -1.65 -14.47 28.43
N LYS B 100 -0.31 -14.50 28.31
CA LYS B 100 0.39 -13.41 27.66
C LYS B 100 0.11 -13.35 26.16
N SER B 101 -0.16 -14.51 25.54
CA SER B 101 -0.41 -14.53 24.10
C SER B 101 -1.73 -13.86 23.72
N GLY B 102 -2.59 -13.57 24.67
CA GLY B 102 -3.87 -12.95 24.41
C GLY B 102 -5.08 -13.84 24.54
N ILE B 103 -5.01 -14.93 25.29
CA ILE B 103 -6.13 -15.84 25.51
C ILE B 103 -6.53 -15.74 26.97
N ASP B 104 -7.83 -15.56 27.21
CA ASP B 104 -8.36 -15.44 28.57
C ASP B 104 -8.63 -16.84 29.08
N LEU B 105 -7.63 -17.40 29.77
CA LEU B 105 -7.63 -18.80 30.18
C LEU B 105 -7.85 -18.90 31.68
N ALA B 106 -8.80 -19.75 32.07
CA ALA B 106 -9.01 -20.02 33.49
C ALA B 106 -8.01 -21.07 33.97
N VAL B 107 -7.78 -21.08 35.28
CA VAL B 107 -6.79 -21.95 35.89
C VAL B 107 -7.42 -22.64 37.09
N SER B 108 -7.24 -23.95 37.20
CA SER B 108 -7.77 -24.74 38.29
C SER B 108 -6.67 -25.59 38.90
N TYR B 109 -6.65 -25.69 40.22
CA TYR B 109 -5.68 -26.52 40.92
C TYR B 109 -6.28 -27.81 41.45
N CYS B 110 -7.60 -27.97 41.36
CA CYS B 110 -8.28 -29.22 41.71
C CYS B 110 -9.42 -29.41 40.70
N MET B 111 -9.13 -30.13 39.63
CA MET B 111 -10.07 -30.31 38.52
C MET B 111 -10.56 -31.75 38.51
N GLN B 112 -11.86 -31.93 38.73
CA GLN B 112 -12.47 -33.25 38.71
C GLN B 112 -12.89 -33.57 37.29
N VAL B 113 -12.33 -34.64 36.72
CA VAL B 113 -12.58 -35.00 35.34
C VAL B 113 -13.29 -36.35 35.28
N ASP B 114 -13.83 -36.65 34.10
CA ASP B 114 -14.70 -37.79 33.87
C ASP B 114 -14.15 -38.64 32.72
N HIS B 115 -15.00 -39.54 32.21
CA HIS B 115 -14.59 -40.49 31.19
C HIS B 115 -14.06 -39.80 29.93
N GLY B 116 -14.48 -38.56 29.67
CA GLY B 116 -13.96 -37.85 28.51
C GLY B 116 -12.45 -37.66 28.56
N PHE B 117 -11.91 -37.47 29.75
CA PHE B 117 -10.47 -37.37 29.94
C PHE B 117 -9.81 -38.73 30.11
N ALA B 118 -10.44 -39.63 30.87
CA ALA B 118 -9.80 -40.88 31.27
C ALA B 118 -9.75 -41.91 30.15
N GLN B 119 -10.82 -41.98 29.34
CA GLN B 119 -10.90 -43.07 28.36
C GLN B 119 -9.81 -43.00 27.29
N PRO B 120 -9.51 -41.85 26.66
CA PRO B 120 -8.40 -41.83 25.71
C PRO B 120 -7.06 -42.21 26.32
N LEU B 121 -6.81 -41.82 27.57
CA LEU B 121 -5.56 -42.20 28.23
C LEU B 121 -5.47 -43.71 28.41
N GLU B 122 -6.57 -44.35 28.79
CA GLU B 122 -6.57 -45.80 28.93
C GLU B 122 -6.37 -46.48 27.58
N PHE B 123 -7.07 -46.01 26.55
CA PHE B 123 -7.07 -46.71 25.27
C PHE B 123 -5.77 -46.53 24.51
N LEU B 124 -5.21 -45.32 24.51
CA LEU B 124 -4.09 -44.99 23.64
C LEU B 124 -2.73 -45.06 24.34
N LEU B 125 -2.67 -44.73 25.62
CA LEU B 125 -1.41 -44.75 26.34
C LEU B 125 -1.22 -45.99 27.19
N GLY B 126 -2.31 -46.66 27.58
CA GLY B 126 -2.24 -47.83 28.43
C GLY B 126 -2.59 -47.59 29.88
N GLY B 127 -2.61 -46.34 30.32
CA GLY B 127 -2.95 -46.03 31.70
C GLY B 127 -2.97 -44.53 31.91
N LEU B 128 -3.38 -44.15 33.12
CA LEU B 128 -3.47 -42.73 33.47
C LEU B 128 -2.11 -42.14 33.82
N ASP B 129 -1.22 -42.94 34.43
CA ASP B 129 0.03 -42.46 34.98
C ASP B 129 1.24 -42.91 34.19
N LYS B 130 1.15 -42.93 32.86
CA LYS B 130 2.27 -43.33 32.04
C LYS B 130 3.14 -42.14 31.65
N VAL B 131 2.53 -41.11 31.07
CA VAL B 131 3.25 -39.96 30.54
C VAL B 131 2.70 -38.70 31.21
N PRO B 132 3.53 -37.70 31.51
CA PRO B 132 3.00 -36.43 32.02
C PRO B 132 2.02 -35.80 31.03
N VAL B 133 0.95 -35.23 31.58
CA VAL B 133 -0.18 -34.76 30.76
C VAL B 133 -0.57 -33.36 31.20
N LEU B 134 -0.89 -32.51 30.22
CA LEU B 134 -1.50 -31.21 30.45
C LEU B 134 -2.96 -31.29 30.06
N PRO B 135 -3.90 -31.27 31.01
CA PRO B 135 -5.32 -31.33 30.65
C PRO B 135 -5.93 -29.96 30.39
N VAL B 136 -6.62 -29.83 29.25
CA VAL B 136 -7.28 -28.59 28.85
C VAL B 136 -8.75 -28.89 28.64
N PHE B 137 -9.60 -28.30 29.48
CA PHE B 137 -11.04 -28.45 29.38
C PHE B 137 -11.59 -27.37 28.44
N ILE B 138 -12.42 -27.80 27.49
CA ILE B 138 -13.13 -26.90 26.58
C ILE B 138 -14.62 -27.08 26.78
N ASN B 139 -15.32 -25.97 26.98
CA ASN B 139 -16.76 -26.01 27.23
C ASN B 139 -17.52 -26.32 25.95
N GLY B 140 -18.49 -27.23 26.04
CA GLY B 140 -19.28 -27.59 24.88
C GLY B 140 -20.74 -27.90 25.16
N VAL B 141 -21.21 -27.64 26.38
CA VAL B 141 -22.57 -28.01 26.74
C VAL B 141 -23.36 -26.82 27.26
N ALA B 142 -22.66 -25.82 27.81
CA ALA B 142 -23.32 -24.68 28.45
C ALA B 142 -23.14 -23.43 27.60
N THR B 143 -24.25 -22.87 27.13
CA THR B 143 -24.23 -21.65 26.34
C THR B 143 -24.08 -20.43 27.24
N PRO B 144 -23.39 -19.37 26.77
CA PRO B 144 -22.75 -19.24 25.45
C PRO B 144 -21.46 -20.05 25.33
N LEU B 145 -21.13 -20.44 24.10
CA LEU B 145 -19.99 -21.31 23.83
C LEU B 145 -18.92 -20.57 23.04
N PRO B 146 -17.66 -20.97 23.19
CA PRO B 146 -16.60 -20.38 22.37
C PRO B 146 -16.74 -20.77 20.91
N GLY B 147 -16.24 -19.90 20.03
CA GLY B 147 -16.31 -20.13 18.61
C GLY B 147 -15.12 -20.90 18.07
N PHE B 148 -15.16 -21.15 16.77
CA PHE B 148 -14.07 -21.87 16.11
C PHE B 148 -12.79 -21.05 16.08
N GLN B 149 -12.90 -19.73 15.89
CA GLN B 149 -11.71 -18.89 15.77
C GLN B 149 -10.95 -18.80 17.08
N ARG B 150 -11.66 -18.62 18.19
CA ARG B 150 -10.98 -18.55 19.48
C ARG B 150 -10.36 -19.89 19.85
N THR B 151 -11.03 -20.99 19.53
CA THR B 151 -10.46 -22.30 19.77
C THR B 151 -9.20 -22.52 18.94
N ARG B 152 -9.21 -22.07 17.69
CA ARG B 152 -8.01 -22.18 16.85
C ARG B 152 -6.88 -21.35 17.43
N MET B 153 -7.18 -20.13 17.92
CA MET B 153 -6.13 -19.31 18.51
C MET B 153 -5.58 -19.93 19.79
N LEU B 154 -6.44 -20.55 20.60
CA LEU B 154 -5.97 -21.25 21.80
C LEU B 154 -5.02 -22.38 21.43
N GLY B 155 -5.41 -23.19 20.44
CA GLY B 155 -4.54 -24.26 19.99
C GLY B 155 -3.22 -23.76 19.46
N GLU B 156 -3.26 -22.66 18.69
CA GLU B 156 -2.03 -22.09 18.16
C GLU B 156 -1.11 -21.59 19.26
N ALA B 157 -1.68 -20.93 20.28
CA ALA B 157 -0.86 -20.44 21.38
C ALA B 157 -0.23 -21.60 22.15
N ILE B 158 -1.00 -22.65 22.41
CA ILE B 158 -0.45 -23.80 23.14
C ILE B 158 0.65 -24.48 22.33
N GLY B 159 0.43 -24.65 21.01
CA GLY B 159 1.46 -25.24 20.18
C GLY B 159 2.71 -24.39 20.10
N ARG B 160 2.55 -23.07 20.03
CA ARG B 160 3.70 -22.17 20.00
C ARG B 160 4.49 -22.25 21.30
N PHE B 161 3.80 -22.37 22.44
CA PHE B 161 4.52 -22.57 23.69
C PHE B 161 5.26 -23.90 23.71
N THR B 162 4.60 -24.98 23.29
CA THR B 162 5.20 -26.31 23.40
C THR B 162 6.29 -26.57 22.38
N SER B 163 6.35 -25.78 21.30
CA SER B 163 7.39 -26.01 20.30
C SER B 163 8.78 -25.62 20.78
N THR B 164 8.91 -24.94 21.92
CA THR B 164 10.20 -24.51 22.44
C THR B 164 10.68 -25.35 23.61
N LEU B 165 10.08 -26.51 23.86
CA LEU B 165 10.42 -27.33 25.01
C LEU B 165 11.47 -28.39 24.70
N ASN B 166 11.84 -28.56 23.43
CA ASN B 166 12.83 -29.57 23.01
C ASN B 166 12.40 -30.97 23.44
N LYS B 167 11.11 -31.27 23.28
CA LYS B 167 10.53 -32.55 23.65
C LYS B 167 9.73 -33.10 22.48
N ARG B 168 9.33 -34.36 22.61
CA ARG B 168 8.40 -34.98 21.67
C ARG B 168 7.00 -34.90 22.27
N VAL B 169 6.10 -34.20 21.60
CA VAL B 169 4.78 -33.85 22.14
C VAL B 169 3.73 -34.62 21.37
N LEU B 170 2.79 -35.20 22.11
CA LEU B 170 1.62 -35.87 21.53
C LEU B 170 0.38 -35.05 21.87
N PHE B 171 -0.41 -34.73 20.85
CA PHE B 171 -1.64 -33.96 21.01
C PHE B 171 -2.84 -34.88 20.84
N LEU B 172 -3.81 -34.74 21.75
CA LEU B 172 -5.00 -35.58 21.73
C LEU B 172 -6.26 -34.73 21.73
N GLY B 173 -7.24 -35.15 20.94
CA GLY B 173 -8.56 -34.55 20.98
C GLY B 173 -9.61 -35.59 21.31
N SER B 174 -10.27 -35.44 22.45
CA SER B 174 -11.18 -36.47 22.97
C SER B 174 -12.63 -36.25 22.58
N GLY B 175 -12.94 -35.20 21.82
CA GLY B 175 -14.31 -34.93 21.47
C GLY B 175 -14.87 -35.95 20.49
N GLY B 176 -16.20 -36.00 20.44
CA GLY B 176 -16.89 -36.90 19.54
C GLY B 176 -17.52 -36.19 18.36
N LEU B 177 -17.89 -36.93 17.33
CA LEU B 177 -18.46 -36.34 16.13
C LEU B 177 -19.96 -36.10 16.35
N SER B 178 -20.69 -35.82 15.26
CA SER B 178 -22.07 -35.36 15.37
C SER B 178 -22.94 -36.35 16.13
N HIS B 179 -23.69 -35.82 17.09
CA HIS B 179 -24.62 -36.57 17.93
C HIS B 179 -25.35 -35.56 18.82
N GLN B 180 -26.41 -36.03 19.48
CA GLN B 180 -27.17 -35.22 20.43
C GLN B 180 -27.87 -36.12 21.43
N PRO B 181 -27.17 -36.52 22.49
CA PRO B 181 -27.80 -37.29 23.55
C PRO B 181 -28.61 -36.38 24.47
N PRO B 182 -29.46 -36.95 25.32
CA PRO B 182 -30.22 -36.11 26.27
C PRO B 182 -29.28 -35.47 27.29
N VAL B 183 -29.27 -34.14 27.31
CA VAL B 183 -28.39 -33.39 28.20
C VAL B 183 -29.23 -32.39 28.98
N PRO B 184 -29.10 -32.33 30.30
CA PRO B 184 -29.88 -31.36 31.08
C PRO B 184 -29.59 -29.92 30.67
N GLU B 185 -30.63 -29.10 30.69
CA GLU B 185 -30.55 -27.69 30.32
C GLU B 185 -31.01 -26.80 31.46
N LEU B 186 -30.49 -25.58 31.49
CA LEU B 186 -30.84 -24.64 32.55
C LEU B 186 -32.23 -24.05 32.35
N ALA B 187 -32.60 -23.76 31.10
CA ALA B 187 -33.86 -23.06 30.84
C ALA B 187 -35.07 -23.90 31.19
N LYS B 188 -35.04 -25.19 30.86
CA LYS B 188 -36.18 -26.08 31.04
C LYS B 188 -36.12 -26.89 32.33
N ALA B 189 -35.21 -26.55 33.23
CA ALA B 189 -34.99 -27.34 34.43
C ALA B 189 -36.06 -27.04 35.49
N ASP B 190 -36.15 -27.96 36.45
CA ASP B 190 -37.01 -27.80 37.62
C ASP B 190 -36.16 -27.39 38.82
N ALA B 191 -36.77 -27.34 40.00
CA ALA B 191 -36.08 -26.84 41.18
C ALA B 191 -34.88 -27.70 41.54
N HIS B 192 -35.07 -29.00 41.68
CA HIS B 192 -33.96 -29.90 41.99
C HIS B 192 -32.93 -29.92 40.87
N MET B 193 -33.41 -29.93 39.63
CA MET B 193 -32.51 -29.95 38.48
C MET B 193 -31.70 -28.65 38.39
N ARG B 194 -32.34 -27.51 38.65
CA ARG B 194 -31.61 -26.24 38.69
C ARG B 194 -30.59 -26.23 39.81
N ASP B 195 -30.96 -26.76 40.98
CA ASP B 195 -30.03 -26.81 42.10
C ASP B 195 -28.81 -27.65 41.77
N ARG B 196 -29.03 -28.79 41.10
CA ARG B 196 -27.90 -29.62 40.68
C ARG B 196 -27.07 -28.94 39.60
N LEU B 197 -27.69 -28.15 38.72
CA LEU B 197 -26.94 -27.51 37.64
C LEU B 197 -26.05 -26.38 38.17
N LEU B 198 -26.54 -25.61 39.13
CA LEU B 198 -25.76 -24.50 39.68
C LEU B 198 -24.79 -24.98 40.75
N GLY B 199 -23.96 -25.96 40.42
CA GLY B 199 -23.07 -26.52 41.40
C GLY B 199 -23.78 -27.53 42.28
N SER B 200 -23.09 -27.89 43.38
CA SER B 200 -23.59 -28.84 44.37
C SER B 200 -23.79 -30.22 43.77
N GLY B 201 -23.39 -30.41 42.52
CA GLY B 201 -23.43 -31.68 41.85
C GLY B 201 -22.09 -32.39 41.74
N LYS B 202 -21.04 -31.87 42.38
CA LYS B 202 -19.75 -32.54 42.36
C LYS B 202 -19.80 -33.83 43.16
N ASP B 203 -20.34 -33.77 44.38
CA ASP B 203 -20.42 -34.93 45.26
C ASP B 203 -21.78 -35.62 45.11
N LEU B 204 -22.06 -36.07 43.89
CA LEU B 204 -23.33 -36.74 43.62
C LEU B 204 -23.35 -38.10 44.32
N PRO B 205 -24.47 -38.45 44.95
CA PRO B 205 -24.62 -39.81 45.48
C PRO B 205 -24.69 -40.84 44.35
N ALA B 206 -24.33 -42.07 44.69
CA ALA B 206 -24.26 -43.13 43.69
C ALA B 206 -25.62 -43.43 43.08
N SER B 207 -26.71 -43.21 43.83
CA SER B 207 -28.03 -43.49 43.30
C SER B 207 -28.37 -42.57 42.13
N GLU B 208 -28.07 -41.27 42.24
CA GLU B 208 -28.33 -40.35 41.15
C GLU B 208 -27.46 -40.69 39.94
N ARG B 209 -26.21 -41.11 40.17
CA ARG B 209 -25.36 -41.54 39.07
C ARG B 209 -25.94 -42.75 38.37
N GLU B 210 -26.44 -43.72 39.13
CA GLU B 210 -27.07 -44.89 38.53
C GLU B 210 -28.29 -44.51 37.71
N LEU B 211 -29.12 -43.60 38.25
CA LEU B 211 -30.30 -43.16 37.50
C LEU B 211 -29.91 -42.46 36.21
N ARG B 212 -28.90 -41.60 36.26
CA ARG B 212 -28.45 -40.89 35.06
C ARG B 212 -27.91 -41.87 34.02
N GLN B 213 -27.10 -42.84 34.46
CA GLN B 213 -26.57 -43.83 33.53
C GLN B 213 -27.68 -44.66 32.90
N GLN B 214 -28.66 -45.07 33.71
CA GLN B 214 -29.78 -45.84 33.19
C GLN B 214 -30.59 -45.02 32.18
N ARG B 215 -30.80 -43.74 32.46
CA ARG B 215 -31.53 -42.89 31.51
C ARG B 215 -30.76 -42.75 30.21
N VAL B 216 -29.44 -42.58 30.28
CA VAL B 216 -28.64 -42.48 29.08
C VAL B 216 -28.71 -43.77 28.27
N ILE B 217 -28.63 -44.92 28.94
CA ILE B 217 -28.69 -46.20 28.25
C ILE B 217 -30.04 -46.40 27.59
N SER B 218 -31.12 -46.05 28.29
CA SER B 218 -32.46 -46.17 27.72
C SER B 218 -32.63 -45.27 26.51
N ALA B 219 -32.14 -44.02 26.60
CA ALA B 219 -32.22 -43.11 25.47
C ALA B 219 -31.41 -43.64 24.28
N ALA B 220 -30.25 -44.24 24.55
CA ALA B 220 -29.46 -44.84 23.48
C ALA B 220 -30.22 -45.98 22.82
N GLU B 221 -30.90 -46.82 23.61
CA GLU B 221 -31.67 -47.92 23.03
C GLU B 221 -32.82 -47.39 22.17
N LYS B 222 -33.51 -46.34 22.64
CA LYS B 222 -34.57 -45.75 21.84
C LYS B 222 -34.01 -45.15 20.56
N PHE B 223 -32.82 -44.55 20.63
CA PHE B 223 -32.18 -44.01 19.43
C PHE B 223 -31.86 -45.13 18.44
N VAL B 224 -31.42 -46.28 18.95
CA VAL B 224 -31.21 -47.44 18.08
C VAL B 224 -32.52 -47.86 17.43
N GLU B 225 -33.61 -47.83 18.20
CA GLU B 225 -34.92 -48.14 17.63
C GLU B 225 -35.30 -47.14 16.54
N ASP B 226 -35.08 -45.84 16.78
CA ASP B 226 -35.37 -44.81 15.81
C ASP B 226 -34.51 -43.59 16.11
N GLN B 227 -33.95 -43.00 15.06
CA GLN B 227 -33.03 -41.87 15.22
C GLN B 227 -33.73 -40.53 15.32
N ARG B 228 -35.06 -40.48 15.16
CA ARG B 228 -35.76 -39.21 15.24
C ARG B 228 -36.11 -38.80 16.66
N THR B 229 -35.92 -39.68 17.65
CA THR B 229 -36.12 -39.29 19.04
C THR B 229 -35.10 -38.22 19.44
N LEU B 230 -33.91 -38.29 18.87
CA LEU B 230 -32.89 -37.25 18.99
C LEU B 230 -32.61 -36.70 17.60
N HIS B 231 -31.58 -35.88 17.48
CA HIS B 231 -31.18 -35.40 16.15
C HIS B 231 -30.52 -36.53 15.37
N PRO B 232 -30.98 -36.82 14.16
CA PRO B 232 -30.38 -37.90 13.38
C PRO B 232 -28.93 -37.59 13.02
N LEU B 233 -28.14 -38.64 12.85
CA LEU B 233 -26.74 -38.49 12.50
C LEU B 233 -26.59 -37.86 11.12
N ASN B 234 -25.48 -37.15 10.93
CA ASN B 234 -25.22 -36.41 9.69
C ASN B 234 -23.86 -36.82 9.16
N PRO B 235 -23.79 -37.94 8.44
CA PRO B 235 -22.49 -38.38 7.89
C PRO B 235 -21.88 -37.40 6.92
N ILE B 236 -22.69 -36.66 6.16
CA ILE B 236 -22.16 -35.73 5.17
C ILE B 236 -21.33 -34.65 5.85
N TRP B 237 -21.86 -34.06 6.91
CA TRP B 237 -21.13 -32.97 7.57
C TRP B 237 -19.90 -33.51 8.28
N ASP B 238 -19.98 -34.72 8.85
CA ASP B 238 -18.82 -35.31 9.49
C ASP B 238 -17.69 -35.53 8.50
N ASN B 239 -18.01 -36.07 7.33
CA ASN B 239 -16.99 -36.29 6.30
C ASN B 239 -16.43 -34.96 5.81
N GLN B 240 -17.28 -33.95 5.67
CA GLN B 240 -16.79 -32.62 5.27
C GLN B 240 -15.83 -32.07 6.31
N PHE B 241 -16.15 -32.20 7.59
CA PHE B 241 -15.30 -31.70 8.66
C PHE B 241 -13.95 -32.40 8.66
N MET B 242 -13.96 -33.73 8.55
CA MET B 242 -12.70 -34.48 8.52
C MET B 242 -11.86 -34.10 7.31
N THR B 243 -12.49 -33.96 6.13
CA THR B 243 -11.76 -33.59 4.94
C THR B 243 -11.16 -32.19 5.07
N LEU B 244 -11.91 -31.25 5.66
CA LEU B 244 -11.39 -29.91 5.88
C LEU B 244 -10.19 -29.94 6.82
N LEU B 245 -10.26 -30.76 7.87
CA LEU B 245 -9.13 -30.86 8.80
C LEU B 245 -7.90 -31.42 8.10
N GLU B 246 -8.06 -32.45 7.27
CA GLU B 246 -6.90 -33.06 6.63
C GLU B 246 -6.27 -32.15 5.58
N GLN B 247 -7.09 -31.40 4.85
CA GLN B 247 -6.58 -30.58 3.76
C GLN B 247 -5.90 -29.29 4.24
N GLY B 248 -5.77 -29.08 5.54
CA GLY B 248 -5.15 -27.88 6.04
C GLY B 248 -5.99 -26.63 5.86
N ARG B 249 -7.30 -26.77 5.81
CA ARG B 249 -8.23 -25.67 5.57
C ARG B 249 -9.02 -25.35 6.84
N ILE B 250 -8.33 -25.36 7.98
CA ILE B 250 -9.01 -25.19 9.27
C ILE B 250 -9.65 -23.80 9.38
N GLN B 251 -9.00 -22.78 8.81
CA GLN B 251 -9.53 -21.43 8.93
C GLN B 251 -10.89 -21.28 8.26
N GLU B 252 -11.21 -22.14 7.29
CA GLU B 252 -12.53 -22.10 6.67
C GLU B 252 -13.65 -22.37 7.67
N LEU B 253 -13.32 -22.96 8.82
CA LEU B 253 -14.32 -23.20 9.86
C LEU B 253 -14.67 -21.94 10.63
N ASP B 254 -13.94 -20.85 10.45
CA ASP B 254 -14.26 -19.61 11.14
C ASP B 254 -15.58 -19.01 10.67
N ALA B 255 -16.01 -19.35 9.46
CA ALA B 255 -17.28 -18.82 8.94
C ALA B 255 -18.49 -19.51 9.56
N VAL B 256 -18.33 -20.76 10.01
CA VAL B 256 -19.43 -21.48 10.62
C VAL B 256 -19.68 -20.92 12.02
N SER B 257 -20.94 -20.68 12.35
CA SER B 257 -21.35 -20.16 13.65
C SER B 257 -21.82 -21.29 14.55
N ASN B 258 -22.03 -20.95 15.82
CA ASN B 258 -22.44 -21.96 16.80
C ASN B 258 -23.86 -22.43 16.56
N GLU B 259 -24.79 -21.49 16.32
CA GLU B 259 -26.17 -21.86 16.07
C GLU B 259 -26.32 -22.61 14.76
N GLU B 260 -25.54 -22.23 13.73
CA GLU B 260 -25.57 -22.97 12.47
C GLU B 260 -25.11 -24.40 12.67
N LEU B 261 -24.03 -24.60 13.44
CA LEU B 261 -23.56 -25.95 13.72
C LEU B 261 -24.59 -26.75 14.50
N SER B 262 -25.22 -26.13 15.51
CA SER B 262 -26.23 -26.83 16.30
C SER B 262 -27.41 -27.23 15.43
N ALA B 263 -27.84 -26.35 14.53
CA ALA B 263 -28.95 -26.68 13.64
C ALA B 263 -28.59 -27.78 12.67
N ILE B 264 -27.38 -27.72 12.09
CA ILE B 264 -27.00 -28.68 11.06
C ILE B 264 -26.80 -30.06 11.67
N ALA B 265 -26.05 -30.16 12.77
CA ALA B 265 -25.62 -31.46 13.27
C ALA B 265 -26.13 -31.81 14.66
N GLY B 266 -26.40 -30.84 15.52
CA GLY B 266 -26.82 -31.15 16.88
C GLY B 266 -26.05 -30.37 17.92
N LYS B 267 -26.62 -30.28 19.13
CA LYS B 267 -26.01 -29.47 20.18
C LYS B 267 -24.69 -30.04 20.66
N SER B 268 -24.55 -31.37 20.71
CA SER B 268 -23.35 -31.98 21.26
C SER B 268 -22.19 -31.97 20.28
N THR B 269 -22.44 -31.71 19.00
CA THR B 269 -21.37 -31.68 18.01
C THR B 269 -20.29 -30.67 18.36
N HIS B 270 -20.59 -29.72 19.24
CA HIS B 270 -19.59 -28.74 19.66
C HIS B 270 -18.39 -29.39 20.32
N GLU B 271 -18.50 -30.65 20.76
CA GLU B 271 -17.33 -31.34 21.29
C GLU B 271 -16.18 -31.35 20.28
N ILE B 272 -16.50 -31.37 18.98
CA ILE B 272 -15.46 -31.39 17.97
C ILE B 272 -14.52 -30.20 18.05
N LYS B 273 -14.88 -29.16 18.81
CA LYS B 273 -13.96 -28.05 19.00
C LYS B 273 -12.62 -28.54 19.50
N THR B 274 -12.62 -29.56 20.36
CA THR B 274 -11.36 -30.12 20.85
C THR B 274 -10.48 -30.53 19.68
N TRP B 275 -11.04 -31.26 18.71
CA TRP B 275 -10.29 -31.64 17.52
C TRP B 275 -9.63 -30.43 16.90
N VAL B 276 -10.40 -29.36 16.70
CA VAL B 276 -9.86 -28.16 16.06
C VAL B 276 -8.63 -27.68 16.81
N ALA B 277 -8.74 -27.57 18.13
CA ALA B 277 -7.62 -27.10 18.92
C ALA B 277 -6.39 -27.97 18.66
N ALA B 278 -6.58 -29.29 18.71
CA ALA B 278 -5.45 -30.19 18.51
C ALA B 278 -4.76 -29.89 17.18
N PHE B 279 -5.55 -29.78 16.11
CA PHE B 279 -4.93 -29.57 14.81
C PHE B 279 -4.19 -28.24 14.78
N ALA B 280 -4.78 -27.19 15.36
CA ALA B 280 -4.10 -25.91 15.39
C ALA B 280 -2.74 -26.05 16.05
N ALA B 281 -2.68 -26.83 17.14
CA ALA B 281 -1.41 -26.99 17.84
C ALA B 281 -0.34 -27.55 16.91
N ILE B 282 -0.67 -28.57 16.13
CA ILE B 282 0.36 -29.18 15.30
C ILE B 282 0.81 -28.22 14.21
N SER B 283 -0.03 -27.27 13.82
CA SER B 283 0.38 -26.30 12.81
C SER B 283 1.52 -25.42 13.30
N ALA B 284 1.78 -25.39 14.61
CA ALA B 284 2.89 -24.61 15.11
C ALA B 284 4.22 -25.33 14.97
N PHE B 285 4.21 -26.64 14.70
CA PHE B 285 5.46 -27.38 14.65
C PHE B 285 6.06 -27.45 13.24
N GLY B 286 5.37 -26.90 12.24
CA GLY B 286 5.88 -26.92 10.89
C GLY B 286 5.02 -27.72 9.93
N ASN B 287 5.65 -28.41 8.99
CA ASN B 287 4.91 -29.21 8.03
C ASN B 287 4.52 -30.56 8.65
N TRP B 288 3.29 -30.98 8.35
CA TRP B 288 2.76 -32.22 8.89
C TRP B 288 1.91 -32.90 7.82
N ARG B 289 1.68 -34.20 8.01
CA ARG B 289 0.80 -34.96 7.12
C ARG B 289 -0.05 -35.92 7.94
N SER B 290 -1.25 -36.19 7.42
CA SER B 290 -2.26 -36.95 8.14
C SER B 290 -2.28 -38.40 7.68
N GLU B 291 -3.00 -39.23 8.45
CA GLU B 291 -3.06 -40.66 8.21
C GLU B 291 -4.15 -41.26 9.09
N GLY B 292 -4.40 -42.55 8.87
CA GLY B 292 -5.28 -43.32 9.72
C GLY B 292 -6.70 -42.82 9.79
N ARG B 293 -7.23 -42.29 8.69
CA ARG B 293 -8.60 -41.79 8.68
C ARG B 293 -9.57 -42.96 8.80
N TYR B 294 -10.52 -42.83 9.72
CA TYR B 294 -11.56 -43.84 9.89
C TYR B 294 -12.83 -43.15 10.34
N TYR B 295 -13.95 -43.48 9.71
CA TYR B 295 -15.25 -42.98 10.12
C TYR B 295 -16.28 -44.07 9.94
N ARG B 296 -17.22 -44.14 10.88
CA ARG B 296 -18.32 -45.09 10.76
C ARG B 296 -19.48 -44.63 11.63
N PRO B 297 -20.68 -44.50 11.07
CA PRO B 297 -21.86 -44.17 11.88
C PRO B 297 -22.37 -45.40 12.60
N ILE B 298 -22.15 -45.44 13.92
CA ILE B 298 -22.57 -46.54 14.76
C ILE B 298 -23.86 -46.11 15.46
N PRO B 299 -25.01 -46.66 15.10
CA PRO B 299 -26.27 -46.24 15.75
C PRO B 299 -26.43 -46.81 17.14
N GLU B 300 -25.78 -47.96 17.41
CA GLU B 300 -25.89 -48.58 18.72
C GLU B 300 -25.37 -47.66 19.81
N TRP B 301 -24.23 -47.01 19.58
CA TRP B 301 -23.86 -45.86 20.38
C TRP B 301 -24.50 -44.61 19.80
N ILE B 302 -24.61 -43.57 20.62
CA ILE B 302 -25.30 -42.37 20.16
C ILE B 302 -24.47 -41.64 19.11
N ALA B 303 -23.16 -41.60 19.28
CA ALA B 303 -22.30 -40.80 18.42
C ALA B 303 -21.93 -41.55 17.14
N GLY B 304 -21.32 -40.82 16.21
CA GLY B 304 -20.76 -41.39 15.01
C GLY B 304 -19.26 -41.47 15.14
N PHE B 305 -18.74 -42.71 15.13
CA PHE B 305 -17.35 -42.93 15.49
C PHE B 305 -16.39 -42.40 14.43
N GLY B 306 -15.31 -41.79 14.89
CA GLY B 306 -14.29 -41.27 14.00
C GLY B 306 -12.92 -41.31 14.65
N SER B 307 -11.89 -41.31 13.80
CA SER B 307 -10.51 -41.37 14.26
C SER B 307 -9.60 -40.85 13.17
N LEU B 308 -8.57 -40.10 13.57
CA LEU B 308 -7.65 -39.48 12.63
C LEU B 308 -6.31 -39.28 13.32
N SER B 309 -5.23 -39.27 12.54
CA SER B 309 -3.90 -39.06 13.11
C SER B 309 -3.10 -38.16 12.18
N ALA B 310 -2.03 -37.58 12.73
CA ALA B 310 -1.14 -36.74 11.95
C ALA B 310 0.25 -36.76 12.58
N ARG B 311 1.26 -36.52 11.76
CA ARG B 311 2.64 -36.53 12.22
C ARG B 311 3.41 -35.39 11.57
N THR B 312 4.38 -34.85 12.30
CA THR B 312 5.26 -33.83 11.75
C THR B 312 6.30 -34.48 10.85
N GLU B 313 6.40 -33.99 9.61
CA GLU B 313 7.38 -34.50 8.64
C GLU B 313 8.66 -33.70 8.78
N ASN B 314 9.58 -34.21 9.60
CA ASN B 314 10.83 -33.54 9.88
C ASN B 314 11.84 -33.70 8.74
N MET C 1 -8.10 -35.22 -4.15
CA MET C 1 -9.29 -34.87 -4.93
C MET C 1 -9.07 -35.06 -6.43
N HIS C 2 -10.05 -35.65 -7.10
CA HIS C 2 -9.98 -35.95 -8.52
C HIS C 2 -11.29 -35.53 -9.18
N ALA C 3 -11.20 -34.94 -10.37
CA ALA C 3 -12.37 -34.45 -11.06
C ALA C 3 -12.22 -34.63 -12.57
N TYR C 4 -13.36 -34.80 -13.23
CA TYR C 4 -13.44 -34.89 -14.68
C TYR C 4 -14.49 -33.91 -15.18
N LEU C 5 -14.31 -33.43 -16.41
CA LEU C 5 -15.20 -32.48 -17.02
C LEU C 5 -15.40 -32.85 -18.48
N HIS C 6 -16.64 -32.74 -18.96
CA HIS C 6 -16.91 -32.94 -20.38
C HIS C 6 -18.07 -32.04 -20.79
N CYS C 7 -17.82 -31.18 -21.77
CA CYS C 7 -18.83 -30.30 -22.34
C CYS C 7 -19.15 -30.74 -23.75
N LEU C 8 -20.44 -30.86 -24.06
CA LEU C 8 -20.88 -31.42 -25.33
C LEU C 8 -22.14 -30.71 -25.79
N SER C 9 -22.22 -30.43 -27.09
CA SER C 9 -23.42 -29.82 -27.66
C SER C 9 -24.54 -30.86 -27.75
N HIS C 10 -25.76 -30.41 -27.53
CA HIS C 10 -26.94 -31.25 -27.64
C HIS C 10 -27.81 -30.76 -28.78
N SER C 11 -28.49 -31.68 -29.44
CA SER C 11 -29.32 -31.33 -30.59
C SER C 11 -30.56 -32.21 -30.64
N PRO C 12 -31.75 -31.63 -30.55
CA PRO C 12 -32.97 -32.46 -30.63
C PRO C 12 -33.16 -33.12 -31.99
N LEU C 13 -32.51 -32.62 -33.03
CA LEU C 13 -32.72 -33.12 -34.39
C LEU C 13 -31.71 -34.21 -34.73
N VAL C 14 -31.72 -35.28 -33.93
CA VAL C 14 -30.90 -36.46 -34.18
C VAL C 14 -31.83 -37.53 -34.74
N GLY C 15 -31.70 -37.81 -36.04
CA GLY C 15 -32.55 -38.73 -36.75
C GLY C 15 -33.66 -38.07 -37.54
N TYR C 16 -34.28 -37.02 -36.99
CA TYR C 16 -35.30 -36.29 -37.72
C TYR C 16 -34.72 -35.60 -38.94
N VAL C 17 -33.55 -34.98 -38.79
CA VAL C 17 -32.81 -34.39 -39.89
C VAL C 17 -31.37 -34.87 -39.77
N ASP C 18 -30.82 -35.36 -40.88
CA ASP C 18 -29.52 -36.01 -40.82
C ASP C 18 -28.56 -35.42 -41.84
N PRO C 19 -27.29 -35.24 -41.46
CA PRO C 19 -26.26 -34.88 -42.45
C PRO C 19 -25.73 -36.11 -43.17
N ALA C 20 -24.65 -35.95 -43.93
CA ALA C 20 -24.03 -37.08 -44.61
C ALA C 20 -23.62 -38.16 -43.60
N GLN C 21 -23.50 -39.39 -44.10
CA GLN C 21 -23.21 -40.51 -43.23
C GLN C 21 -21.81 -40.43 -42.63
N GLU C 22 -20.85 -39.87 -43.36
CA GLU C 22 -19.48 -39.80 -42.88
C GLU C 22 -19.36 -38.91 -41.64
N VAL C 23 -19.97 -37.71 -41.70
CA VAL C 23 -19.90 -36.82 -40.56
C VAL C 23 -20.69 -37.35 -39.39
N LEU C 24 -21.80 -38.06 -39.65
CA LEU C 24 -22.54 -38.70 -38.57
C LEU C 24 -21.69 -39.76 -37.88
N ASP C 25 -20.95 -40.56 -38.67
CA ASP C 25 -20.05 -41.55 -38.10
C ASP C 25 -18.95 -40.88 -37.28
N GLU C 26 -18.42 -39.76 -37.78
CA GLU C 26 -17.38 -39.05 -37.05
C GLU C 26 -17.89 -38.53 -35.71
N VAL C 27 -19.09 -37.95 -35.70
CA VAL C 27 -19.68 -37.44 -34.46
C VAL C 27 -19.93 -38.59 -33.49
N ASN C 28 -20.46 -39.70 -34.00
CA ASN C 28 -20.71 -40.86 -33.15
C ASN C 28 -19.41 -41.41 -32.56
N GLY C 29 -18.33 -41.40 -33.35
CA GLY C 29 -17.05 -41.84 -32.84
C GLY C 29 -16.51 -40.94 -31.76
N VAL C 30 -16.64 -39.63 -31.94
CA VAL C 30 -16.20 -38.69 -30.90
C VAL C 30 -16.99 -38.91 -29.62
N ILE C 31 -18.30 -39.07 -29.74
CA ILE C 31 -19.14 -39.30 -28.56
C ILE C 31 -18.76 -40.60 -27.88
N ALA C 32 -18.50 -41.64 -28.66
CA ALA C 32 -18.11 -42.93 -28.08
C ALA C 32 -16.77 -42.83 -27.36
N SER C 33 -15.81 -42.10 -27.94
CA SER C 33 -14.53 -41.94 -27.28
C SER C 33 -14.67 -41.18 -25.95
N ALA C 34 -15.50 -40.13 -25.94
CA ALA C 34 -15.74 -39.41 -24.70
C ALA C 34 -16.42 -40.31 -23.67
N ARG C 35 -17.37 -41.13 -24.10
CA ARG C 35 -18.02 -42.06 -23.19
C ARG C 35 -17.03 -43.06 -22.62
N GLU C 36 -16.10 -43.55 -23.46
CA GLU C 36 -15.09 -44.48 -22.97
C GLU C 36 -14.17 -43.82 -21.94
N ARG C 37 -13.76 -42.58 -22.18
CA ARG C 37 -12.94 -41.88 -21.20
C ARG C 37 -13.69 -41.69 -19.89
N ILE C 38 -14.97 -41.33 -19.96
CA ILE C 38 -15.76 -41.15 -18.74
C ILE C 38 -15.88 -42.47 -17.98
N ALA C 39 -16.15 -43.57 -18.71
CA ALA C 39 -16.27 -44.87 -18.06
C ALA C 39 -14.95 -45.29 -17.42
N ALA C 40 -13.83 -44.97 -18.07
CA ALA C 40 -12.53 -45.24 -17.45
C ALA C 40 -12.34 -44.44 -16.17
N PHE C 41 -12.81 -43.19 -16.17
CA PHE C 41 -12.68 -42.35 -14.97
C PHE C 41 -13.47 -42.92 -13.80
N SER C 42 -14.64 -43.52 -14.07
CA SER C 42 -15.51 -44.13 -13.07
C SER C 42 -15.94 -43.14 -12.00
N PRO C 43 -16.80 -42.17 -12.34
CA PRO C 43 -17.20 -41.16 -11.36
C PRO C 43 -18.19 -41.70 -10.34
N GLU C 44 -18.27 -40.99 -9.21
CA GLU C 44 -19.23 -41.29 -8.17
C GLU C 44 -20.34 -40.26 -8.05
N LEU C 45 -20.12 -39.03 -8.53
CA LEU C 45 -21.13 -37.98 -8.50
C LEU C 45 -21.07 -37.22 -9.82
N VAL C 46 -22.24 -36.76 -10.27
CA VAL C 46 -22.38 -35.97 -11.49
C VAL C 46 -23.07 -34.66 -11.15
N VAL C 47 -22.52 -33.55 -11.62
CA VAL C 47 -23.16 -32.25 -11.53
C VAL C 47 -23.44 -31.80 -12.96
N LEU C 48 -24.71 -31.63 -13.30
CA LEU C 48 -25.12 -31.39 -14.68
C LEU C 48 -25.73 -30.00 -14.80
N PHE C 49 -25.03 -29.10 -15.47
CA PHE C 49 -25.56 -27.78 -15.81
C PHE C 49 -26.25 -27.86 -17.15
N ALA C 50 -27.48 -27.36 -17.24
CA ALA C 50 -28.23 -27.47 -18.48
C ALA C 50 -29.19 -26.32 -18.60
N PRO C 51 -29.58 -25.96 -19.84
CA PRO C 51 -30.63 -24.96 -20.05
C PRO C 51 -32.01 -25.59 -20.21
N ASP C 52 -33.03 -24.75 -20.40
CA ASP C 52 -34.38 -25.20 -20.68
C ASP C 52 -34.88 -24.52 -21.96
N HIS C 53 -35.87 -25.14 -22.59
CA HIS C 53 -36.41 -24.68 -23.87
C HIS C 53 -37.90 -24.44 -23.76
N TYR C 54 -38.30 -23.72 -22.71
CA TYR C 54 -39.71 -23.39 -22.44
C TYR C 54 -40.55 -24.64 -22.26
N ASN C 55 -40.00 -25.63 -21.55
CA ASN C 55 -40.74 -26.83 -21.20
C ASN C 55 -40.86 -27.05 -19.69
N GLY C 56 -39.93 -26.54 -18.90
CA GLY C 56 -39.99 -26.71 -17.46
C GLY C 56 -40.15 -25.43 -16.67
N PHE C 57 -39.61 -24.33 -17.20
CA PHE C 57 -39.64 -23.03 -16.54
C PHE C 57 -40.34 -22.03 -17.45
N PHE C 58 -41.19 -21.20 -16.85
CA PHE C 58 -41.96 -20.23 -17.63
C PHE C 58 -41.93 -18.86 -16.96
N TYR C 59 -42.76 -17.94 -17.43
CA TYR C 59 -42.75 -16.57 -16.95
C TYR C 59 -43.59 -16.37 -15.69
N ASP C 60 -44.20 -17.42 -15.15
CA ASP C 60 -44.82 -17.31 -13.84
C ASP C 60 -43.78 -17.00 -12.78
N VAL C 61 -42.69 -17.78 -12.75
CA VAL C 61 -41.47 -17.45 -12.01
C VAL C 61 -40.28 -17.88 -12.84
N MET C 62 -39.44 -16.93 -13.24
CA MET C 62 -38.27 -17.24 -14.04
C MET C 62 -37.00 -16.88 -13.28
N PRO C 63 -36.28 -17.84 -12.70
CA PRO C 63 -35.06 -17.54 -11.98
C PRO C 63 -33.85 -17.59 -12.91
N PRO C 64 -32.76 -16.91 -12.56
CA PRO C 64 -31.53 -17.07 -13.36
C PRO C 64 -30.86 -18.41 -13.15
N PHE C 65 -30.78 -18.89 -11.92
CA PHE C 65 -30.22 -20.20 -11.61
C PHE C 65 -31.22 -20.98 -10.77
N CYS C 66 -31.25 -22.29 -10.95
CA CYS C 66 -32.12 -23.14 -10.15
C CYS C 66 -31.44 -24.47 -9.89
N LEU C 67 -31.67 -25.04 -8.71
CA LEU C 67 -31.15 -26.35 -8.33
C LEU C 67 -32.31 -27.31 -8.16
N GLY C 68 -32.21 -28.49 -8.79
CA GLY C 68 -33.30 -29.45 -8.71
C GLY C 68 -33.12 -30.51 -7.66
N VAL C 69 -33.79 -30.34 -6.51
CA VAL C 69 -33.76 -31.37 -5.48
C VAL C 69 -34.52 -32.61 -5.96
N GLY C 70 -35.62 -32.40 -6.67
CA GLY C 70 -36.31 -33.49 -7.34
C GLY C 70 -36.56 -33.14 -8.80
N ALA C 71 -36.16 -34.03 -9.71
CA ALA C 71 -36.27 -33.75 -11.14
C ALA C 71 -36.86 -34.93 -11.87
N THR C 72 -37.62 -34.65 -12.91
CA THR C 72 -38.25 -35.68 -13.74
C THR C 72 -38.14 -35.26 -15.20
N ALA C 73 -37.66 -36.16 -16.05
CA ALA C 73 -37.52 -35.90 -17.47
C ALA C 73 -38.81 -36.24 -18.19
N ILE C 74 -39.31 -35.33 -19.02
CA ILE C 74 -40.61 -35.49 -19.67
C ILE C 74 -40.55 -36.33 -20.94
N GLY C 75 -39.37 -36.48 -21.55
CA GLY C 75 -39.25 -37.29 -22.74
C GLY C 75 -39.74 -36.64 -24.01
N ASP C 76 -39.09 -35.55 -24.42
CA ASP C 76 -39.43 -34.86 -25.65
C ASP C 76 -38.37 -35.12 -26.72
N PHE C 77 -38.80 -35.04 -27.98
CA PHE C 77 -37.92 -35.27 -29.13
C PHE C 77 -37.28 -36.65 -29.10
N GLY C 78 -37.99 -37.64 -28.58
CA GLY C 78 -37.49 -39.00 -28.51
C GLY C 78 -36.54 -39.28 -27.36
N SER C 79 -36.28 -38.31 -26.51
CA SER C 79 -35.39 -38.53 -25.36
C SER C 79 -36.11 -39.37 -24.30
N ALA C 80 -35.33 -39.86 -23.35
CA ALA C 80 -35.88 -40.71 -22.31
C ALA C 80 -36.71 -39.90 -21.32
N ALA C 81 -37.63 -40.59 -20.65
CA ALA C 81 -38.53 -39.97 -19.68
C ALA C 81 -38.52 -40.78 -18.40
N GLY C 82 -38.67 -40.10 -17.27
CA GLY C 82 -38.74 -40.77 -15.99
C GLY C 82 -38.06 -39.96 -14.90
N GLU C 83 -38.11 -40.52 -13.69
CA GLU C 83 -37.57 -39.85 -12.52
C GLU C 83 -36.04 -39.90 -12.54
N LEU C 84 -35.41 -38.84 -12.05
CA LEU C 84 -33.96 -38.80 -11.95
C LEU C 84 -33.50 -39.09 -10.54
N PRO C 85 -32.40 -39.85 -10.37
CA PRO C 85 -31.88 -40.14 -9.02
C PRO C 85 -31.09 -38.97 -8.47
N VAL C 86 -31.66 -38.28 -7.49
CA VAL C 86 -31.04 -37.11 -6.87
C VAL C 86 -30.91 -37.39 -5.39
N PRO C 87 -29.71 -37.28 -4.80
CA PRO C 87 -29.58 -37.40 -3.34
C PRO C 87 -30.12 -36.15 -2.66
N VAL C 88 -31.17 -36.32 -1.85
CA VAL C 88 -31.89 -35.19 -1.28
C VAL C 88 -31.01 -34.44 -0.28
N GLU C 89 -30.37 -35.18 0.64
CA GLU C 89 -29.57 -34.54 1.67
C GLU C 89 -28.38 -33.80 1.07
N LEU C 90 -27.70 -34.42 0.10
CA LEU C 90 -26.57 -33.76 -0.55
C LEU C 90 -27.02 -32.53 -1.30
N ALA C 91 -28.18 -32.59 -1.97
CA ALA C 91 -28.69 -31.43 -2.69
C ALA C 91 -29.02 -30.29 -1.74
N GLU C 92 -29.64 -30.60 -0.60
CA GLU C 92 -29.98 -29.55 0.36
C GLU C 92 -28.72 -28.94 0.97
N ALA C 93 -27.71 -29.76 1.27
CA ALA C 93 -26.46 -29.22 1.76
C ALA C 93 -25.79 -28.33 0.72
N CYS C 94 -25.83 -28.73 -0.55
CA CYS C 94 -25.26 -27.91 -1.62
C CYS C 94 -26.00 -26.58 -1.73
N ALA C 95 -27.33 -26.61 -1.64
CA ALA C 95 -28.10 -25.37 -1.70
C ALA C 95 -27.74 -24.44 -0.55
N HIS C 96 -27.63 -24.98 0.67
CA HIS C 96 -27.25 -24.17 1.81
C HIS C 96 -25.87 -23.55 1.63
N ALA C 97 -24.90 -24.35 1.17
CA ALA C 97 -23.54 -23.85 1.00
C ALA C 97 -23.47 -22.78 -0.09
N VAL C 98 -24.18 -22.97 -1.20
CA VAL C 98 -24.13 -22.00 -2.28
C VAL C 98 -24.82 -20.71 -1.87
N MET C 99 -25.95 -20.82 -1.15
CA MET C 99 -26.59 -19.62 -0.62
C MET C 99 -25.66 -18.86 0.32
N LYS C 100 -24.96 -19.59 1.19
CA LYS C 100 -24.03 -18.93 2.11
C LYS C 100 -22.86 -18.30 1.37
N SER C 101 -22.45 -18.86 0.24
CA SER C 101 -21.33 -18.32 -0.52
C SER C 101 -21.64 -16.97 -1.15
N GLY C 102 -22.90 -16.57 -1.24
CA GLY C 102 -23.24 -15.28 -1.79
C GLY C 102 -23.88 -15.36 -3.17
N ILE C 103 -24.54 -16.47 -3.46
CA ILE C 103 -25.23 -16.68 -4.73
C ILE C 103 -26.72 -16.82 -4.44
N ASP C 104 -27.54 -16.05 -5.16
CA ASP C 104 -28.98 -16.08 -4.99
C ASP C 104 -29.54 -17.20 -5.85
N LEU C 105 -29.71 -18.38 -5.25
CA LEU C 105 -30.04 -19.60 -5.97
C LEU C 105 -31.47 -20.03 -5.64
N ALA C 106 -32.26 -20.29 -6.67
CA ALA C 106 -33.60 -20.81 -6.48
C ALA C 106 -33.54 -22.32 -6.24
N VAL C 107 -34.59 -22.85 -5.63
CA VAL C 107 -34.67 -24.25 -5.26
C VAL C 107 -36.02 -24.80 -5.70
N SER C 108 -36.01 -25.96 -6.33
CA SER C 108 -37.22 -26.62 -6.79
C SER C 108 -37.23 -28.07 -6.31
N TYR C 109 -38.41 -28.55 -5.93
CA TYR C 109 -38.58 -29.93 -5.50
C TYR C 109 -39.31 -30.79 -6.53
N CYS C 110 -39.90 -30.19 -7.54
CA CYS C 110 -40.52 -30.91 -8.66
C CYS C 110 -40.14 -30.15 -9.93
N MET C 111 -39.01 -30.53 -10.53
CA MET C 111 -38.47 -29.82 -11.68
C MET C 111 -38.63 -30.69 -12.91
N GLN C 112 -39.41 -30.21 -13.88
CA GLN C 112 -39.66 -30.93 -15.12
C GLN C 112 -38.58 -30.54 -16.12
N VAL C 113 -37.83 -31.52 -16.62
CA VAL C 113 -36.71 -31.26 -17.51
C VAL C 113 -36.97 -31.93 -18.86
N ASP C 114 -36.17 -31.52 -19.85
CA ASP C 114 -36.36 -31.88 -21.25
C ASP C 114 -35.09 -32.51 -21.80
N HIS C 115 -35.02 -32.63 -23.14
CA HIS C 115 -33.90 -33.28 -23.80
C HIS C 115 -32.56 -32.65 -23.45
N GLY C 116 -32.54 -31.37 -23.08
CA GLY C 116 -31.29 -30.74 -22.69
C GLY C 116 -30.64 -31.42 -21.51
N PHE C 117 -31.44 -31.90 -20.57
CA PHE C 117 -30.93 -32.66 -19.43
C PHE C 117 -30.77 -34.13 -19.75
N ALA C 118 -31.72 -34.73 -20.47
CA ALA C 118 -31.76 -36.17 -20.64
C ALA C 118 -30.74 -36.68 -21.64
N GLN C 119 -30.51 -35.95 -22.73
CA GLN C 119 -29.67 -36.48 -23.81
C GLN C 119 -28.23 -36.71 -23.39
N PRO C 120 -27.54 -35.77 -22.72
CA PRO C 120 -26.17 -36.08 -22.27
C PRO C 120 -26.09 -37.27 -21.34
N LEU C 121 -27.09 -37.48 -20.47
CA LEU C 121 -27.07 -38.63 -19.57
C LEU C 121 -27.14 -39.93 -20.34
N GLU C 122 -28.00 -40.00 -21.36
CA GLU C 122 -28.07 -41.19 -22.19
C GLU C 122 -26.78 -41.41 -22.98
N PHE C 123 -26.24 -40.33 -23.54
CA PHE C 123 -25.11 -40.49 -24.47
C PHE C 123 -23.81 -40.82 -23.73
N LEU C 124 -23.56 -40.17 -22.61
CA LEU C 124 -22.26 -40.29 -21.94
C LEU C 124 -22.26 -41.26 -20.76
N LEU C 125 -23.38 -41.41 -20.07
CA LEU C 125 -23.44 -42.32 -18.92
C LEU C 125 -24.11 -43.64 -19.24
N GLY C 126 -24.93 -43.69 -20.29
CA GLY C 126 -25.64 -44.90 -20.65
C GLY C 126 -27.09 -44.93 -20.24
N GLY C 127 -27.51 -44.07 -19.31
CA GLY C 127 -28.88 -44.05 -18.87
C GLY C 127 -29.10 -42.93 -17.87
N LEU C 128 -30.37 -42.75 -17.51
CA LEU C 128 -30.73 -41.70 -16.57
C LEU C 128 -30.42 -42.09 -15.13
N ASP C 129 -30.54 -43.38 -14.80
CA ASP C 129 -30.45 -43.84 -13.43
C ASP C 129 -29.17 -44.63 -13.14
N LYS C 130 -28.04 -44.17 -13.69
CA LYS C 130 -26.78 -44.85 -13.45
C LYS C 130 -26.06 -44.27 -12.23
N VAL C 131 -25.83 -42.96 -12.23
CA VAL C 131 -25.04 -42.30 -11.20
C VAL C 131 -25.90 -41.20 -10.57
N PRO C 132 -25.79 -40.95 -9.26
CA PRO C 132 -26.51 -39.82 -8.68
C PRO C 132 -26.10 -38.50 -9.33
N VAL C 133 -27.08 -37.63 -9.53
CA VAL C 133 -26.89 -36.41 -10.31
C VAL C 133 -27.48 -35.22 -9.57
N LEU C 134 -26.77 -34.09 -9.65
CA LEU C 134 -27.28 -32.80 -9.19
C LEU C 134 -27.61 -31.94 -10.40
N PRO C 135 -28.88 -31.70 -10.70
CA PRO C 135 -29.23 -30.88 -11.86
C PRO C 135 -29.29 -29.38 -11.55
N VAL C 136 -28.61 -28.58 -12.36
CA VAL C 136 -28.59 -27.13 -12.20
C VAL C 136 -29.09 -26.52 -13.50
N PHE C 137 -30.23 -25.85 -13.43
CA PHE C 137 -30.81 -25.15 -14.57
C PHE C 137 -30.26 -23.74 -14.64
N ILE C 138 -29.80 -23.35 -15.82
CA ILE C 138 -29.33 -21.99 -16.09
C ILE C 138 -30.21 -21.39 -17.18
N ASN C 139 -30.73 -20.19 -16.93
CA ASN C 139 -31.62 -19.53 -17.88
C ASN C 139 -30.83 -18.98 -19.06
N GLY C 140 -31.36 -19.20 -20.27
CA GLY C 140 -30.69 -18.74 -21.46
C GLY C 140 -31.58 -18.24 -22.57
N VAL C 141 -32.90 -18.15 -22.31
CA VAL C 141 -33.84 -17.80 -23.37
C VAL C 141 -34.69 -16.59 -22.99
N ALA C 142 -34.86 -16.34 -21.69
CA ALA C 142 -35.74 -15.29 -21.21
C ALA C 142 -34.92 -14.15 -20.62
N THR C 143 -35.06 -12.95 -21.19
CA THR C 143 -34.35 -11.78 -20.70
C THR C 143 -35.08 -11.18 -19.50
N PRO C 144 -34.35 -10.57 -18.54
CA PRO C 144 -32.89 -10.43 -18.50
C PRO C 144 -32.18 -11.73 -18.16
N LEU C 145 -30.94 -11.85 -18.61
CA LEU C 145 -30.15 -13.07 -18.47
C LEU C 145 -28.96 -12.84 -17.55
N PRO C 146 -28.49 -13.88 -16.85
CA PRO C 146 -27.28 -13.73 -16.05
C PRO C 146 -26.04 -13.52 -16.91
N GLY C 147 -25.06 -12.85 -16.34
CA GLY C 147 -23.82 -12.57 -17.04
C GLY C 147 -22.79 -13.66 -16.88
N PHE C 148 -21.64 -13.46 -17.53
CA PHE C 148 -20.56 -14.43 -17.46
C PHE C 148 -19.93 -14.46 -16.07
N GLN C 149 -19.82 -13.32 -15.40
CA GLN C 149 -19.17 -13.27 -14.10
C GLN C 149 -19.99 -13.98 -13.02
N ARG C 150 -21.32 -13.76 -13.02
CA ARG C 150 -22.16 -14.45 -12.06
C ARG C 150 -22.17 -15.95 -12.29
N THR C 151 -22.19 -16.38 -13.55
CA THR C 151 -22.13 -17.81 -13.86
C THR C 151 -20.79 -18.40 -13.41
N ARG C 152 -19.70 -17.66 -13.62
CA ARG C 152 -18.40 -18.14 -13.19
C ARG C 152 -18.34 -18.31 -11.67
N MET C 153 -18.90 -17.33 -10.93
CA MET C 153 -18.89 -17.47 -9.47
C MET C 153 -19.83 -18.56 -8.99
N LEU C 154 -20.94 -18.79 -9.67
CA LEU C 154 -21.80 -19.93 -9.34
C LEU C 154 -21.04 -21.25 -9.50
N GLY C 155 -20.34 -21.40 -10.62
CA GLY C 155 -19.55 -22.60 -10.83
C GLY C 155 -18.45 -22.75 -9.79
N GLU C 156 -17.80 -21.64 -9.44
CA GLU C 156 -16.75 -21.69 -8.42
C GLU C 156 -17.30 -22.11 -7.07
N ALA C 157 -18.46 -21.58 -6.68
CA ALA C 157 -19.06 -21.96 -5.41
C ALA C 157 -19.44 -23.44 -5.40
N ILE C 158 -20.02 -23.93 -6.50
CA ILE C 158 -20.40 -25.34 -6.55
C ILE C 158 -19.17 -26.23 -6.50
N GLY C 159 -18.11 -25.87 -7.22
CA GLY C 159 -16.89 -26.65 -7.16
C GLY C 159 -16.25 -26.63 -5.79
N ARG C 160 -16.27 -25.47 -5.12
CA ARG C 160 -15.70 -25.38 -3.78
C ARG C 160 -16.48 -26.25 -2.80
N PHE C 161 -17.82 -26.31 -2.94
CA PHE C 161 -18.58 -27.23 -2.10
C PHE C 161 -18.24 -28.67 -2.40
N THR C 162 -18.16 -29.04 -3.68
CA THR C 162 -17.98 -30.45 -4.04
C THR C 162 -16.56 -30.95 -3.81
N SER C 163 -15.59 -30.05 -3.66
CA SER C 163 -14.22 -30.48 -3.44
C SER C 163 -13.99 -31.08 -2.05
N THR C 164 -14.95 -30.95 -1.14
CA THR C 164 -14.81 -31.45 0.23
C THR C 164 -15.60 -32.72 0.47
N LEU C 165 -16.12 -33.37 -0.57
CA LEU C 165 -16.96 -34.55 -0.41
C LEU C 165 -16.17 -35.86 -0.46
N ASN C 166 -14.88 -35.81 -0.77
CA ASN C 166 -14.04 -37.01 -0.86
C ASN C 166 -14.60 -38.00 -1.87
N LYS C 167 -15.06 -37.49 -3.01
CA LYS C 167 -15.63 -38.32 -4.07
C LYS C 167 -14.98 -37.96 -5.40
N ARG C 168 -15.20 -38.81 -6.39
CA ARG C 168 -14.82 -38.53 -7.77
C ARG C 168 -16.01 -37.89 -8.47
N VAL C 169 -15.85 -36.64 -8.89
CA VAL C 169 -16.94 -35.82 -9.40
C VAL C 169 -16.76 -35.62 -10.89
N LEU C 170 -17.84 -35.79 -11.65
CA LEU C 170 -17.88 -35.52 -13.08
C LEU C 170 -18.76 -34.31 -13.33
N PHE C 171 -18.24 -33.34 -14.05
CA PHE C 171 -18.96 -32.11 -14.39
C PHE C 171 -19.36 -32.14 -15.86
N LEU C 172 -20.60 -31.75 -16.14
CA LEU C 172 -21.14 -31.77 -17.48
C LEU C 172 -21.73 -30.42 -17.84
N GLY C 173 -21.51 -29.99 -19.08
CA GLY C 173 -22.16 -28.82 -19.63
C GLY C 173 -22.94 -29.18 -20.88
N SER C 174 -24.26 -29.06 -20.85
CA SER C 174 -25.11 -29.53 -21.92
C SER C 174 -25.45 -28.46 -22.95
N GLY C 175 -25.00 -27.23 -22.76
CA GLY C 175 -25.34 -26.19 -23.70
C GLY C 175 -24.66 -26.36 -25.04
N GLY C 176 -25.30 -25.83 -26.08
CA GLY C 176 -24.74 -25.87 -27.42
C GLY C 176 -23.95 -24.63 -27.75
N LEU C 177 -23.32 -24.65 -28.92
CA LEU C 177 -22.51 -23.55 -29.39
C LEU C 177 -23.38 -22.59 -30.21
N SER C 178 -22.76 -21.66 -30.94
CA SER C 178 -23.49 -20.59 -31.60
C SER C 178 -24.56 -21.13 -32.54
N HIS C 179 -25.77 -20.58 -32.40
CA HIS C 179 -26.93 -20.91 -33.22
C HIS C 179 -28.06 -19.97 -32.80
N GLN C 180 -29.15 -20.01 -33.58
CA GLN C 180 -30.33 -19.20 -33.27
C GLN C 180 -31.54 -19.84 -33.94
N PRO C 181 -32.16 -20.83 -33.30
CA PRO C 181 -33.39 -21.40 -33.84
C PRO C 181 -34.59 -20.53 -33.51
N PRO C 182 -35.73 -20.76 -34.15
CA PRO C 182 -36.93 -19.97 -33.82
C PRO C 182 -37.41 -20.27 -32.42
N VAL C 183 -37.44 -19.24 -31.58
CA VAL C 183 -37.84 -19.37 -30.18
C VAL C 183 -38.92 -18.36 -29.88
N PRO C 184 -40.03 -18.77 -29.27
CA PRO C 184 -41.11 -17.82 -28.94
C PRO C 184 -40.62 -16.72 -28.02
N GLU C 185 -41.12 -15.51 -28.25
CA GLU C 185 -40.76 -14.33 -27.46
C GLU C 185 -41.99 -13.71 -26.83
N LEU C 186 -41.78 -13.02 -25.72
CA LEU C 186 -42.89 -12.41 -25.00
C LEU C 186 -43.37 -11.13 -25.69
N ALA C 187 -42.44 -10.34 -26.22
CA ALA C 187 -42.79 -9.03 -26.76
C ALA C 187 -43.67 -9.14 -27.99
N LYS C 188 -43.37 -10.09 -28.88
CA LYS C 188 -44.07 -10.22 -30.16
C LYS C 188 -45.15 -11.29 -30.13
N ALA C 189 -45.53 -11.77 -28.95
CA ALA C 189 -46.48 -12.87 -28.85
C ALA C 189 -47.92 -12.38 -29.04
N ASP C 190 -48.81 -13.34 -29.31
CA ASP C 190 -50.24 -13.09 -29.39
C ASP C 190 -50.91 -13.58 -28.10
N ALA C 191 -52.24 -13.56 -28.06
CA ALA C 191 -52.96 -13.87 -26.84
C ALA C 191 -52.70 -15.30 -26.39
N HIS C 192 -52.91 -16.27 -27.28
CA HIS C 192 -52.66 -17.68 -26.92
C HIS C 192 -51.19 -17.91 -26.64
N MET C 193 -50.31 -17.30 -27.45
CA MET C 193 -48.87 -17.46 -27.25
C MET C 193 -48.43 -16.84 -25.92
N ARG C 194 -48.97 -15.67 -25.57
CA ARG C 194 -48.67 -15.09 -24.26
C ARG C 194 -49.19 -15.96 -23.13
N ASP C 195 -50.39 -16.52 -23.29
CA ASP C 195 -50.94 -17.39 -22.25
C ASP C 195 -50.07 -18.62 -22.04
N ARG C 196 -49.55 -19.19 -23.14
CA ARG C 196 -48.64 -20.33 -23.01
C ARG C 196 -47.32 -19.92 -22.40
N LEU C 197 -46.86 -18.70 -22.68
CA LEU C 197 -45.56 -18.27 -22.16
C LEU C 197 -45.62 -18.00 -20.66
N LEU C 198 -46.69 -17.39 -20.18
CA LEU C 198 -46.82 -17.08 -18.76
C LEU C 198 -47.32 -18.29 -17.98
N GLY C 199 -46.62 -19.40 -18.07
CA GLY C 199 -47.08 -20.62 -17.44
C GLY C 199 -48.16 -21.30 -18.25
N SER C 200 -48.81 -22.28 -17.61
CA SER C 200 -49.89 -23.09 -18.17
C SER C 200 -49.44 -23.92 -19.37
N GLY C 201 -48.14 -23.90 -19.71
CA GLY C 201 -47.60 -24.72 -20.76
C GLY C 201 -46.88 -25.97 -20.31
N LYS C 202 -46.94 -26.29 -19.01
CA LYS C 202 -46.33 -27.53 -18.53
C LYS C 202 -47.06 -28.74 -19.06
N ASP C 203 -48.39 -28.75 -18.96
CA ASP C 203 -49.20 -29.86 -19.42
C ASP C 203 -49.69 -29.63 -20.85
N LEU C 204 -48.72 -29.53 -21.76
CA LEU C 204 -49.05 -29.31 -23.16
C LEU C 204 -49.65 -30.57 -23.76
N PRO C 205 -50.75 -30.46 -24.51
CA PRO C 205 -51.26 -31.61 -25.26
C PRO C 205 -50.31 -32.01 -26.36
N ALA C 206 -50.41 -33.30 -26.75
CA ALA C 206 -49.48 -33.86 -27.73
C ALA C 206 -49.58 -33.16 -29.08
N SER C 207 -50.75 -32.62 -29.42
CA SER C 207 -50.90 -31.95 -30.72
C SER C 207 -50.03 -30.71 -30.81
N GLU C 208 -50.00 -29.89 -29.75
CA GLU C 208 -49.16 -28.70 -29.76
C GLU C 208 -47.68 -29.08 -29.79
N ARG C 209 -47.30 -30.15 -29.09
CA ARG C 209 -45.93 -30.63 -29.15
C ARG C 209 -45.56 -31.06 -30.56
N GLU C 210 -46.45 -31.78 -31.23
CA GLU C 210 -46.19 -32.20 -32.61
C GLU C 210 -46.05 -30.98 -33.52
N LEU C 211 -46.91 -29.98 -33.36
CA LEU C 211 -46.81 -28.79 -34.19
C LEU C 211 -45.50 -28.06 -33.95
N ARG C 212 -45.09 -27.94 -32.69
CA ARG C 212 -43.82 -27.27 -32.37
C ARG C 212 -42.63 -28.02 -32.97
N GLN C 213 -42.63 -29.35 -32.83
CA GLN C 213 -41.54 -30.14 -33.39
C GLN C 213 -41.50 -30.02 -34.91
N GLN C 214 -42.66 -30.06 -35.56
CA GLN C 214 -42.71 -29.91 -37.00
C GLN C 214 -42.20 -28.54 -37.44
N ARG C 215 -42.57 -27.49 -36.71
CA ARG C 215 -42.07 -26.16 -37.05
C ARG C 215 -40.56 -26.08 -36.89
N VAL C 216 -40.02 -26.68 -35.82
CA VAL C 216 -38.57 -26.68 -35.63
C VAL C 216 -37.87 -27.43 -36.76
N ILE C 217 -38.43 -28.57 -37.16
CA ILE C 217 -37.83 -29.35 -38.25
C ILE C 217 -37.86 -28.57 -39.56
N SER C 218 -38.99 -27.93 -39.84
CA SER C 218 -39.11 -27.14 -41.07
C SER C 218 -38.15 -25.97 -41.08
N ALA C 219 -38.01 -25.29 -39.93
CA ALA C 219 -37.05 -24.19 -39.83
C ALA C 219 -35.62 -24.69 -40.03
N ALA C 220 -35.31 -25.86 -39.49
CA ALA C 220 -33.99 -26.45 -39.70
C ALA C 220 -33.74 -26.73 -41.18
N GLU C 221 -34.75 -27.27 -41.87
CA GLU C 221 -34.60 -27.55 -43.30
C GLU C 221 -34.39 -26.26 -44.09
N LYS C 222 -35.15 -25.20 -43.76
CA LYS C 222 -34.95 -23.92 -44.43
C LYS C 222 -33.56 -23.35 -44.14
N PHE C 223 -33.07 -23.54 -42.91
CA PHE C 223 -31.72 -23.11 -42.58
C PHE C 223 -30.68 -23.87 -43.40
N VAL C 224 -30.90 -25.16 -43.61
CA VAL C 224 -30.03 -25.92 -44.51
C VAL C 224 -30.08 -25.35 -45.91
N GLU C 225 -31.27 -24.97 -46.37
CA GLU C 225 -31.40 -24.34 -47.68
C GLU C 225 -30.63 -23.02 -47.74
N ASP C 226 -30.76 -22.20 -46.69
CA ASP C 226 -30.05 -20.93 -46.62
C ASP C 226 -29.91 -20.52 -45.17
N GLN C 227 -28.73 -20.05 -44.79
CA GLN C 227 -28.43 -19.72 -43.41
C GLN C 227 -28.87 -18.32 -43.00
N ARG C 228 -29.35 -17.50 -43.95
CA ARG C 228 -29.77 -16.15 -43.62
C ARG C 228 -31.20 -16.07 -43.09
N THR C 229 -31.95 -17.18 -43.14
CA THR C 229 -33.27 -17.20 -42.52
C THR C 229 -33.17 -17.01 -41.01
N LEU C 230 -32.10 -17.52 -40.40
CA LEU C 230 -31.75 -17.28 -39.01
C LEU C 230 -30.40 -16.59 -38.98
N HIS C 231 -29.84 -16.44 -37.78
CA HIS C 231 -28.51 -15.87 -37.68
C HIS C 231 -27.48 -16.90 -38.17
N PRO C 232 -26.63 -16.55 -39.12
CA PRO C 232 -25.66 -17.51 -39.64
C PRO C 232 -24.64 -17.91 -38.58
N LEU C 233 -24.11 -19.13 -38.74
CA LEU C 233 -23.13 -19.64 -37.79
C LEU C 233 -21.84 -18.80 -37.84
N ASN C 234 -21.13 -18.79 -36.70
CA ASN C 234 -19.93 -17.98 -36.52
C ASN C 234 -18.81 -18.88 -36.03
N PRO C 235 -18.12 -19.59 -36.92
CA PRO C 235 -17.03 -20.48 -36.48
C PRO C 235 -15.91 -19.74 -35.78
N ILE C 236 -15.63 -18.49 -36.17
CA ILE C 236 -14.52 -17.76 -35.58
C ILE C 236 -14.75 -17.57 -34.09
N TRP C 237 -15.95 -17.14 -33.71
CA TRP C 237 -16.22 -16.89 -32.30
C TRP C 237 -16.25 -18.19 -31.51
N ASP C 238 -16.76 -19.26 -32.11
CA ASP C 238 -16.78 -20.56 -31.44
C ASP C 238 -15.37 -21.04 -31.13
N ASN C 239 -14.48 -20.94 -32.12
CA ASN C 239 -13.10 -21.34 -31.91
C ASN C 239 -12.41 -20.45 -30.88
N GLN C 240 -12.69 -19.15 -30.91
CA GLN C 240 -12.13 -18.25 -29.90
C GLN C 240 -12.59 -18.63 -28.50
N PHE C 241 -13.88 -18.94 -28.35
CA PHE C 241 -14.42 -19.32 -27.05
C PHE C 241 -13.79 -20.60 -26.53
N MET C 242 -13.67 -21.61 -27.41
CA MET C 242 -13.06 -22.86 -26.99
C MET C 242 -11.59 -22.66 -26.61
N THR C 243 -10.86 -21.86 -27.39
CA THR C 243 -9.45 -21.61 -27.07
C THR C 243 -9.32 -20.86 -25.75
N LEU C 244 -10.20 -19.90 -25.49
CA LEU C 244 -10.18 -19.19 -24.22
C LEU C 244 -10.45 -20.13 -23.06
N LEU C 245 -11.40 -21.05 -23.23
CA LEU C 245 -11.68 -22.01 -22.16
C LEU C 245 -10.49 -22.92 -21.89
N GLU C 246 -9.82 -23.38 -22.94
CA GLU C 246 -8.71 -24.31 -22.76
C GLU C 246 -7.49 -23.63 -22.12
N GLN C 247 -7.22 -22.38 -22.49
CA GLN C 247 -6.02 -21.69 -22.01
C GLN C 247 -6.15 -21.19 -20.58
N GLY C 248 -7.26 -21.48 -19.90
CA GLY C 248 -7.42 -21.00 -18.54
C GLY C 248 -7.68 -19.51 -18.42
N ARG C 249 -8.23 -18.90 -19.47
CA ARG C 249 -8.48 -17.47 -19.52
C ARG C 249 -9.98 -17.17 -19.43
N ILE C 250 -10.67 -17.88 -18.54
CA ILE C 250 -12.12 -17.77 -18.44
C ILE C 250 -12.52 -16.37 -17.99
N GLN C 251 -11.72 -15.74 -17.13
CA GLN C 251 -12.05 -14.41 -16.63
C GLN C 251 -12.13 -13.37 -17.73
N GLU C 252 -11.42 -13.57 -18.84
CA GLU C 252 -11.51 -12.65 -19.96
C GLU C 252 -12.91 -12.56 -20.54
N LEU C 253 -13.76 -13.54 -20.26
CA LEU C 253 -15.14 -13.50 -20.70
C LEU C 253 -16.01 -12.55 -19.91
N ASP C 254 -15.51 -12.03 -18.78
CA ASP C 254 -16.29 -11.07 -18.01
C ASP C 254 -16.48 -9.75 -18.74
N ALA C 255 -15.60 -9.42 -19.68
CA ALA C 255 -15.75 -8.17 -20.42
C ALA C 255 -16.85 -8.25 -21.46
N VAL C 256 -17.14 -9.45 -21.97
CA VAL C 256 -18.20 -9.60 -22.96
C VAL C 256 -19.56 -9.46 -22.29
N SER C 257 -20.44 -8.69 -22.92
CA SER C 257 -21.78 -8.45 -22.40
C SER C 257 -22.79 -9.35 -23.10
N ASN C 258 -24.03 -9.32 -22.60
CA ASN C 258 -25.07 -10.19 -23.14
C ASN C 258 -25.52 -9.71 -24.52
N GLU C 259 -25.74 -8.40 -24.68
CA GLU C 259 -26.17 -7.88 -25.97
C GLU C 259 -25.07 -8.01 -27.01
N GLU C 260 -23.81 -7.82 -26.60
CA GLU C 260 -22.69 -8.02 -27.51
C GLU C 260 -22.64 -9.46 -28.00
N LEU C 261 -22.82 -10.42 -27.09
CA LEU C 261 -22.82 -11.82 -27.48
C LEU C 261 -24.00 -12.14 -28.41
N SER C 262 -25.18 -11.59 -28.11
CA SER C 262 -26.34 -11.84 -28.97
C SER C 262 -26.12 -11.27 -30.37
N ALA C 263 -25.52 -10.07 -30.46
CA ALA C 263 -25.26 -9.48 -31.76
C ALA C 263 -24.20 -10.25 -32.53
N ILE C 264 -23.13 -10.68 -31.85
CA ILE C 264 -22.04 -11.35 -32.53
C ILE C 264 -22.45 -12.73 -33.02
N ALA C 265 -23.08 -13.53 -32.16
CA ALA C 265 -23.29 -14.94 -32.45
C ALA C 265 -24.75 -15.36 -32.53
N GLY C 266 -25.67 -14.68 -31.86
CA GLY C 266 -27.05 -15.10 -31.85
C GLY C 266 -27.64 -15.21 -30.46
N LYS C 267 -28.97 -15.19 -30.38
CA LYS C 267 -29.64 -15.16 -29.07
C LYS C 267 -29.45 -16.47 -28.31
N SER C 268 -29.40 -17.61 -29.00
CA SER C 268 -29.33 -18.89 -28.33
C SER C 268 -27.92 -19.23 -27.86
N THR C 269 -26.90 -18.53 -28.35
CA THR C 269 -25.53 -18.77 -27.94
C THR C 269 -25.35 -18.67 -26.43
N HIS C 270 -26.29 -18.03 -25.74
CA HIS C 270 -26.19 -17.91 -24.28
C HIS C 270 -26.19 -19.27 -23.59
N GLU C 271 -26.63 -20.33 -24.29
CA GLU C 271 -26.52 -21.66 -23.70
C GLU C 271 -25.09 -21.98 -23.28
N ILE C 272 -24.09 -21.43 -23.97
CA ILE C 272 -22.70 -21.70 -23.62
C ILE C 272 -22.37 -21.30 -22.20
N LYS C 273 -23.22 -20.51 -21.53
CA LYS C 273 -22.98 -20.19 -20.14
C LYS C 273 -22.80 -21.46 -19.31
N THR C 274 -23.56 -22.51 -19.63
CA THR C 274 -23.39 -23.78 -18.92
C THR C 274 -21.94 -24.24 -18.97
N TRP C 275 -21.34 -24.23 -20.17
CA TRP C 275 -19.93 -24.58 -20.31
C TRP C 275 -19.08 -23.80 -19.32
N VAL C 276 -19.29 -22.48 -19.28
CA VAL C 276 -18.49 -21.64 -18.40
C VAL C 276 -18.58 -22.15 -16.96
N ALA C 277 -19.81 -22.38 -16.50
CA ALA C 277 -19.99 -22.86 -15.14
C ALA C 277 -19.17 -24.11 -14.90
N ALA C 278 -19.29 -25.09 -15.81
CA ALA C 278 -18.58 -26.34 -15.66
C ALA C 278 -17.09 -26.08 -15.46
N PHE C 279 -16.51 -25.25 -16.33
CA PHE C 279 -15.07 -25.03 -16.25
C PHE C 279 -14.71 -24.39 -14.93
N ALA C 280 -15.50 -23.40 -14.49
CA ALA C 280 -15.23 -22.77 -13.21
C ALA C 280 -15.18 -23.81 -12.10
N ALA C 281 -16.10 -24.78 -12.15
CA ALA C 281 -16.13 -25.80 -11.11
C ALA C 281 -14.80 -26.54 -11.03
N ILE C 282 -14.25 -26.93 -12.18
CA ILE C 282 -13.04 -27.73 -12.12
C ILE C 282 -11.87 -26.90 -11.61
N SER C 283 -11.93 -25.57 -11.76
CA SER C 283 -10.86 -24.74 -11.24
C SER C 283 -10.78 -24.80 -9.73
N ALA C 284 -11.82 -25.29 -9.06
CA ALA C 284 -11.76 -25.43 -7.60
C ALA C 284 -10.99 -26.68 -7.17
N PHE C 285 -10.74 -27.62 -8.08
CA PHE C 285 -10.08 -28.86 -7.69
C PHE C 285 -8.57 -28.82 -7.85
N GLY C 286 -8.01 -27.72 -8.33
CA GLY C 286 -6.57 -27.62 -8.49
C GLY C 286 -6.14 -27.52 -9.94
N ASN C 287 -4.99 -28.09 -10.27
CA ASN C 287 -4.49 -28.06 -11.64
C ASN C 287 -5.23 -29.07 -12.50
N TRP C 288 -5.53 -28.67 -13.72
CA TRP C 288 -6.26 -29.52 -14.66
C TRP C 288 -5.67 -29.38 -16.05
N ARG C 289 -5.99 -30.35 -16.90
CA ARG C 289 -5.46 -30.43 -18.26
C ARG C 289 -6.59 -30.82 -19.20
N SER C 290 -6.65 -30.15 -20.35
CA SER C 290 -7.75 -30.31 -21.30
C SER C 290 -7.38 -31.28 -22.42
N GLU C 291 -8.40 -31.76 -23.12
CA GLU C 291 -8.22 -32.80 -24.13
C GLU C 291 -9.51 -32.95 -24.92
N GLY C 292 -9.42 -33.77 -25.96
CA GLY C 292 -10.58 -34.17 -26.74
C GLY C 292 -11.31 -33.04 -27.42
N ARG C 293 -10.58 -32.02 -27.88
CA ARG C 293 -11.22 -30.90 -28.55
C ARG C 293 -11.76 -31.33 -29.89
N TYR C 294 -13.03 -31.01 -30.14
CA TYR C 294 -13.64 -31.28 -31.44
C TYR C 294 -14.64 -30.19 -31.74
N TYR C 295 -14.60 -29.67 -32.96
CA TYR C 295 -15.58 -28.68 -33.41
C TYR C 295 -15.88 -28.92 -34.87
N ARG C 296 -17.15 -28.76 -35.23
CA ARG C 296 -17.54 -28.85 -36.64
C ARG C 296 -18.87 -28.14 -36.85
N PRO C 297 -18.93 -27.21 -37.81
CA PRO C 297 -20.21 -26.56 -38.14
C PRO C 297 -21.08 -27.48 -38.99
N ILE C 298 -22.13 -28.02 -38.38
CA ILE C 298 -23.06 -28.92 -39.06
C ILE C 298 -24.28 -28.10 -39.45
N PRO C 299 -24.48 -27.78 -40.74
CA PRO C 299 -25.63 -26.97 -41.13
C PRO C 299 -26.94 -27.74 -41.10
N GLU C 300 -26.86 -29.06 -41.24
CA GLU C 300 -28.08 -29.88 -41.24
C GLU C 300 -28.81 -29.76 -39.91
N TRP C 301 -28.09 -29.81 -38.81
CA TRP C 301 -28.63 -29.35 -37.54
C TRP C 301 -28.44 -27.84 -37.43
N ILE C 302 -29.22 -27.21 -36.57
CA ILE C 302 -29.16 -25.76 -36.47
C ILE C 302 -27.85 -25.32 -35.82
N ALA C 303 -27.39 -26.05 -34.81
CA ALA C 303 -26.24 -25.62 -34.03
C ALA C 303 -24.93 -26.05 -34.69
N GLY C 304 -23.83 -25.52 -34.16
CA GLY C 304 -22.50 -25.93 -34.54
C GLY C 304 -21.91 -26.84 -33.48
N PHE C 305 -21.64 -28.09 -33.88
CA PHE C 305 -21.30 -29.12 -32.91
C PHE C 305 -19.93 -28.89 -32.30
N GLY C 306 -19.83 -29.13 -30.99
CA GLY C 306 -18.57 -29.00 -30.28
C GLY C 306 -18.51 -29.96 -29.12
N SER C 307 -17.28 -30.24 -28.69
CA SER C 307 -17.03 -31.17 -27.60
C SER C 307 -15.64 -30.93 -27.03
N LEU C 308 -15.54 -31.00 -25.70
CA LEU C 308 -14.28 -30.73 -25.01
C LEU C 308 -14.27 -31.50 -23.70
N SER C 309 -13.08 -31.84 -23.21
CA SER C 309 -12.96 -32.58 -21.97
C SER C 309 -11.78 -32.04 -21.17
N ALA C 310 -11.79 -32.32 -19.86
CA ALA C 310 -10.69 -31.91 -18.99
C ALA C 310 -10.61 -32.88 -17.82
N ARG C 311 -9.42 -32.95 -17.22
CA ARG C 311 -9.16 -33.88 -16.13
C ARG C 311 -8.24 -33.22 -15.12
N THR C 312 -8.49 -33.49 -13.84
CA THR C 312 -7.58 -33.04 -12.80
C THR C 312 -6.32 -33.91 -12.80
N GLU C 313 -5.16 -33.24 -12.82
CA GLU C 313 -3.88 -33.95 -12.89
C GLU C 313 -3.34 -34.13 -11.48
N ASN C 314 -2.93 -35.36 -11.16
CA ASN C 314 -2.44 -35.69 -9.83
C ASN C 314 -1.16 -36.50 -9.90
N MET D 1 0.40 -21.90 -28.84
CA MET D 1 0.81 -20.59 -29.35
C MET D 1 2.14 -20.68 -30.10
N HIS D 2 2.08 -20.52 -31.42
CA HIS D 2 3.26 -20.52 -32.26
C HIS D 2 3.26 -19.27 -33.12
N ALA D 3 4.38 -18.55 -33.13
CA ALA D 3 4.46 -17.28 -33.83
C ALA D 3 5.86 -17.05 -34.37
N TYR D 4 5.91 -16.40 -35.54
CA TYR D 4 7.14 -15.98 -36.17
C TYR D 4 7.08 -14.49 -36.48
N LEU D 5 8.24 -13.85 -36.50
CA LEU D 5 8.34 -12.43 -36.77
C LEU D 5 9.54 -12.17 -37.67
N HIS D 6 9.38 -11.28 -38.64
CA HIS D 6 10.51 -10.87 -39.47
C HIS D 6 10.32 -9.41 -39.86
N CYS D 7 11.29 -8.58 -39.53
CA CYS D 7 11.31 -7.18 -39.90
C CYS D 7 12.42 -6.94 -40.91
N LEU D 8 12.10 -6.23 -41.99
CA LEU D 8 13.02 -6.07 -43.10
C LEU D 8 12.82 -4.69 -43.73
N SER D 9 13.93 -4.04 -44.09
CA SER D 9 13.86 -2.75 -44.77
C SER D 9 13.43 -2.95 -46.22
N HIS D 10 12.66 -1.98 -46.73
CA HIS D 10 12.22 -1.99 -48.11
C HIS D 10 12.83 -0.80 -48.84
N SER D 11 13.10 -0.97 -50.13
CA SER D 11 13.74 0.08 -50.91
C SER D 11 13.20 0.06 -52.34
N PRO D 12 12.54 1.12 -52.78
CA PRO D 12 12.05 1.16 -54.17
C PRO D 12 13.15 1.16 -55.20
N LEU D 13 14.38 1.51 -54.82
CA LEU D 13 15.49 1.65 -55.76
C LEU D 13 16.28 0.34 -55.82
N VAL D 14 15.60 -0.70 -56.30
CA VAL D 14 16.23 -2.00 -56.55
C VAL D 14 16.33 -2.15 -58.06
N GLY D 15 17.56 -2.16 -58.57
CA GLY D 15 17.82 -2.20 -59.99
C GLY D 15 17.98 -0.82 -60.63
N TYR D 16 17.20 0.16 -60.20
CA TYR D 16 17.35 1.52 -60.70
C TYR D 16 18.72 2.09 -60.31
N VAL D 17 19.11 1.91 -59.05
CA VAL D 17 20.43 2.29 -58.56
C VAL D 17 20.99 1.10 -57.78
N ASP D 18 22.23 0.73 -58.07
CA ASP D 18 22.77 -0.50 -57.52
C ASP D 18 24.10 -0.26 -56.83
N PRO D 19 24.36 -0.95 -55.72
CA PRO D 19 25.70 -0.92 -55.12
C PRO D 19 26.62 -1.93 -55.78
N ALA D 20 27.78 -2.17 -55.17
CA ALA D 20 28.70 -3.17 -55.70
C ALA D 20 28.04 -4.55 -55.68
N GLN D 21 28.49 -5.42 -56.60
CA GLN D 21 27.84 -6.72 -56.77
C GLN D 21 27.97 -7.58 -55.52
N GLU D 22 29.06 -7.42 -54.75
CA GLU D 22 29.21 -8.19 -53.53
C GLU D 22 28.15 -7.83 -52.51
N VAL D 23 27.86 -6.54 -52.35
CA VAL D 23 26.82 -6.10 -51.42
C VAL D 23 25.46 -6.64 -51.85
N LEU D 24 25.18 -6.58 -53.16
CA LEU D 24 23.91 -7.11 -53.66
C LEU D 24 23.80 -8.61 -53.40
N ASP D 25 24.89 -9.34 -53.60
CA ASP D 25 24.86 -10.78 -53.33
C ASP D 25 24.63 -11.05 -51.86
N GLU D 26 25.27 -10.28 -50.98
CA GLU D 26 25.09 -10.49 -49.55
C GLU D 26 23.65 -10.20 -49.13
N VAL D 27 23.07 -9.11 -49.64
CA VAL D 27 21.69 -8.76 -49.31
C VAL D 27 20.74 -9.84 -49.82
N ASN D 28 20.96 -10.31 -51.05
CA ASN D 28 20.10 -11.35 -51.61
C ASN D 28 20.23 -12.64 -50.82
N GLY D 29 21.42 -12.97 -50.35
CA GLY D 29 21.60 -14.16 -49.52
C GLY D 29 20.87 -14.05 -48.19
N VAL D 30 20.94 -12.87 -47.56
CA VAL D 30 20.22 -12.67 -46.30
C VAL D 30 18.71 -12.81 -46.53
N ILE D 31 18.21 -12.20 -47.59
CA ILE D 31 16.78 -12.28 -47.89
C ILE D 31 16.37 -13.71 -48.18
N ALA D 32 17.20 -14.46 -48.92
CA ALA D 32 16.88 -15.84 -49.22
C ALA D 32 16.87 -16.70 -47.96
N SER D 33 17.82 -16.47 -47.05
CA SER D 33 17.83 -17.23 -45.80
C SER D 33 16.59 -16.95 -44.97
N ALA D 34 16.18 -15.67 -44.90
CA ALA D 34 14.95 -15.34 -44.18
C ALA D 34 13.74 -16.00 -44.83
N ARG D 35 13.68 -16.01 -46.17
CA ARG D 35 12.59 -16.66 -46.87
C ARG D 35 12.57 -18.15 -46.57
N GLU D 36 13.74 -18.79 -46.51
CA GLU D 36 13.81 -20.21 -46.19
C GLU D 36 13.30 -20.48 -44.79
N ARG D 37 13.69 -19.65 -43.82
CA ARG D 37 13.20 -19.83 -42.46
C ARG D 37 11.67 -19.67 -42.39
N ILE D 38 11.14 -18.67 -43.10
CA ILE D 38 9.70 -18.47 -43.12
C ILE D 38 8.98 -19.66 -43.74
N ALA D 39 9.51 -20.17 -44.85
CA ALA D 39 8.91 -21.32 -45.51
C ALA D 39 8.95 -22.56 -44.61
N ALA D 40 10.04 -22.72 -43.84
CA ALA D 40 10.11 -23.80 -42.88
C ALA D 40 9.05 -23.65 -41.80
N PHE D 41 8.80 -22.41 -41.35
CA PHE D 41 7.80 -22.17 -40.32
C PHE D 41 6.40 -22.55 -40.81
N SER D 42 6.11 -22.31 -42.09
CA SER D 42 4.83 -22.62 -42.71
C SER D 42 3.67 -21.91 -42.02
N PRO D 43 3.57 -20.59 -42.17
CA PRO D 43 2.52 -19.85 -41.47
C PRO D 43 1.15 -20.05 -42.12
N GLU D 44 0.11 -19.78 -41.32
CA GLU D 44 -1.27 -19.81 -41.79
C GLU D 44 -1.90 -18.44 -41.91
N LEU D 45 -1.41 -17.45 -41.15
CA LEU D 45 -1.92 -16.09 -41.21
C LEU D 45 -0.73 -15.13 -41.18
N VAL D 46 -0.89 -14.00 -41.89
CA VAL D 46 0.13 -12.96 -41.94
C VAL D 46 -0.52 -11.65 -41.51
N VAL D 47 0.15 -10.93 -40.60
CA VAL D 47 -0.24 -9.58 -40.22
C VAL D 47 0.89 -8.65 -40.65
N LEU D 48 0.59 -7.74 -41.57
CA LEU D 48 1.63 -6.92 -42.21
C LEU D 48 1.42 -5.46 -41.83
N PHE D 49 2.34 -4.92 -41.03
CA PHE D 49 2.38 -3.50 -40.70
C PHE D 49 3.25 -2.79 -41.73
N ALA D 50 2.73 -1.72 -42.32
CA ALA D 50 3.48 -1.04 -43.37
C ALA D 50 3.13 0.44 -43.36
N PRO D 51 4.05 1.29 -43.86
CA PRO D 51 3.72 2.71 -44.06
C PRO D 51 3.24 3.01 -45.47
N ASP D 52 2.91 4.27 -45.73
CA ASP D 52 2.54 4.74 -47.05
C ASP D 52 3.42 5.90 -47.45
N HIS D 53 3.52 6.14 -48.76
CA HIS D 53 4.40 7.16 -49.33
C HIS D 53 3.59 8.13 -50.18
N TYR D 54 2.48 8.62 -49.62
CA TYR D 54 1.57 9.54 -50.31
C TYR D 54 1.02 8.91 -51.59
N ASN D 55 0.60 7.65 -51.48
CA ASN D 55 0.03 6.92 -52.60
C ASN D 55 -1.39 6.44 -52.35
N GLY D 56 -1.73 6.11 -51.11
CA GLY D 56 -3.06 5.65 -50.79
C GLY D 56 -3.81 6.54 -49.82
N PHE D 57 -3.07 7.23 -48.95
CA PHE D 57 -3.65 8.11 -47.93
C PHE D 57 -3.15 9.53 -48.14
N PHE D 58 -4.05 10.49 -48.01
CA PHE D 58 -3.75 11.89 -48.25
C PHE D 58 -4.34 12.72 -47.13
N TYR D 59 -4.34 14.04 -47.30
CA TYR D 59 -4.79 14.96 -46.26
C TYR D 59 -6.30 15.18 -46.29
N ASP D 60 -7.04 14.53 -47.18
CA ASP D 60 -8.49 14.56 -47.08
C ASP D 60 -8.95 13.91 -45.77
N VAL D 61 -8.41 12.74 -45.47
CA VAL D 61 -8.52 12.12 -44.15
C VAL D 61 -7.22 11.39 -43.86
N MET D 62 -6.50 11.82 -42.84
CA MET D 62 -5.23 11.19 -42.48
C MET D 62 -5.33 10.55 -41.10
N PRO D 63 -5.48 9.23 -41.00
CA PRO D 63 -5.55 8.58 -39.70
C PRO D 63 -4.18 8.16 -39.22
N PRO D 64 -3.99 8.02 -37.90
CA PRO D 64 -2.72 7.45 -37.43
C PRO D 64 -2.56 5.97 -37.73
N PHE D 65 -3.62 5.19 -37.51
CA PHE D 65 -3.62 3.76 -37.81
C PHE D 65 -4.81 3.44 -38.69
N CYS D 66 -4.65 2.47 -39.59
CA CYS D 66 -5.74 2.02 -40.43
C CYS D 66 -5.64 0.53 -40.66
N LEU D 67 -6.78 -0.13 -40.75
CA LEU D 67 -6.86 -1.56 -41.05
C LEU D 67 -7.55 -1.74 -42.39
N GLY D 68 -6.94 -2.54 -43.27
CA GLY D 68 -7.50 -2.72 -44.59
C GLY D 68 -8.34 -3.97 -44.74
N VAL D 69 -9.66 -3.82 -44.69
CA VAL D 69 -10.55 -4.95 -44.95
C VAL D 69 -10.47 -5.37 -46.41
N GLY D 70 -10.34 -4.40 -47.32
CA GLY D 70 -10.06 -4.69 -48.71
C GLY D 70 -8.89 -3.86 -49.19
N ALA D 71 -7.89 -4.50 -49.79
CA ALA D 71 -6.68 -3.81 -50.20
C ALA D 71 -6.29 -4.23 -51.61
N THR D 72 -5.72 -3.28 -52.34
CA THR D 72 -5.24 -3.51 -53.71
C THR D 72 -3.92 -2.79 -53.89
N ALA D 73 -2.91 -3.51 -54.39
CA ALA D 73 -1.60 -2.94 -54.66
C ALA D 73 -1.58 -2.33 -56.05
N ILE D 74 -1.11 -1.07 -56.13
CA ILE D 74 -1.16 -0.33 -57.39
C ILE D 74 0.02 -0.64 -58.31
N GLY D 75 1.07 -1.29 -57.81
CA GLY D 75 2.20 -1.67 -58.64
C GLY D 75 3.07 -0.50 -59.04
N ASP D 76 3.65 0.20 -58.08
CA ASP D 76 4.55 1.31 -58.34
C ASP D 76 5.99 0.87 -58.16
N PHE D 77 6.89 1.55 -58.88
CA PHE D 77 8.33 1.30 -58.82
C PHE D 77 8.68 -0.14 -59.20
N GLY D 78 7.91 -0.73 -60.10
CA GLY D 78 8.15 -2.08 -60.55
C GLY D 78 7.61 -3.17 -59.66
N SER D 79 6.94 -2.82 -58.56
CA SER D 79 6.36 -3.82 -57.68
C SER D 79 5.09 -4.42 -58.31
N ALA D 80 4.63 -5.51 -57.71
CA ALA D 80 3.47 -6.21 -58.24
C ALA D 80 2.19 -5.40 -58.03
N ALA D 81 1.22 -5.62 -58.90
CA ALA D 81 -0.07 -4.95 -58.86
C ALA D 81 -1.19 -5.97 -58.85
N GLY D 82 -2.22 -5.70 -58.09
CA GLY D 82 -3.37 -6.59 -58.04
C GLY D 82 -3.98 -6.61 -56.65
N GLU D 83 -5.08 -7.37 -56.54
CA GLU D 83 -5.84 -7.41 -55.31
C GLU D 83 -5.25 -8.43 -54.33
N LEU D 84 -5.20 -8.03 -53.04
CA LEU D 84 -4.69 -8.82 -51.92
C LEU D 84 -5.78 -9.70 -51.33
N PRO D 85 -5.45 -10.94 -50.95
CA PRO D 85 -6.43 -11.82 -50.30
C PRO D 85 -6.56 -11.51 -48.82
N VAL D 86 -7.69 -10.93 -48.44
CA VAL D 86 -7.96 -10.54 -47.06
C VAL D 86 -9.21 -11.27 -46.59
N PRO D 87 -9.17 -12.00 -45.47
CA PRO D 87 -10.39 -12.58 -44.92
C PRO D 87 -11.29 -11.52 -44.30
N VAL D 88 -12.47 -11.32 -44.88
CA VAL D 88 -13.32 -10.20 -44.47
C VAL D 88 -13.82 -10.39 -43.04
N GLU D 89 -14.32 -11.58 -42.72
CA GLU D 89 -14.88 -11.82 -41.39
C GLU D 89 -13.82 -11.70 -40.31
N LEU D 90 -12.64 -12.29 -40.54
CA LEU D 90 -11.56 -12.18 -39.59
C LEU D 90 -11.10 -10.74 -39.41
N ALA D 91 -11.04 -9.99 -40.50
CA ALA D 91 -10.65 -8.58 -40.42
C ALA D 91 -11.65 -7.78 -39.60
N GLU D 92 -12.95 -8.02 -39.82
CA GLU D 92 -13.97 -7.30 -39.07
C GLU D 92 -13.93 -7.66 -37.58
N ALA D 93 -13.71 -8.94 -37.27
CA ALA D 93 -13.56 -9.34 -35.88
C ALA D 93 -12.35 -8.67 -35.24
N CYS D 94 -11.23 -8.61 -35.96
CA CYS D 94 -10.04 -7.95 -35.46
C CYS D 94 -10.30 -6.47 -35.20
N ALA D 95 -10.99 -5.81 -36.13
CA ALA D 95 -11.31 -4.40 -35.95
C ALA D 95 -12.17 -4.19 -34.70
N HIS D 96 -13.19 -5.04 -34.52
CA HIS D 96 -14.03 -4.92 -33.34
C HIS D 96 -13.23 -5.12 -32.05
N ALA D 97 -12.37 -6.14 -32.03
CA ALA D 97 -11.60 -6.42 -30.82
C ALA D 97 -10.62 -5.30 -30.50
N VAL D 98 -9.93 -4.77 -31.51
CA VAL D 98 -8.96 -3.70 -31.28
C VAL D 98 -9.66 -2.42 -30.86
N MET D 99 -10.81 -2.12 -31.46
CA MET D 99 -11.59 -0.96 -31.04
C MET D 99 -12.03 -1.10 -29.59
N LYS D 100 -12.47 -2.30 -29.20
CA LYS D 100 -12.87 -2.54 -27.82
C LYS D 100 -11.71 -2.49 -26.84
N SER D 101 -10.49 -2.83 -27.27
CA SER D 101 -9.33 -2.82 -26.40
C SER D 101 -8.87 -1.41 -26.01
N GLY D 102 -9.42 -0.38 -26.64
CA GLY D 102 -9.04 0.98 -26.32
C GLY D 102 -8.17 1.67 -27.34
N ILE D 103 -8.14 1.18 -28.57
CA ILE D 103 -7.36 1.81 -29.65
C ILE D 103 -8.32 2.41 -30.66
N ASP D 104 -8.09 3.67 -31.02
CA ASP D 104 -8.93 4.36 -31.99
C ASP D 104 -8.41 4.04 -33.39
N LEU D 105 -9.02 3.05 -34.02
CA LEU D 105 -8.53 2.48 -35.27
C LEU D 105 -9.49 2.82 -36.41
N ALA D 106 -8.94 3.33 -37.50
CA ALA D 106 -9.73 3.59 -38.69
C ALA D 106 -9.88 2.31 -39.50
N VAL D 107 -10.93 2.25 -40.30
CA VAL D 107 -11.27 1.07 -41.09
C VAL D 107 -11.49 1.50 -42.53
N SER D 108 -10.90 0.78 -43.47
CA SER D 108 -11.03 1.05 -44.89
C SER D 108 -11.44 -0.22 -45.62
N TYR D 109 -12.35 -0.09 -46.58
CA TYR D 109 -12.79 -1.21 -47.40
C TYR D 109 -12.22 -1.18 -48.80
N CYS D 110 -11.55 -0.11 -49.19
CA CYS D 110 -10.86 -0.02 -50.48
C CYS D 110 -9.57 0.76 -50.24
N MET D 111 -8.49 0.04 -49.96
CA MET D 111 -7.22 0.65 -49.58
C MET D 111 -6.20 0.40 -50.70
N GLN D 112 -5.77 1.48 -51.34
CA GLN D 112 -4.72 1.40 -52.36
C GLN D 112 -3.36 1.43 -51.68
N VAL D 113 -2.54 0.42 -51.94
CA VAL D 113 -1.24 0.30 -51.29
C VAL D 113 -0.15 0.30 -52.36
N ASP D 114 1.09 0.48 -51.89
CA ASP D 114 2.24 0.68 -52.76
C ASP D 114 3.34 -0.31 -52.44
N HIS D 115 4.55 -0.05 -52.96
CA HIS D 115 5.67 -0.97 -52.81
C HIS D 115 5.97 -1.30 -51.36
N GLY D 116 5.65 -0.41 -50.42
CA GLY D 116 5.86 -0.71 -49.01
C GLY D 116 5.11 -1.94 -48.55
N PHE D 117 3.91 -2.15 -49.07
CA PHE D 117 3.14 -3.35 -48.78
C PHE D 117 3.51 -4.53 -49.68
N ALA D 118 3.72 -4.27 -50.97
CA ALA D 118 3.86 -5.34 -51.95
C ALA D 118 5.23 -6.00 -51.90
N GLN D 119 6.30 -5.23 -51.69
CA GLN D 119 7.65 -5.78 -51.82
C GLN D 119 7.95 -6.86 -50.79
N PRO D 120 7.66 -6.69 -49.49
CA PRO D 120 7.90 -7.81 -48.56
C PRO D 120 7.12 -9.07 -48.90
N LEU D 121 5.89 -8.93 -49.41
CA LEU D 121 5.11 -10.12 -49.79
C LEU D 121 5.78 -10.88 -50.92
N GLU D 122 6.31 -10.16 -51.92
CA GLU D 122 7.01 -10.82 -53.02
C GLU D 122 8.30 -11.46 -52.53
N PHE D 123 9.07 -10.74 -51.70
CA PHE D 123 10.40 -11.21 -51.34
C PHE D 123 10.36 -12.38 -50.36
N LEU D 124 9.43 -12.34 -49.39
CA LEU D 124 9.44 -13.30 -48.30
C LEU D 124 8.44 -14.43 -48.48
N LEU D 125 7.29 -14.16 -49.09
CA LEU D 125 6.27 -15.19 -49.28
C LEU D 125 6.25 -15.78 -50.68
N GLY D 126 6.79 -15.06 -51.67
CA GLY D 126 6.80 -15.54 -53.04
C GLY D 126 5.77 -14.90 -53.94
N GLY D 127 4.74 -14.27 -53.37
CA GLY D 127 3.72 -13.63 -54.17
C GLY D 127 2.72 -12.92 -53.28
N LEU D 128 1.80 -12.21 -53.93
CA LEU D 128 0.78 -11.46 -53.20
C LEU D 128 -0.33 -12.36 -52.67
N ASP D 129 -0.67 -13.41 -53.41
CA ASP D 129 -1.85 -14.22 -53.12
C ASP D 129 -1.49 -15.61 -52.60
N LYS D 130 -0.47 -15.71 -51.75
CA LYS D 130 -0.10 -17.00 -51.19
C LYS D 130 -0.83 -17.29 -49.89
N VAL D 131 -0.76 -16.36 -48.94
CA VAL D 131 -1.30 -16.57 -47.59
C VAL D 131 -2.27 -15.43 -47.30
N PRO D 132 -3.38 -15.69 -46.58
CA PRO D 132 -4.25 -14.57 -46.17
C PRO D 132 -3.49 -13.56 -45.32
N VAL D 133 -3.78 -12.28 -45.54
CA VAL D 133 -3.01 -11.19 -44.96
C VAL D 133 -3.95 -10.16 -44.36
N LEU D 134 -3.58 -9.63 -43.19
CA LEU D 134 -4.23 -8.47 -42.59
C LEU D 134 -3.32 -7.27 -42.74
N PRO D 135 -3.66 -6.31 -43.59
CA PRO D 135 -2.80 -5.12 -43.75
C PRO D 135 -3.13 -4.01 -42.77
N VAL D 136 -2.10 -3.50 -42.09
CA VAL D 136 -2.24 -2.42 -41.13
C VAL D 136 -1.32 -1.28 -41.57
N PHE D 137 -1.93 -0.15 -41.93
CA PHE D 137 -1.20 1.05 -42.32
C PHE D 137 -0.89 1.89 -41.09
N ILE D 138 0.36 2.29 -40.96
CA ILE D 138 0.80 3.19 -39.89
C ILE D 138 1.34 4.46 -40.53
N ASN D 139 0.85 5.61 -40.07
CA ASN D 139 1.27 6.89 -40.64
C ASN D 139 2.68 7.25 -40.18
N GLY D 140 3.50 7.71 -41.11
CA GLY D 140 4.87 8.07 -40.78
C GLY D 140 5.41 9.28 -41.52
N VAL D 141 4.57 9.95 -42.32
CA VAL D 141 5.06 11.05 -43.14
C VAL D 141 4.33 12.35 -42.83
N ALA D 142 3.09 12.27 -42.36
CA ALA D 142 2.25 13.44 -42.15
C ALA D 142 2.08 13.69 -40.66
N THR D 143 2.52 14.87 -40.19
CA THR D 143 2.40 15.30 -38.80
C THR D 143 0.99 15.83 -38.52
N PRO D 144 0.47 15.63 -37.30
CA PRO D 144 1.11 14.94 -36.16
C PRO D 144 1.16 13.43 -36.33
N LEU D 145 2.14 12.80 -35.69
CA LEU D 145 2.39 11.38 -35.85
C LEU D 145 2.14 10.64 -34.54
N PRO D 146 1.76 9.36 -34.60
CA PRO D 146 1.61 8.58 -33.37
C PRO D 146 2.95 8.35 -32.70
N GLY D 147 2.91 8.18 -31.38
CA GLY D 147 4.10 7.95 -30.59
C GLY D 147 4.46 6.48 -30.48
N PHE D 148 5.57 6.22 -29.78
CA PHE D 148 6.02 4.85 -29.60
C PHE D 148 5.09 4.07 -28.69
N GLN D 149 4.54 4.73 -27.65
CA GLN D 149 3.69 4.04 -26.70
C GLN D 149 2.37 3.59 -27.33
N ARG D 150 1.75 4.46 -28.13
CA ARG D 150 0.49 4.09 -28.78
C ARG D 150 0.72 2.98 -29.81
N THR D 151 1.84 3.03 -30.53
CA THR D 151 2.16 1.96 -31.47
C THR D 151 2.38 0.64 -30.75
N ARG D 152 3.07 0.68 -29.60
CA ARG D 152 3.26 -0.53 -28.81
C ARG D 152 1.94 -1.09 -28.33
N MET D 153 1.03 -0.22 -27.89
CA MET D 153 -0.27 -0.70 -27.44
C MET D 153 -1.11 -1.27 -28.57
N LEU D 154 -1.02 -0.68 -29.77
CA LEU D 154 -1.71 -1.24 -30.93
C LEU D 154 -1.18 -2.64 -31.24
N GLY D 155 0.15 -2.79 -31.24
CA GLY D 155 0.73 -4.09 -31.49
C GLY D 155 0.31 -5.11 -30.44
N GLU D 156 0.28 -4.70 -29.17
CA GLU D 156 -0.13 -5.60 -28.10
C GLU D 156 -1.58 -6.03 -28.27
N ALA D 157 -2.46 -5.10 -28.62
CA ALA D 157 -3.87 -5.45 -28.82
C ALA D 157 -4.04 -6.42 -29.99
N ILE D 158 -3.34 -6.18 -31.10
CA ILE D 158 -3.44 -7.07 -32.24
C ILE D 158 -2.90 -8.46 -31.90
N GLY D 159 -1.77 -8.53 -31.19
CA GLY D 159 -1.24 -9.82 -30.79
C GLY D 159 -2.15 -10.56 -29.84
N ARG D 160 -2.77 -9.83 -28.91
CA ARG D 160 -3.70 -10.45 -27.98
C ARG D 160 -4.92 -11.00 -28.70
N PHE D 161 -5.41 -10.29 -29.72
CA PHE D 161 -6.50 -10.85 -30.51
C PHE D 161 -6.06 -12.09 -31.28
N THR D 162 -4.89 -12.04 -31.91
CA THR D 162 -4.47 -13.15 -32.77
C THR D 162 -4.01 -14.38 -32.00
N SER D 163 -3.69 -14.24 -30.71
CA SER D 163 -3.24 -15.39 -29.94
C SER D 163 -4.36 -16.37 -29.63
N THR D 164 -5.62 -16.02 -29.90
CA THR D 164 -6.75 -16.90 -29.61
C THR D 164 -7.33 -17.54 -30.86
N LEU D 165 -6.63 -17.49 -31.99
CA LEU D 165 -7.15 -18.01 -33.24
C LEU D 165 -6.74 -19.45 -33.52
N ASN D 166 -5.86 -20.02 -32.69
CA ASN D 166 -5.38 -21.39 -32.87
C ASN D 166 -4.73 -21.58 -34.24
N LYS D 167 -3.93 -20.60 -34.65
CA LYS D 167 -3.27 -20.61 -35.95
C LYS D 167 -1.79 -20.29 -35.76
N ARG D 168 -1.02 -20.55 -36.82
CA ARG D 168 0.38 -20.12 -36.88
C ARG D 168 0.44 -18.77 -37.57
N VAL D 169 0.88 -17.75 -36.84
CA VAL D 169 0.81 -16.36 -37.29
C VAL D 169 2.22 -15.86 -37.58
N LEU D 170 2.38 -15.19 -38.71
CA LEU D 170 3.62 -14.54 -39.09
C LEU D 170 3.42 -13.03 -39.06
N PHE D 171 4.29 -12.33 -38.34
CA PHE D 171 4.24 -10.88 -38.23
C PHE D 171 5.35 -10.25 -39.06
N LEU D 172 5.01 -9.18 -39.78
CA LEU D 172 5.96 -8.53 -40.66
C LEU D 172 5.99 -7.03 -40.38
N GLY D 173 7.19 -6.46 -40.40
CA GLY D 173 7.37 -5.02 -40.38
C GLY D 173 8.13 -4.57 -41.61
N SER D 174 7.59 -3.59 -42.34
CA SER D 174 8.12 -3.22 -43.65
C SER D 174 8.86 -1.90 -43.67
N GLY D 175 8.96 -1.21 -42.53
CA GLY D 175 9.57 0.11 -42.53
C GLY D 175 11.08 0.06 -42.69
N GLY D 176 11.64 1.20 -43.09
CA GLY D 176 13.07 1.38 -43.21
C GLY D 176 13.71 1.65 -41.87
N LEU D 177 15.03 1.81 -41.86
CA LEU D 177 15.75 2.03 -40.62
C LEU D 177 16.12 3.49 -40.42
N SER D 178 16.83 4.08 -41.38
CA SER D 178 17.26 5.48 -41.25
C SER D 178 17.53 6.05 -42.62
N HIS D 179 16.84 7.13 -42.96
CA HIS D 179 16.97 7.77 -44.26
C HIS D 179 16.19 9.09 -44.24
N GLN D 180 16.44 9.92 -45.25
CA GLN D 180 15.78 11.22 -45.38
C GLN D 180 15.55 11.52 -46.86
N PRO D 181 14.63 10.78 -47.50
CA PRO D 181 14.35 11.04 -48.90
C PRO D 181 13.61 12.36 -49.08
N PRO D 182 13.65 12.95 -50.27
CA PRO D 182 12.85 14.16 -50.51
C PRO D 182 11.36 13.85 -50.53
N VAL D 183 10.64 14.29 -49.50
CA VAL D 183 9.23 13.99 -49.34
C VAL D 183 8.47 15.29 -49.39
N PRO D 184 7.42 15.41 -50.20
CA PRO D 184 6.64 16.66 -50.24
C PRO D 184 6.01 16.97 -48.89
N GLU D 185 5.98 18.26 -48.56
CA GLU D 185 5.42 18.75 -47.31
C GLU D 185 4.28 19.72 -47.58
N LEU D 186 3.37 19.82 -46.60
CA LEU D 186 2.22 20.68 -46.75
C LEU D 186 2.58 22.16 -46.55
N ALA D 187 3.47 22.44 -45.60
CA ALA D 187 3.76 23.83 -45.24
C ALA D 187 4.45 24.57 -46.38
N LYS D 188 5.40 23.93 -47.06
CA LYS D 188 6.20 24.58 -48.09
C LYS D 188 5.68 24.32 -49.49
N ALA D 189 4.48 23.77 -49.63
CA ALA D 189 3.96 23.39 -50.93
C ALA D 189 3.46 24.60 -51.71
N ASP D 190 3.31 24.41 -53.02
CA ASP D 190 2.72 25.38 -53.91
C ASP D 190 1.27 24.98 -54.22
N ALA D 191 0.63 25.71 -55.14
CA ALA D 191 -0.79 25.49 -55.40
C ALA D 191 -1.06 24.08 -55.93
N HIS D 192 -0.35 23.68 -56.98
CA HIS D 192 -0.53 22.34 -57.54
C HIS D 192 -0.09 21.27 -56.54
N MET D 193 1.01 21.53 -55.84
CA MET D 193 1.51 20.58 -54.85
C MET D 193 0.53 20.44 -53.69
N ARG D 194 -0.05 21.55 -53.22
CA ARG D 194 -1.08 21.48 -52.19
C ARG D 194 -2.30 20.73 -52.67
N ASP D 195 -2.71 20.97 -53.93
CA ASP D 195 -3.87 20.27 -54.48
C ASP D 195 -3.63 18.77 -54.53
N ARG D 196 -2.42 18.36 -54.92
CA ARG D 196 -2.10 16.94 -54.93
C ARG D 196 -2.02 16.36 -53.52
N LEU D 197 -1.55 17.15 -52.55
CA LEU D 197 -1.42 16.63 -51.18
C LEU D 197 -2.79 16.45 -50.53
N LEU D 198 -3.72 17.37 -50.75
CA LEU D 198 -5.05 17.27 -50.15
C LEU D 198 -5.95 16.35 -50.96
N GLY D 199 -5.51 15.12 -51.19
CA GLY D 199 -6.28 14.21 -52.02
C GLY D 199 -6.08 14.50 -53.49
N SER D 200 -6.97 13.90 -54.30
CA SER D 200 -6.97 14.06 -55.76
C SER D 200 -5.68 13.55 -56.38
N GLY D 201 -4.84 12.90 -55.58
CA GLY D 201 -3.62 12.28 -56.05
C GLY D 201 -3.68 10.76 -56.14
N LYS D 202 -4.83 10.15 -55.93
CA LYS D 202 -4.94 8.70 -56.06
C LYS D 202 -4.78 8.27 -57.51
N ASP D 203 -5.48 8.93 -58.43
CA ASP D 203 -5.42 8.60 -59.85
C ASP D 203 -4.39 9.49 -60.56
N LEU D 204 -3.13 9.34 -60.13
CA LEU D 204 -2.06 10.11 -60.73
C LEU D 204 -1.79 9.62 -62.15
N PRO D 205 -1.63 10.53 -63.11
CA PRO D 205 -1.21 10.13 -64.44
C PRO D 205 0.22 9.60 -64.44
N ALA D 206 0.53 8.79 -65.46
CA ALA D 206 1.83 8.13 -65.52
C ALA D 206 2.97 9.13 -65.66
N SER D 207 2.72 10.30 -66.25
CA SER D 207 3.78 11.30 -66.40
C SER D 207 4.26 11.82 -65.05
N GLU D 208 3.32 12.13 -64.15
CA GLU D 208 3.70 12.61 -62.83
C GLU D 208 4.43 11.53 -62.04
N ARG D 209 3.99 10.27 -62.20
CA ARG D 209 4.69 9.16 -61.54
C ARG D 209 6.12 9.04 -62.06
N GLU D 210 6.31 9.17 -63.38
CA GLU D 210 7.65 9.11 -63.94
C GLU D 210 8.52 10.25 -63.42
N LEU D 211 7.95 11.46 -63.34
CA LEU D 211 8.70 12.60 -62.83
C LEU D 211 9.10 12.39 -61.38
N ARG D 212 8.18 11.86 -60.56
CA ARG D 212 8.48 11.61 -59.16
C ARG D 212 9.57 10.55 -59.01
N GLN D 213 9.49 9.47 -59.79
CA GLN D 213 10.51 8.42 -59.73
C GLN D 213 11.86 8.96 -60.16
N GLN D 214 11.88 9.78 -61.22
CA GLN D 214 13.13 10.37 -61.67
C GLN D 214 13.73 11.30 -60.62
N ARG D 215 12.88 12.09 -59.95
CA ARG D 215 13.37 12.96 -58.89
C ARG D 215 13.96 12.14 -57.74
N VAL D 216 13.30 11.06 -57.35
CA VAL D 216 13.81 10.21 -56.28
C VAL D 216 15.15 9.60 -56.67
N ILE D 217 15.26 9.12 -57.92
CA ILE D 217 16.51 8.51 -58.38
C ILE D 217 17.63 9.54 -58.40
N SER D 218 17.34 10.74 -58.89
CA SER D 218 18.37 11.79 -58.93
C SER D 218 18.81 12.18 -57.52
N ALA D 219 17.85 12.30 -56.59
CA ALA D 219 18.20 12.62 -55.21
C ALA D 219 19.05 11.51 -54.60
N ALA D 220 18.74 10.25 -54.91
CA ALA D 220 19.55 9.15 -54.44
C ALA D 220 20.97 9.23 -54.98
N GLU D 221 21.12 9.55 -56.26
CA GLU D 221 22.46 9.68 -56.84
C GLU D 221 23.24 10.82 -56.19
N LYS D 222 22.58 11.95 -55.95
CA LYS D 222 23.26 13.06 -55.26
C LYS D 222 23.64 12.66 -53.83
N PHE D 223 22.79 11.88 -53.16
CA PHE D 223 23.12 11.37 -51.84
C PHE D 223 24.34 10.47 -51.88
N VAL D 224 24.45 9.64 -52.91
CA VAL D 224 25.64 8.82 -53.11
C VAL D 224 26.86 9.72 -53.29
N GLU D 225 26.71 10.80 -54.05
CA GLU D 225 27.81 11.76 -54.21
C GLU D 225 28.20 12.38 -52.87
N ASP D 226 27.21 12.78 -52.07
CA ASP D 226 27.47 13.36 -50.75
C ASP D 226 26.23 13.18 -49.89
N GLN D 227 26.44 12.81 -48.63
CA GLN D 227 25.35 12.52 -47.71
C GLN D 227 24.79 13.76 -47.03
N ARG D 228 25.38 14.94 -47.24
CA ARG D 228 24.89 16.14 -46.57
C ARG D 228 23.75 16.82 -47.33
N THR D 229 23.44 16.38 -48.55
CA THR D 229 22.28 16.92 -49.25
C THR D 229 21.00 16.59 -48.49
N LEU D 230 20.88 15.37 -47.98
CA LEU D 230 19.83 14.96 -47.07
C LEU D 230 20.44 14.79 -45.67
N HIS D 231 19.64 14.29 -44.75
CA HIS D 231 20.18 14.00 -43.41
C HIS D 231 21.09 12.79 -43.50
N PRO D 232 22.33 12.87 -43.00
CA PRO D 232 23.25 11.74 -43.10
C PRO D 232 22.79 10.55 -42.26
N LEU D 233 23.22 9.36 -42.67
CA LEU D 233 22.86 8.14 -41.97
C LEU D 233 23.47 8.12 -40.58
N ASN D 234 22.80 7.40 -39.68
CA ASN D 234 23.19 7.33 -38.27
C ASN D 234 23.27 5.87 -37.85
N PRO D 235 24.40 5.21 -38.14
CA PRO D 235 24.53 3.79 -37.75
C PRO D 235 24.44 3.55 -36.26
N ILE D 236 24.89 4.50 -35.44
CA ILE D 236 24.88 4.31 -33.99
C ILE D 236 23.45 4.14 -33.49
N TRP D 237 22.56 5.02 -33.93
CA TRP D 237 21.18 4.93 -33.45
C TRP D 237 20.48 3.69 -33.99
N ASP D 238 20.78 3.30 -35.22
CA ASP D 238 20.19 2.09 -35.78
C ASP D 238 20.60 0.86 -34.99
N ASN D 239 21.88 0.77 -34.64
CA ASN D 239 22.35 -0.37 -33.85
C ASN D 239 21.74 -0.34 -32.46
N GLN D 240 21.62 0.84 -31.86
CA GLN D 240 20.98 0.94 -30.54
C GLN D 240 19.53 0.48 -30.60
N PHE D 241 18.80 0.89 -31.65
CA PHE D 241 17.40 0.50 -31.79
C PHE D 241 17.25 -1.01 -31.95
N MET D 242 18.08 -1.60 -32.80
CA MET D 242 18.01 -3.05 -32.99
C MET D 242 18.36 -3.80 -31.70
N THR D 243 19.40 -3.33 -30.99
CA THR D 243 19.78 -3.97 -29.73
C THR D 243 18.66 -3.86 -28.70
N LEU D 244 18.01 -2.70 -28.62
CA LEU D 244 16.90 -2.53 -27.69
C LEU D 244 15.76 -3.48 -28.04
N LEU D 245 15.47 -3.63 -29.33
CA LEU D 245 14.41 -4.55 -29.74
C LEU D 245 14.74 -5.99 -29.34
N GLU D 246 15.99 -6.40 -29.55
CA GLU D 246 16.35 -7.80 -29.28
C GLU D 246 16.34 -8.11 -27.78
N GLN D 247 16.79 -7.17 -26.95
CA GLN D 247 16.89 -7.42 -25.51
C GLN D 247 15.55 -7.36 -24.79
N GLY D 248 14.44 -7.21 -25.52
CA GLY D 248 13.14 -7.13 -24.87
C GLY D 248 12.91 -5.86 -24.09
N ARG D 249 13.56 -4.77 -24.47
CA ARG D 249 13.47 -3.48 -23.79
C ARG D 249 12.69 -2.47 -24.62
N ILE D 250 11.60 -2.94 -25.26
CA ILE D 250 10.83 -2.10 -26.16
C ILE D 250 10.20 -0.93 -25.42
N GLN D 251 9.77 -1.15 -24.18
CA GLN D 251 9.11 -0.09 -23.41
C GLN D 251 10.03 1.09 -23.17
N GLU D 252 11.35 0.88 -23.15
CA GLU D 252 12.29 1.97 -22.99
C GLU D 252 12.18 2.99 -24.11
N LEU D 253 11.58 2.62 -25.25
CA LEU D 253 11.39 3.55 -26.35
C LEU D 253 10.27 4.55 -26.09
N ASP D 254 9.48 4.37 -25.03
CA ASP D 254 8.42 5.31 -24.73
C ASP D 254 8.96 6.68 -24.32
N ALA D 255 10.20 6.76 -23.87
CA ALA D 255 10.78 8.02 -23.47
C ALA D 255 11.20 8.87 -24.66
N VAL D 256 11.51 8.24 -25.80
CA VAL D 256 11.90 8.99 -26.99
C VAL D 256 10.67 9.66 -27.60
N SER D 257 10.80 10.92 -27.97
CA SER D 257 9.73 11.69 -28.57
C SER D 257 9.89 11.73 -30.09
N ASN D 258 8.85 12.25 -30.76
CA ASN D 258 8.87 12.29 -32.22
C ASN D 258 9.88 13.30 -32.74
N GLU D 259 9.89 14.50 -32.16
CA GLU D 259 10.83 15.52 -32.60
C GLU D 259 12.27 15.14 -32.27
N GLU D 260 12.49 14.49 -31.13
CA GLU D 260 13.82 14.00 -30.80
C GLU D 260 14.31 12.98 -31.81
N LEU D 261 13.43 12.06 -32.21
CA LEU D 261 13.79 11.06 -33.22
C LEU D 261 14.07 11.72 -34.56
N SER D 262 13.24 12.69 -34.96
CA SER D 262 13.47 13.39 -36.22
C SER D 262 14.79 14.13 -36.23
N ALA D 263 15.13 14.78 -35.11
CA ALA D 263 16.40 15.49 -35.03
C ALA D 263 17.58 14.53 -35.04
N ILE D 264 17.48 13.43 -34.31
CA ILE D 264 18.61 12.51 -34.20
C ILE D 264 18.87 11.80 -35.52
N ALA D 265 17.83 11.24 -36.14
CA ALA D 265 18.01 10.33 -37.26
C ALA D 265 17.40 10.81 -38.57
N GLY D 266 16.35 11.62 -38.55
CA GLY D 266 15.71 12.04 -39.77
C GLY D 266 14.20 11.88 -39.74
N LYS D 267 13.51 12.60 -40.63
CA LYS D 267 12.05 12.61 -40.61
C LYS D 267 11.46 11.25 -41.00
N SER D 268 12.10 10.54 -41.91
CA SER D 268 11.55 9.27 -42.39
C SER D 268 11.80 8.11 -41.45
N THR D 269 12.71 8.27 -40.48
CA THR D 269 13.00 7.21 -39.52
C THR D 269 11.75 6.74 -38.80
N HIS D 270 10.68 7.54 -38.81
CA HIS D 270 9.45 7.15 -38.14
C HIS D 270 8.86 5.88 -38.72
N GLU D 271 9.28 5.47 -39.93
CA GLU D 271 8.82 4.19 -40.46
C GLU D 271 9.12 3.04 -39.51
N ILE D 272 10.20 3.15 -38.71
CA ILE D 272 10.53 2.09 -37.77
C ILE D 272 9.42 1.79 -36.79
N LYS D 273 8.42 2.67 -36.66
CA LYS D 273 7.29 2.37 -35.80
C LYS D 273 6.67 1.04 -36.16
N THR D 274 6.62 0.72 -37.45
CA THR D 274 6.10 -0.58 -37.87
C THR D 274 6.81 -1.71 -37.14
N TRP D 275 8.16 -1.67 -37.15
CA TRP D 275 8.93 -2.67 -36.44
C TRP D 275 8.46 -2.80 -35.00
N VAL D 276 8.31 -1.67 -34.32
CA VAL D 276 7.89 -1.69 -32.92
C VAL D 276 6.59 -2.46 -32.78
N ALA D 277 5.61 -2.12 -33.62
CA ALA D 277 4.33 -2.80 -33.54
C ALA D 277 4.50 -4.30 -33.65
N ALA D 278 5.27 -4.73 -34.66
CA ALA D 278 5.48 -6.16 -34.87
C ALA D 278 6.01 -6.81 -33.60
N PHE D 279 7.03 -6.21 -33.00
CA PHE D 279 7.62 -6.84 -31.83
C PHE D 279 6.61 -6.92 -30.70
N ALA D 280 5.84 -5.85 -30.50
CA ALA D 280 4.83 -5.86 -29.45
C ALA D 280 3.88 -7.04 -29.65
N ALA D 281 3.51 -7.30 -30.91
CA ALA D 281 2.58 -8.40 -31.19
C ALA D 281 3.13 -9.72 -30.67
N ILE D 282 4.41 -9.98 -30.94
CA ILE D 282 4.95 -11.28 -30.55
C ILE D 282 5.03 -11.40 -29.05
N SER D 283 5.10 -10.27 -28.33
CA SER D 283 5.15 -10.33 -26.88
C SER D 283 3.86 -10.90 -26.30
N ALA D 284 2.78 -10.92 -27.09
CA ALA D 284 1.53 -11.50 -26.60
C ALA D 284 1.52 -13.02 -26.69
N PHE D 285 2.46 -13.62 -27.42
CA PHE D 285 2.41 -15.08 -27.59
C PHE D 285 3.24 -15.81 -26.55
N GLY D 286 3.93 -15.11 -25.67
CA GLY D 286 4.72 -15.75 -24.64
C GLY D 286 6.21 -15.48 -24.77
N ASN D 287 7.03 -16.50 -24.49
CA ASN D 287 8.47 -16.34 -24.60
C ASN D 287 8.93 -16.50 -26.04
N TRP D 288 9.88 -15.65 -26.44
CA TRP D 288 10.40 -15.65 -27.80
C TRP D 288 11.88 -15.36 -27.77
N ARG D 289 12.56 -15.70 -28.86
CA ARG D 289 13.98 -15.40 -29.01
C ARG D 289 14.26 -14.96 -30.44
N SER D 290 15.26 -14.09 -30.58
CA SER D 290 15.57 -13.44 -31.84
C SER D 290 16.71 -14.15 -32.58
N GLU D 291 16.89 -13.77 -33.83
CA GLU D 291 17.87 -14.39 -34.71
C GLU D 291 18.02 -13.56 -35.98
N GLY D 292 19.00 -13.94 -36.78
CA GLY D 292 19.16 -13.39 -38.12
C GLY D 292 19.39 -11.89 -38.16
N ARG D 293 20.11 -11.34 -37.18
CA ARG D 293 20.37 -9.92 -37.18
C ARG D 293 21.32 -9.55 -38.32
N TYR D 294 20.95 -8.53 -39.08
CA TYR D 294 21.80 -8.05 -40.16
C TYR D 294 21.58 -6.55 -40.31
N TYR D 295 22.68 -5.81 -40.41
CA TYR D 295 22.61 -4.37 -40.65
C TYR D 295 23.77 -3.96 -41.55
N ARG D 296 23.50 -3.02 -42.43
CA ARG D 296 24.54 -2.48 -43.30
C ARG D 296 24.15 -1.12 -43.85
N PRO D 297 24.97 -0.10 -43.65
CA PRO D 297 24.69 1.21 -44.26
C PRO D 297 25.03 1.19 -45.75
N ILE D 298 24.00 1.19 -46.58
CA ILE D 298 24.16 1.15 -48.03
C ILE D 298 23.92 2.57 -48.56
N PRO D 299 24.96 3.31 -48.94
CA PRO D 299 24.74 4.68 -49.43
C PRO D 299 24.16 4.73 -50.83
N GLU D 300 24.32 3.69 -51.65
CA GLU D 300 23.78 3.70 -52.99
C GLU D 300 22.26 3.83 -52.97
N TRP D 301 21.60 3.10 -52.08
CA TRP D 301 20.22 3.38 -51.72
C TRP D 301 20.21 4.44 -50.62
N ILE D 302 19.06 5.09 -50.45
CA ILE D 302 18.99 6.17 -49.47
C ILE D 302 19.04 5.60 -48.06
N ALA D 303 18.38 4.48 -47.82
CA ALA D 303 18.22 3.95 -46.48
C ALA D 303 19.42 3.10 -46.07
N GLY D 304 19.44 2.73 -44.79
CA GLY D 304 20.40 1.78 -44.25
C GLY D 304 19.75 0.44 -44.00
N PHE D 305 20.21 -0.58 -44.72
CA PHE D 305 19.49 -1.85 -44.77
C PHE D 305 19.58 -2.58 -43.43
N GLY D 306 18.47 -3.20 -43.03
CA GLY D 306 18.43 -3.97 -41.80
C GLY D 306 17.45 -5.11 -41.91
N SER D 307 17.66 -6.13 -41.09
CA SER D 307 16.83 -7.31 -41.09
C SER D 307 16.96 -8.03 -39.76
N LEU D 308 15.83 -8.51 -39.24
CA LEU D 308 15.82 -9.19 -37.95
C LEU D 308 14.66 -10.19 -37.94
N SER D 309 14.81 -11.26 -37.15
CA SER D 309 13.76 -12.27 -37.07
C SER D 309 13.60 -12.69 -35.61
N ALA D 310 12.44 -13.27 -35.31
CA ALA D 310 12.18 -13.79 -33.97
C ALA D 310 11.21 -14.95 -34.07
N ARG D 311 11.27 -15.82 -33.06
CA ARG D 311 10.45 -17.03 -33.04
C ARG D 311 9.98 -17.28 -31.62
N THR D 312 8.72 -17.73 -31.50
CA THR D 312 8.21 -18.15 -30.20
C THR D 312 8.74 -19.52 -29.84
N GLU D 313 9.31 -19.64 -28.64
CA GLU D 313 9.83 -20.93 -28.16
C GLU D 313 8.72 -21.64 -27.39
N ASN D 314 8.42 -22.86 -27.82
CA ASN D 314 7.31 -23.61 -27.24
C ASN D 314 7.80 -24.81 -26.44
N MET E 1 26.02 -9.00 -23.73
CA MET E 1 26.59 -8.00 -22.83
C MET E 1 27.85 -8.51 -22.14
N HIS E 2 29.00 -8.02 -22.60
CA HIS E 2 30.30 -8.41 -22.08
C HIS E 2 31.03 -7.16 -21.58
N ALA E 3 31.52 -7.20 -20.34
CA ALA E 3 32.16 -6.05 -19.75
C ALA E 3 33.29 -6.47 -18.83
N TYR E 4 34.33 -5.64 -18.79
CA TYR E 4 35.47 -5.81 -17.92
C TYR E 4 35.73 -4.50 -17.16
N LEU E 5 36.28 -4.62 -15.96
CA LEU E 5 36.56 -3.47 -15.12
C LEU E 5 37.90 -3.67 -14.44
N HIS E 6 38.68 -2.60 -14.36
CA HIS E 6 39.93 -2.64 -13.61
C HIS E 6 40.18 -1.27 -12.99
N CYS E 7 40.35 -1.24 -11.67
CA CYS E 7 40.66 -0.03 -10.93
C CYS E 7 42.08 -0.13 -10.38
N LEU E 8 42.86 0.93 -10.57
CA LEU E 8 44.28 0.92 -10.23
C LEU E 8 44.69 2.28 -9.71
N SER E 9 45.53 2.29 -8.68
CA SER E 9 46.09 3.53 -8.18
C SER E 9 47.17 4.06 -9.12
N HIS E 10 47.24 5.37 -9.26
CA HIS E 10 48.26 6.02 -10.08
C HIS E 10 49.17 6.84 -9.18
N SER E 11 50.44 6.92 -9.55
CA SER E 11 51.41 7.64 -8.75
C SER E 11 52.44 8.32 -9.64
N PRO E 12 52.51 9.66 -9.62
CA PRO E 12 53.51 10.35 -10.45
C PRO E 12 54.94 10.06 -10.04
N LEU E 13 55.17 9.58 -8.82
CA LEU E 13 56.51 9.37 -8.30
C LEU E 13 56.99 7.95 -8.58
N VAL E 14 57.04 7.60 -9.85
CA VAL E 14 57.58 6.32 -10.31
C VAL E 14 58.95 6.61 -10.90
N GLY E 15 59.99 6.10 -10.26
CA GLY E 15 61.36 6.35 -10.64
C GLY E 15 62.00 7.53 -9.91
N TYR E 16 61.23 8.60 -9.70
CA TYR E 16 61.74 9.73 -8.95
C TYR E 16 62.02 9.35 -7.50
N VAL E 17 61.10 8.64 -6.87
CA VAL E 17 61.28 8.09 -5.53
C VAL E 17 60.89 6.62 -5.59
N ASP E 18 61.76 5.75 -5.06
CA ASP E 18 61.56 4.33 -5.22
C ASP E 18 61.58 3.61 -3.88
N PRO E 19 60.70 2.63 -3.68
CA PRO E 19 60.80 1.75 -2.52
C PRO E 19 61.81 0.63 -2.76
N ALA E 20 61.84 -0.35 -1.85
CA ALA E 20 62.72 -1.51 -2.03
C ALA E 20 62.43 -2.22 -3.34
N GLN E 21 63.42 -2.95 -3.83
CA GLN E 21 63.30 -3.59 -5.14
C GLN E 21 62.26 -4.70 -5.13
N GLU E 22 62.09 -5.40 -4.01
CA GLU E 22 61.15 -6.51 -3.96
C GLU E 22 59.71 -6.03 -4.14
N VAL E 23 59.32 -4.98 -3.42
CA VAL E 23 57.96 -4.47 -3.54
C VAL E 23 57.73 -3.86 -4.92
N LEU E 24 58.77 -3.23 -5.49
CA LEU E 24 58.64 -2.72 -6.85
C LEU E 24 58.41 -3.86 -7.83
N ASP E 25 59.12 -4.97 -7.67
CA ASP E 25 58.90 -6.13 -8.52
C ASP E 25 57.49 -6.68 -8.34
N GLU E 26 57.00 -6.71 -7.10
CA GLU E 26 55.64 -7.21 -6.85
C GLU E 26 54.59 -6.32 -7.53
N VAL E 27 54.75 -5.01 -7.42
CA VAL E 27 53.82 -4.09 -8.06
C VAL E 27 53.87 -4.24 -9.57
N ASN E 28 55.08 -4.33 -10.13
CA ASN E 28 55.20 -4.52 -11.57
C ASN E 28 54.55 -5.83 -12.01
N GLY E 29 54.71 -6.88 -11.21
CA GLY E 29 54.10 -8.16 -11.56
C GLY E 29 52.59 -8.13 -11.55
N VAL E 30 52.00 -7.50 -10.53
CA VAL E 30 50.54 -7.45 -10.46
C VAL E 30 49.99 -6.57 -11.58
N ILE E 31 50.66 -5.46 -11.89
CA ILE E 31 50.24 -4.62 -13.00
C ILE E 31 50.33 -5.39 -14.31
N ALA E 32 51.42 -6.14 -14.51
CA ALA E 32 51.57 -6.94 -15.72
C ALA E 32 50.46 -7.97 -15.84
N SER E 33 50.16 -8.66 -14.74
CA SER E 33 49.11 -9.69 -14.77
C SER E 33 47.76 -9.09 -15.14
N ALA E 34 47.44 -7.93 -14.57
CA ALA E 34 46.24 -7.22 -15.01
C ALA E 34 46.30 -6.90 -16.49
N ARG E 35 47.49 -6.59 -16.99
CA ARG E 35 47.63 -6.28 -18.41
C ARG E 35 47.32 -7.50 -19.28
N GLU E 36 47.82 -8.68 -18.93
CA GLU E 36 47.43 -9.85 -19.74
C GLU E 36 45.96 -10.19 -19.59
N ARG E 37 45.37 -9.97 -18.41
CA ARG E 37 43.93 -10.21 -18.30
C ARG E 37 43.15 -9.30 -19.24
N ILE E 38 43.51 -8.02 -19.28
CA ILE E 38 42.84 -7.09 -20.18
C ILE E 38 43.07 -7.48 -21.64
N ALA E 39 44.30 -7.86 -21.98
CA ALA E 39 44.60 -8.25 -23.36
C ALA E 39 43.81 -9.49 -23.77
N ALA E 40 43.65 -10.45 -22.85
CA ALA E 40 42.83 -11.62 -23.14
C ALA E 40 41.37 -11.24 -23.33
N PHE E 41 40.88 -10.26 -22.56
CA PHE E 41 39.50 -9.82 -22.73
C PHE E 41 39.29 -9.22 -24.12
N SER E 42 40.29 -8.51 -24.64
CA SER E 42 40.25 -7.87 -25.96
C SER E 42 39.10 -6.88 -26.08
N PRO E 43 39.17 -5.74 -25.39
CA PRO E 43 38.06 -4.79 -25.43
C PRO E 43 38.00 -4.02 -26.75
N GLU E 44 36.81 -3.48 -27.02
CA GLU E 44 36.57 -2.63 -28.18
C GLU E 44 36.36 -1.17 -27.82
N LEU E 45 35.93 -0.88 -26.59
CA LEU E 45 35.74 0.49 -26.12
C LEU E 45 36.27 0.60 -24.70
N VAL E 46 36.81 1.77 -24.38
CA VAL E 46 37.32 2.08 -23.05
C VAL E 46 36.61 3.32 -22.54
N VAL E 47 36.11 3.26 -21.31
CA VAL E 47 35.56 4.42 -20.61
C VAL E 47 36.44 4.68 -19.40
N LEU E 48 37.12 5.82 -19.39
CA LEU E 48 38.16 6.10 -18.40
C LEU E 48 37.71 7.25 -17.51
N PHE E 49 37.43 6.94 -16.24
CA PHE E 49 37.15 7.95 -15.23
C PHE E 49 38.46 8.34 -14.55
N ALA E 50 38.71 9.64 -14.47
CA ALA E 50 39.99 10.09 -13.90
C ALA E 50 39.81 11.44 -13.23
N PRO E 51 40.65 11.77 -12.25
CA PRO E 51 40.67 13.11 -11.68
C PRO E 51 41.69 14.03 -12.35
N ASP E 52 41.76 15.27 -11.89
CA ASP E 52 42.75 16.23 -12.35
C ASP E 52 43.51 16.79 -11.16
N HIS E 53 44.71 17.30 -11.43
CA HIS E 53 45.60 17.81 -10.38
C HIS E 53 45.98 19.26 -10.67
N TYR E 54 44.97 20.07 -10.98
CA TYR E 54 45.15 21.49 -11.30
C TYR E 54 46.05 21.69 -12.52
N ASN E 55 45.81 20.90 -13.56
CA ASN E 55 46.54 21.08 -14.82
C ASN E 55 45.56 21.28 -15.98
N GLY E 56 44.36 20.73 -15.86
CA GLY E 56 43.38 20.86 -16.92
C GLY E 56 42.20 21.75 -16.59
N PHE E 57 41.75 21.71 -15.34
CA PHE E 57 40.59 22.48 -14.90
C PHE E 57 41.00 23.41 -13.76
N PHE E 58 40.45 24.62 -13.77
CA PHE E 58 40.80 25.63 -12.79
C PHE E 58 39.52 26.27 -12.29
N TYR E 59 39.64 27.36 -11.54
CA TYR E 59 38.50 28.02 -10.93
C TYR E 59 37.81 29.02 -11.84
N ASP E 60 38.27 29.15 -13.09
CA ASP E 60 37.50 29.94 -14.05
C ASP E 60 36.14 29.30 -14.29
N VAL E 61 36.13 27.99 -14.56
CA VAL E 61 34.91 27.18 -14.53
C VAL E 61 35.28 25.81 -13.97
N MET E 62 34.73 25.46 -12.81
CA MET E 62 35.00 24.16 -12.21
C MET E 62 33.74 23.31 -12.16
N PRO E 63 33.59 22.33 -13.04
CA PRO E 63 32.41 21.47 -13.01
C PRO E 63 32.64 20.25 -12.12
N PRO E 64 31.58 19.65 -11.59
CA PRO E 64 31.76 18.38 -10.88
C PRO E 64 32.10 17.22 -11.80
N PHE E 65 31.41 17.10 -12.93
CA PHE E 65 31.68 16.05 -13.92
C PHE E 65 31.92 16.71 -15.27
N CYS E 66 32.81 16.12 -16.06
CA CYS E 66 33.05 16.61 -17.42
C CYS E 66 33.32 15.44 -18.34
N LEU E 67 32.88 15.57 -19.59
CA LEU E 67 33.12 14.57 -20.62
C LEU E 67 33.98 15.18 -21.71
N GLY E 68 35.05 14.48 -22.10
CA GLY E 68 35.96 15.02 -23.08
C GLY E 68 35.70 14.54 -24.49
N VAL E 69 35.04 15.36 -25.31
CA VAL E 69 34.86 15.01 -26.72
C VAL E 69 36.19 15.07 -27.45
N GLY E 70 37.04 16.03 -27.11
CA GLY E 70 38.41 16.06 -27.59
C GLY E 70 39.37 16.25 -26.44
N ALA E 71 40.37 15.37 -26.34
CA ALA E 71 41.29 15.40 -25.22
C ALA E 71 42.72 15.28 -25.71
N THR E 72 43.63 15.96 -25.01
CA THR E 72 45.06 15.92 -25.32
C THR E 72 45.84 15.81 -24.02
N ALA E 73 46.77 14.86 -23.96
CA ALA E 73 47.61 14.67 -22.78
C ALA E 73 48.84 15.55 -22.88
N ILE E 74 49.12 16.29 -21.80
CA ILE E 74 50.20 17.28 -21.81
C ILE E 74 51.57 16.67 -21.52
N GLY E 75 51.63 15.46 -20.97
CA GLY E 75 52.90 14.81 -20.71
C GLY E 75 53.66 15.37 -19.53
N ASP E 76 53.07 15.29 -18.34
CA ASP E 76 53.73 15.75 -17.13
C ASP E 76 54.24 14.56 -16.33
N PHE E 77 55.30 14.82 -15.54
CA PHE E 77 55.91 13.81 -14.68
C PHE E 77 56.42 12.61 -15.46
N GLY E 78 56.86 12.84 -16.70
CA GLY E 78 57.38 11.77 -17.53
C GLY E 78 56.34 10.95 -18.26
N SER E 79 55.06 11.27 -18.11
CA SER E 79 54.01 10.54 -18.79
C SER E 79 53.97 10.92 -20.27
N ALA E 80 53.22 10.14 -21.05
CA ALA E 80 53.14 10.37 -22.49
C ALA E 80 52.33 11.62 -22.78
N ALA E 81 52.60 12.20 -23.95
CA ALA E 81 51.92 13.41 -24.40
C ALA E 81 51.42 13.22 -25.83
N GLY E 82 50.29 13.82 -26.14
CA GLY E 82 49.76 13.77 -27.49
C GLY E 82 48.24 13.68 -27.48
N GLU E 83 47.69 13.66 -28.69
CA GLU E 83 46.24 13.62 -28.86
C GLU E 83 45.69 12.25 -28.50
N LEU E 84 44.48 12.23 -27.94
CA LEU E 84 43.82 10.99 -27.61
C LEU E 84 42.76 10.63 -28.65
N PRO E 85 42.63 9.35 -29.00
CA PRO E 85 41.60 8.95 -29.97
C PRO E 85 40.21 8.85 -29.35
N VAL E 86 39.34 9.80 -29.64
CA VAL E 86 37.99 9.84 -29.09
C VAL E 86 37.01 9.80 -30.25
N PRO E 87 36.05 8.87 -30.27
CA PRO E 87 35.00 8.91 -31.29
C PRO E 87 34.02 10.05 -31.03
N VAL E 88 33.98 11.01 -31.95
CA VAL E 88 33.21 12.23 -31.71
C VAL E 88 31.72 11.94 -31.66
N GLU E 89 31.22 11.17 -32.63
CA GLU E 89 29.78 10.91 -32.69
C GLU E 89 29.32 10.09 -31.48
N LEU E 90 30.09 9.08 -31.10
CA LEU E 90 29.74 8.29 -29.92
C LEU E 90 29.78 9.13 -28.66
N ALA E 91 30.77 10.02 -28.55
CA ALA E 91 30.85 10.89 -27.38
C ALA E 91 29.65 11.83 -27.29
N GLU E 92 29.25 12.41 -28.43
CA GLU E 92 28.10 13.30 -28.42
C GLU E 92 26.81 12.55 -28.09
N ALA E 93 26.65 11.33 -28.60
CA ALA E 93 25.49 10.52 -28.25
C ALA E 93 25.48 10.20 -26.75
N CYS E 94 26.65 9.87 -26.20
CA CYS E 94 26.75 9.59 -24.77
C CYS E 94 26.38 10.81 -23.94
N ALA E 95 26.86 11.99 -24.36
CA ALA E 95 26.54 13.22 -23.63
C ALA E 95 25.03 13.47 -23.66
N HIS E 96 24.41 13.31 -24.83
CA HIS E 96 22.97 13.51 -24.94
C HIS E 96 22.21 12.54 -24.04
N ALA E 97 22.60 11.26 -24.06
CA ALA E 97 21.90 10.26 -23.26
C ALA E 97 22.06 10.52 -21.77
N VAL E 98 23.27 10.86 -21.33
CA VAL E 98 23.51 11.08 -19.91
C VAL E 98 22.78 12.33 -19.44
N MET E 99 22.79 13.40 -20.25
CA MET E 99 22.03 14.60 -19.89
C MET E 99 20.54 14.29 -19.79
N LYS E 100 20.02 13.48 -20.71
CA LYS E 100 18.60 13.12 -20.66
C LYS E 100 18.28 12.25 -19.45
N SER E 101 19.24 11.44 -18.99
CA SER E 101 19.01 10.57 -17.85
C SER E 101 18.86 11.33 -16.54
N GLY E 102 19.18 12.62 -16.50
CA GLY E 102 19.05 13.40 -15.30
C GLY E 102 20.36 13.79 -14.62
N ILE E 103 21.47 13.80 -15.35
CA ILE E 103 22.78 14.16 -14.80
C ILE E 103 23.23 15.46 -15.47
N ASP E 104 23.62 16.43 -14.65
CA ASP E 104 24.08 17.73 -15.15
C ASP E 104 25.55 17.59 -15.49
N LEU E 105 25.84 17.30 -16.76
CA LEU E 105 27.18 16.95 -17.21
C LEU E 105 27.74 18.07 -18.08
N ALA E 106 28.96 18.50 -17.77
CA ALA E 106 29.65 19.47 -18.60
C ALA E 106 30.30 18.78 -19.80
N VAL E 107 30.52 19.55 -20.86
CA VAL E 107 31.05 19.03 -22.10
C VAL E 107 32.21 19.91 -22.54
N SER E 108 33.33 19.30 -22.91
CA SER E 108 34.51 20.01 -23.35
C SER E 108 34.98 19.43 -24.69
N TYR E 109 35.43 20.31 -25.58
CA TYR E 109 35.96 19.89 -26.87
C TYR E 109 37.47 20.00 -26.97
N CYS E 110 38.13 20.65 -26.01
CA CYS E 110 39.59 20.70 -25.92
C CYS E 110 39.94 20.55 -24.44
N MET E 111 40.14 19.29 -24.01
CA MET E 111 40.38 18.97 -22.61
C MET E 111 41.85 18.58 -22.45
N GLN E 112 42.58 19.37 -21.68
CA GLN E 112 43.99 19.10 -21.40
C GLN E 112 44.08 18.18 -20.19
N VAL E 113 44.69 17.01 -20.36
CA VAL E 113 44.75 16.02 -19.30
C VAL E 113 46.20 15.75 -18.93
N ASP E 114 46.38 15.10 -17.79
CA ASP E 114 47.67 14.92 -17.13
C ASP E 114 47.93 13.43 -16.87
N HIS E 115 48.94 13.16 -16.05
CA HIS E 115 49.36 11.78 -15.78
C HIS E 115 48.22 10.92 -15.25
N GLY E 116 47.23 11.54 -14.60
CA GLY E 116 46.09 10.77 -14.10
C GLY E 116 45.35 10.05 -15.20
N PHE E 117 45.25 10.67 -16.38
CA PHE E 117 44.64 10.04 -17.53
C PHE E 117 45.63 9.17 -18.31
N ALA E 118 46.85 9.65 -18.48
CA ALA E 118 47.80 9.01 -19.39
C ALA E 118 48.41 7.74 -18.81
N GLN E 119 48.70 7.73 -17.51
CA GLN E 119 49.45 6.61 -16.95
C GLN E 119 48.71 5.27 -17.04
N PRO E 120 47.42 5.18 -16.67
CA PRO E 120 46.73 3.89 -16.84
C PRO E 120 46.68 3.42 -18.29
N LEU E 121 46.56 4.33 -19.25
CA LEU E 121 46.53 3.92 -20.65
C LEU E 121 47.86 3.31 -21.07
N GLU E 122 48.97 3.90 -20.65
CA GLU E 122 50.27 3.31 -20.95
C GLU E 122 50.46 1.97 -20.25
N PHE E 123 50.06 1.88 -18.98
CA PHE E 123 50.37 0.68 -18.20
C PHE E 123 49.51 -0.50 -18.60
N LEU E 124 48.22 -0.28 -18.84
CA LEU E 124 47.29 -1.39 -19.05
C LEU E 124 46.97 -1.66 -20.51
N LEU E 125 46.98 -0.64 -21.36
CA LEU E 125 46.68 -0.83 -22.77
C LEU E 125 47.92 -0.88 -23.66
N GLY E 126 49.04 -0.33 -23.20
CA GLY E 126 50.26 -0.30 -23.97
C GLY E 126 50.56 1.02 -24.63
N GLY E 127 49.56 1.91 -24.75
CA GLY E 127 49.79 3.20 -25.37
C GLY E 127 48.53 4.03 -25.31
N LEU E 128 48.67 5.29 -25.75
CA LEU E 128 47.54 6.21 -25.74
C LEU E 128 46.57 5.94 -26.88
N ASP E 129 47.08 5.51 -28.03
CA ASP E 129 46.30 5.41 -29.26
C ASP E 129 46.02 3.97 -29.68
N LYS E 130 45.72 3.10 -28.72
CA LYS E 130 45.41 1.71 -29.05
C LYS E 130 43.92 1.50 -29.27
N VAL E 131 43.10 1.90 -28.30
CA VAL E 131 41.66 1.64 -28.33
C VAL E 131 40.94 2.97 -28.20
N PRO E 132 39.80 3.17 -28.88
CA PRO E 132 39.02 4.40 -28.66
C PRO E 132 38.60 4.54 -27.20
N VAL E 133 38.65 5.77 -26.69
CA VAL E 133 38.47 6.03 -25.27
C VAL E 133 37.49 7.18 -25.08
N LEU E 134 36.65 7.06 -24.06
CA LEU E 134 35.79 8.13 -23.60
C LEU E 134 36.33 8.64 -22.26
N PRO E 135 36.91 9.84 -22.22
CA PRO E 135 37.44 10.36 -20.95
C PRO E 135 36.41 11.13 -20.13
N VAL E 136 36.28 10.77 -18.86
CA VAL E 136 35.34 11.42 -17.94
C VAL E 136 36.15 11.96 -16.76
N PHE E 137 36.17 13.27 -16.63
CA PHE E 137 36.85 13.94 -15.53
C PHE E 137 35.89 14.08 -14.35
N ILE E 138 36.36 13.69 -13.16
CA ILE E 138 35.61 13.84 -11.93
C ILE E 138 36.42 14.74 -10.99
N ASN E 139 35.77 15.77 -10.46
CA ASN E 139 36.45 16.72 -9.59
C ASN E 139 36.70 16.11 -8.22
N GLY E 140 37.91 16.31 -7.70
CA GLY E 140 38.25 15.77 -6.39
C GLY E 140 39.17 16.63 -5.56
N VAL E 141 39.43 17.86 -5.99
CA VAL E 141 40.39 18.71 -5.29
C VAL E 141 39.77 20.05 -4.90
N ALA E 142 38.75 20.49 -5.63
CA ALA E 142 38.16 21.81 -5.42
C ALA E 142 36.76 21.66 -4.85
N THR E 143 36.54 22.24 -3.63
CA THR E 143 35.26 22.22 -2.96
C THR E 143 34.34 23.30 -3.51
N PRO E 144 33.01 23.07 -3.55
CA PRO E 144 32.32 21.85 -3.12
C PRO E 144 32.50 20.68 -4.08
N LEU E 145 32.41 19.47 -3.55
CA LEU E 145 32.69 18.26 -4.30
C LEU E 145 31.42 17.43 -4.47
N PRO E 146 31.31 16.64 -5.54
CA PRO E 146 30.16 15.73 -5.68
C PRO E 146 30.21 14.62 -4.65
N GLY E 147 29.03 14.12 -4.30
CA GLY E 147 28.90 13.06 -3.32
C GLY E 147 28.97 11.68 -3.94
N PHE E 148 28.88 10.67 -3.06
CA PHE E 148 28.92 9.29 -3.53
C PHE E 148 27.68 8.92 -4.32
N GLN E 149 26.51 9.43 -3.93
CA GLN E 149 25.28 9.07 -4.61
C GLN E 149 25.23 9.61 -6.03
N ARG E 150 25.63 10.87 -6.22
CA ARG E 150 25.63 11.44 -7.57
C ARG E 150 26.66 10.75 -8.46
N THR E 151 27.82 10.39 -7.91
CA THR E 151 28.82 9.66 -8.68
C THR E 151 28.30 8.28 -9.08
N ARG E 152 27.61 7.61 -8.16
CA ARG E 152 27.00 6.31 -8.49
C ARG E 152 25.96 6.47 -9.58
N MET E 153 25.15 7.51 -9.52
CA MET E 153 24.14 7.73 -10.56
C MET E 153 24.78 8.02 -11.91
N LEU E 154 25.87 8.80 -11.92
CA LEU E 154 26.58 9.06 -13.17
C LEU E 154 27.12 7.75 -13.77
N GLY E 155 27.74 6.93 -12.93
CA GLY E 155 28.23 5.64 -13.41
C GLY E 155 27.13 4.76 -13.95
N GLU E 156 25.98 4.73 -13.25
CA GLU E 156 24.86 3.92 -13.71
C GLU E 156 24.32 4.42 -15.05
N ALA E 157 24.22 5.74 -15.22
CA ALA E 157 23.75 6.27 -16.49
C ALA E 157 24.71 5.94 -17.63
N ILE E 158 26.02 6.08 -17.39
CA ILE E 158 26.98 5.76 -18.44
C ILE E 158 26.95 4.28 -18.78
N GLY E 159 26.85 3.42 -17.78
CA GLY E 159 26.76 1.99 -18.05
C GLY E 159 25.50 1.62 -18.79
N ARG E 160 24.38 2.25 -18.44
CA ARG E 160 23.13 1.99 -19.14
C ARG E 160 23.21 2.42 -20.59
N PHE E 161 23.87 3.55 -20.87
CA PHE E 161 24.06 3.93 -22.27
C PHE E 161 24.96 2.94 -23.00
N THR E 162 26.06 2.52 -22.38
CA THR E 162 27.03 1.68 -23.08
C THR E 162 26.57 0.23 -23.23
N SER E 163 25.59 -0.20 -22.44
CA SER E 163 25.13 -1.58 -22.56
C SER E 163 24.35 -1.85 -23.84
N THR E 164 24.00 -0.82 -24.60
CA THR E 164 23.23 -0.99 -25.83
C THR E 164 24.07 -0.80 -27.09
N LEU E 165 25.40 -0.82 -26.97
CA LEU E 165 26.26 -0.57 -28.11
C LEU E 165 26.72 -1.86 -28.80
N ASN E 166 26.41 -3.03 -28.25
CA ASN E 166 26.80 -4.31 -28.83
C ASN E 166 28.32 -4.41 -28.99
N LYS E 167 29.05 -3.92 -27.98
CA LYS E 167 30.51 -3.92 -27.98
C LYS E 167 31.02 -4.54 -26.69
N ARG E 168 32.32 -4.78 -26.66
CA ARG E 168 33.01 -5.20 -25.45
C ARG E 168 33.65 -3.96 -24.81
N VAL E 169 33.20 -3.61 -23.62
CA VAL E 169 33.55 -2.35 -22.97
C VAL E 169 34.46 -2.64 -21.78
N LEU E 170 35.54 -1.86 -21.67
CA LEU E 170 36.44 -1.91 -20.53
C LEU E 170 36.30 -0.62 -19.73
N PHE E 171 36.05 -0.74 -18.43
CA PHE E 171 35.90 0.39 -17.55
C PHE E 171 37.15 0.54 -16.68
N LEU E 172 37.62 1.77 -16.52
CA LEU E 172 38.83 2.04 -15.77
C LEU E 172 38.59 3.13 -14.73
N GLY E 173 39.15 2.93 -13.54
CA GLY E 173 39.21 3.96 -12.52
C GLY E 173 40.65 4.26 -12.17
N SER E 174 41.03 5.54 -12.16
CA SER E 174 42.44 5.91 -12.06
C SER E 174 42.79 6.60 -10.75
N GLY E 175 41.84 6.77 -9.82
CA GLY E 175 42.13 7.49 -8.60
C GLY E 175 42.95 6.68 -7.61
N GLY E 176 43.56 7.40 -6.67
CA GLY E 176 44.29 6.78 -5.60
C GLY E 176 43.38 6.24 -4.52
N LEU E 177 43.98 5.71 -3.45
CA LEU E 177 43.21 5.11 -2.37
C LEU E 177 43.18 6.00 -1.13
N SER E 178 44.34 6.38 -0.60
CA SER E 178 44.38 7.27 0.56
C SER E 178 45.74 7.94 0.62
N HIS E 179 45.73 9.27 0.66
CA HIS E 179 46.96 10.07 0.67
C HIS E 179 46.58 11.53 0.90
N GLN E 180 47.57 12.31 1.33
CA GLN E 180 47.39 13.75 1.58
C GLN E 180 48.58 14.52 1.03
N PRO E 181 48.69 14.61 -0.29
CA PRO E 181 49.79 15.37 -0.89
C PRO E 181 49.60 16.87 -0.67
N PRO E 182 50.67 17.65 -0.71
CA PRO E 182 50.52 19.11 -0.63
C PRO E 182 49.84 19.67 -1.87
N VAL E 183 48.60 20.12 -1.71
CA VAL E 183 47.78 20.60 -2.82
C VAL E 183 47.45 22.06 -2.57
N PRO E 184 47.68 22.95 -3.53
CA PRO E 184 47.33 24.36 -3.31
C PRO E 184 45.85 24.55 -3.04
N GLU E 185 45.54 25.51 -2.17
CA GLU E 185 44.16 25.82 -1.79
C GLU E 185 43.85 27.28 -2.11
N LEU E 186 42.56 27.55 -2.33
CA LEU E 186 42.13 28.91 -2.67
C LEU E 186 42.11 29.81 -1.45
N ALA E 187 41.69 29.28 -0.29
CA ALA E 187 41.50 30.12 0.89
C ALA E 187 42.82 30.67 1.42
N LYS E 188 43.86 29.84 1.44
CA LYS E 188 45.15 30.20 2.03
C LYS E 188 46.16 30.68 1.00
N ALA E 189 45.72 30.98 -0.22
CA ALA E 189 46.63 31.33 -1.29
C ALA E 189 47.07 32.79 -1.17
N ASP E 190 48.16 33.11 -1.88
CA ASP E 190 48.65 34.47 -2.02
C ASP E 190 48.25 35.01 -3.39
N ALA E 191 48.76 36.20 -3.73
CA ALA E 191 48.32 36.87 -4.95
C ALA E 191 48.68 36.07 -6.20
N HIS E 192 49.95 35.68 -6.32
CA HIS E 192 50.37 34.88 -7.48
C HIS E 192 49.71 33.51 -7.46
N MET E 193 49.60 32.90 -6.29
CA MET E 193 48.97 31.60 -6.16
C MET E 193 47.48 31.67 -6.52
N ARG E 194 46.80 32.72 -6.06
CA ARG E 194 45.40 32.92 -6.45
C ARG E 194 45.26 33.13 -7.95
N ASP E 195 46.17 33.92 -8.54
CA ASP E 195 46.11 34.16 -9.97
C ASP E 195 46.29 32.86 -10.75
N ARG E 196 47.21 32.01 -10.31
CA ARG E 196 47.39 30.71 -10.96
C ARG E 196 46.18 29.80 -10.76
N LEU E 197 45.55 29.86 -9.58
CA LEU E 197 44.41 28.97 -9.33
C LEU E 197 43.19 29.36 -10.16
N LEU E 198 42.94 30.66 -10.32
CA LEU E 198 41.79 31.12 -11.10
C LEU E 198 42.09 31.13 -12.59
N GLY E 199 42.53 30.00 -13.13
CA GLY E 199 42.90 29.95 -14.53
C GLY E 199 44.29 30.52 -14.76
N SER E 200 44.59 30.75 -16.04
CA SER E 200 45.86 31.31 -16.48
C SER E 200 47.04 30.41 -16.10
N GLY E 201 46.75 29.21 -15.60
CA GLY E 201 47.74 28.21 -15.29
C GLY E 201 47.83 27.06 -16.26
N LYS E 202 47.10 27.12 -17.37
CA LYS E 202 47.18 26.06 -18.37
C LYS E 202 48.54 26.05 -19.05
N ASP E 203 49.01 27.21 -19.49
CA ASP E 203 50.30 27.33 -20.17
C ASP E 203 51.40 27.69 -19.18
N LEU E 204 51.62 26.79 -18.23
CA LEU E 204 52.66 27.00 -17.22
C LEU E 204 54.04 26.90 -17.85
N PRO E 205 54.95 27.81 -17.53
CA PRO E 205 56.34 27.66 -17.97
C PRO E 205 57.00 26.46 -17.30
N ALA E 206 58.04 25.96 -17.95
CA ALA E 206 58.71 24.75 -17.47
C ALA E 206 59.34 24.94 -16.10
N SER E 207 59.75 26.17 -15.77
CA SER E 207 60.37 26.42 -14.47
C SER E 207 59.40 26.19 -13.34
N GLU E 208 58.16 26.68 -13.47
CA GLU E 208 57.16 26.47 -12.43
C GLU E 208 56.82 24.99 -12.30
N ARG E 209 56.75 24.27 -13.42
CA ARG E 209 56.52 22.84 -13.37
C ARG E 209 57.65 22.13 -12.63
N GLU E 210 58.90 22.51 -12.90
CA GLU E 210 60.02 21.91 -12.19
C GLU E 210 59.95 22.19 -10.70
N LEU E 211 59.61 23.43 -10.33
CA LEU E 211 59.50 23.77 -8.91
C LEU E 211 58.38 22.96 -8.24
N ARG E 212 57.24 22.81 -8.92
CA ARG E 212 56.14 22.02 -8.36
C ARG E 212 56.53 20.57 -8.18
N GLN E 213 57.20 19.99 -9.18
CA GLN E 213 57.63 18.59 -9.09
C GLN E 213 58.64 18.42 -7.96
N GLN E 214 59.58 19.35 -7.83
CA GLN E 214 60.56 19.28 -6.75
C GLN E 214 59.88 19.38 -5.39
N ARG E 215 58.90 20.26 -5.25
CA ARG E 215 58.17 20.37 -3.99
C ARG E 215 57.43 19.07 -3.67
N VAL E 216 56.80 18.46 -4.67
CA VAL E 216 56.10 17.20 -4.43
C VAL E 216 57.07 16.11 -4.01
N ILE E 217 58.23 16.05 -4.68
CA ILE E 217 59.22 15.02 -4.35
C ILE E 217 59.75 15.22 -2.94
N SER E 218 60.05 16.47 -2.57
CA SER E 218 60.55 16.75 -1.23
C SER E 218 59.51 16.42 -0.17
N ALA E 219 58.24 16.76 -0.42
CA ALA E 219 57.19 16.41 0.51
C ALA E 219 57.04 14.90 0.65
N ALA E 220 57.19 14.17 -0.46
CA ALA E 220 57.16 12.71 -0.40
C ALA E 220 58.29 12.18 0.46
N GLU E 221 59.50 12.73 0.30
CA GLU E 221 60.63 12.27 1.09
C GLU E 221 60.41 12.55 2.58
N LYS E 222 59.88 13.74 2.91
CA LYS E 222 59.57 14.04 4.30
C LYS E 222 58.49 13.10 4.85
N PHE E 223 57.51 12.75 4.01
CA PHE E 223 56.49 11.79 4.42
C PHE E 223 57.10 10.43 4.70
N VAL E 224 58.08 10.03 3.89
CA VAL E 224 58.81 8.79 4.17
C VAL E 224 59.53 8.88 5.49
N GLU E 225 60.12 10.05 5.78
CA GLU E 225 60.77 10.25 7.08
C GLU E 225 59.77 10.14 8.23
N ASP E 226 58.60 10.76 8.07
CA ASP E 226 57.55 10.70 9.08
C ASP E 226 56.21 10.96 8.42
N GLN E 227 55.20 10.19 8.81
CA GLN E 227 53.88 10.28 8.20
C GLN E 227 52.99 11.36 8.81
N ARG E 228 53.43 12.01 9.89
CA ARG E 228 52.62 13.04 10.53
C ARG E 228 52.74 14.40 9.88
N THR E 229 53.70 14.59 8.95
CA THR E 229 53.76 15.84 8.22
C THR E 229 52.51 16.06 7.38
N LEU E 230 52.01 15.01 6.74
CA LEU E 230 50.73 14.97 6.07
C LEU E 230 49.78 14.11 6.90
N HIS E 231 48.59 13.87 6.35
CA HIS E 231 47.66 12.97 7.02
C HIS E 231 48.17 11.53 6.89
N PRO E 232 48.30 10.79 7.99
CA PRO E 232 48.84 9.43 7.90
C PRO E 232 47.90 8.50 7.16
N LEU E 233 48.48 7.44 6.58
CA LEU E 233 47.70 6.47 5.83
C LEU E 233 46.74 5.71 6.74
N ASN E 234 45.64 5.25 6.16
CA ASN E 234 44.58 4.56 6.89
C ASN E 234 44.27 3.24 6.20
N PRO E 235 45.06 2.19 6.48
CA PRO E 235 44.79 0.90 5.85
C PRO E 235 43.43 0.32 6.17
N ILE E 236 42.92 0.57 7.38
CA ILE E 236 41.63 0.00 7.78
C ILE E 236 40.53 0.48 6.86
N TRP E 237 40.47 1.78 6.61
CA TRP E 237 39.40 2.32 5.79
C TRP E 237 39.55 1.88 4.33
N ASP E 238 40.79 1.78 3.85
CA ASP E 238 41.02 1.31 2.49
C ASP E 238 40.52 -0.12 2.31
N ASN E 239 40.82 -0.98 3.27
CA ASN E 239 40.36 -2.36 3.20
C ASN E 239 38.84 -2.44 3.29
N GLN E 240 38.24 -1.62 4.16
CA GLN E 240 36.77 -1.58 4.23
C GLN E 240 36.15 -1.15 2.91
N PHE E 241 36.74 -0.13 2.28
CA PHE E 241 36.21 0.38 1.01
C PHE E 241 36.30 -0.68 -0.07
N MET E 242 37.44 -1.36 -0.18
CA MET E 242 37.59 -2.41 -1.18
C MET E 242 36.63 -3.57 -0.92
N THR E 243 36.47 -3.96 0.34
CA THR E 243 35.55 -5.04 0.67
C THR E 243 34.11 -4.66 0.33
N LEU E 244 33.73 -3.42 0.61
CA LEU E 244 32.39 -2.96 0.27
C LEU E 244 32.17 -2.97 -1.23
N LEU E 245 33.18 -2.56 -2.00
CA LEU E 245 33.05 -2.61 -3.46
C LEU E 245 32.89 -4.02 -3.97
N GLU E 246 33.65 -4.97 -3.43
CA GLU E 246 33.60 -6.33 -3.93
C GLU E 246 32.28 -7.03 -3.58
N GLN E 247 31.75 -6.77 -2.39
CA GLN E 247 30.53 -7.45 -1.94
C GLN E 247 29.27 -6.89 -2.57
N GLY E 248 29.37 -5.97 -3.51
CA GLY E 248 28.19 -5.42 -4.15
C GLY E 248 27.38 -4.50 -3.26
N ARG E 249 28.02 -3.87 -2.27
CA ARG E 249 27.35 -3.00 -1.31
C ARG E 249 27.73 -1.54 -1.55
N ILE E 250 27.79 -1.14 -2.82
CA ILE E 250 28.23 0.20 -3.18
C ILE E 250 27.26 1.25 -2.63
N GLN E 251 25.96 0.94 -2.63
CA GLN E 251 24.96 1.90 -2.16
C GLN E 251 25.15 2.27 -0.70
N GLU E 252 25.76 1.38 0.11
CA GLU E 252 26.03 1.71 1.50
C GLU E 252 26.96 2.89 1.64
N LEU E 253 27.70 3.25 0.58
CA LEU E 253 28.57 4.42 0.62
C LEU E 253 27.80 5.74 0.54
N ASP E 254 26.50 5.70 0.26
CA ASP E 254 25.74 6.94 0.21
C ASP E 254 25.62 7.61 1.57
N ALA E 255 25.79 6.86 2.66
CA ALA E 255 25.70 7.44 3.99
C ALA E 255 26.93 8.23 4.37
N VAL E 256 28.09 7.90 3.79
CA VAL E 256 29.31 8.63 4.10
C VAL E 256 29.28 9.99 3.42
N SER E 257 29.65 11.03 4.17
CA SER E 257 29.67 12.39 3.66
C SER E 257 31.09 12.79 3.25
N ASN E 258 31.19 13.94 2.59
CA ASN E 258 32.48 14.40 2.09
C ASN E 258 33.40 14.83 3.23
N GLU E 259 32.88 15.59 4.19
CA GLU E 259 33.70 16.03 5.31
C GLU E 259 34.10 14.86 6.20
N GLU E 260 33.20 13.89 6.38
CA GLU E 260 33.55 12.70 7.14
C GLU E 260 34.68 11.93 6.47
N LEU E 261 34.62 11.78 5.15
CA LEU E 261 35.69 11.10 4.43
C LEU E 261 37.00 11.86 4.53
N SER E 262 36.95 13.19 4.41
CA SER E 262 38.16 13.99 4.53
C SER E 262 38.78 13.87 5.91
N ALA E 263 37.95 13.88 6.95
CA ALA E 263 38.46 13.73 8.31
C ALA E 263 39.05 12.35 8.55
N ILE E 264 38.37 11.30 8.07
CA ILE E 264 38.80 9.94 8.34
C ILE E 264 40.10 9.62 7.60
N ALA E 265 40.16 9.93 6.30
CA ALA E 265 41.24 9.44 5.46
C ALA E 265 42.11 10.52 4.85
N GLY E 266 41.59 11.73 4.63
CA GLY E 266 42.37 12.76 3.98
C GLY E 266 41.64 13.43 2.84
N LYS E 267 42.10 14.63 2.46
CA LYS E 267 41.39 15.41 1.46
C LYS E 267 41.48 14.79 0.07
N SER E 268 42.60 14.14 -0.26
CA SER E 268 42.78 13.59 -1.59
C SER E 268 42.08 12.24 -1.78
N THR E 269 41.65 11.62 -0.69
CA THR E 269 40.94 10.34 -0.77
C THR E 269 39.72 10.42 -1.67
N HIS E 270 39.22 11.64 -1.93
CA HIS E 270 38.05 11.80 -2.80
C HIS E 270 38.31 11.28 -4.21
N GLU E 271 39.58 11.08 -4.59
CA GLU E 271 39.86 10.48 -5.90
C GLU E 271 39.17 9.13 -6.04
N ILE E 272 38.96 8.40 -4.94
CA ILE E 272 38.30 7.11 -5.01
C ILE E 272 36.91 7.19 -5.62
N LYS E 273 36.33 8.38 -5.74
CA LYS E 273 35.03 8.50 -6.40
C LYS E 273 35.09 7.88 -7.79
N THR E 274 36.21 8.03 -8.50
CA THR E 274 36.35 7.42 -9.80
C THR E 274 36.06 5.92 -9.73
N TRP E 275 36.69 5.23 -8.77
CA TRP E 275 36.43 3.81 -8.57
C TRP E 275 34.94 3.55 -8.47
N VAL E 276 34.24 4.32 -7.63
CA VAL E 276 32.82 4.11 -7.43
C VAL E 276 32.10 4.17 -8.76
N ALA E 277 32.37 5.21 -9.56
CA ALA E 277 31.70 5.34 -10.84
C ALA E 277 31.92 4.08 -11.67
N ALA E 278 33.17 3.63 -11.77
CA ALA E 278 33.47 2.45 -12.57
C ALA E 278 32.60 1.28 -12.15
N PHE E 279 32.53 1.03 -10.84
CA PHE E 279 31.78 -0.13 -10.38
C PHE E 279 30.31 0.01 -10.73
N ALA E 280 29.77 1.23 -10.54
CA ALA E 280 28.37 1.45 -10.88
C ALA E 280 28.12 1.08 -12.34
N ALA E 281 29.05 1.45 -13.22
CA ALA E 281 28.87 1.16 -14.63
C ALA E 281 28.71 -0.33 -14.86
N ILE E 282 29.55 -1.15 -14.24
CA ILE E 282 29.47 -2.58 -14.52
C ILE E 282 28.17 -3.16 -13.99
N SER E 283 27.56 -2.53 -12.98
CA SER E 283 26.29 -3.03 -12.47
C SER E 283 25.19 -2.93 -13.51
N ALA E 284 25.38 -2.14 -14.57
CA ALA E 284 24.38 -2.06 -15.61
C ALA E 284 24.44 -3.23 -16.58
N PHE E 285 25.54 -4.00 -16.56
CA PHE E 285 25.68 -5.07 -17.56
C PHE E 285 25.16 -6.41 -17.06
N GLY E 286 24.74 -6.49 -15.79
CA GLY E 286 24.22 -7.74 -15.26
C GLY E 286 25.03 -8.28 -14.11
N ASN E 287 25.10 -9.60 -13.99
CA ASN E 287 25.88 -10.21 -12.93
C ASN E 287 27.36 -10.16 -13.25
N TRP E 288 28.17 -9.88 -12.22
CA TRP E 288 29.61 -9.76 -12.38
C TRP E 288 30.29 -10.36 -11.16
N ARG E 289 31.57 -10.68 -11.31
CA ARG E 289 32.37 -11.18 -10.20
C ARG E 289 33.75 -10.54 -10.24
N SER E 290 34.33 -10.37 -9.06
CA SER E 290 35.58 -9.65 -8.87
C SER E 290 36.76 -10.59 -8.76
N GLU E 291 37.96 -10.02 -8.86
CA GLU E 291 39.20 -10.78 -8.86
C GLU E 291 40.37 -9.82 -8.73
N GLY E 292 41.56 -10.41 -8.57
CA GLY E 292 42.80 -9.65 -8.61
C GLY E 292 42.94 -8.59 -7.54
N ARG E 293 42.40 -8.84 -6.35
CA ARG E 293 42.50 -7.86 -5.28
C ARG E 293 43.94 -7.74 -4.81
N TYR E 294 44.44 -6.52 -4.72
CA TYR E 294 45.78 -6.27 -4.21
C TYR E 294 45.80 -4.93 -3.50
N TYR E 295 46.40 -4.90 -2.32
CA TYR E 295 46.57 -3.66 -1.57
C TYR E 295 47.89 -3.70 -0.83
N ARG E 296 48.54 -2.54 -0.75
CA ARG E 296 49.76 -2.42 0.04
C ARG E 296 50.04 -0.97 0.37
N PRO E 297 50.26 -0.65 1.64
CA PRO E 297 50.66 0.72 2.02
C PRO E 297 52.12 0.96 1.71
N ILE E 298 52.38 1.74 0.66
CA ILE E 298 53.73 2.06 0.24
C ILE E 298 54.05 3.47 0.75
N PRO E 299 54.90 3.61 1.76
CA PRO E 299 55.19 4.95 2.30
C PRO E 299 56.11 5.76 1.40
N GLU E 300 56.92 5.07 0.59
CA GLU E 300 57.85 5.77 -0.29
C GLU E 300 57.12 6.66 -1.28
N TRP E 301 56.04 6.16 -1.87
CA TRP E 301 55.07 7.02 -2.52
C TRP E 301 54.07 7.52 -1.48
N ILE E 302 53.40 8.62 -1.80
CA ILE E 302 52.49 9.20 -0.83
C ILE E 302 51.26 8.32 -0.64
N ALA E 303 50.76 7.72 -1.72
CA ALA E 303 49.52 6.98 -1.67
C ALA E 303 49.73 5.55 -1.18
N GLY E 304 48.62 4.86 -0.92
CA GLY E 304 48.63 3.45 -0.63
C GLY E 304 48.11 2.67 -1.81
N PHE E 305 48.98 1.83 -2.38
CA PHE E 305 48.70 1.23 -3.68
C PHE E 305 47.58 0.21 -3.58
N GLY E 306 46.72 0.21 -4.59
CA GLY E 306 45.61 -0.74 -4.65
C GLY E 306 45.29 -1.10 -6.09
N SER E 307 44.64 -2.25 -6.24
CA SER E 307 44.27 -2.74 -7.57
C SER E 307 43.15 -3.76 -7.43
N LEU E 308 42.19 -3.70 -8.33
CA LEU E 308 41.04 -4.59 -8.30
C LEU E 308 40.50 -4.77 -9.71
N SER E 309 39.88 -5.92 -9.97
CA SER E 309 39.31 -6.18 -11.29
C SER E 309 37.96 -6.86 -11.13
N ALA E 310 37.15 -6.77 -12.18
CA ALA E 310 35.86 -7.44 -12.20
C ALA E 310 35.50 -7.77 -13.64
N ARG E 311 34.63 -8.76 -13.80
CA ARG E 311 34.24 -9.23 -15.12
C ARG E 311 32.78 -9.65 -15.11
N THR E 312 32.10 -9.42 -16.24
CA THR E 312 30.72 -9.87 -16.37
C THR E 312 30.67 -11.38 -16.60
N GLU E 313 29.89 -12.08 -15.79
CA GLU E 313 29.76 -13.54 -15.91
C GLU E 313 28.58 -13.82 -16.85
N ASN E 314 28.89 -13.99 -18.13
CA ASN E 314 27.89 -14.20 -19.15
C ASN E 314 27.41 -15.65 -19.17
N MET F 1 -1.64 20.98 29.57
CA MET F 1 -0.24 20.95 29.16
C MET F 1 0.29 22.37 28.96
N HIS F 2 1.13 22.81 29.89
CA HIS F 2 1.74 24.13 29.87
C HIS F 2 3.25 23.99 29.85
N ALA F 3 3.91 24.66 28.92
CA ALA F 3 5.36 24.52 28.77
C ALA F 3 5.97 25.82 28.28
N TYR F 4 7.16 26.12 28.81
CA TYR F 4 7.98 27.25 28.40
C TYR F 4 9.37 26.75 28.06
N LEU F 5 10.05 27.47 27.16
CA LEU F 5 11.38 27.10 26.71
C LEU F 5 12.21 28.36 26.56
N HIS F 6 13.48 28.30 26.97
CA HIS F 6 14.40 29.40 26.74
C HIS F 6 15.79 28.84 26.52
N CYS F 7 16.40 29.18 25.39
CA CYS F 7 17.76 28.78 25.06
C CYS F 7 18.64 30.03 25.04
N LEU F 8 19.78 29.95 25.72
CA LEU F 8 20.66 31.10 25.91
C LEU F 8 22.11 30.66 25.88
N SER F 9 22.95 31.46 25.26
CA SER F 9 24.38 31.19 25.23
C SER F 9 25.01 31.52 26.58
N HIS F 10 25.99 30.71 26.98
CA HIS F 10 26.72 30.92 28.22
C HIS F 10 28.17 31.24 27.89
N SER F 11 28.77 32.11 28.70
CA SER F 11 30.15 32.52 28.47
C SER F 11 30.89 32.69 29.78
N PRO F 12 31.95 31.92 30.02
CA PRO F 12 32.71 32.08 31.27
C PRO F 12 33.39 33.43 31.41
N LEU F 13 33.58 34.14 30.30
CA LEU F 13 34.32 35.39 30.30
C LEU F 13 33.37 36.57 30.45
N VAL F 14 32.70 36.61 31.60
CA VAL F 14 31.85 37.74 31.97
C VAL F 14 32.58 38.51 33.06
N GLY F 15 32.98 39.74 32.75
CA GLY F 15 33.77 40.55 33.64
C GLY F 15 35.28 40.43 33.44
N TYR F 16 35.76 39.23 33.09
CA TYR F 16 37.17 39.06 32.80
C TYR F 16 37.57 39.80 31.52
N VAL F 17 36.76 39.66 30.47
CA VAL F 17 36.92 40.38 29.22
C VAL F 17 35.57 40.97 28.85
N ASP F 18 35.55 42.25 28.50
CA ASP F 18 34.28 42.92 28.29
C ASP F 18 34.24 43.65 26.95
N PRO F 19 33.08 43.67 26.29
CA PRO F 19 32.92 44.52 25.11
C PRO F 19 32.57 45.96 25.49
N ALA F 20 32.17 46.76 24.51
CA ALA F 20 31.72 48.12 24.79
C ALA F 20 30.53 48.10 25.73
N GLN F 21 30.38 49.19 26.50
CA GLN F 21 29.35 49.24 27.53
C GLN F 21 27.95 49.14 26.94
N GLU F 22 27.74 49.66 25.72
CA GLU F 22 26.43 49.58 25.10
C GLU F 22 26.04 48.12 24.82
N VAL F 23 26.99 47.32 24.33
CA VAL F 23 26.71 45.92 24.07
C VAL F 23 26.39 45.19 25.36
N LEU F 24 27.14 45.48 26.43
CA LEU F 24 26.87 44.85 27.72
C LEU F 24 25.49 45.22 28.23
N ASP F 25 25.10 46.50 28.09
CA ASP F 25 23.77 46.92 28.51
C ASP F 25 22.68 46.23 27.70
N GLU F 26 22.89 46.08 26.39
CA GLU F 26 21.90 45.41 25.56
C GLU F 26 21.76 43.94 25.95
N VAL F 27 22.87 43.25 26.18
CA VAL F 27 22.83 41.86 26.59
C VAL F 27 22.13 41.71 27.93
N ASN F 28 22.47 42.58 28.88
CA ASN F 28 21.84 42.52 30.20
C ASN F 28 20.35 42.79 30.10
N GLY F 29 19.94 43.71 29.23
CA GLY F 29 18.52 43.97 29.04
C GLY F 29 17.79 42.77 28.46
N VAL F 30 18.39 42.10 27.48
CA VAL F 30 17.79 40.91 26.90
C VAL F 30 17.63 39.83 27.97
N ILE F 31 18.68 39.61 28.75
CA ILE F 31 18.64 38.59 29.80
C ILE F 31 17.59 38.94 30.84
N ALA F 32 17.49 40.22 31.21
CA ALA F 32 16.48 40.64 32.19
C ALA F 32 15.06 40.44 31.65
N SER F 33 14.84 40.74 30.38
CA SER F 33 13.51 40.52 29.79
C SER F 33 13.16 39.04 29.79
N ALA F 34 14.12 38.18 29.45
CA ALA F 34 13.86 36.74 29.48
C ALA F 34 13.56 36.28 30.90
N ARG F 35 14.31 36.80 31.88
CA ARG F 35 14.05 36.45 33.27
C ARG F 35 12.66 36.89 33.71
N GLU F 36 12.22 38.08 33.27
CA GLU F 36 10.89 38.54 33.60
C GLU F 36 9.82 37.65 33.00
N ARG F 37 9.99 37.25 31.74
CA ARG F 37 9.03 36.34 31.13
C ARG F 37 8.97 35.01 31.87
N ILE F 38 10.13 34.47 32.25
CA ILE F 38 10.15 33.21 32.98
C ILE F 38 9.45 33.35 34.33
N ALA F 39 9.72 34.46 35.04
CA ALA F 39 9.08 34.68 36.33
C ALA F 39 7.57 34.82 36.18
N ALA F 40 7.12 35.45 35.10
CA ALA F 40 5.68 35.54 34.83
C ALA F 40 5.10 34.16 34.59
N PHE F 41 5.84 33.29 33.89
CA PHE F 41 5.34 31.95 33.61
C PHE F 41 5.16 31.14 34.90
N SER F 42 6.05 31.35 35.88
CA SER F 42 6.01 30.66 37.17
C SER F 42 6.09 29.15 37.03
N PRO F 43 7.24 28.61 36.63
CA PRO F 43 7.35 27.16 36.41
C PRO F 43 7.40 26.37 37.71
N GLU F 44 7.06 25.09 37.59
CA GLU F 44 7.12 24.15 38.70
C GLU F 44 8.30 23.18 38.60
N LEU F 45 8.75 22.87 37.40
CA LEU F 45 9.86 21.96 37.18
C LEU F 45 10.77 22.54 36.10
N VAL F 46 12.06 22.27 36.23
CA VAL F 46 13.06 22.73 35.27
C VAL F 46 13.83 21.52 34.74
N VAL F 47 13.89 21.40 33.42
CA VAL F 47 14.73 20.41 32.76
C VAL F 47 15.83 21.17 32.03
N LEU F 48 17.08 20.95 32.44
CA LEU F 48 18.21 21.74 31.97
C LEU F 48 19.16 20.84 31.18
N PHE F 49 19.37 21.18 29.91
CA PHE F 49 20.36 20.53 29.08
C PHE F 49 21.60 21.42 29.02
N ALA F 50 22.76 20.89 29.39
CA ALA F 50 23.97 21.68 29.42
C ALA F 50 25.16 20.81 29.08
N PRO F 51 26.22 21.39 28.50
CA PRO F 51 27.43 20.61 28.21
C PRO F 51 28.44 20.65 29.35
N ASP F 52 29.57 19.98 29.17
CA ASP F 52 30.67 19.99 30.13
C ASP F 52 31.94 20.40 29.41
N HIS F 53 32.89 20.91 30.18
CA HIS F 53 34.15 21.45 29.67
C HIS F 53 35.33 20.78 30.32
N TYR F 54 35.31 19.45 30.35
CA TYR F 54 36.34 18.62 30.97
C TYR F 54 36.51 18.95 32.45
N ASN F 55 35.39 19.11 33.15
CA ASN F 55 35.39 19.36 34.58
C ASN F 55 34.66 18.30 35.39
N GLY F 56 33.67 17.61 34.82
CA GLY F 56 32.96 16.58 35.55
C GLY F 56 32.99 15.22 34.89
N PHE F 57 33.20 15.18 33.58
CA PHE F 57 33.25 13.95 32.81
C PHE F 57 34.57 13.85 32.09
N PHE F 58 35.19 12.67 32.12
CA PHE F 58 36.50 12.47 31.51
C PHE F 58 36.50 11.19 30.69
N TYR F 59 37.69 10.78 30.23
CA TYR F 59 37.80 9.64 29.33
C TYR F 59 37.84 8.31 30.07
N ASP F 60 37.77 8.31 31.40
CA ASP F 60 37.62 7.05 32.11
C ASP F 60 36.30 6.38 31.75
N VAL F 61 35.21 7.14 31.75
CA VAL F 61 33.94 6.74 31.16
C VAL F 61 33.32 7.99 30.54
N MET F 62 33.16 7.99 29.22
CA MET F 62 32.56 9.13 28.53
C MET F 62 31.26 8.73 27.87
N PRO F 63 30.11 9.06 28.44
CA PRO F 63 28.84 8.71 27.82
C PRO F 63 28.37 9.81 26.88
N PRO F 64 27.52 9.47 25.90
CA PRO F 64 26.93 10.54 25.07
C PRO F 64 25.89 11.34 25.81
N PHE F 65 25.02 10.67 26.58
CA PHE F 65 24.01 11.34 27.40
C PHE F 65 24.12 10.85 28.83
N CYS F 66 23.82 11.73 29.77
CA CYS F 66 23.82 11.36 31.19
C CYS F 66 22.74 12.13 31.91
N LEU F 67 22.16 11.50 32.93
CA LEU F 67 21.16 12.13 33.77
C LEU F 67 21.69 12.20 35.20
N GLY F 68 21.60 13.38 35.82
CA GLY F 68 22.12 13.54 37.15
C GLY F 68 21.09 13.41 38.25
N VAL F 69 21.05 12.24 38.91
CA VAL F 69 20.17 12.08 40.05
C VAL F 69 20.65 12.94 41.22
N GLY F 70 21.96 13.07 41.37
CA GLY F 70 22.53 14.00 42.33
C GLY F 70 23.63 14.82 41.69
N ALA F 71 23.54 16.15 41.79
CA ALA F 71 24.49 17.03 41.13
C ALA F 71 24.99 18.08 42.11
N THR F 72 26.25 18.48 41.94
CA THR F 72 26.89 19.49 42.78
C THR F 72 27.73 20.40 41.91
N ALA F 73 27.59 21.70 42.11
CA ALA F 73 28.33 22.69 41.34
C ALA F 73 29.69 22.97 41.97
N ILE F 74 30.71 23.10 41.13
CA ILE F 74 32.08 23.30 41.60
C ILE F 74 32.48 24.76 41.71
N GLY F 75 31.69 25.68 41.16
CA GLY F 75 31.98 27.09 41.27
C GLY F 75 33.22 27.55 40.53
N ASP F 76 33.32 27.23 39.25
CA ASP F 76 34.45 27.65 38.44
C ASP F 76 34.13 28.92 37.66
N PHE F 77 35.17 29.69 37.37
CA PHE F 77 35.07 30.94 36.61
C PHE F 77 34.15 31.95 37.29
N GLY F 78 34.10 31.92 38.61
CA GLY F 78 33.27 32.84 39.36
C GLY F 78 31.80 32.45 39.46
N SER F 79 31.42 31.31 38.91
CA SER F 79 30.03 30.86 39.01
C SER F 79 29.74 30.36 40.42
N ALA F 80 28.45 30.16 40.70
CA ALA F 80 28.03 29.74 42.02
C ALA F 80 28.46 28.29 42.30
N ALA F 81 28.78 28.03 43.56
CA ALA F 81 29.17 26.70 44.02
C ALA F 81 28.15 26.22 45.04
N GLY F 82 27.68 24.99 44.87
CA GLY F 82 26.69 24.43 45.77
C GLY F 82 26.10 23.17 45.21
N GLU F 83 25.12 22.65 45.94
CA GLU F 83 24.44 21.41 45.58
C GLU F 83 23.07 21.73 44.99
N LEU F 84 22.77 21.11 43.84
CA LEU F 84 21.51 21.37 43.15
C LEU F 84 20.38 20.56 43.79
N PRO F 85 19.18 21.14 43.89
CA PRO F 85 18.02 20.39 44.40
C PRO F 85 17.40 19.54 43.30
N VAL F 86 17.56 18.23 43.40
CA VAL F 86 17.07 17.28 42.41
C VAL F 86 16.08 16.35 43.08
N PRO F 87 14.85 16.21 42.57
CA PRO F 87 13.94 15.21 43.12
C PRO F 87 14.35 13.79 42.72
N VAL F 88 14.71 12.98 43.72
CA VAL F 88 15.30 11.67 43.45
C VAL F 88 14.29 10.74 42.78
N GLU F 89 13.07 10.67 43.34
CA GLU F 89 12.08 9.76 42.79
C GLU F 89 11.68 10.14 41.37
N LEU F 90 11.47 11.43 41.13
CA LEU F 90 11.12 11.89 39.78
C LEU F 90 12.25 11.61 38.81
N ALA F 91 13.50 11.82 39.23
CA ALA F 91 14.64 11.54 38.37
C ALA F 91 14.74 10.07 38.02
N GLU F 92 14.53 9.19 39.01
CA GLU F 92 14.59 7.76 38.74
C GLU F 92 13.47 7.31 37.81
N ALA F 93 12.26 7.86 38.01
CA ALA F 93 11.16 7.55 37.10
C ALA F 93 11.46 8.02 35.68
N CYS F 94 12.05 9.22 35.55
CA CYS F 94 12.42 9.71 34.23
C CYS F 94 13.46 8.82 33.58
N ALA F 95 14.45 8.38 34.35
CA ALA F 95 15.47 7.49 33.81
C ALA F 95 14.85 6.18 33.31
N HIS F 96 13.95 5.61 34.11
CA HIS F 96 13.29 4.38 33.70
C HIS F 96 12.48 4.57 32.42
N ALA F 97 11.72 5.67 32.34
CA ALA F 97 10.89 5.91 31.18
C ALA F 97 11.73 6.14 29.92
N VAL F 98 12.81 6.92 30.03
CA VAL F 98 13.64 7.20 28.88
C VAL F 98 14.38 5.93 28.43
N MET F 99 14.85 5.13 29.39
CA MET F 99 15.46 3.85 29.03
C MET F 99 14.48 2.95 28.31
N LYS F 100 13.22 2.92 28.76
CA LYS F 100 12.21 2.10 28.09
C LYS F 100 11.88 2.63 26.71
N SER F 101 11.95 3.94 26.50
CA SER F 101 11.60 4.52 25.21
C SER F 101 12.58 4.17 24.11
N GLY F 102 13.74 3.61 24.43
CA GLY F 102 14.73 3.24 23.45
C GLY F 102 15.96 4.12 23.39
N ILE F 103 16.28 4.84 24.47
CA ILE F 103 17.46 5.68 24.53
C ILE F 103 18.43 5.08 25.53
N ASP F 104 19.69 4.92 25.12
CA ASP F 104 20.72 4.36 25.98
C ASP F 104 21.30 5.48 26.83
N LEU F 105 20.73 5.66 28.02
CA LEU F 105 21.00 6.79 28.89
C LEU F 105 21.81 6.33 30.10
N ALA F 106 22.90 7.03 30.37
CA ALA F 106 23.67 6.79 31.58
C ALA F 106 23.10 7.58 32.75
N VAL F 107 23.34 7.08 33.95
CA VAL F 107 22.86 7.74 35.16
C VAL F 107 24.03 7.95 36.11
N SER F 108 23.96 9.01 36.89
CA SER F 108 25.00 9.35 37.85
C SER F 108 24.33 9.84 39.13
N TYR F 109 24.87 9.41 40.27
CA TYR F 109 24.37 9.84 41.56
C TYR F 109 25.27 10.88 42.23
N CYS F 110 26.42 11.17 41.64
CA CYS F 110 27.31 12.25 42.10
C CYS F 110 27.92 12.88 40.85
N MET F 111 27.26 13.91 40.34
CA MET F 111 27.66 14.58 39.10
C MET F 111 28.22 15.95 39.43
N GLN F 112 29.46 16.20 39.01
CA GLN F 112 30.12 17.48 39.22
C GLN F 112 29.91 18.34 37.99
N VAL F 113 29.28 19.51 38.17
CA VAL F 113 28.89 20.36 37.05
C VAL F 113 29.67 21.67 37.10
N ASP F 114 29.93 22.22 35.93
CA ASP F 114 30.71 23.45 35.77
C ASP F 114 29.79 24.64 35.52
N HIS F 115 30.38 25.77 35.13
CA HIS F 115 29.62 26.99 34.89
C HIS F 115 28.53 26.82 33.84
N GLY F 116 28.67 25.84 32.94
CA GLY F 116 27.64 25.64 31.93
C GLY F 116 26.29 25.30 32.53
N PHE F 117 26.29 24.61 33.68
CA PHE F 117 25.05 24.33 34.39
C PHE F 117 24.64 25.46 35.33
N ALA F 118 25.61 26.05 36.04
CA ALA F 118 25.29 26.99 37.10
C ALA F 118 24.88 28.36 36.57
N GLN F 119 25.51 28.84 35.50
CA GLN F 119 25.28 30.21 35.06
C GLN F 119 23.84 30.46 34.61
N PRO F 120 23.22 29.61 33.77
CA PRO F 120 21.80 29.85 33.43
C PRO F 120 20.88 29.86 34.63
N LEU F 121 21.15 29.02 35.63
CA LEU F 121 20.30 28.99 36.82
C LEU F 121 20.38 30.32 37.58
N GLU F 122 21.58 30.88 37.71
CA GLU F 122 21.72 32.18 38.36
C GLU F 122 21.05 33.28 37.54
N PHE F 123 21.27 33.27 36.22
CA PHE F 123 20.82 34.40 35.40
C PHE F 123 19.30 34.40 35.21
N LEU F 124 18.70 33.24 35.03
CA LEU F 124 17.29 33.15 34.65
C LEU F 124 16.36 32.85 35.82
N LEU F 125 16.81 32.06 36.79
CA LEU F 125 15.96 31.71 37.93
C LEU F 125 16.27 32.52 39.18
N GLY F 126 17.45 33.10 39.28
CA GLY F 126 17.86 33.88 40.44
C GLY F 126 18.78 33.16 41.39
N GLY F 127 18.87 31.84 41.30
CA GLY F 127 19.75 31.09 42.18
C GLY F 127 19.73 29.62 41.83
N LEU F 128 20.58 28.86 42.51
CA LEU F 128 20.68 27.43 42.27
C LEU F 128 19.52 26.66 42.87
N ASP F 129 19.08 27.05 44.06
CA ASP F 129 18.12 26.27 44.84
C ASP F 129 16.72 26.88 44.83
N LYS F 130 16.28 27.42 43.70
CA LYS F 130 14.95 28.01 43.60
C LYS F 130 13.89 26.99 43.22
N VAL F 131 14.09 26.29 42.10
CA VAL F 131 13.10 25.37 41.55
C VAL F 131 13.75 24.00 41.40
N PRO F 132 13.03 22.90 41.64
CA PRO F 132 13.61 21.58 41.38
C PRO F 132 14.02 21.43 39.91
N VAL F 133 15.17 20.79 39.69
CA VAL F 133 15.81 20.74 38.38
C VAL F 133 16.22 19.31 38.07
N LEU F 134 16.06 18.91 36.80
CA LEU F 134 16.58 17.65 36.31
C LEU F 134 17.77 17.93 35.40
N PRO F 135 19.01 17.67 35.83
CA PRO F 135 20.16 17.98 34.98
C PRO F 135 20.48 16.87 33.99
N VAL F 136 20.61 17.25 32.72
CA VAL F 136 20.92 16.33 31.63
C VAL F 136 22.20 16.80 30.95
N PHE F 137 23.21 15.94 30.94
CA PHE F 137 24.49 16.23 30.31
C PHE F 137 24.54 15.62 28.91
N ILE F 138 24.96 16.43 27.94
CA ILE F 138 25.17 15.98 26.57
C ILE F 138 26.62 16.23 26.20
N ASN F 139 27.28 15.20 25.68
CA ASN F 139 28.69 15.29 25.31
C ASN F 139 28.86 16.14 24.06
N GLY F 140 29.85 17.03 24.09
CA GLY F 140 30.09 17.91 22.97
C GLY F 140 31.56 18.19 22.67
N VAL F 141 32.47 17.56 23.39
CA VAL F 141 33.89 17.88 23.24
C VAL F 141 34.72 16.64 22.91
N ALA F 142 34.23 15.46 23.28
CA ALA F 142 34.99 14.22 23.12
C ALA F 142 34.34 13.37 22.03
N THR F 143 35.12 13.07 20.97
CA THR F 143 34.66 12.22 19.87
C THR F 143 34.79 10.75 20.23
N PRO F 144 33.88 9.89 19.74
CA PRO F 144 32.75 10.20 18.86
C PRO F 144 31.61 10.91 19.59
N LEU F 145 30.83 11.69 18.85
CA LEU F 145 29.78 12.53 19.41
C LEU F 145 28.41 12.05 18.94
N PRO F 146 27.36 12.27 19.73
CA PRO F 146 26.01 11.94 19.27
C PRO F 146 25.57 12.85 18.13
N GLY F 147 24.67 12.32 17.29
CA GLY F 147 24.17 13.06 16.16
C GLY F 147 22.95 13.89 16.50
N PHE F 148 22.47 14.61 15.49
CA PHE F 148 21.28 15.44 15.67
C PHE F 148 20.03 14.59 15.87
N GLN F 149 19.95 13.44 15.19
CA GLN F 149 18.75 12.62 15.26
C GLN F 149 18.59 11.97 16.64
N ARG F 150 19.67 11.44 17.19
CA ARG F 150 19.60 10.84 18.52
C ARG F 150 19.30 11.89 19.58
N THR F 151 19.87 13.09 19.44
CA THR F 151 19.57 14.17 20.38
C THR F 151 18.10 14.56 20.29
N ARG F 152 17.55 14.63 19.07
CA ARG F 152 16.13 14.92 18.91
C ARG F 152 15.26 13.85 19.55
N MET F 153 15.64 12.57 19.40
CA MET F 153 14.86 11.51 20.01
C MET F 153 14.94 11.56 21.53
N LEU F 154 16.11 11.89 22.08
CA LEU F 154 16.23 12.06 23.53
C LEU F 154 15.32 13.16 24.03
N GLY F 155 15.34 14.30 23.34
CA GLY F 155 14.46 15.39 23.73
C GLY F 155 12.99 15.02 23.65
N GLU F 156 12.61 14.29 22.59
CA GLU F 156 11.22 13.86 22.44
C GLU F 156 10.81 12.91 23.55
N ALA F 157 11.68 11.97 23.91
CA ALA F 157 11.36 11.04 24.99
C ALA F 157 11.21 11.76 26.32
N ILE F 158 12.10 12.72 26.61
CA ILE F 158 12.00 13.45 27.87
C ILE F 158 10.72 14.29 27.90
N GLY F 159 10.40 14.94 26.78
CA GLY F 159 9.17 15.72 26.74
C GLY F 159 7.93 14.86 26.88
N ARG F 160 7.94 13.68 26.26
CA ARG F 160 6.80 12.77 26.38
C ARG F 160 6.63 12.29 27.81
N PHE F 161 7.74 12.03 28.51
CA PHE F 161 7.62 11.68 29.93
C PHE F 161 7.07 12.85 30.74
N THR F 162 7.58 14.07 30.52
CA THR F 162 7.21 15.19 31.36
C THR F 162 5.82 15.73 31.06
N SER F 163 5.25 15.41 29.90
CA SER F 163 3.91 15.90 29.58
C SER F 163 2.81 15.25 30.40
N THR F 164 3.11 14.19 31.15
CA THR F 164 2.12 13.49 31.96
C THR F 164 2.25 13.78 33.44
N LEU F 165 3.02 14.80 33.82
CA LEU F 165 3.24 15.11 35.23
C LEU F 165 2.26 16.12 35.80
N ASN F 166 1.40 16.71 34.96
CA ASN F 166 0.43 17.71 35.41
C ASN F 166 1.09 18.89 36.09
N LYS F 167 2.24 19.31 35.56
CA LYS F 167 3.01 20.42 36.09
C LYS F 167 3.29 21.44 35.00
N ARG F 168 3.83 22.59 35.41
CA ARG F 168 4.34 23.58 34.48
C ARG F 168 5.84 23.40 34.37
N VAL F 169 6.32 23.08 33.17
CA VAL F 169 7.70 22.67 32.94
C VAL F 169 8.41 23.77 32.16
N LEU F 170 9.62 24.11 32.59
CA LEU F 170 10.49 25.03 31.89
C LEU F 170 11.69 24.27 31.34
N PHE F 171 11.94 24.40 30.05
CA PHE F 171 13.06 23.74 29.39
C PHE F 171 14.15 24.75 29.10
N LEU F 172 15.40 24.37 29.36
CA LEU F 172 16.54 25.25 29.18
C LEU F 172 17.61 24.57 28.35
N GLY F 173 18.21 25.32 27.44
CA GLY F 173 19.39 24.87 26.71
C GLY F 173 20.55 25.82 26.94
N SER F 174 21.63 25.30 27.51
CA SER F 174 22.74 26.14 27.95
C SER F 174 23.88 26.23 26.94
N GLY F 175 23.78 25.55 25.81
CA GLY F 175 24.86 25.58 24.84
C GLY F 175 24.98 26.92 24.13
N GLY F 176 26.18 27.18 23.63
CA GLY F 176 26.43 28.40 22.89
C GLY F 176 26.42 28.19 21.39
N LEU F 177 26.49 29.29 20.65
CA LEU F 177 26.47 29.26 19.20
C LEU F 177 27.88 29.00 18.69
N SER F 178 28.10 29.19 17.38
CA SER F 178 29.36 28.83 16.74
C SER F 178 30.55 29.54 17.40
N HIS F 179 31.55 28.74 17.78
CA HIS F 179 32.79 29.25 18.35
C HIS F 179 33.82 28.12 18.33
N GLN F 180 35.07 28.47 18.60
CA GLN F 180 36.18 27.53 18.56
C GLN F 180 37.25 27.98 19.55
N PRO F 181 37.07 27.69 20.83
CA PRO F 181 38.10 28.03 21.82
C PRO F 181 39.13 26.94 21.93
N PRO F 182 40.28 27.21 22.54
CA PRO F 182 41.30 26.17 22.72
C PRO F 182 40.83 25.10 23.69
N VAL F 183 40.75 23.87 23.20
CA VAL F 183 40.29 22.74 24.01
C VAL F 183 41.30 21.60 23.88
N PRO F 184 41.80 21.06 25.00
CA PRO F 184 42.77 19.95 24.91
C PRO F 184 42.17 18.74 24.20
N GLU F 185 43.02 18.06 23.44
CA GLU F 185 42.62 16.88 22.68
C GLU F 185 43.46 15.67 23.10
N LEU F 186 42.85 14.50 23.02
CA LEU F 186 43.53 13.27 23.44
C LEU F 186 44.64 12.89 22.46
N ALA F 187 44.43 13.12 21.16
CA ALA F 187 45.39 12.66 20.16
C ALA F 187 46.70 13.42 20.26
N LYS F 188 46.66 14.72 20.49
CA LYS F 188 47.85 15.56 20.48
C LYS F 188 48.39 15.82 21.88
N ALA F 189 47.92 15.11 22.89
CA ALA F 189 48.31 15.36 24.26
C ALA F 189 49.71 14.85 24.56
N ASP F 190 50.30 15.38 25.62
CA ASP F 190 51.54 14.85 26.17
C ASP F 190 51.19 13.94 27.35
N ALA F 191 52.20 13.49 28.10
CA ALA F 191 51.97 12.53 29.17
C ALA F 191 51.09 13.13 30.26
N HIS F 192 51.44 14.32 30.75
CA HIS F 192 50.68 14.94 31.83
C HIS F 192 49.25 15.24 31.40
N MET F 193 49.08 15.78 30.20
CA MET F 193 47.73 16.15 29.78
C MET F 193 46.90 14.93 29.39
N ARG F 194 47.54 13.86 28.91
CA ARG F 194 46.84 12.59 28.77
C ARG F 194 46.36 12.07 30.13
N ASP F 195 47.23 12.16 31.14
CA ASP F 195 46.83 11.72 32.47
C ASP F 195 45.66 12.53 33.00
N ARG F 196 45.67 13.84 32.77
CA ARG F 196 44.56 14.68 33.20
C ARG F 196 43.28 14.38 32.41
N LEU F 197 43.41 14.06 31.12
CA LEU F 197 42.23 13.79 30.32
C LEU F 197 41.59 12.46 30.68
N LEU F 198 42.39 11.42 30.89
CA LEU F 198 41.84 10.12 31.23
C LEU F 198 41.16 10.15 32.59
N GLY F 199 41.62 11.01 33.49
CA GLY F 199 41.04 11.09 34.81
C GLY F 199 41.83 12.03 35.69
N SER F 200 41.58 11.92 37.00
CA SER F 200 42.29 12.69 38.02
C SER F 200 42.07 14.19 37.86
N GLY F 201 41.21 14.58 36.92
CA GLY F 201 40.86 15.98 36.75
C GLY F 201 39.75 16.47 37.64
N LYS F 202 39.05 15.56 38.32
CA LYS F 202 38.01 15.97 39.26
C LYS F 202 38.62 16.70 40.46
N ASP F 203 39.72 16.18 40.99
CA ASP F 203 40.44 16.81 42.10
C ASP F 203 41.55 17.71 41.59
N LEU F 204 41.20 18.62 40.68
CA LEU F 204 42.20 19.49 40.06
C LEU F 204 42.63 20.58 41.04
N PRO F 205 43.93 20.76 41.25
CA PRO F 205 44.39 21.83 42.15
C PRO F 205 44.09 23.21 41.59
N ALA F 206 44.02 24.18 42.51
CA ALA F 206 43.63 25.54 42.13
C ALA F 206 44.64 26.20 41.20
N SER F 207 45.92 25.83 41.30
CA SER F 207 46.93 26.42 40.44
C SER F 207 46.69 26.06 38.97
N GLU F 208 46.37 24.79 38.71
CA GLU F 208 46.06 24.39 37.34
C GLU F 208 44.81 25.09 36.83
N ARG F 209 43.83 25.29 37.71
CA ARG F 209 42.63 26.04 37.32
C ARG F 209 42.98 27.47 36.94
N GLU F 210 43.84 28.12 37.73
CA GLU F 210 44.27 29.47 37.40
C GLU F 210 45.00 29.52 36.06
N LEU F 211 45.88 28.54 35.82
CA LEU F 211 46.59 28.51 34.54
C LEU F 211 45.63 28.31 33.38
N ARG F 212 44.64 27.43 33.55
CA ARG F 212 43.66 27.19 32.50
C ARG F 212 42.85 28.45 32.21
N GLN F 213 42.40 29.14 33.27
CA GLN F 213 41.64 30.36 33.08
C GLN F 213 42.47 31.44 32.40
N GLN F 214 43.75 31.56 32.79
CA GLN F 214 44.62 32.54 32.16
C GLN F 214 44.84 32.23 30.69
N ARG F 215 45.02 30.95 30.35
CA ARG F 215 45.17 30.58 28.94
C ARG F 215 43.91 30.89 28.15
N VAL F 216 42.73 30.62 28.74
CA VAL F 216 41.48 30.93 28.04
C VAL F 216 41.35 32.43 27.82
N ILE F 217 41.68 33.24 28.83
CA ILE F 217 41.57 34.69 28.70
C ILE F 217 42.55 35.21 27.64
N SER F 218 43.78 34.70 27.65
CA SER F 218 44.77 35.14 26.66
C SER F 218 44.34 34.75 25.25
N ALA F 219 43.81 33.54 25.09
CA ALA F 219 43.32 33.13 23.77
C ALA F 219 42.16 34.00 23.33
N ALA F 220 41.28 34.37 24.25
CA ALA F 220 40.18 35.27 23.92
C ALA F 220 40.70 36.63 23.46
N GLU F 221 41.72 37.16 24.15
CA GLU F 221 42.29 38.44 23.74
C GLU F 221 42.93 38.36 22.36
N LYS F 222 43.66 37.27 22.09
CA LYS F 222 44.23 37.09 20.76
C LYS F 222 43.14 36.97 19.70
N PHE F 223 42.02 36.30 20.03
CA PHE F 223 40.90 36.22 19.11
C PHE F 223 40.32 37.59 18.83
N VAL F 224 40.23 38.44 19.86
CA VAL F 224 39.80 39.82 19.66
C VAL F 224 40.75 40.54 18.73
N GLU F 225 42.06 40.31 18.89
CA GLU F 225 43.03 40.91 17.97
C GLU F 225 42.82 40.42 16.54
N ASP F 226 42.62 39.12 16.37
CA ASP F 226 42.38 38.54 15.05
C ASP F 226 41.63 37.24 15.22
N GLN F 227 40.64 37.02 14.34
CA GLN F 227 39.79 35.84 14.45
C GLN F 227 40.39 34.60 13.79
N ARG F 228 41.50 34.73 13.06
CA ARG F 228 42.08 33.59 12.38
C ARG F 228 42.94 32.71 13.29
N THR F 229 43.27 33.17 14.50
CA THR F 229 43.97 32.31 15.44
C THR F 229 43.13 31.10 15.81
N LEU F 230 41.82 31.24 15.81
CA LEU F 230 40.86 30.16 15.97
C LEU F 230 40.00 30.10 14.72
N HIS F 231 38.96 29.28 14.75
CA HIS F 231 38.02 29.26 13.64
C HIS F 231 37.15 30.51 13.69
N PRO F 232 37.07 31.29 12.61
CA PRO F 232 36.29 32.52 12.64
C PRO F 232 34.80 32.26 12.81
N LEU F 233 34.11 33.25 13.36
CA LEU F 233 32.67 33.13 13.59
C LEU F 233 31.92 33.06 12.26
N ASN F 234 30.76 32.40 12.30
CA ASN F 234 29.94 32.15 11.11
C ASN F 234 28.53 32.62 11.39
N PRO F 235 28.26 33.92 11.23
CA PRO F 235 26.90 34.42 11.48
C PRO F 235 25.84 33.82 10.58
N ILE F 236 26.21 33.48 9.34
CA ILE F 236 25.24 32.94 8.39
C ILE F 236 24.67 31.63 8.89
N TRP F 237 25.54 30.72 9.34
CA TRP F 237 25.07 29.43 9.81
C TRP F 237 24.28 29.57 11.11
N ASP F 238 24.69 30.50 11.98
CA ASP F 238 23.96 30.72 13.22
C ASP F 238 22.54 31.19 12.93
N ASN F 239 22.39 32.14 12.01
CA ASN F 239 21.06 32.63 11.65
C ASN F 239 20.23 31.54 10.99
N GLN F 240 20.85 30.72 10.13
CA GLN F 240 20.13 29.61 9.53
C GLN F 240 19.63 28.63 10.58
N PHE F 241 20.48 28.31 11.56
CA PHE F 241 20.10 27.37 12.61
C PHE F 241 18.95 27.91 13.44
N MET F 242 19.02 29.18 13.82
CA MET F 242 17.94 29.78 14.60
C MET F 242 16.64 29.81 13.80
N THR F 243 16.71 30.16 12.51
CA THR F 243 15.51 30.20 11.69
C THR F 243 14.91 28.81 11.53
N LEU F 244 15.76 27.79 11.36
CA LEU F 244 15.26 26.42 11.25
C LEU F 244 14.57 26.00 12.54
N LEU F 245 15.14 26.37 13.69
CA LEU F 245 14.50 26.04 14.96
C LEU F 245 13.14 26.71 15.11
N GLU F 246 13.04 27.98 14.72
CA GLU F 246 11.78 28.70 14.90
C GLU F 246 10.69 28.19 13.97
N GLN F 247 11.03 27.87 12.73
CA GLN F 247 10.04 27.44 11.75
C GLN F 247 9.55 26.03 11.96
N GLY F 248 9.97 25.36 13.03
CA GLY F 248 9.56 23.99 13.26
C GLY F 248 10.09 23.00 12.26
N ARG F 249 11.33 23.20 11.78
CA ARG F 249 11.93 22.33 10.79
C ARG F 249 13.15 21.64 11.38
N ILE F 250 13.00 21.13 12.60
CA ILE F 250 14.13 20.55 13.33
C ILE F 250 14.64 19.30 12.63
N GLN F 251 13.75 18.51 12.04
CA GLN F 251 14.16 17.27 11.39
C GLN F 251 15.11 17.50 10.22
N GLU F 252 15.06 18.69 9.61
CA GLU F 252 16.00 19.00 8.53
C GLU F 252 17.44 18.98 9.01
N LEU F 253 17.68 19.07 10.33
CA LEU F 253 19.02 19.00 10.87
C LEU F 253 19.56 17.58 10.90
N ASP F 254 18.73 16.57 10.65
CA ASP F 254 19.21 15.20 10.63
C ASP F 254 20.16 14.93 9.46
N ALA F 255 20.08 15.73 8.40
CA ALA F 255 20.96 15.55 7.25
C ALA F 255 22.37 16.05 7.52
N VAL F 256 22.52 17.03 8.42
CA VAL F 256 23.84 17.54 8.74
C VAL F 256 24.59 16.54 9.62
N SER F 257 25.85 16.29 9.27
CA SER F 257 26.70 15.36 10.01
C SER F 257 27.59 16.12 10.98
N ASN F 258 28.31 15.35 11.80
CA ASN F 258 29.17 15.96 12.81
C ASN F 258 30.39 16.60 12.19
N GLU F 259 31.05 15.91 11.26
CA GLU F 259 32.22 16.46 10.60
C GLU F 259 31.87 17.66 9.74
N GLU F 260 30.71 17.61 9.08
CA GLU F 260 30.26 18.77 8.29
C GLU F 260 30.05 19.98 9.18
N LEU F 261 29.42 19.79 10.35
CA LEU F 261 29.22 20.90 11.27
C LEU F 261 30.54 21.43 11.80
N SER F 262 31.47 20.53 12.13
CA SER F 262 32.78 20.97 12.61
C SER F 262 33.53 21.76 11.56
N ALA F 263 33.46 21.34 10.30
CA ALA F 263 34.13 22.06 9.23
C ALA F 263 33.47 23.41 8.96
N ILE F 264 32.14 23.46 8.97
CA ILE F 264 31.44 24.69 8.64
C ILE F 264 31.61 25.73 9.74
N ALA F 265 31.40 25.35 10.99
CA ALA F 265 31.30 26.32 12.08
C ALA F 265 32.37 26.20 13.15
N GLY F 266 32.94 25.00 13.38
CA GLY F 266 33.89 24.83 14.44
C GLY F 266 33.58 23.65 15.34
N LYS F 267 34.59 23.18 16.08
CA LYS F 267 34.43 21.97 16.87
C LYS F 267 33.47 22.18 18.05
N SER F 268 33.46 23.36 18.65
CA SER F 268 32.64 23.60 19.83
C SER F 268 31.19 23.89 19.49
N THR F 269 30.86 24.15 18.22
CA THR F 269 29.48 24.41 17.83
C THR F 269 28.56 23.25 18.21
N HIS F 270 29.11 22.07 18.46
CA HIS F 270 28.31 20.93 18.86
C HIS F 270 27.53 21.18 20.14
N GLU F 271 27.93 22.19 20.92
CA GLU F 271 27.14 22.55 22.10
C GLU F 271 25.68 22.84 21.74
N ILE F 272 25.43 23.34 20.53
CA ILE F 272 24.07 23.64 20.11
C ILE F 272 23.16 22.43 20.15
N LYS F 273 23.72 21.21 20.25
CA LYS F 273 22.86 20.04 20.39
C LYS F 273 21.90 20.19 21.56
N THR F 274 22.37 20.83 22.65
CA THR F 274 21.49 21.08 23.78
C THR F 274 20.22 21.81 23.34
N TRP F 275 20.40 22.88 22.57
CA TRP F 275 19.26 23.62 22.04
C TRP F 275 18.30 22.67 21.35
N VAL F 276 18.82 21.82 20.46
CA VAL F 276 17.97 20.90 19.72
C VAL F 276 17.13 20.08 20.67
N ALA F 277 17.77 19.49 21.68
CA ALA F 277 17.04 18.67 22.63
C ALA F 277 15.89 19.47 23.23
N ALA F 278 16.18 20.68 23.70
CA ALA F 278 15.15 21.50 24.33
C ALA F 278 13.96 21.65 23.41
N PHE F 279 14.22 22.01 22.14
CA PHE F 279 13.10 22.25 21.24
C PHE F 279 12.31 20.98 21.03
N ALA F 280 12.99 19.85 20.88
CA ALA F 280 12.28 18.58 20.71
C ALA F 280 11.33 18.36 21.88
N ALA F 281 11.78 18.68 23.09
CA ALA F 281 10.93 18.46 24.26
C ALA F 281 9.63 19.24 24.13
N ILE F 282 9.69 20.49 23.72
CA ILE F 282 8.47 21.29 23.69
C ILE F 282 7.52 20.76 22.64
N SER F 283 8.06 20.09 21.60
CA SER F 283 7.20 19.53 20.57
C SER F 283 6.29 18.44 21.12
N ALA F 284 6.59 17.91 22.30
CA ALA F 284 5.72 16.90 22.89
C ALA F 284 4.51 17.52 23.58
N PHE F 285 4.51 18.83 23.84
CA PHE F 285 3.41 19.42 24.59
C PHE F 285 2.30 19.94 23.70
N GLY F 286 2.49 19.93 22.38
CA GLY F 286 1.47 20.40 21.47
C GLY F 286 1.92 21.57 20.63
N ASN F 287 0.99 22.48 20.33
CA ASN F 287 1.33 23.65 19.53
C ASN F 287 2.07 24.68 20.39
N TRP F 288 3.08 25.31 19.78
CA TRP F 288 3.90 26.30 20.47
C TRP F 288 4.29 27.39 19.48
N ARG F 289 4.69 28.53 20.03
CA ARG F 289 5.18 29.64 19.21
C ARG F 289 6.36 30.29 19.90
N SER F 290 7.26 30.84 19.08
CA SER F 290 8.54 31.36 19.55
C SER F 290 8.49 32.88 19.71
N GLU F 291 9.53 33.41 20.35
CA GLU F 291 9.60 34.83 20.68
C GLU F 291 11.01 35.15 21.17
N GLY F 292 11.26 36.44 21.35
CA GLY F 292 12.48 36.92 21.97
C GLY F 292 13.75 36.52 21.25
N ARG F 293 13.73 36.50 19.91
CA ARG F 293 14.92 36.16 19.17
C ARG F 293 15.96 37.27 19.29
N TYR F 294 17.19 36.89 19.61
CA TYR F 294 18.29 37.85 19.69
C TYR F 294 19.57 37.15 19.29
N TYR F 295 20.36 37.80 18.45
CA TYR F 295 21.67 37.28 18.07
C TYR F 295 22.63 38.44 17.88
N ARG F 296 23.89 38.22 18.25
CA ARG F 296 24.92 39.23 18.07
C ARG F 296 26.30 38.60 18.10
N PRO F 297 27.12 38.79 17.08
CA PRO F 297 28.50 38.30 17.12
C PRO F 297 29.36 39.20 17.99
N ILE F 298 29.71 38.70 19.18
CA ILE F 298 30.53 39.44 20.13
C ILE F 298 31.95 38.90 20.03
N PRO F 299 32.90 39.65 19.46
CA PRO F 299 34.26 39.12 19.33
C PRO F 299 35.03 39.16 20.63
N GLU F 300 34.63 40.05 21.55
CA GLU F 300 35.33 40.16 22.83
C GLU F 300 35.26 38.86 23.61
N TRP F 301 34.08 38.25 23.65
CA TRP F 301 33.97 36.86 24.05
C TRP F 301 34.20 35.97 22.84
N ILE F 302 34.55 34.71 23.09
CA ILE F 302 34.87 33.82 21.97
C ILE F 302 33.63 33.49 21.15
N ALA F 303 32.49 33.29 21.83
CA ALA F 303 31.29 32.81 21.15
C ALA F 303 30.49 33.97 20.56
N GLY F 304 29.48 33.60 19.78
CA GLY F 304 28.50 34.55 19.27
C GLY F 304 27.19 34.44 20.04
N PHE F 305 26.81 35.52 20.72
CA PHE F 305 25.72 35.44 21.68
C PHE F 305 24.38 35.26 20.98
N GLY F 306 23.54 34.39 21.56
CA GLY F 306 22.21 34.16 21.04
C GLY F 306 21.24 33.86 22.16
N SER F 307 19.96 34.08 21.87
CA SER F 307 18.91 33.86 22.85
C SER F 307 17.58 33.69 22.12
N LEU F 308 16.78 32.75 22.59
CA LEU F 308 15.49 32.46 21.97
C LEU F 308 14.55 31.91 23.03
N SER F 309 13.24 32.11 22.83
CA SER F 309 12.26 31.60 23.78
C SER F 309 11.07 31.04 23.01
N ALA F 310 10.29 30.22 23.69
CA ALA F 310 9.07 29.66 23.10
C ALA F 310 8.09 29.32 24.20
N ARG F 311 6.80 29.31 23.85
CA ARG F 311 5.75 29.00 24.81
C ARG F 311 4.68 28.16 24.13
N THR F 312 4.05 27.29 24.90
CA THR F 312 2.97 26.48 24.36
C THR F 312 1.70 27.32 24.22
N GLU F 313 0.89 26.99 23.21
CA GLU F 313 -0.38 27.66 22.96
C GLU F 313 -1.49 26.81 23.57
N ASN F 314 -1.84 27.11 24.81
CA ASN F 314 -2.86 26.37 25.54
C ASN F 314 -4.24 26.56 24.92
N MET G 1 9.15 35.45 6.29
CA MET G 1 9.32 34.78 5.01
C MET G 1 8.56 35.53 3.91
N HIS G 2 9.29 36.40 3.21
CA HIS G 2 8.72 37.31 2.22
C HIS G 2 9.50 37.17 0.93
N ALA G 3 8.79 37.15 -0.20
CA ALA G 3 9.44 36.96 -1.49
C ALA G 3 8.69 37.69 -2.60
N TYR G 4 9.46 38.20 -3.55
CA TYR G 4 8.96 38.83 -4.76
C TYR G 4 9.64 38.21 -5.97
N LEU G 5 8.94 38.24 -7.11
CA LEU G 5 9.44 37.66 -8.34
C LEU G 5 9.05 38.55 -9.50
N HIS G 6 9.96 38.72 -10.46
CA HIS G 6 9.63 39.45 -11.69
C HIS G 6 10.44 38.86 -12.84
N CYS G 7 9.73 38.42 -13.88
CA CYS G 7 10.35 37.90 -15.09
C CYS G 7 10.08 38.86 -16.24
N LEU G 8 11.13 39.19 -17.00
CA LEU G 8 11.05 40.21 -18.03
C LEU G 8 11.95 39.83 -19.19
N SER G 9 11.46 40.08 -20.41
CA SER G 9 12.27 39.83 -21.60
C SER G 9 13.33 40.90 -21.77
N HIS G 10 14.50 40.51 -22.25
CA HIS G 10 15.59 41.43 -22.51
C HIS G 10 15.86 41.47 -24.02
N SER G 11 16.22 42.64 -24.51
CA SER G 11 16.46 42.81 -25.93
C SER G 11 17.66 43.72 -26.16
N PRO G 12 18.73 43.23 -26.79
CA PRO G 12 19.89 44.09 -27.05
C PRO G 12 19.59 45.23 -28.01
N LEU G 13 18.52 45.14 -28.79
CA LEU G 13 18.22 46.14 -29.82
C LEU G 13 17.23 47.17 -29.27
N VAL G 14 17.70 47.91 -28.27
CA VAL G 14 16.95 49.03 -27.72
C VAL G 14 17.64 50.30 -28.19
N GLY G 15 16.95 51.07 -29.02
CA GLY G 15 17.50 52.27 -29.64
C GLY G 15 18.09 52.03 -31.01
N TYR G 16 18.78 50.90 -31.19
CA TYR G 16 19.32 50.57 -32.50
C TYR G 16 18.21 50.34 -33.52
N VAL G 17 17.17 49.60 -33.13
CA VAL G 17 15.98 49.40 -33.94
C VAL G 17 14.77 49.65 -33.05
N ASP G 18 13.81 50.44 -33.55
CA ASP G 18 12.72 50.87 -32.69
C ASP G 18 11.37 50.60 -33.36
N PRO G 19 10.36 50.24 -32.56
CA PRO G 19 8.99 50.17 -33.09
C PRO G 19 8.31 51.54 -33.07
N ALA G 20 7.01 51.58 -33.31
CA ALA G 20 6.27 52.83 -33.23
C ALA G 20 6.38 53.42 -31.82
N GLN G 21 6.26 54.74 -31.75
CA GLN G 21 6.48 55.43 -30.48
C GLN G 21 5.46 55.02 -29.42
N GLU G 22 4.23 54.70 -29.84
CA GLU G 22 3.22 54.27 -28.88
C GLU G 22 3.62 52.95 -28.22
N VAL G 23 4.14 52.00 -29.00
CA VAL G 23 4.58 50.72 -28.44
C VAL G 23 5.72 50.94 -27.47
N LEU G 24 6.67 51.80 -27.82
CA LEU G 24 7.79 52.10 -26.93
C LEU G 24 7.31 52.73 -25.65
N ASP G 25 6.34 53.65 -25.73
CA ASP G 25 5.80 54.26 -24.53
C ASP G 25 5.09 53.23 -23.65
N GLU G 26 4.35 52.31 -24.26
CA GLU G 26 3.65 51.28 -23.48
C GLU G 26 4.66 50.36 -22.78
N VAL G 27 5.72 49.96 -23.50
CA VAL G 27 6.73 49.09 -22.90
C VAL G 27 7.43 49.81 -21.74
N ASN G 28 7.78 51.08 -21.96
CA ASN G 28 8.44 51.84 -20.90
C ASN G 28 7.52 52.01 -19.69
N GLY G 29 6.23 52.21 -19.92
CA GLY G 29 5.30 52.31 -18.81
C GLY G 29 5.18 51.02 -18.02
N VAL G 30 5.14 49.89 -18.72
CA VAL G 30 5.10 48.59 -18.03
C VAL G 30 6.36 48.40 -17.19
N ILE G 31 7.51 48.70 -17.78
CA ILE G 31 8.79 48.54 -17.07
C ILE G 31 8.84 49.46 -15.86
N ALA G 32 8.37 50.70 -16.01
CA ALA G 32 8.36 51.63 -14.89
C ALA G 32 7.43 51.17 -13.77
N SER G 33 6.26 50.63 -14.12
CA SER G 33 5.36 50.12 -13.10
C SER G 33 5.98 48.95 -12.35
N ALA G 34 6.65 48.05 -13.07
CA ALA G 34 7.32 46.94 -12.41
C ALA G 34 8.44 47.44 -11.49
N ARG G 35 9.19 48.45 -11.95
CA ARG G 35 10.24 49.02 -11.12
C ARG G 35 9.66 49.65 -9.86
N GLU G 36 8.52 50.33 -9.98
CA GLU G 36 7.88 50.92 -8.82
C GLU G 36 7.43 49.86 -7.82
N ARG G 37 6.84 48.77 -8.31
CA ARG G 37 6.45 47.68 -7.41
C ARG G 37 7.66 47.10 -6.71
N ILE G 38 8.76 46.89 -7.43
CA ILE G 38 9.98 46.34 -6.82
C ILE G 38 10.51 47.29 -5.76
N ALA G 39 10.54 48.59 -6.06
CA ALA G 39 11.02 49.56 -5.09
C ALA G 39 10.13 49.60 -3.86
N ALA G 40 8.82 49.44 -4.04
CA ALA G 40 7.93 49.36 -2.88
C ALA G 40 8.22 48.12 -2.05
N PHE G 41 8.55 47.01 -2.71
CA PHE G 41 8.86 45.78 -1.97
C PHE G 41 10.11 45.94 -1.10
N SER G 42 11.10 46.68 -1.59
CA SER G 42 12.36 46.95 -0.88
C SER G 42 13.11 45.66 -0.56
N PRO G 43 13.65 44.98 -1.55
CA PRO G 43 14.34 43.70 -1.30
C PRO G 43 15.71 43.89 -0.65
N GLU G 44 16.16 42.81 -0.01
CA GLU G 44 17.49 42.76 0.60
C GLU G 44 18.47 41.91 -0.18
N LEU G 45 17.99 40.92 -0.93
CA LEU G 45 18.83 40.05 -1.73
C LEU G 45 18.19 39.84 -3.09
N VAL G 46 19.03 39.67 -4.12
CA VAL G 46 18.58 39.44 -5.48
C VAL G 46 19.22 38.15 -5.99
N VAL G 47 18.39 37.24 -6.49
CA VAL G 47 18.85 36.05 -7.19
C VAL G 47 18.46 36.19 -8.65
N LEU G 48 19.44 36.27 -9.53
CA LEU G 48 19.21 36.59 -10.93
C LEU G 48 19.59 35.39 -11.80
N PHE G 49 18.61 34.86 -12.52
CA PHE G 49 18.83 33.82 -13.52
C PHE G 49 18.88 34.48 -14.90
N ALA G 50 19.98 34.28 -15.62
CA ALA G 50 20.12 34.91 -16.93
C ALA G 50 20.90 33.99 -17.84
N PRO G 51 20.68 34.08 -19.16
CA PRO G 51 21.47 33.28 -20.11
C PRO G 51 22.72 33.99 -20.60
N ASP G 52 23.49 33.34 -21.45
CA ASP G 52 24.66 33.91 -22.08
C ASP G 52 24.53 33.78 -23.59
N HIS G 53 25.24 34.65 -24.30
CA HIS G 53 25.16 34.75 -25.76
C HIS G 53 26.55 34.60 -26.38
N TYR G 54 27.27 33.56 -25.94
CA TYR G 54 28.64 33.29 -26.39
C TYR G 54 29.56 34.46 -26.09
N ASN G 55 29.45 34.99 -24.88
CA ASN G 55 30.29 36.09 -24.42
C ASN G 55 31.12 35.76 -23.19
N GLY G 56 30.63 34.87 -22.31
CA GLY G 56 31.38 34.50 -21.13
C GLY G 56 31.69 33.03 -21.03
N PHE G 57 30.85 32.19 -21.65
CA PHE G 57 31.02 30.74 -21.63
C PHE G 57 31.17 30.23 -23.05
N PHE G 58 32.12 29.34 -23.26
CA PHE G 58 32.42 28.78 -24.58
C PHE G 58 32.54 27.27 -24.47
N TYR G 59 32.98 26.65 -25.56
CA TYR G 59 33.04 25.20 -25.64
C TYR G 59 34.29 24.60 -25.01
N ASP G 60 35.19 25.43 -24.47
CA ASP G 60 36.31 24.87 -23.70
C ASP G 60 35.79 24.13 -22.48
N VAL G 61 34.86 24.74 -21.73
CA VAL G 61 34.06 24.06 -20.71
C VAL G 61 32.67 24.67 -20.76
N MET G 62 31.67 23.86 -21.11
CA MET G 62 30.29 24.35 -21.16
C MET G 62 29.44 23.64 -20.13
N PRO G 63 29.12 24.27 -19.00
CA PRO G 63 28.28 23.63 -17.99
C PRO G 63 26.81 23.92 -18.25
N PRO G 64 25.91 23.06 -17.76
CA PRO G 64 24.48 23.40 -17.84
C PRO G 64 24.08 24.50 -16.89
N PHE G 65 24.57 24.47 -15.65
CA PHE G 65 24.31 25.50 -14.66
C PHE G 65 25.63 26.00 -14.09
N CYS G 66 25.68 27.28 -13.76
CA CYS G 66 26.86 27.85 -13.14
C CYS G 66 26.45 28.92 -12.13
N LEU G 67 27.24 29.06 -11.07
CA LEU G 67 27.03 30.07 -10.05
C LEU G 67 28.24 31.00 -10.03
N GLY G 68 28.00 32.30 -10.07
CA GLY G 68 29.09 33.25 -10.11
C GLY G 68 29.45 33.84 -8.76
N VAL G 69 30.51 33.33 -8.13
CA VAL G 69 31.01 33.92 -6.90
C VAL G 69 31.58 35.31 -7.16
N GLY G 70 32.22 35.49 -8.31
CA GLY G 70 32.64 36.81 -8.75
C GLY G 70 32.25 37.05 -10.19
N ALA G 71 31.59 38.17 -10.48
CA ALA G 71 31.10 38.45 -11.81
C ALA G 71 31.45 39.88 -12.21
N THR G 72 31.71 40.07 -13.50
CA THR G 72 32.04 41.36 -14.07
C THR G 72 31.32 41.52 -15.40
N ALA G 73 30.72 42.69 -15.61
CA ALA G 73 29.96 42.95 -16.82
C ALA G 73 30.87 43.56 -17.90
N ILE G 74 30.86 42.95 -19.08
CA ILE G 74 31.74 43.43 -20.15
C ILE G 74 31.26 44.77 -20.69
N GLY G 75 29.95 44.95 -20.84
CA GLY G 75 29.41 46.20 -21.34
C GLY G 75 29.14 46.20 -22.83
N ASP G 76 28.48 45.16 -23.32
CA ASP G 76 28.20 45.04 -24.74
C ASP G 76 26.82 45.61 -25.08
N PHE G 77 26.66 46.03 -26.33
CA PHE G 77 25.40 46.53 -26.85
C PHE G 77 24.89 47.75 -26.07
N GLY G 78 25.81 48.55 -25.56
CA GLY G 78 25.45 49.75 -24.82
C GLY G 78 25.07 49.52 -23.37
N SER G 79 25.10 48.28 -22.89
CA SER G 79 24.78 48.01 -21.50
C SER G 79 25.94 48.47 -20.60
N ALA G 80 25.65 48.55 -19.31
CA ALA G 80 26.65 49.03 -18.36
C ALA G 80 27.77 48.01 -18.17
N ALA G 81 28.97 48.53 -17.94
CA ALA G 81 30.15 47.72 -17.70
C ALA G 81 30.66 47.99 -16.29
N GLY G 82 30.95 46.93 -15.56
CA GLY G 82 31.43 47.08 -14.20
C GLY G 82 31.38 45.76 -13.46
N GLU G 83 31.83 45.80 -12.22
CA GLU G 83 31.90 44.62 -11.37
C GLU G 83 30.65 44.53 -10.49
N LEU G 84 30.04 43.35 -10.47
CA LEU G 84 28.83 43.14 -9.69
C LEU G 84 29.16 42.89 -8.22
N PRO G 85 28.35 43.42 -7.30
CA PRO G 85 28.54 43.15 -5.87
C PRO G 85 27.94 41.81 -5.47
N VAL G 86 28.79 40.84 -5.19
CA VAL G 86 28.39 39.49 -4.84
C VAL G 86 28.90 39.19 -3.44
N PRO G 87 28.04 38.78 -2.49
CA PRO G 87 28.54 38.32 -1.19
C PRO G 87 29.22 36.97 -1.29
N VAL G 88 30.53 36.94 -1.03
CA VAL G 88 31.32 35.73 -1.28
C VAL G 88 30.90 34.60 -0.35
N GLU G 89 30.76 34.91 0.96
CA GLU G 89 30.44 33.86 1.92
C GLU G 89 29.04 33.28 1.67
N LEU G 90 28.07 34.15 1.40
CA LEU G 90 26.72 33.67 1.09
C LEU G 90 26.70 32.86 -0.19
N ALA G 91 27.47 33.27 -1.19
CA ALA G 91 27.54 32.51 -2.44
C ALA G 91 28.14 31.13 -2.24
N GLU G 92 29.20 31.04 -1.43
CA GLU G 92 29.82 29.74 -1.16
C GLU G 92 28.88 28.84 -0.36
N ALA G 93 28.16 29.41 0.62
CA ALA G 93 27.18 28.62 1.34
C ALA G 93 26.06 28.12 0.43
N CYS G 94 25.60 28.97 -0.49
CA CYS G 94 24.58 28.56 -1.44
C CYS G 94 25.09 27.44 -2.34
N ALA G 95 26.32 27.55 -2.81
CA ALA G 95 26.90 26.50 -3.65
C ALA G 95 26.96 25.18 -2.90
N HIS G 96 27.41 25.22 -1.64
CA HIS G 96 27.49 24.00 -0.84
C HIS G 96 26.11 23.38 -0.65
N ALA G 97 25.11 24.22 -0.32
CA ALA G 97 23.77 23.70 -0.08
C ALA G 97 23.16 23.10 -1.34
N VAL G 98 23.32 23.77 -2.49
CA VAL G 98 22.75 23.27 -3.73
C VAL G 98 23.45 21.99 -4.17
N MET G 99 24.78 21.94 -4.00
CA MET G 99 25.51 20.71 -4.31
C MET G 99 25.02 19.56 -3.44
N LYS G 100 24.78 19.82 -2.15
CA LYS G 100 24.30 18.78 -1.26
C LYS G 100 22.87 18.35 -1.59
N SER G 101 22.06 19.26 -2.12
CA SER G 101 20.68 18.94 -2.44
C SER G 101 20.55 17.96 -3.60
N GLY G 102 21.61 17.71 -4.35
CA GLY G 102 21.57 16.80 -5.47
C GLY G 102 21.63 17.44 -6.85
N ILE G 103 22.14 18.66 -6.96
CA ILE G 103 22.28 19.36 -8.23
C ILE G 103 23.76 19.48 -8.55
N ASP G 104 24.14 19.08 -9.76
CA ASP G 104 25.54 19.15 -10.20
C ASP G 104 25.79 20.56 -10.72
N LEU G 105 26.29 21.43 -9.84
CA LEU G 105 26.42 22.86 -10.11
C LEU G 105 27.88 23.23 -10.26
N ALA G 106 28.20 23.97 -11.31
CA ALA G 106 29.54 24.50 -11.49
C ALA G 106 29.66 25.86 -10.80
N VAL G 107 30.89 26.20 -10.43
CA VAL G 107 31.17 27.46 -9.75
C VAL G 107 32.26 28.20 -10.52
N SER G 108 32.20 29.53 -10.47
CA SER G 108 33.18 30.37 -11.14
C SER G 108 33.51 31.55 -10.25
N TYR G 109 34.80 31.87 -10.15
CA TYR G 109 35.23 33.03 -9.38
C TYR G 109 35.55 34.23 -10.25
N CYS G 110 35.52 34.08 -11.57
CA CYS G 110 35.67 35.19 -12.52
C CYS G 110 34.74 34.91 -13.70
N MET G 111 33.53 35.45 -13.62
CA MET G 111 32.48 35.21 -14.61
C MET G 111 32.23 36.48 -15.39
N GLN G 112 32.34 36.40 -16.71
CA GLN G 112 32.09 37.54 -17.59
C GLN G 112 30.66 37.45 -18.10
N VAL G 113 29.88 38.49 -17.83
CA VAL G 113 28.45 38.49 -18.12
C VAL G 113 28.14 39.58 -19.16
N ASP G 114 27.26 39.25 -20.10
CA ASP G 114 26.85 40.12 -21.18
C ASP G 114 25.61 40.92 -20.79
N HIS G 115 24.96 41.54 -21.77
CA HIS G 115 23.79 42.38 -21.53
C HIS G 115 22.65 41.61 -20.87
N GLY G 116 22.62 40.28 -21.01
CA GLY G 116 21.56 39.50 -20.39
C GLY G 116 21.50 39.65 -18.89
N PHE G 117 22.65 39.79 -18.24
CA PHE G 117 22.70 40.04 -16.81
C PHE G 117 22.57 41.51 -16.46
N ALA G 118 23.19 42.38 -17.26
CA ALA G 118 23.28 43.80 -16.90
C ALA G 118 21.97 44.55 -17.11
N GLN G 119 21.25 44.25 -18.21
CA GLN G 119 20.09 45.07 -18.56
C GLN G 119 18.98 45.00 -17.52
N PRO G 120 18.56 43.83 -17.03
CA PRO G 120 17.53 43.84 -15.97
C PRO G 120 17.94 44.59 -14.72
N LEU G 121 19.22 44.54 -14.35
CA LEU G 121 19.67 45.28 -13.17
C LEU G 121 19.53 46.78 -13.37
N GLU G 122 19.88 47.28 -14.56
CA GLU G 122 19.71 48.71 -14.85
C GLU G 122 18.23 49.08 -14.87
N PHE G 123 17.40 48.25 -15.50
CA PHE G 123 16.01 48.65 -15.74
C PHE G 123 15.18 48.56 -14.47
N LEU G 124 15.37 47.52 -13.66
CA LEU G 124 14.49 47.25 -12.53
C LEU G 124 15.04 47.73 -11.20
N LEU G 125 16.36 47.70 -11.01
CA LEU G 125 16.94 48.13 -9.73
C LEU G 125 17.52 49.53 -9.78
N GLY G 126 17.85 50.03 -10.96
CA GLY G 126 18.43 51.35 -11.12
C GLY G 126 19.93 51.35 -11.34
N GLY G 127 20.61 50.25 -11.07
CA GLY G 127 22.04 50.18 -11.28
C GLY G 127 22.56 48.79 -10.97
N LEU G 128 23.84 48.60 -11.26
CA LEU G 128 24.48 47.31 -11.04
C LEU G 128 24.81 47.08 -9.57
N ASP G 129 25.14 48.15 -8.83
CA ASP G 129 25.67 48.04 -7.48
C ASP G 129 24.71 48.58 -6.42
N LYS G 130 23.42 48.28 -6.56
CA LYS G 130 22.45 48.72 -5.55
C LYS G 130 22.24 47.67 -4.48
N VAL G 131 21.90 46.44 -4.88
CA VAL G 131 21.57 45.38 -3.94
C VAL G 131 22.50 44.20 -4.20
N PRO G 132 22.94 43.47 -3.18
CA PRO G 132 23.74 42.27 -3.42
C PRO G 132 22.98 41.26 -4.27
N VAL G 133 23.70 40.61 -5.18
CA VAL G 133 23.11 39.76 -6.19
C VAL G 133 23.85 38.44 -6.26
N LEU G 134 23.12 37.34 -6.43
CA LEU G 134 23.69 36.04 -6.72
C LEU G 134 23.45 35.69 -8.18
N PRO G 135 24.48 35.74 -9.04
CA PRO G 135 24.25 35.45 -10.46
C PRO G 135 24.30 33.96 -10.78
N VAL G 136 23.27 33.47 -11.46
CA VAL G 136 23.16 32.07 -11.86
C VAL G 136 23.01 32.02 -13.37
N PHE G 137 23.93 31.31 -14.03
CA PHE G 137 23.93 31.16 -15.47
C PHE G 137 23.31 29.82 -15.84
N ILE G 138 22.39 29.83 -16.81
CA ILE G 138 21.77 28.63 -17.35
C ILE G 138 22.07 28.58 -18.84
N ASN G 139 22.55 27.43 -19.31
CA ASN G 139 22.90 27.27 -20.71
C ASN G 139 21.65 27.17 -21.57
N GLY G 140 21.65 27.88 -22.69
CA GLY G 140 20.50 27.88 -23.57
C GLY G 140 20.82 27.92 -25.06
N VAL G 141 22.10 27.85 -25.42
CA VAL G 141 22.49 28.00 -26.82
C VAL G 141 23.31 26.81 -27.31
N ALA G 142 23.98 26.11 -26.40
CA ALA G 142 24.89 25.03 -26.77
C ALA G 142 24.28 23.69 -26.36
N THR G 143 24.07 22.82 -27.35
CA THR G 143 23.53 21.49 -27.08
C THR G 143 24.63 20.53 -26.64
N PRO G 144 24.31 19.56 -25.76
CA PRO G 144 22.99 19.29 -25.17
C PRO G 144 22.60 20.30 -24.09
N LEU G 145 21.30 20.48 -23.91
CA LEU G 145 20.75 21.48 -23.00
C LEU G 145 20.04 20.82 -21.83
N PRO G 146 19.99 21.49 -20.68
CA PRO G 146 19.22 20.95 -19.55
C PRO G 146 17.73 20.98 -19.83
N GLY G 147 17.01 20.05 -19.20
CA GLY G 147 15.57 19.95 -19.38
C GLY G 147 14.80 20.83 -18.41
N PHE G 148 13.47 20.78 -18.56
CA PHE G 148 12.60 21.56 -17.68
C PHE G 148 12.62 21.02 -16.26
N GLN G 149 12.70 19.70 -16.09
CA GLN G 149 12.64 19.10 -14.77
C GLN G 149 13.89 19.44 -13.94
N ARG G 150 15.06 19.36 -14.55
CA ARG G 150 16.29 19.70 -13.83
C ARG G 150 16.33 21.19 -13.47
N THR G 151 15.84 22.05 -14.39
CA THR G 151 15.78 23.47 -14.09
C THR G 151 14.81 23.75 -12.94
N ARG G 152 13.68 23.05 -12.91
CA ARG G 152 12.74 23.20 -11.80
C ARG G 152 13.37 22.75 -10.49
N MET G 153 14.11 21.65 -10.51
CA MET G 153 14.77 21.19 -9.29
C MET G 153 15.84 22.17 -8.83
N LEU G 154 16.59 22.76 -9.76
CA LEU G 154 17.57 23.78 -9.39
C LEU G 154 16.91 24.97 -8.72
N GLY G 155 15.81 25.45 -9.32
CA GLY G 155 15.09 26.56 -8.72
C GLY G 155 14.55 26.22 -7.34
N GLU G 156 14.02 25.01 -7.18
CA GLU G 156 13.50 24.59 -5.88
C GLU G 156 14.60 24.53 -4.83
N ALA G 157 15.78 23.99 -5.20
CA ALA G 157 16.88 23.94 -4.25
C ALA G 157 17.35 25.32 -3.85
N ILE G 158 17.46 26.23 -4.82
CA ILE G 158 17.90 27.60 -4.49
C ILE G 158 16.88 28.29 -3.60
N GLY G 159 15.58 28.13 -3.90
CA GLY G 159 14.56 28.72 -3.06
C GLY G 159 14.54 28.15 -1.66
N ARG G 160 14.75 26.84 -1.54
CA ARG G 160 14.79 26.20 -0.22
C ARG G 160 15.98 26.70 0.59
N PHE G 161 17.13 26.92 -0.06
CA PHE G 161 18.25 27.53 0.65
C PHE G 161 17.94 28.94 1.09
N THR G 162 17.36 29.76 0.20
CA THR G 162 17.17 31.17 0.50
C THR G 162 16.02 31.42 1.47
N SER G 163 15.11 30.46 1.65
CA SER G 163 14.00 30.66 2.57
C SER G 163 14.42 30.66 4.03
N THR G 164 15.66 30.29 4.35
CA THR G 164 16.14 30.24 5.72
C THR G 164 17.08 31.39 6.07
N LEU G 165 17.15 32.42 5.23
CA LEU G 165 18.09 33.52 5.45
C LEU G 165 17.48 34.67 6.24
N ASN G 166 16.18 34.63 6.51
CA ASN G 166 15.48 35.71 7.24
C ASN G 166 15.64 37.05 6.54
N LYS G 167 15.56 37.04 5.22
CA LYS G 167 15.69 38.23 4.40
C LYS G 167 14.53 38.33 3.42
N ARG G 168 14.42 39.51 2.80
CA ARG G 168 13.48 39.73 1.71
C ARG G 168 14.21 39.50 0.40
N VAL G 169 13.75 38.51 -0.37
CA VAL G 169 14.47 38.04 -1.56
C VAL G 169 13.66 38.39 -2.79
N LEU G 170 14.34 38.92 -3.80
CA LEU G 170 13.76 39.20 -5.11
C LEU G 170 14.36 38.24 -6.13
N PHE G 171 13.50 37.57 -6.89
CA PHE G 171 13.91 36.62 -7.92
C PHE G 171 13.66 37.23 -9.29
N LEU G 172 14.63 37.06 -10.18
CA LEU G 172 14.55 37.63 -11.52
C LEU G 172 14.83 36.57 -12.58
N GLY G 173 14.06 36.62 -13.66
CA GLY G 173 14.34 35.83 -14.85
C GLY G 173 14.53 36.74 -16.04
N SER G 174 15.62 36.56 -16.79
CA SER G 174 16.03 37.51 -17.82
C SER G 174 15.86 36.99 -19.23
N GLY G 175 15.35 35.78 -19.42
CA GLY G 175 15.24 35.21 -20.74
C GLY G 175 14.14 35.81 -21.58
N GLY G 176 14.26 35.62 -22.90
CA GLY G 176 13.24 36.03 -23.84
C GLY G 176 12.16 34.98 -23.97
N LEU G 177 11.10 35.32 -24.73
CA LEU G 177 9.96 34.41 -24.82
C LEU G 177 10.06 33.50 -26.03
N SER G 178 10.06 34.05 -27.24
CA SER G 178 10.14 33.24 -28.44
C SER G 178 10.76 34.04 -29.56
N HIS G 179 11.85 33.53 -30.11
CA HIS G 179 12.63 34.21 -31.14
C HIS G 179 13.72 33.28 -31.64
N GLN G 180 14.20 33.55 -32.85
CA GLN G 180 15.18 32.69 -33.53
C GLN G 180 16.22 33.58 -34.22
N PRO G 181 17.12 34.20 -33.46
CA PRO G 181 18.12 35.07 -34.06
C PRO G 181 19.24 34.26 -34.70
N PRO G 182 20.03 34.87 -35.58
CA PRO G 182 21.19 34.16 -36.15
C PRO G 182 22.24 33.91 -35.07
N VAL G 183 22.44 32.64 -34.75
CA VAL G 183 23.38 32.25 -33.69
C VAL G 183 24.39 31.27 -34.27
N PRO G 184 25.69 31.50 -34.10
CA PRO G 184 26.69 30.57 -34.64
C PRO G 184 26.56 29.19 -34.04
N GLU G 185 26.79 28.17 -34.86
CA GLU G 185 26.71 26.78 -34.45
C GLU G 185 28.03 26.08 -34.68
N LEU G 186 28.31 25.08 -33.84
CA LEU G 186 29.58 24.36 -33.94
C LEU G 186 29.61 23.45 -35.17
N ALA G 187 28.48 22.82 -35.49
CA ALA G 187 28.47 21.84 -36.58
C ALA G 187 28.73 22.49 -37.94
N LYS G 188 28.12 23.65 -38.19
CA LYS G 188 28.21 24.31 -39.49
C LYS G 188 29.31 25.36 -39.54
N ALA G 189 30.21 25.37 -38.57
CA ALA G 189 31.22 26.40 -38.48
C ALA G 189 32.36 26.17 -39.47
N ASP G 190 33.14 27.23 -39.71
CA ASP G 190 34.38 27.14 -40.45
C ASP G 190 35.54 27.15 -39.46
N ALA G 191 36.77 27.22 -39.97
CA ALA G 191 37.95 27.13 -39.09
C ALA G 191 37.99 28.30 -38.11
N HIS G 192 37.84 29.52 -38.60
CA HIS G 192 37.92 30.69 -37.72
C HIS G 192 36.79 30.70 -36.71
N MET G 193 35.56 30.37 -37.14
CA MET G 193 34.44 30.41 -36.23
C MET G 193 34.48 29.24 -35.25
N ARG G 194 35.01 28.09 -35.67
CA ARG G 194 35.26 27.01 -34.71
C ARG G 194 36.28 27.44 -33.66
N ASP G 195 37.34 28.13 -34.09
CA ASP G 195 38.34 28.60 -33.14
C ASP G 195 37.73 29.60 -32.15
N ARG G 196 36.86 30.49 -32.64
CA ARG G 196 36.22 31.44 -31.75
C ARG G 196 35.23 30.75 -30.81
N LEU G 197 34.55 29.70 -31.28
CA LEU G 197 33.56 29.03 -30.45
C LEU G 197 34.23 28.19 -29.35
N LEU G 198 35.32 27.50 -29.68
CA LEU G 198 36.01 26.70 -28.68
C LEU G 198 36.63 27.57 -27.59
N GLY G 199 36.99 28.79 -27.93
CA GLY G 199 37.59 29.68 -26.95
C GLY G 199 38.10 30.94 -27.62
N SER G 200 38.89 31.70 -26.86
CA SER G 200 39.53 32.91 -27.34
C SER G 200 38.52 33.98 -27.76
N GLY G 201 37.23 33.70 -27.56
CA GLY G 201 36.20 34.68 -27.85
C GLY G 201 35.89 35.62 -26.71
N LYS G 202 36.43 35.36 -25.52
CA LYS G 202 36.21 36.27 -24.40
C LYS G 202 37.05 37.53 -24.53
N ASP G 203 38.24 37.41 -25.10
CA ASP G 203 39.08 38.57 -25.43
C ASP G 203 38.83 39.02 -26.86
N LEU G 204 37.56 39.24 -27.18
CA LEU G 204 37.18 39.56 -28.55
C LEU G 204 37.55 41.01 -28.87
N PRO G 205 38.22 41.26 -30.00
CA PRO G 205 38.52 42.64 -30.38
C PRO G 205 37.25 43.40 -30.74
N ALA G 206 37.35 44.73 -30.64
CA ALA G 206 36.17 45.59 -30.83
C ALA G 206 35.64 45.51 -32.26
N SER G 207 36.50 45.26 -33.25
CA SER G 207 36.03 45.19 -34.63
C SER G 207 35.10 44.00 -34.83
N GLU G 208 35.43 42.85 -34.26
CA GLU G 208 34.56 41.68 -34.35
C GLU G 208 33.23 41.93 -33.64
N ARG G 209 33.28 42.65 -32.50
CA ARG G 209 32.05 43.01 -31.81
C ARG G 209 31.17 43.92 -32.67
N GLU G 210 31.80 44.89 -33.36
CA GLU G 210 31.04 45.76 -34.25
C GLU G 210 30.41 44.96 -35.38
N LEU G 211 31.16 44.02 -35.96
CA LEU G 211 30.61 43.20 -37.03
C LEU G 211 29.45 42.34 -36.54
N ARG G 212 29.58 41.78 -35.33
CA ARG G 212 28.51 40.99 -34.76
C ARG G 212 27.25 41.83 -34.54
N GLN G 213 27.42 43.02 -33.98
CA GLN G 213 26.27 43.90 -33.77
C GLN G 213 25.63 44.27 -35.10
N GLN G 214 26.44 44.55 -36.11
CA GLN G 214 25.91 44.92 -37.42
C GLN G 214 25.12 43.79 -38.05
N ARG G 215 25.64 42.55 -37.98
CA ARG G 215 24.89 41.45 -38.58
C ARG G 215 23.61 41.16 -37.81
N VAL G 216 23.64 41.31 -36.49
CA VAL G 216 22.42 41.14 -35.70
C VAL G 216 21.38 42.18 -36.09
N ILE G 217 21.81 43.44 -36.24
CA ILE G 217 20.88 44.50 -36.62
C ILE G 217 20.31 44.26 -38.01
N SER G 218 21.16 43.85 -38.95
CA SER G 218 20.69 43.58 -40.31
C SER G 218 19.70 42.42 -40.32
N ALA G 219 19.98 41.35 -39.57
CA ALA G 219 19.05 40.23 -39.49
C ALA G 219 17.74 40.66 -38.87
N ALA G 220 17.79 41.53 -37.86
CA ALA G 220 16.57 42.05 -37.26
C ALA G 220 15.75 42.83 -38.29
N GLU G 221 16.41 43.66 -39.09
CA GLU G 221 15.69 44.42 -40.11
C GLU G 221 15.07 43.51 -41.15
N LYS G 222 15.80 42.47 -41.58
CA LYS G 222 15.21 41.52 -42.52
C LYS G 222 14.03 40.78 -41.90
N PHE G 223 14.12 40.47 -40.60
CA PHE G 223 13.00 39.83 -39.90
C PHE G 223 11.79 40.76 -39.88
N VAL G 224 12.01 42.06 -39.67
CA VAL G 224 10.93 43.04 -39.75
C VAL G 224 10.32 43.02 -41.15
N GLU G 225 11.16 42.92 -42.18
CA GLU G 225 10.64 42.83 -43.54
C GLU G 225 9.80 41.58 -43.73
N ASP G 226 10.29 40.43 -43.24
CA ASP G 226 9.55 39.18 -43.33
C ASP G 226 10.02 38.25 -42.21
N GLN G 227 9.07 37.55 -41.59
CA GLN G 227 9.36 36.69 -40.46
C GLN G 227 9.82 35.30 -40.87
N ARG G 228 9.74 34.95 -42.15
CA ARG G 228 10.13 33.62 -42.60
C ARG G 228 11.64 33.46 -42.77
N THR G 229 12.40 34.55 -42.77
CA THR G 229 13.85 34.43 -42.82
C THR G 229 14.39 33.70 -41.60
N LEU G 230 13.72 33.85 -40.46
CA LEU G 230 13.98 33.10 -39.25
C LEU G 230 12.72 32.30 -38.90
N HIS G 231 12.72 31.68 -37.74
CA HIS G 231 11.50 31.00 -37.29
C HIS G 231 10.47 32.04 -36.87
N PRO G 232 9.26 32.00 -37.43
CA PRO G 232 8.26 33.02 -37.09
C PRO G 232 7.81 32.92 -35.64
N LEU G 233 7.36 34.06 -35.12
CA LEU G 233 6.90 34.12 -33.73
C LEU G 233 5.67 33.26 -33.53
N ASN G 234 5.51 32.77 -32.30
CA ASN G 234 4.43 31.86 -31.93
C ASN G 234 3.71 32.42 -30.72
N PRO G 235 2.77 33.36 -30.92
CA PRO G 235 2.04 33.93 -29.78
C PRO G 235 1.23 32.90 -29.01
N ILE G 236 0.71 31.87 -29.68
CA ILE G 236 -0.12 30.87 -29.00
C ILE G 236 0.68 30.16 -27.93
N TRP G 237 1.88 29.70 -28.27
CA TRP G 237 2.68 28.96 -27.31
C TRP G 237 3.15 29.86 -26.17
N ASP G 238 3.48 31.13 -26.50
CA ASP G 238 3.90 32.07 -25.46
C ASP G 238 2.78 32.29 -24.45
N ASN G 239 1.56 32.50 -24.94
CA ASN G 239 0.43 32.69 -24.02
C ASN G 239 0.16 31.43 -23.22
N GLN G 240 0.29 30.25 -23.84
CA GLN G 240 0.13 29.00 -23.10
C GLN G 240 1.15 28.88 -21.98
N PHE G 241 2.42 29.22 -22.28
CA PHE G 241 3.48 29.13 -21.29
C PHE G 241 3.23 30.07 -20.13
N MET G 242 2.85 31.32 -20.43
CA MET G 242 2.58 32.28 -19.35
C MET G 242 1.39 31.82 -18.50
N THR G 243 0.33 31.32 -19.15
CA THR G 243 -0.83 30.86 -18.39
C THR G 243 -0.49 29.66 -17.52
N LEU G 244 0.34 28.74 -18.02
CA LEU G 244 0.78 27.61 -17.23
C LEU G 244 1.59 28.08 -16.02
N LEU G 245 2.45 29.09 -16.21
CA LEU G 245 3.24 29.60 -15.10
C LEU G 245 2.34 30.23 -14.03
N GLU G 246 1.34 31.01 -14.43
CA GLU G 246 0.51 31.68 -13.45
C GLU G 246 -0.41 30.72 -12.70
N GLN G 247 -0.92 29.69 -13.39
CA GLN G 247 -1.85 28.77 -12.76
C GLN G 247 -1.19 27.77 -11.82
N GLY G 248 0.12 27.90 -11.58
CA GLY G 248 0.80 26.96 -10.72
C GLY G 248 0.89 25.55 -11.27
N ARG G 249 1.03 25.42 -12.58
CA ARG G 249 1.09 24.11 -13.23
C ARG G 249 2.44 23.91 -13.87
N ILE G 250 3.51 24.26 -13.15
CA ILE G 250 4.85 24.25 -13.72
C ILE G 250 5.29 22.82 -14.06
N GLN G 251 4.89 21.84 -13.25
CA GLN G 251 5.30 20.47 -13.49
C GLN G 251 4.79 19.92 -14.81
N GLU G 252 3.69 20.48 -15.34
CA GLU G 252 3.20 20.07 -16.65
C GLU G 252 4.23 20.32 -17.75
N LEU G 253 5.20 21.19 -17.51
CA LEU G 253 6.25 21.45 -18.48
C LEU G 253 7.30 20.34 -18.53
N ASP G 254 7.26 19.39 -17.59
CA ASP G 254 8.22 18.29 -17.62
C ASP G 254 7.99 17.36 -18.80
N ALA G 255 6.77 17.33 -19.35
CA ALA G 255 6.49 16.47 -20.49
C ALA G 255 7.06 17.03 -21.79
N VAL G 256 7.23 18.35 -21.89
CA VAL G 256 7.80 18.94 -23.08
C VAL G 256 9.30 18.67 -23.13
N SER G 257 9.79 18.26 -24.29
CA SER G 257 11.20 17.97 -24.50
C SER G 257 11.90 19.14 -25.18
N ASN G 258 13.22 19.04 -25.28
CA ASN G 258 14.01 20.13 -25.85
C ASN G 258 13.79 20.24 -27.35
N GLU G 259 13.82 19.11 -28.07
CA GLU G 259 13.60 19.13 -29.50
C GLU G 259 12.19 19.55 -29.86
N GLU G 260 11.21 19.11 -29.06
CA GLU G 260 9.83 19.55 -29.28
C GLU G 260 9.69 21.05 -29.13
N LEU G 261 10.32 21.62 -28.10
CA LEU G 261 10.28 23.07 -27.91
C LEU G 261 10.97 23.80 -29.05
N SER G 262 12.13 23.29 -29.50
CA SER G 262 12.83 23.92 -30.60
C SER G 262 12.02 23.89 -31.88
N ALA G 263 11.33 22.76 -32.14
CA ALA G 263 10.50 22.67 -33.33
C ALA G 263 9.29 23.58 -33.25
N ILE G 264 8.63 23.63 -32.08
CA ILE G 264 7.41 24.40 -31.95
C ILE G 264 7.69 25.90 -32.02
N ALA G 265 8.69 26.37 -31.26
CA ALA G 265 8.88 27.81 -31.07
C ALA G 265 10.20 28.34 -31.60
N GLY G 266 11.27 27.56 -31.59
CA GLY G 266 12.56 28.06 -32.02
C GLY G 266 13.69 27.68 -31.09
N LYS G 267 14.93 27.74 -31.59
CA LYS G 267 16.08 27.28 -30.82
C LYS G 267 16.35 28.16 -29.60
N SER G 268 16.17 29.47 -29.73
CA SER G 268 16.48 30.38 -28.64
C SER G 268 15.40 30.42 -27.57
N THR G 269 14.23 29.87 -27.84
CA THR G 269 13.15 29.83 -26.85
C THR G 269 13.59 29.18 -25.55
N HIS G 270 14.68 28.40 -25.57
CA HIS G 270 15.17 27.76 -24.36
C HIS G 270 15.57 28.76 -23.29
N GLU G 271 15.76 30.04 -23.66
CA GLU G 271 16.02 31.05 -22.64
C GLU G 271 14.92 31.07 -21.57
N ILE G 272 13.69 30.73 -21.94
CA ILE G 272 12.59 30.71 -20.98
C ILE G 272 12.86 29.81 -19.79
N LYS G 273 13.85 28.91 -19.88
CA LYS G 273 14.17 28.08 -18.73
C LYS G 273 14.46 28.94 -17.51
N THR G 274 15.09 30.10 -17.71
CA THR G 274 15.34 31.00 -16.59
C THR G 274 14.04 31.31 -15.85
N TRP G 275 13.01 31.69 -16.60
CA TRP G 275 11.70 31.96 -16.01
C TRP G 275 11.27 30.79 -15.13
N VAL G 276 11.36 29.57 -15.66
CA VAL G 276 10.93 28.40 -14.91
C VAL G 276 11.65 28.35 -13.58
N ALA G 277 12.98 28.49 -13.60
CA ALA G 277 13.75 28.44 -12.37
C ALA G 277 13.21 29.45 -11.36
N ALA G 278 13.02 30.70 -11.82
CA ALA G 278 12.53 31.74 -10.92
C ALA G 278 11.25 31.30 -10.25
N PHE G 279 10.29 30.81 -11.04
CA PHE G 279 9.01 30.46 -10.45
C PHE G 279 9.18 29.33 -9.44
N ALA G 280 10.00 28.33 -9.77
CA ALA G 280 10.23 27.24 -8.84
C ALA G 280 10.73 27.79 -7.50
N ALA G 281 11.62 28.78 -7.56
CA ALA G 281 12.17 29.34 -6.33
C ALA G 281 11.06 29.87 -5.44
N ILE G 282 10.12 30.63 -6.02
CA ILE G 282 9.11 31.23 -5.18
C ILE G 282 8.19 30.17 -4.58
N SER G 283 8.08 29.02 -5.22
CA SER G 283 7.25 27.96 -4.66
C SER G 283 7.80 27.45 -3.34
N ALA G 284 9.06 27.74 -3.03
CA ALA G 284 9.61 27.33 -1.74
C ALA G 284 9.20 28.26 -0.60
N PHE G 285 8.67 29.44 -0.92
CA PHE G 285 8.37 30.41 0.14
C PHE G 285 6.92 30.29 0.63
N GLY G 286 6.11 29.43 0.04
CA GLY G 286 4.74 29.26 0.47
C GLY G 286 3.73 29.66 -0.59
N ASN G 287 2.62 30.25 -0.16
CA ASN G 287 1.58 30.67 -1.08
C ASN G 287 1.96 31.99 -1.74
N TRP G 288 1.69 32.10 -3.04
CA TRP G 288 2.01 33.29 -3.80
C TRP G 288 0.91 33.57 -4.81
N ARG G 289 0.88 34.80 -5.31
CA ARG G 289 -0.08 35.19 -6.33
C ARG G 289 0.63 36.02 -7.39
N SER G 290 0.12 35.96 -8.61
CA SER G 290 0.73 36.61 -9.76
C SER G 290 0.04 37.93 -10.09
N GLU G 291 0.70 38.72 -10.91
CA GLU G 291 0.21 40.05 -11.27
C GLU G 291 1.05 40.59 -12.43
N GLY G 292 0.59 41.72 -12.96
CA GLY G 292 1.35 42.47 -13.96
C GLY G 292 1.64 41.72 -15.23
N ARG G 293 0.71 40.88 -15.68
CA ARG G 293 0.92 40.13 -16.91
C ARG G 293 0.90 41.07 -18.11
N TYR G 294 1.91 40.95 -18.96
CA TYR G 294 1.96 41.75 -20.18
C TYR G 294 2.65 40.93 -21.26
N TYR G 295 2.07 40.90 -22.45
CA TYR G 295 2.67 40.25 -23.59
C TYR G 295 2.37 41.04 -24.85
N ARG G 296 3.34 41.09 -25.75
CA ARG G 296 3.13 41.76 -27.02
C ARG G 296 4.15 41.27 -28.05
N PRO G 297 3.72 40.80 -29.21
CA PRO G 297 4.67 40.42 -30.26
C PRO G 297 5.19 41.65 -30.98
N ILE G 298 6.45 41.99 -30.70
CA ILE G 298 7.10 43.15 -31.30
C ILE G 298 7.99 42.64 -32.43
N PRO G 299 7.63 42.88 -33.70
CA PRO G 299 8.46 42.36 -34.80
C PRO G 299 9.72 43.18 -35.02
N GLU G 300 9.70 44.45 -34.60
CA GLU G 300 10.87 45.31 -34.79
C GLU G 300 12.08 44.76 -34.04
N TRP G 301 11.88 44.31 -32.81
CA TRP G 301 12.85 43.45 -32.16
C TRP G 301 12.59 42.00 -32.56
N ILE G 302 13.60 41.15 -32.40
CA ILE G 302 13.44 39.77 -32.81
C ILE G 302 12.48 39.04 -31.89
N ALA G 303 12.51 39.34 -30.60
CA ALA G 303 11.75 38.59 -29.61
C ALA G 303 10.32 39.10 -29.51
N GLY G 304 9.51 38.34 -28.76
CA GLY G 304 8.18 38.76 -28.38
C GLY G 304 8.15 39.15 -26.91
N PHE G 305 7.88 40.43 -26.65
CA PHE G 305 8.10 40.98 -25.32
C PHE G 305 7.09 40.43 -24.32
N GLY G 306 7.57 40.13 -23.12
CA GLY G 306 6.71 39.64 -22.06
C GLY G 306 7.21 40.09 -20.71
N SER G 307 6.29 40.10 -19.74
CA SER G 307 6.60 40.54 -18.39
C SER G 307 5.56 39.97 -17.44
N LEU G 308 6.02 39.53 -16.27
CA LEU G 308 5.14 38.93 -15.28
C LEU G 308 5.75 39.14 -13.89
N SER G 309 4.90 39.20 -12.87
CA SER G 309 5.36 39.40 -11.50
C SER G 309 4.59 38.50 -10.57
N ALA G 310 5.16 38.25 -9.39
CA ALA G 310 4.50 37.45 -8.38
C ALA G 310 4.97 37.91 -7.00
N ARG G 311 4.13 37.66 -6.00
CA ARG G 311 4.38 38.09 -4.63
C ARG G 311 3.90 37.01 -3.67
N THR G 312 4.65 36.80 -2.59
CA THR G 312 4.24 35.85 -1.58
C THR G 312 3.11 36.42 -0.74
N GLU G 313 2.03 35.64 -0.58
CA GLU G 313 0.91 36.01 0.28
C GLU G 313 1.33 35.83 1.73
N ASN G 314 1.95 36.86 2.27
CA ASN G 314 2.56 36.83 3.59
C ASN G 314 1.52 36.69 4.70
N MET H 1 -10.48 31.78 -16.30
CA MET H 1 -10.91 30.46 -16.71
C MET H 1 -12.44 30.37 -16.68
N HIS H 2 -13.05 30.60 -17.83
CA HIS H 2 -14.50 30.71 -17.97
C HIS H 2 -14.98 29.74 -19.04
N ALA H 3 -16.10 29.08 -18.80
CA ALA H 3 -16.59 28.08 -19.75
C ALA H 3 -18.11 28.00 -19.71
N TYR H 4 -18.69 27.84 -20.89
CA TYR H 4 -20.11 27.60 -21.09
C TYR H 4 -20.30 26.36 -21.94
N LEU H 5 -21.42 25.67 -21.74
CA LEU H 5 -21.75 24.46 -22.46
C LEU H 5 -23.23 24.48 -22.79
N HIS H 6 -23.57 24.02 -24.00
CA HIS H 6 -24.97 23.84 -24.39
C HIS H 6 -25.09 22.66 -25.34
N CYS H 7 -25.91 21.69 -24.97
CA CYS H 7 -26.19 20.52 -25.79
C CYS H 7 -27.64 20.58 -26.25
N LEU H 8 -27.85 20.36 -27.55
CA LEU H 8 -29.16 20.53 -28.16
C LEU H 8 -29.35 19.51 -29.27
N SER H 9 -30.56 18.95 -29.35
CA SER H 9 -30.88 18.02 -30.42
C SER H 9 -31.08 18.76 -31.74
N HIS H 10 -30.68 18.13 -32.84
CA HIS H 10 -30.83 18.67 -34.17
C HIS H 10 -31.76 17.76 -34.97
N SER H 11 -32.64 18.36 -35.77
CA SER H 11 -33.61 17.62 -36.55
C SER H 11 -33.66 18.18 -37.96
N PRO H 12 -33.36 17.39 -39.00
CA PRO H 12 -33.44 17.93 -40.36
C PRO H 12 -34.86 18.29 -40.78
N LEU H 13 -35.86 17.71 -40.11
CA LEU H 13 -37.26 17.89 -40.49
C LEU H 13 -37.86 19.06 -39.69
N VAL H 14 -37.33 20.24 -39.96
CA VAL H 14 -37.87 21.49 -39.40
C VAL H 14 -38.55 22.23 -40.54
N GLY H 15 -39.88 22.26 -40.52
CA GLY H 15 -40.66 22.84 -41.58
C GLY H 15 -41.18 21.84 -42.60
N TYR H 16 -40.44 20.76 -42.87
CA TYR H 16 -40.94 19.74 -43.78
C TYR H 16 -42.07 18.94 -43.13
N VAL H 17 -41.90 18.54 -41.88
CA VAL H 17 -42.93 17.91 -41.08
C VAL H 17 -43.05 18.68 -39.78
N ASP H 18 -44.28 19.05 -39.40
CA ASP H 18 -44.42 19.92 -38.25
C ASP H 18 -45.41 19.34 -37.24
N PRO H 19 -45.12 19.48 -35.95
CA PRO H 19 -46.11 19.14 -34.93
C PRO H 19 -47.07 20.28 -34.67
N ALA H 20 -47.87 20.19 -33.62
CA ALA H 20 -48.81 21.24 -33.27
C ALA H 20 -48.09 22.57 -33.07
N GLN H 21 -48.85 23.67 -33.17
CA GLN H 21 -48.25 24.99 -33.09
C GLN H 21 -47.76 25.29 -31.67
N GLU H 22 -48.44 24.76 -30.65
CA GLU H 22 -48.06 25.04 -29.28
C GLU H 22 -46.67 24.49 -28.96
N VAL H 23 -46.43 23.22 -29.31
CA VAL H 23 -45.12 22.62 -29.05
C VAL H 23 -44.04 23.30 -29.90
N LEU H 24 -44.39 23.72 -31.11
CA LEU H 24 -43.43 24.45 -31.94
C LEU H 24 -43.03 25.76 -31.26
N ASP H 25 -44.01 26.48 -30.72
CA ASP H 25 -43.72 27.72 -30.01
C ASP H 25 -42.88 27.46 -28.76
N GLU H 26 -43.18 26.37 -28.05
CA GLU H 26 -42.40 26.04 -26.85
C GLU H 26 -40.95 25.73 -27.20
N VAL H 27 -40.73 24.94 -28.25
CA VAL H 27 -39.36 24.61 -28.67
C VAL H 27 -38.63 25.87 -29.11
N ASN H 28 -39.31 26.73 -29.89
CA ASN H 28 -38.68 27.96 -30.34
C ASN H 28 -38.33 28.86 -29.16
N GLY H 29 -39.19 28.91 -28.14
CA GLY H 29 -38.89 29.70 -26.96
C GLY H 29 -37.70 29.16 -26.19
N VAL H 30 -37.61 27.84 -26.05
CA VAL H 30 -36.46 27.23 -25.38
C VAL H 30 -35.17 27.57 -26.14
N ILE H 31 -35.20 27.43 -27.46
CA ILE H 31 -34.02 27.73 -28.27
C ILE H 31 -33.64 29.20 -28.15
N ALA H 32 -34.65 30.09 -28.15
CA ALA H 32 -34.38 31.52 -28.02
C ALA H 32 -33.77 31.85 -26.66
N SER H 33 -34.27 31.22 -25.59
CA SER H 33 -33.69 31.46 -24.27
C SER H 33 -32.25 30.99 -24.19
N ALA H 34 -31.96 29.81 -24.78
CA ALA H 34 -30.58 29.34 -24.81
C ALA H 34 -29.69 30.29 -25.61
N ARG H 35 -30.19 30.79 -26.73
CA ARG H 35 -29.43 31.75 -27.53
C ARG H 35 -29.17 33.03 -26.74
N GLU H 36 -30.15 33.49 -25.98
CA GLU H 36 -29.95 34.69 -25.16
C GLU H 36 -28.89 34.46 -24.09
N ARG H 37 -28.92 33.30 -23.43
CA ARG H 37 -27.89 33.01 -22.44
C ARG H 37 -26.50 32.96 -23.08
N ILE H 38 -26.39 32.34 -24.26
CA ILE H 38 -25.10 32.27 -24.94
C ILE H 38 -24.62 33.67 -25.31
N ALA H 39 -25.52 34.51 -25.83
CA ALA H 39 -25.14 35.87 -26.19
C ALA H 39 -24.70 36.67 -24.98
N ALA H 40 -25.36 36.45 -23.84
CA ALA H 40 -24.93 37.09 -22.60
C ALA H 40 -23.52 36.62 -22.19
N PHE H 41 -23.24 35.34 -22.40
CA PHE H 41 -21.91 34.82 -22.05
C PHE H 41 -20.81 35.46 -22.90
N SER H 42 -21.10 35.73 -24.18
CA SER H 42 -20.17 36.35 -25.12
C SER H 42 -18.90 35.52 -25.29
N PRO H 43 -18.98 34.35 -25.92
CA PRO H 43 -17.79 33.50 -26.05
C PRO H 43 -16.80 34.04 -27.07
N GLU H 44 -15.55 33.60 -26.95
CA GLU H 44 -14.51 33.95 -27.91
C GLU H 44 -14.09 32.78 -28.80
N LEU H 45 -14.31 31.55 -28.33
CA LEU H 45 -13.98 30.34 -29.08
C LEU H 45 -15.12 29.35 -28.96
N VAL H 46 -15.36 28.58 -30.01
CA VAL H 46 -16.42 27.58 -30.05
C VAL H 46 -15.80 26.23 -30.42
N VAL H 47 -16.06 25.22 -29.60
CA VAL H 47 -15.69 23.84 -29.90
C VAL H 47 -16.98 23.06 -30.11
N LEU H 48 -17.17 22.55 -31.32
CA LEU H 48 -18.43 21.93 -31.73
C LEU H 48 -18.20 20.45 -32.01
N PHE H 49 -18.91 19.60 -31.28
CA PHE H 49 -18.94 18.16 -31.55
C PHE H 49 -20.23 17.83 -32.28
N ALA H 50 -20.11 17.18 -33.43
CA ALA H 50 -21.29 16.88 -34.23
C ALA H 50 -21.06 15.60 -35.02
N PRO H 51 -22.11 14.86 -35.33
CA PRO H 51 -21.97 13.66 -36.17
C PRO H 51 -22.17 13.97 -37.65
N ASP H 52 -22.06 12.91 -38.45
CA ASP H 52 -22.30 12.99 -39.89
C ASP H 52 -23.34 11.93 -40.27
N HIS H 53 -24.00 12.15 -41.40
CA HIS H 53 -25.09 11.30 -41.85
C HIS H 53 -24.79 10.77 -43.26
N TYR H 54 -23.58 10.24 -43.43
CA TYR H 54 -23.11 9.73 -44.71
C TYR H 54 -23.09 10.81 -45.78
N ASN H 55 -22.63 12.00 -45.41
CA ASN H 55 -22.48 13.11 -46.33
C ASN H 55 -21.04 13.60 -46.48
N GLY H 56 -20.21 13.44 -45.46
CA GLY H 56 -18.83 13.87 -45.55
C GLY H 56 -17.81 12.77 -45.35
N PHE H 57 -18.18 11.73 -44.61
CA PHE H 57 -17.29 10.62 -44.32
C PHE H 57 -17.92 9.33 -44.81
N PHE H 58 -17.12 8.49 -45.45
CA PHE H 58 -17.60 7.25 -46.05
C PHE H 58 -16.67 6.11 -45.67
N TYR H 59 -16.89 4.95 -46.28
CA TYR H 59 -16.15 3.75 -45.92
C TYR H 59 -14.79 3.64 -46.61
N ASP H 60 -14.44 4.61 -47.45
CA ASP H 60 -13.07 4.63 -47.99
C ASP H 60 -12.06 4.81 -46.87
N VAL H 61 -12.30 5.79 -45.99
CA VAL H 61 -11.58 5.92 -44.72
C VAL H 61 -12.60 6.39 -43.69
N MET H 62 -12.88 5.56 -42.68
CA MET H 62 -13.82 5.92 -41.64
C MET H 62 -13.11 5.99 -40.29
N PRO H 63 -12.81 7.17 -39.78
CA PRO H 63 -12.15 7.26 -38.48
C PRO H 63 -13.16 7.36 -37.35
N PRO H 64 -12.78 6.99 -36.13
CA PRO H 64 -13.68 7.22 -34.99
C PRO H 64 -13.79 8.69 -34.62
N PHE H 65 -12.68 9.41 -34.57
CA PHE H 65 -12.66 10.83 -34.29
C PHE H 65 -11.89 11.55 -35.38
N CYS H 66 -12.32 12.77 -35.71
CA CYS H 66 -11.64 13.59 -36.70
C CYS H 66 -11.70 15.06 -36.28
N LEU H 67 -10.67 15.82 -36.66
CA LEU H 67 -10.63 17.25 -36.41
C LEU H 67 -10.55 17.99 -37.74
N GLY H 68 -11.40 18.99 -37.92
CA GLY H 68 -11.43 19.70 -39.18
C GLY H 68 -10.64 20.99 -39.18
N VAL H 69 -9.44 20.96 -39.75
CA VAL H 69 -8.67 22.20 -39.90
C VAL H 69 -9.34 23.11 -40.93
N GLY H 70 -9.91 22.53 -41.97
CA GLY H 70 -10.74 23.28 -42.90
C GLY H 70 -12.06 22.58 -43.12
N ALA H 71 -13.16 23.32 -42.97
CA ALA H 71 -14.50 22.74 -43.09
C ALA H 71 -15.38 23.62 -43.95
N THR H 72 -16.23 22.98 -44.75
CA THR H 72 -17.17 23.67 -45.63
C THR H 72 -18.52 22.99 -45.53
N ALA H 73 -19.58 23.80 -45.38
CA ALA H 73 -20.92 23.27 -45.27
C ALA H 73 -21.55 23.06 -46.65
N ILE H 74 -22.30 21.97 -46.79
CA ILE H 74 -22.89 21.62 -48.07
C ILE H 74 -24.33 22.12 -48.21
N GLY H 75 -24.92 22.65 -47.15
CA GLY H 75 -26.26 23.22 -47.24
C GLY H 75 -27.35 22.22 -47.57
N ASP H 76 -27.37 21.08 -46.90
CA ASP H 76 -28.40 20.08 -47.13
C ASP H 76 -29.59 20.30 -46.20
N PHE H 77 -30.77 19.88 -46.66
CA PHE H 77 -32.02 19.96 -45.90
C PHE H 77 -32.36 21.41 -45.52
N GLY H 78 -32.00 22.35 -46.38
CA GLY H 78 -32.29 23.75 -46.13
C GLY H 78 -31.33 24.45 -45.19
N SER H 79 -30.29 23.77 -44.70
CA SER H 79 -29.33 24.40 -43.82
C SER H 79 -28.40 25.33 -44.63
N ALA H 80 -27.67 26.16 -43.91
CA ALA H 80 -26.79 27.13 -44.54
C ALA H 80 -25.62 26.43 -45.23
N ALA H 81 -25.20 26.98 -46.37
CA ALA H 81 -24.06 26.48 -47.14
C ALA H 81 -22.99 27.56 -47.14
N GLY H 82 -21.78 27.18 -46.74
CA GLY H 82 -20.68 28.13 -46.70
C GLY H 82 -19.46 27.52 -46.04
N GLU H 83 -18.38 28.29 -46.07
CA GLU H 83 -17.12 27.85 -45.49
C GLU H 83 -17.02 28.31 -44.04
N LEU H 84 -16.67 27.40 -43.15
CA LEU H 84 -16.58 27.72 -41.73
C LEU H 84 -15.28 28.45 -41.42
N PRO H 85 -15.31 29.44 -40.51
CA PRO H 85 -14.07 30.09 -40.09
C PRO H 85 -13.31 29.31 -39.04
N VAL H 86 -12.19 28.72 -39.40
CA VAL H 86 -11.40 27.88 -38.51
C VAL H 86 -10.01 28.50 -38.37
N PRO H 87 -9.51 28.74 -37.16
CA PRO H 87 -8.13 29.20 -36.98
C PRO H 87 -7.16 28.04 -37.21
N VAL H 88 -6.33 28.17 -38.24
CA VAL H 88 -5.47 27.06 -38.66
C VAL H 88 -4.42 26.75 -37.60
N GLU H 89 -3.74 27.78 -37.09
CA GLU H 89 -2.68 27.55 -36.11
C GLU H 89 -3.22 26.94 -34.83
N LEU H 90 -4.35 27.45 -34.34
CA LEU H 90 -4.96 26.91 -33.13
C LEU H 90 -5.40 25.46 -33.35
N ALA H 91 -5.96 25.17 -34.52
CA ALA H 91 -6.39 23.80 -34.81
C ALA H 91 -5.20 22.85 -34.85
N GLU H 92 -4.10 23.27 -35.46
CA GLU H 92 -2.92 22.41 -35.53
C GLU H 92 -2.31 22.18 -34.14
N ALA H 93 -2.28 23.24 -33.32
CA ALA H 93 -1.80 23.08 -31.96
C ALA H 93 -2.70 22.14 -31.16
N CYS H 94 -4.02 22.24 -31.34
CA CYS H 94 -4.95 21.34 -30.67
C CYS H 94 -4.71 19.90 -31.10
N ALA H 95 -4.52 19.68 -32.40
CA ALA H 95 -4.27 18.33 -32.89
C ALA H 95 -2.99 17.76 -32.29
N HIS H 96 -1.92 18.56 -32.25
CA HIS H 96 -0.68 18.08 -31.66
C HIS H 96 -0.85 17.75 -30.18
N ALA H 97 -1.54 18.61 -29.43
CA ALA H 97 -1.74 18.37 -28.00
C ALA H 97 -2.58 17.12 -27.76
N VAL H 98 -3.64 16.93 -28.53
CA VAL H 98 -4.51 15.77 -28.33
C VAL H 98 -3.80 14.49 -28.71
N MET H 99 -3.01 14.52 -29.80
CA MET H 99 -2.20 13.36 -30.14
C MET H 99 -1.22 13.02 -29.04
N LYS H 100 -0.57 14.03 -28.47
CA LYS H 100 0.39 13.79 -27.39
C LYS H 100 -0.30 13.26 -26.14
N SER H 101 -1.55 13.67 -25.91
CA SER H 101 -2.26 13.23 -24.72
C SER H 101 -2.59 11.74 -24.74
N GLY H 102 -2.51 11.09 -25.90
CA GLY H 102 -2.80 9.68 -26.02
C GLY H 102 -4.07 9.33 -26.76
N ILE H 103 -4.59 10.22 -27.60
CA ILE H 103 -5.79 9.96 -28.38
C ILE H 103 -5.39 9.85 -29.84
N ASP H 104 -5.86 8.80 -30.51
CA ASP H 104 -5.57 8.58 -31.92
C ASP H 104 -6.58 9.36 -32.75
N LEU H 105 -6.19 10.56 -33.16
CA LEU H 105 -7.10 11.52 -33.78
C LEU H 105 -6.74 11.70 -35.25
N ALA H 106 -7.75 11.61 -36.11
CA ALA H 106 -7.55 11.89 -37.53
C ALA H 106 -7.64 13.38 -37.78
N VAL H 107 -7.03 13.81 -38.88
CA VAL H 107 -6.95 15.22 -39.24
C VAL H 107 -7.37 15.37 -40.70
N SER H 108 -8.23 16.35 -40.96
CA SER H 108 -8.72 16.63 -42.31
C SER H 108 -8.55 18.11 -42.60
N TYR H 109 -8.13 18.44 -43.82
CA TYR H 109 -7.99 19.82 -44.24
C TYR H 109 -9.09 20.28 -45.18
N CYS H 110 -9.87 19.34 -45.72
CA CYS H 110 -11.05 19.66 -46.53
C CYS H 110 -12.17 18.73 -46.06
N MET H 111 -12.91 19.18 -45.05
CA MET H 111 -13.94 18.36 -44.41
C MET H 111 -15.32 18.91 -44.77
N GLN H 112 -16.14 18.07 -45.40
CA GLN H 112 -17.48 18.47 -45.81
C GLN H 112 -18.47 18.11 -44.70
N VAL H 113 -19.21 19.11 -44.21
CA VAL H 113 -20.10 18.94 -43.08
C VAL H 113 -21.54 19.12 -43.53
N ASP H 114 -22.44 18.40 -42.86
CA ASP H 114 -23.87 18.38 -43.16
C ASP H 114 -24.63 19.25 -42.17
N HIS H 115 -25.96 19.14 -42.19
CA HIS H 115 -26.81 19.96 -41.33
C HIS H 115 -26.49 19.77 -39.85
N GLY H 116 -25.88 18.65 -39.48
CA GLY H 116 -25.52 18.43 -38.08
C GLY H 116 -24.57 19.47 -37.55
N PHE H 117 -23.65 19.95 -38.38
CA PHE H 117 -22.76 21.02 -37.97
C PHE H 117 -23.40 22.39 -38.18
N ALA H 118 -24.14 22.56 -39.27
CA ALA H 118 -24.60 23.89 -39.65
C ALA H 118 -25.74 24.38 -38.78
N GLN H 119 -26.69 23.51 -38.45
CA GLN H 119 -27.91 23.96 -37.78
C GLN H 119 -27.67 24.56 -36.38
N PRO H 120 -26.88 23.94 -35.49
CA PRO H 120 -26.64 24.60 -34.19
C PRO H 120 -25.99 25.97 -34.31
N LEU H 121 -25.09 26.15 -35.29
CA LEU H 121 -24.45 27.45 -35.46
C LEU H 121 -25.47 28.52 -35.85
N GLU H 122 -26.40 28.18 -36.76
CA GLU H 122 -27.44 29.13 -37.12
C GLU H 122 -28.37 29.41 -35.95
N PHE H 123 -28.75 28.37 -35.21
CA PHE H 123 -29.77 28.53 -34.18
C PHE H 123 -29.26 29.27 -32.96
N LEU H 124 -28.03 28.98 -32.52
CA LEU H 124 -27.53 29.51 -31.26
C LEU H 124 -26.59 30.70 -31.45
N LEU H 125 -25.71 30.66 -32.46
CA LEU H 125 -24.77 31.75 -32.65
C LEU H 125 -25.34 32.82 -33.56
N GLY H 126 -26.28 32.45 -34.42
CA GLY H 126 -26.89 33.37 -35.36
C GLY H 126 -26.38 33.26 -36.78
N GLY H 127 -25.24 32.59 -36.99
CA GLY H 127 -24.70 32.42 -38.32
C GLY H 127 -23.50 31.52 -38.29
N LEU H 128 -23.01 31.19 -39.50
CA LEU H 128 -21.86 30.30 -39.62
C LEU H 128 -20.56 31.02 -39.27
N ASP H 129 -20.44 32.28 -39.66
CA ASP H 129 -19.18 33.01 -39.58
C ASP H 129 -19.13 34.03 -38.44
N LYS H 130 -19.83 33.78 -37.34
CA LYS H 130 -19.81 34.73 -36.23
C LYS H 130 -18.56 34.56 -35.37
N VAL H 131 -18.29 33.34 -34.91
CA VAL H 131 -17.23 33.08 -33.95
C VAL H 131 -16.31 32.01 -34.53
N PRO H 132 -14.99 32.07 -34.29
CA PRO H 132 -14.12 30.97 -34.70
C PRO H 132 -14.53 29.65 -34.05
N VAL H 133 -14.46 28.58 -34.83
CA VAL H 133 -14.99 27.28 -34.41
C VAL H 133 -13.96 26.20 -34.70
N LEU H 134 -13.88 25.23 -33.79
CA LEU H 134 -13.08 24.03 -34.01
C LEU H 134 -14.02 22.86 -34.23
N PRO H 135 -14.19 22.38 -35.46
CA PRO H 135 -15.12 21.26 -35.71
C PRO H 135 -14.52 19.90 -35.41
N VAL H 136 -15.24 19.11 -34.61
CA VAL H 136 -14.81 17.76 -34.23
C VAL H 136 -15.88 16.78 -34.67
N PHE H 137 -15.49 15.81 -35.49
CA PHE H 137 -16.34 14.74 -35.96
C PHE H 137 -16.20 13.51 -35.07
N ILE H 138 -17.34 12.97 -34.64
CA ILE H 138 -17.41 11.70 -33.92
C ILE H 138 -18.30 10.75 -34.71
N ASN H 139 -17.79 9.56 -34.98
CA ASN H 139 -18.54 8.56 -35.75
C ASN H 139 -19.67 7.98 -34.92
N GLY H 140 -20.85 7.85 -35.54
CA GLY H 140 -22.00 7.31 -34.85
C GLY H 140 -22.89 6.42 -35.68
N VAL H 141 -22.52 6.16 -36.93
CA VAL H 141 -23.35 5.39 -37.83
C VAL H 141 -22.68 4.13 -38.37
N ALA H 142 -21.35 4.10 -38.46
CA ALA H 142 -20.63 2.99 -39.07
C ALA H 142 -19.90 2.20 -38.00
N THR H 143 -20.23 0.91 -37.88
CA THR H 143 -19.57 0.03 -36.92
C THR H 143 -18.21 -0.43 -37.47
N PRO H 144 -17.22 -0.65 -36.59
CA PRO H 144 -17.27 -0.49 -35.12
C PRO H 144 -17.26 0.96 -34.68
N LEU H 145 -17.82 1.23 -33.51
CA LEU H 145 -18.01 2.57 -33.00
C LEU H 145 -17.16 2.80 -31.74
N PRO H 146 -16.75 4.03 -31.48
CA PRO H 146 -16.03 4.31 -30.23
C PRO H 146 -16.93 4.17 -29.03
N GLY H 147 -16.33 3.85 -27.88
CA GLY H 147 -17.08 3.69 -26.66
C GLY H 147 -17.23 4.97 -25.87
N PHE H 148 -17.91 4.86 -24.73
CA PHE H 148 -18.13 6.02 -23.89
C PHE H 148 -16.84 6.48 -23.23
N GLN H 149 -15.97 5.54 -22.85
CA GLN H 149 -14.74 5.90 -22.15
C GLN H 149 -13.77 6.66 -23.06
N ARG H 150 -13.60 6.19 -24.30
CA ARG H 150 -12.72 6.89 -25.24
C ARG H 150 -13.25 8.27 -25.58
N THR H 151 -14.58 8.40 -25.74
CA THR H 151 -15.16 9.72 -25.98
C THR H 151 -14.95 10.64 -24.79
N ARG H 152 -15.09 10.11 -23.58
CA ARG H 152 -14.87 10.92 -22.38
C ARG H 152 -13.43 11.41 -22.31
N MET H 153 -12.47 10.53 -22.63
CA MET H 153 -11.08 10.97 -22.59
C MET H 153 -10.75 11.93 -23.72
N LEU H 154 -11.40 11.79 -24.89
CA LEU H 154 -11.27 12.80 -25.93
C LEU H 154 -11.72 14.16 -25.44
N GLY H 155 -12.90 14.21 -24.83
CA GLY H 155 -13.40 15.48 -24.29
C GLY H 155 -12.48 16.04 -23.22
N GLU H 156 -11.97 15.19 -22.35
CA GLU H 156 -11.06 15.64 -21.29
C GLU H 156 -9.77 16.22 -21.87
N ALA H 157 -9.21 15.58 -22.89
CA ALA H 157 -7.99 16.10 -23.51
C ALA H 157 -8.25 17.44 -24.18
N ILE H 158 -9.37 17.56 -24.90
CA ILE H 158 -9.67 18.82 -25.56
C ILE H 158 -9.90 19.93 -24.54
N GLY H 159 -10.60 19.64 -23.46
CA GLY H 159 -10.81 20.64 -22.42
C GLY H 159 -9.51 21.03 -21.73
N ARG H 160 -8.64 20.06 -21.50
CA ARG H 160 -7.35 20.37 -20.88
C ARG H 160 -6.51 21.26 -21.78
N PHE H 161 -6.56 21.02 -23.10
CA PHE H 161 -5.86 21.93 -24.01
C PHE H 161 -6.47 23.32 -23.99
N THR H 162 -7.81 23.42 -24.02
CA THR H 162 -8.44 24.72 -24.18
C THR H 162 -8.42 25.53 -22.88
N SER H 163 -8.18 24.88 -21.74
CA SER H 163 -8.18 25.62 -20.48
C SER H 163 -6.97 26.54 -20.36
N THR H 164 -5.97 26.38 -21.21
CA THR H 164 -4.75 27.18 -21.14
C THR H 164 -4.70 28.30 -22.17
N LEU H 165 -5.80 28.60 -22.86
CA LEU H 165 -5.79 29.61 -23.91
C LEU H 165 -6.16 31.01 -23.41
N ASN H 166 -6.57 31.14 -22.15
CA ASN H 166 -6.97 32.43 -21.58
C ASN H 166 -8.11 33.06 -22.39
N LYS H 167 -9.09 32.23 -22.77
CA LYS H 167 -10.23 32.67 -23.56
C LYS H 167 -11.52 32.19 -22.93
N ARG H 168 -12.63 32.77 -23.37
CA ARG H 168 -13.95 32.27 -23.00
C ARG H 168 -14.41 31.27 -24.06
N VAL H 169 -14.61 30.02 -23.64
CA VAL H 169 -14.84 28.91 -24.56
C VAL H 169 -16.28 28.44 -24.40
N LEU H 170 -16.95 28.23 -25.53
CA LEU H 170 -18.29 27.65 -25.57
C LEU H 170 -18.22 26.27 -26.18
N PHE H 171 -18.76 25.28 -25.48
CA PHE H 171 -18.77 23.90 -25.94
C PHE H 171 -20.18 23.54 -26.41
N LEU H 172 -20.28 22.87 -27.56
CA LEU H 172 -21.55 22.49 -28.14
C LEU H 172 -21.58 21.00 -28.45
N GLY H 173 -22.72 20.37 -28.19
CA GLY H 173 -22.97 19.02 -28.62
C GLY H 173 -24.21 18.95 -29.51
N SER H 174 -24.04 18.52 -30.75
CA SER H 174 -25.11 18.58 -31.74
C SER H 174 -25.89 17.28 -31.88
N GLY H 175 -25.53 16.24 -31.13
CA GLY H 175 -26.23 14.98 -31.25
C GLY H 175 -27.63 15.02 -30.68
N GLY H 176 -28.48 14.12 -31.19
CA GLY H 176 -29.84 14.01 -30.71
C GLY H 176 -30.02 12.87 -29.72
N LEU H 177 -31.21 12.81 -29.14
CA LEU H 177 -31.53 11.78 -28.16
C LEU H 177 -31.99 10.53 -28.88
N SER H 178 -32.57 9.58 -28.14
CA SER H 178 -32.91 8.27 -28.69
C SER H 178 -33.84 8.39 -29.89
N HIS H 179 -33.48 7.73 -30.98
CA HIS H 179 -34.26 7.67 -32.20
C HIS H 179 -33.68 6.58 -33.08
N GLN H 180 -34.41 6.22 -34.13
CA GLN H 180 -34.02 5.15 -35.05
C GLN H 180 -34.60 5.44 -36.43
N PRO H 181 -33.95 6.29 -37.20
CA PRO H 181 -34.42 6.56 -38.56
C PRO H 181 -33.81 5.57 -39.54
N PRO H 182 -34.36 5.47 -40.76
CA PRO H 182 -33.80 4.54 -41.74
C PRO H 182 -32.42 5.02 -42.21
N VAL H 183 -31.41 4.20 -41.97
CA VAL H 183 -30.03 4.52 -42.34
C VAL H 183 -29.46 3.37 -43.15
N PRO H 184 -28.90 3.63 -44.33
CA PRO H 184 -28.33 2.54 -45.14
C PRO H 184 -27.20 1.83 -44.42
N GLU H 185 -27.12 0.51 -44.62
CA GLU H 185 -26.12 -0.32 -43.99
C GLU H 185 -25.29 -1.04 -45.04
N LEU H 186 -24.02 -1.29 -44.71
CA LEU H 186 -23.11 -1.95 -45.66
C LEU H 186 -23.46 -3.42 -45.85
N ALA H 187 -23.90 -4.09 -44.78
CA ALA H 187 -24.13 -5.53 -44.85
C ALA H 187 -25.30 -5.87 -45.76
N LYS H 188 -26.38 -5.10 -45.70
CA LYS H 188 -27.60 -5.41 -46.43
C LYS H 188 -27.71 -4.62 -47.73
N ALA H 189 -26.62 -4.01 -48.19
CA ALA H 189 -26.66 -3.15 -49.35
C ALA H 189 -26.69 -3.95 -50.65
N ASP H 190 -27.08 -3.27 -51.72
CA ASP H 190 -26.95 -3.79 -53.07
C ASP H 190 -25.72 -3.18 -53.74
N ALA H 191 -25.52 -3.46 -55.03
CA ALA H 191 -24.31 -3.01 -55.71
C ALA H 191 -24.23 -1.48 -55.74
N HIS H 192 -25.31 -0.82 -56.17
CA HIS H 192 -25.27 0.64 -56.28
C HIS H 192 -25.09 1.29 -54.92
N MET H 193 -25.81 0.81 -53.90
CA MET H 193 -25.71 1.44 -52.59
C MET H 193 -24.41 1.07 -51.88
N ARG H 194 -23.84 -0.10 -52.15
CA ARG H 194 -22.48 -0.39 -51.71
C ARG H 194 -21.48 0.59 -52.34
N ASP H 195 -21.64 0.85 -53.64
CA ASP H 195 -20.75 1.80 -54.31
C ASP H 195 -20.88 3.19 -53.71
N ARG H 196 -22.10 3.61 -53.40
CA ARG H 196 -22.30 4.92 -52.77
C ARG H 196 -21.73 4.95 -51.35
N LEU H 197 -21.83 3.84 -50.61
CA LEU H 197 -21.34 3.83 -49.24
C LEU H 197 -19.81 3.83 -49.19
N LEU H 198 -19.16 3.08 -50.07
CA LEU H 198 -17.70 3.05 -50.06
C LEU H 198 -17.11 4.39 -50.48
N GLY H 199 -17.82 5.13 -51.33
CA GLY H 199 -17.32 6.41 -51.78
C GLY H 199 -18.25 7.01 -52.82
N SER H 200 -17.73 8.03 -53.51
CA SER H 200 -18.43 8.71 -54.60
C SER H 200 -19.70 9.39 -54.12
N GLY H 201 -19.94 9.36 -52.80
CA GLY H 201 -21.08 10.07 -52.24
C GLY H 201 -20.85 11.54 -51.96
N LYS H 202 -19.59 11.99 -52.02
CA LYS H 202 -19.31 13.41 -51.87
C LYS H 202 -19.89 14.22 -53.01
N ASP H 203 -19.72 13.73 -54.24
CA ASP H 203 -20.28 14.39 -55.43
C ASP H 203 -21.65 13.82 -55.78
N LEU H 204 -22.56 13.83 -54.80
CA LEU H 204 -23.88 13.25 -54.98
C LEU H 204 -24.76 14.19 -55.81
N PRO H 205 -25.38 13.71 -56.87
CA PRO H 205 -26.28 14.57 -57.66
C PRO H 205 -27.52 14.94 -56.87
N ALA H 206 -28.16 16.03 -57.31
CA ALA H 206 -29.30 16.58 -56.58
C ALA H 206 -30.51 15.65 -56.62
N SER H 207 -30.66 14.84 -57.67
CA SER H 207 -31.81 13.94 -57.74
C SER H 207 -31.77 12.89 -56.64
N GLU H 208 -30.59 12.32 -56.38
CA GLU H 208 -30.46 11.36 -55.30
C GLU H 208 -30.70 12.02 -53.95
N ARG H 209 -30.27 13.27 -53.79
CA ARG H 209 -30.55 14.01 -52.55
C ARG H 209 -32.05 14.19 -52.36
N GLU H 210 -32.76 14.54 -53.43
CA GLU H 210 -34.21 14.69 -53.34
C GLU H 210 -34.88 13.38 -52.97
N LEU H 211 -34.44 12.28 -53.59
CA LEU H 211 -35.02 10.98 -53.27
C LEU H 211 -34.75 10.60 -51.82
N ARG H 212 -33.54 10.87 -51.32
CA ARG H 212 -33.21 10.56 -49.93
C ARG H 212 -34.07 11.38 -48.98
N GLN H 213 -34.21 12.67 -49.25
CA GLN H 213 -35.02 13.53 -48.38
C GLN H 213 -36.48 13.09 -48.40
N GLN H 214 -37.01 12.74 -49.57
CA GLN H 214 -38.38 12.28 -49.66
C GLN H 214 -38.58 10.98 -48.88
N ARG H 215 -37.62 10.05 -48.98
CA ARG H 215 -37.73 8.81 -48.22
C ARG H 215 -37.70 9.09 -46.72
N VAL H 216 -36.83 10.00 -46.28
CA VAL H 216 -36.76 10.35 -44.86
C VAL H 216 -38.08 10.94 -44.40
N ILE H 217 -38.67 11.83 -45.19
CA ILE H 217 -39.93 12.45 -44.83
C ILE H 217 -41.05 11.41 -44.76
N SER H 218 -41.10 10.50 -45.73
CA SER H 218 -42.11 9.45 -45.72
C SER H 218 -41.96 8.54 -44.52
N ALA H 219 -40.72 8.17 -44.19
CA ALA H 219 -40.49 7.34 -43.02
C ALA H 219 -40.90 8.05 -41.74
N ALA H 220 -40.64 9.37 -41.67
CA ALA H 220 -41.08 10.14 -40.51
C ALA H 220 -42.59 10.14 -40.40
N GLU H 221 -43.30 10.29 -41.53
CA GLU H 221 -44.76 10.27 -41.49
C GLU H 221 -45.29 8.91 -41.05
N LYS H 222 -44.68 7.82 -41.55
CA LYS H 222 -45.09 6.49 -41.10
C LYS H 222 -44.81 6.29 -39.62
N PHE H 223 -43.70 6.84 -39.13
CA PHE H 223 -43.40 6.79 -37.70
C PHE H 223 -44.45 7.53 -36.88
N VAL H 224 -44.91 8.68 -37.40
CA VAL H 224 -46.00 9.40 -36.75
C VAL H 224 -47.26 8.54 -36.72
N GLU H 225 -47.53 7.82 -37.82
CA GLU H 225 -48.67 6.91 -37.83
C GLU H 225 -48.52 5.80 -36.80
N ASP H 226 -47.33 5.21 -36.71
CA ASP H 226 -47.06 4.16 -35.75
C ASP H 226 -45.57 4.11 -35.46
N GLN H 227 -45.21 3.94 -34.18
CA GLN H 227 -43.82 3.96 -33.77
C GLN H 227 -43.14 2.61 -33.93
N ARG H 228 -43.87 1.54 -34.25
CA ARG H 228 -43.26 0.23 -34.36
C ARG H 228 -42.59 -0.01 -35.72
N THR H 229 -42.82 0.86 -36.70
CA THR H 229 -42.10 0.74 -37.97
C THR H 229 -40.60 0.92 -37.77
N LEU H 230 -40.22 1.73 -36.79
CA LEU H 230 -38.84 1.90 -36.35
C LEU H 230 -38.77 1.48 -34.88
N HIS H 231 -37.62 1.72 -34.26
CA HIS H 231 -37.50 1.46 -32.83
C HIS H 231 -38.25 2.54 -32.06
N PRO H 232 -39.19 2.18 -31.18
CA PRO H 232 -39.96 3.18 -30.47
C PRO H 232 -39.10 4.00 -29.52
N LEU H 233 -39.54 5.24 -29.27
CA LEU H 233 -38.82 6.14 -28.39
C LEU H 233 -38.78 5.60 -26.97
N ASN H 234 -37.73 5.97 -26.23
CA ASN H 234 -37.49 5.47 -24.87
C ASN H 234 -37.28 6.67 -23.96
N PRO H 235 -38.36 7.30 -23.47
CA PRO H 235 -38.20 8.45 -22.57
C PRO H 235 -37.47 8.12 -21.29
N ILE H 236 -37.62 6.90 -20.77
CA ILE H 236 -36.99 6.54 -19.50
C ILE H 236 -35.47 6.63 -19.61
N TRP H 237 -34.91 6.06 -20.69
CA TRP H 237 -33.47 6.08 -20.83
C TRP H 237 -32.96 7.49 -21.10
N ASP H 238 -33.72 8.28 -21.87
CA ASP H 238 -33.32 9.66 -22.12
C ASP H 238 -33.25 10.46 -20.83
N ASN H 239 -34.26 10.33 -19.98
CA ASN H 239 -34.26 11.04 -18.71
C ASN H 239 -33.14 10.55 -17.80
N GLN H 240 -32.87 9.24 -17.80
CA GLN H 240 -31.77 8.71 -17.01
C GLN H 240 -30.44 9.28 -17.49
N PHE H 241 -30.23 9.35 -18.81
CA PHE H 241 -28.99 9.87 -19.36
C PHE H 241 -28.80 11.34 -18.99
N MET H 242 -29.86 12.13 -19.13
CA MET H 242 -29.76 13.55 -18.78
C MET H 242 -29.48 13.73 -17.28
N THR H 243 -30.14 12.95 -16.43
CA THR H 243 -29.91 13.05 -15.00
C THR H 243 -28.48 12.65 -14.64
N LEU H 244 -27.96 11.60 -15.29
CA LEU H 244 -26.58 11.20 -15.06
C LEU H 244 -25.61 12.29 -15.47
N LEU H 245 -25.87 12.95 -16.61
CA LEU H 245 -25.00 14.04 -17.04
C LEU H 245 -25.02 15.20 -16.06
N GLU H 246 -26.20 15.55 -15.55
CA GLU H 246 -26.30 16.71 -14.65
C GLU H 246 -25.65 16.43 -13.30
N GLN H 247 -25.77 15.21 -12.79
CA GLN H 247 -25.27 14.89 -11.45
C GLN H 247 -23.77 14.69 -11.41
N GLY H 248 -23.06 14.89 -12.51
CA GLY H 248 -21.63 14.68 -12.51
C GLY H 248 -21.20 13.24 -12.43
N ARG H 249 -22.04 12.33 -12.90
CA ARG H 249 -21.80 10.88 -12.83
C ARG H 249 -21.51 10.31 -14.22
N ILE H 250 -20.73 11.05 -15.01
CA ILE H 250 -20.47 10.67 -16.39
C ILE H 250 -19.73 9.34 -16.48
N GLN H 251 -18.83 9.08 -15.52
CA GLN H 251 -18.05 7.84 -15.56
C GLN H 251 -18.92 6.60 -15.45
N GLU H 252 -20.11 6.71 -14.86
CA GLU H 252 -21.02 5.57 -14.78
C GLU H 252 -21.44 5.09 -16.16
N LEU H 253 -21.27 5.92 -17.19
CA LEU H 253 -21.60 5.51 -18.55
C LEU H 253 -20.53 4.60 -19.17
N ASP H 254 -19.38 4.43 -18.52
CA ASP H 254 -18.36 3.53 -19.04
C ASP H 254 -18.80 2.07 -18.98
N ALA H 255 -19.75 1.73 -18.10
CA ALA H 255 -20.21 0.35 -18.01
C ALA H 255 -21.14 -0.02 -19.15
N VAL H 256 -21.84 0.96 -19.72
CA VAL H 256 -22.74 0.68 -20.83
C VAL H 256 -21.94 0.42 -22.09
N SER H 257 -22.31 -0.62 -22.82
CA SER H 257 -21.63 -1.00 -24.06
C SER H 257 -22.43 -0.49 -25.26
N ASN H 258 -21.84 -0.66 -26.44
CA ASN H 258 -22.45 -0.16 -27.66
C ASN H 258 -23.66 -0.99 -28.06
N GLU H 259 -23.54 -2.32 -28.00
CA GLU H 259 -24.66 -3.18 -28.35
C GLU H 259 -25.80 -3.05 -27.34
N GLU H 260 -25.46 -2.89 -26.06
CA GLU H 260 -26.49 -2.67 -25.04
C GLU H 260 -27.26 -1.39 -25.32
N LEU H 261 -26.55 -0.31 -25.66
CA LEU H 261 -27.22 0.95 -25.99
C LEU H 261 -28.08 0.82 -27.23
N SER H 262 -27.59 0.13 -28.26
CA SER H 262 -28.36 -0.06 -29.48
C SER H 262 -29.63 -0.86 -29.21
N ALA H 263 -29.53 -1.89 -28.38
CA ALA H 263 -30.71 -2.69 -28.06
C ALA H 263 -31.70 -1.90 -27.20
N ILE H 264 -31.22 -1.14 -26.24
CA ILE H 264 -32.11 -0.43 -25.33
C ILE H 264 -32.82 0.71 -26.05
N ALA H 265 -32.09 1.53 -26.79
CA ALA H 265 -32.64 2.77 -27.32
C ALA H 265 -32.67 2.87 -28.83
N GLY H 266 -31.79 2.20 -29.55
CA GLY H 266 -31.75 2.32 -31.00
C GLY H 266 -30.35 2.59 -31.53
N LYS H 267 -30.15 2.34 -32.83
CA LYS H 267 -28.82 2.45 -33.40
C LYS H 267 -28.33 3.89 -33.47
N SER H 268 -29.24 4.85 -33.71
CA SER H 268 -28.83 6.23 -33.86
C SER H 268 -28.58 6.94 -32.54
N THR H 269 -29.01 6.35 -31.41
CA THR H 269 -28.78 6.97 -30.11
C THR H 269 -27.32 7.21 -29.84
N HIS H 270 -26.42 6.56 -30.59
CA HIS H 270 -24.99 6.77 -30.42
C HIS H 270 -24.60 8.22 -30.68
N GLU H 271 -25.45 9.00 -31.34
CA GLU H 271 -25.15 10.43 -31.51
C GLU H 271 -24.92 11.11 -30.16
N ILE H 272 -25.57 10.63 -29.11
CA ILE H 272 -25.40 11.24 -27.78
C ILE H 272 -23.96 11.21 -27.32
N LYS H 273 -23.09 10.43 -27.96
CA LYS H 273 -21.67 10.47 -27.59
C LYS H 273 -21.14 11.90 -27.65
N THR H 274 -21.60 12.68 -28.63
CA THR H 274 -21.17 14.08 -28.71
C THR H 274 -21.44 14.79 -27.39
N TRP H 275 -22.65 14.64 -26.86
CA TRP H 275 -22.99 15.24 -25.56
C TRP H 275 -21.94 14.88 -24.53
N VAL H 276 -21.61 13.58 -24.43
CA VAL H 276 -20.66 13.12 -23.43
C VAL H 276 -19.36 13.90 -23.57
N ALA H 277 -18.84 13.98 -24.81
CA ALA H 277 -17.58 14.68 -25.03
C ALA H 277 -17.68 16.10 -24.49
N ALA H 278 -18.76 16.81 -24.85
CA ALA H 278 -18.92 18.19 -24.42
C ALA H 278 -18.81 18.28 -22.90
N PHE H 279 -19.54 17.42 -22.19
CA PHE H 279 -19.55 17.52 -20.74
C PHE H 279 -18.16 17.25 -20.19
N ALA H 280 -17.46 16.25 -20.74
CA ALA H 280 -16.10 15.97 -20.28
C ALA H 280 -15.24 17.21 -20.40
N ALA H 281 -15.39 17.95 -21.51
CA ALA H 281 -14.58 19.14 -21.72
C ALA H 281 -14.77 20.13 -20.58
N ILE H 282 -16.03 20.38 -20.19
CA ILE H 282 -16.25 21.41 -19.18
C ILE H 282 -15.70 20.93 -17.84
N SER H 283 -15.58 19.61 -17.65
CA SER H 283 -15.04 19.11 -16.40
C SER H 283 -13.57 19.50 -16.21
N ALA H 284 -12.90 19.92 -17.28
CA ALA H 284 -11.51 20.35 -17.16
C ALA H 284 -11.40 21.78 -16.66
N PHE H 285 -12.49 22.55 -16.68
CA PHE H 285 -12.39 23.95 -16.30
C PHE H 285 -12.65 24.19 -14.82
N GLY H 286 -13.02 23.15 -14.08
CA GLY H 286 -13.26 23.30 -12.65
C GLY H 286 -14.68 23.01 -12.24
N ASN H 287 -15.19 23.74 -11.25
CA ASN H 287 -16.56 23.55 -10.81
C ASN H 287 -17.54 24.16 -11.80
N TRP H 288 -18.65 23.47 -12.02
CA TRP H 288 -19.67 23.93 -12.94
C TRP H 288 -21.04 23.51 -12.42
N ARG H 289 -22.08 24.18 -12.92
CA ARG H 289 -23.45 23.84 -12.57
C ARG H 289 -24.32 23.91 -13.81
N SER H 290 -25.36 23.09 -13.83
CA SER H 290 -26.22 22.93 -15.00
C SER H 290 -27.48 23.77 -14.88
N GLU H 291 -28.20 23.87 -15.99
CA GLU H 291 -29.40 24.70 -16.07
C GLU H 291 -30.12 24.40 -17.39
N GLY H 292 -31.31 24.97 -17.51
CA GLY H 292 -32.06 24.93 -18.75
C GLY H 292 -32.40 23.55 -19.25
N ARG H 293 -32.69 22.62 -18.34
CA ARG H 293 -33.05 21.27 -18.75
C ARG H 293 -34.40 21.28 -19.44
N TYR H 294 -34.48 20.65 -20.62
CA TYR H 294 -35.73 20.52 -21.33
C TYR H 294 -35.71 19.21 -22.10
N TYR H 295 -36.80 18.45 -22.00
CA TYR H 295 -36.95 17.23 -22.77
C TYR H 295 -38.40 17.07 -23.16
N ARG H 296 -38.63 16.54 -24.37
CA ARG H 296 -39.99 16.26 -24.81
C ARG H 296 -39.97 15.27 -25.97
N PRO H 297 -40.72 14.18 -25.88
CA PRO H 297 -40.82 13.25 -27.00
C PRO H 297 -41.74 13.79 -28.08
N ILE H 298 -41.15 14.21 -29.19
CA ILE H 298 -41.89 14.76 -30.32
C ILE H 298 -42.01 13.65 -31.37
N PRO H 299 -43.18 13.05 -31.57
CA PRO H 299 -43.30 11.96 -32.55
C PRO H 299 -43.31 12.45 -33.98
N GLU H 300 -43.72 13.70 -34.19
CA GLU H 300 -43.77 14.25 -35.54
C GLU H 300 -42.39 14.27 -36.18
N TRP H 301 -41.38 14.69 -35.43
CA TRP H 301 -40.00 14.41 -35.81
C TRP H 301 -39.62 13.03 -35.30
N ILE H 302 -38.57 12.45 -35.89
CA ILE H 302 -38.20 11.10 -35.50
C ILE H 302 -37.60 11.07 -34.10
N ALA H 303 -36.80 12.08 -33.76
CA ALA H 303 -36.08 12.07 -32.49
C ALA H 303 -36.93 12.62 -31.36
N GLY H 304 -36.42 12.46 -30.14
CA GLY H 304 -37.01 13.07 -28.96
C GLY H 304 -36.21 14.28 -28.53
N PHE H 305 -36.82 15.45 -28.55
CA PHE H 305 -36.09 16.70 -28.41
C PHE H 305 -35.55 16.88 -27.00
N GLY H 306 -34.32 17.38 -26.91
CA GLY H 306 -33.72 17.65 -25.62
C GLY H 306 -32.77 18.83 -25.70
N SER H 307 -32.53 19.44 -24.54
CA SER H 307 -31.67 20.61 -24.45
C SER H 307 -31.18 20.77 -23.01
N LEU H 308 -29.91 21.13 -22.87
CA LEU H 308 -29.30 21.27 -21.56
C LEU H 308 -28.17 22.29 -21.66
N SER H 309 -27.88 22.97 -20.54
CA SER H 309 -26.82 23.96 -20.52
C SER H 309 -26.04 23.84 -19.22
N ALA H 310 -24.82 24.38 -19.22
CA ALA H 310 -23.99 24.38 -18.04
C ALA H 310 -23.04 25.57 -18.08
N ARG H 311 -22.63 26.03 -16.90
CA ARG H 311 -21.75 27.18 -16.77
C ARG H 311 -20.74 26.91 -15.66
N THR H 312 -19.51 27.36 -15.86
CA THR H 312 -18.50 27.21 -14.83
C THR H 312 -18.76 28.20 -13.68
N GLU H 313 -18.41 27.79 -12.47
CA GLU H 313 -18.57 28.62 -11.27
C GLU H 313 -17.21 29.25 -10.96
N ASN H 314 -17.03 30.48 -11.43
CA ASN H 314 -15.78 31.19 -11.23
C ASN H 314 -15.63 31.64 -9.78
N MET I 1 -33.40 15.19 -5.99
CA MET I 1 -33.18 13.90 -5.35
C MET I 1 -33.81 13.88 -3.95
N HIS I 2 -35.04 13.40 -3.88
CA HIS I 2 -35.84 13.41 -2.65
C HIS I 2 -36.38 12.02 -2.41
N ALA I 3 -36.35 11.58 -1.15
CA ALA I 3 -36.80 10.23 -0.82
C ALA I 3 -37.41 10.19 0.58
N TYR I 4 -38.40 9.32 0.73
CA TYR I 4 -39.06 9.06 1.99
C TYR I 4 -39.09 7.56 2.23
N LEU I 5 -39.11 7.17 3.50
CA LEU I 5 -39.10 5.77 3.89
C LEU I 5 -40.03 5.58 5.08
N HIS I 6 -40.78 4.48 5.08
CA HIS I 6 -41.60 4.12 6.23
C HIS I 6 -41.68 2.61 6.34
N CYS I 7 -41.28 2.07 7.49
CA CYS I 7 -41.36 0.65 7.77
C CYS I 7 -42.40 0.43 8.87
N LEU I 8 -43.30 -0.52 8.65
CA LEU I 8 -44.42 -0.76 9.55
C LEU I 8 -44.73 -2.24 9.61
N SER I 9 -45.05 -2.72 10.81
CA SER I 9 -45.44 -4.10 10.99
C SER I 9 -46.86 -4.32 10.48
N HIS I 10 -47.10 -5.51 9.90
CA HIS I 10 -48.42 -5.89 9.43
C HIS I 10 -48.93 -7.06 10.24
N SER I 11 -50.24 -7.11 10.43
CA SER I 11 -50.86 -8.17 11.22
C SER I 11 -52.19 -8.57 10.63
N PRO I 12 -52.35 -9.82 10.20
CA PRO I 12 -53.65 -10.25 9.65
C PRO I 12 -54.76 -10.25 10.68
N LEU I 13 -54.43 -10.24 11.97
CA LEU I 13 -55.44 -10.35 13.03
C LEU I 13 -55.82 -8.96 13.52
N VAL I 14 -56.43 -8.20 12.62
CA VAL I 14 -56.99 -6.90 12.95
C VAL I 14 -58.51 -7.05 12.94
N GLY I 15 -59.12 -6.90 14.11
CA GLY I 15 -60.53 -7.12 14.28
C GLY I 15 -60.91 -8.53 14.70
N TYR I 16 -60.22 -9.54 14.16
CA TYR I 16 -60.48 -10.92 14.57
C TYR I 16 -60.10 -11.12 16.03
N VAL I 17 -58.94 -10.62 16.44
CA VAL I 17 -58.51 -10.62 17.83
C VAL I 17 -58.06 -9.20 18.17
N ASP I 18 -58.56 -8.67 19.29
CA ASP I 18 -58.31 -7.27 19.59
C ASP I 18 -57.74 -7.10 20.99
N PRO I 19 -56.78 -6.18 21.15
CA PRO I 19 -56.34 -5.80 22.50
C PRO I 19 -57.24 -4.76 23.12
N ALA I 20 -56.82 -4.18 24.24
CA ALA I 20 -57.60 -3.12 24.88
C ALA I 20 -57.81 -1.95 23.92
N GLN I 21 -58.86 -1.17 24.18
CA GLN I 21 -59.22 -0.09 23.27
C GLN I 21 -58.17 1.02 23.27
N GLU I 22 -57.50 1.24 24.41
CA GLU I 22 -56.53 2.34 24.49
C GLU I 22 -55.34 2.08 23.58
N VAL I 23 -54.78 0.87 23.61
CA VAL I 23 -53.63 0.57 22.77
C VAL I 23 -54.03 0.54 21.29
N LEU I 24 -55.27 0.11 21.03
CA LEU I 24 -55.77 0.17 19.66
C LEU I 24 -55.85 1.61 19.16
N ASP I 25 -56.33 2.52 20.01
CA ASP I 25 -56.36 3.93 19.65
C ASP I 25 -54.96 4.48 19.43
N GLU I 26 -54.01 4.07 20.28
CA GLU I 26 -52.62 4.53 20.12
C GLU I 26 -52.03 4.06 18.80
N VAL I 27 -52.24 2.78 18.46
CA VAL I 27 -51.73 2.26 17.19
C VAL I 27 -52.38 2.98 16.01
N ASN I 28 -53.70 3.18 16.08
CA ASN I 28 -54.38 3.88 15.00
C ASN I 28 -53.88 5.31 14.85
N GLY I 29 -53.59 5.98 15.97
CA GLY I 29 -53.04 7.33 15.90
C GLY I 29 -51.66 7.36 15.29
N VAL I 30 -50.81 6.39 15.64
CA VAL I 30 -49.47 6.31 15.04
C VAL I 30 -49.59 6.11 13.53
N ILE I 31 -50.46 5.19 13.12
CA ILE I 31 -50.64 4.91 11.70
C ILE I 31 -51.17 6.14 10.97
N ALA I 32 -52.12 6.85 11.59
CA ALA I 32 -52.67 8.06 10.99
C ALA I 32 -51.61 9.15 10.84
N SER I 33 -50.75 9.31 11.84
CA SER I 33 -49.69 10.29 11.75
C SER I 33 -48.71 9.96 10.63
N ALA I 34 -48.36 8.67 10.51
CA ALA I 34 -47.48 8.25 9.42
C ALA I 34 -48.13 8.51 8.06
N ARG I 35 -49.43 8.23 7.95
CA ARG I 35 -50.15 8.49 6.71
C ARG I 35 -50.17 9.98 6.39
N GLU I 36 -50.34 10.83 7.41
CA GLU I 36 -50.31 12.27 7.19
C GLU I 36 -48.95 12.73 6.69
N ARG I 37 -47.87 12.21 7.28
CA ARG I 37 -46.54 12.58 6.82
C ARG I 37 -46.31 12.14 5.37
N ILE I 38 -46.75 10.92 5.03
CA ILE I 38 -46.60 10.43 3.66
C ILE I 38 -47.38 11.30 2.69
N ALA I 39 -48.62 11.66 3.05
CA ALA I 39 -49.44 12.51 2.18
C ALA I 39 -48.81 13.88 2.01
N ALA I 40 -48.19 14.41 3.07
CA ALA I 40 -47.47 15.67 2.94
C ALA I 40 -46.29 15.53 1.99
N PHE I 41 -45.59 14.40 2.04
CA PHE I 41 -44.45 14.20 1.14
C PHE I 41 -44.87 14.17 -0.33
N SER I 42 -46.06 13.62 -0.61
CA SER I 42 -46.61 13.53 -1.96
C SER I 42 -45.68 12.75 -2.90
N PRO I 43 -45.56 11.44 -2.72
CA PRO I 43 -44.64 10.66 -3.55
C PRO I 43 -45.15 10.45 -4.97
N GLU I 44 -44.23 10.15 -5.87
CA GLU I 44 -44.54 9.84 -7.26
C GLU I 44 -44.38 8.36 -7.59
N LEU I 45 -43.50 7.65 -6.88
CA LEU I 45 -43.28 6.23 -7.09
C LEU I 45 -43.17 5.54 -5.74
N VAL I 46 -43.62 4.29 -5.69
CA VAL I 46 -43.57 3.48 -4.47
C VAL I 46 -42.83 2.18 -4.77
N VAL I 47 -41.82 1.89 -3.96
CA VAL I 47 -41.12 0.61 -4.00
C VAL I 47 -41.46 -0.12 -2.70
N LEU I 48 -42.13 -1.26 -2.82
CA LEU I 48 -42.68 -1.97 -1.68
C LEU I 48 -41.99 -3.31 -1.53
N PHE I 49 -41.31 -3.51 -0.40
CA PHE I 49 -40.73 -4.80 -0.04
C PHE I 49 -41.67 -5.49 0.95
N ALA I 50 -42.10 -6.70 0.61
CA ALA I 50 -43.04 -7.41 1.46
C ALA I 50 -42.77 -8.91 1.37
N PRO I 51 -43.11 -9.66 2.42
CA PRO I 51 -42.95 -11.12 2.37
C PRO I 51 -44.19 -11.84 1.88
N ASP I 52 -44.13 -13.17 1.80
CA ASP I 52 -45.27 -14.00 1.45
C ASP I 52 -45.48 -15.04 2.54
N HIS I 53 -46.71 -15.54 2.62
CA HIS I 53 -47.13 -16.47 3.66
C HIS I 53 -47.69 -17.74 3.05
N TYR I 54 -46.95 -18.31 2.10
CA TYR I 54 -47.35 -19.51 1.36
C TYR I 54 -48.67 -19.28 0.64
N ASN I 55 -48.78 -18.14 -0.03
CA ASN I 55 -49.97 -17.78 -0.78
C ASN I 55 -49.72 -17.54 -2.25
N GLY I 56 -48.54 -17.07 -2.64
CA GLY I 56 -48.23 -16.85 -4.04
C GLY I 56 -47.01 -17.59 -4.53
N PHE I 57 -46.10 -17.94 -3.61
CA PHE I 57 -44.87 -18.65 -3.94
C PHE I 57 -44.84 -19.96 -3.18
N PHE I 58 -44.43 -21.03 -3.86
CA PHE I 58 -44.38 -22.34 -3.25
C PHE I 58 -43.09 -23.06 -3.60
N TYR I 59 -43.01 -24.36 -3.29
CA TYR I 59 -41.78 -25.10 -3.48
C TYR I 59 -41.61 -25.64 -4.90
N ASP I 60 -42.54 -25.36 -5.81
CA ASP I 60 -42.31 -25.67 -7.21
C ASP I 60 -41.13 -24.86 -7.75
N VAL I 61 -41.11 -23.55 -7.47
CA VAL I 61 -39.95 -22.70 -7.67
C VAL I 61 -39.95 -21.67 -6.54
N MET I 62 -38.92 -21.70 -5.69
CA MET I 62 -38.82 -20.76 -4.59
C MET I 62 -37.59 -19.88 -4.75
N PRO I 63 -37.73 -18.64 -5.19
CA PRO I 63 -36.57 -17.76 -5.33
C PRO I 63 -36.30 -16.99 -4.05
N PRO I 64 -35.07 -16.51 -3.84
CA PRO I 64 -34.83 -15.63 -2.70
C PRO I 64 -35.41 -14.24 -2.89
N PHE I 65 -35.26 -13.66 -4.08
CA PHE I 65 -35.82 -12.35 -4.42
C PHE I 65 -36.63 -12.48 -5.70
N CYS I 66 -37.72 -11.72 -5.78
CA CYS I 66 -38.54 -11.68 -6.98
C CYS I 66 -39.06 -10.28 -7.21
N LEU I 67 -39.23 -9.92 -8.47
CA LEU I 67 -39.80 -8.63 -8.85
C LEU I 67 -41.08 -8.87 -9.62
N GLY I 68 -42.15 -8.18 -9.24
CA GLY I 68 -43.43 -8.38 -9.89
C GLY I 68 -43.75 -7.38 -10.97
N VAL I 69 -43.56 -7.77 -12.24
CA VAL I 69 -43.97 -6.91 -13.34
C VAL I 69 -45.49 -6.80 -13.40
N GLY I 70 -46.19 -7.89 -13.10
CA GLY I 70 -47.63 -7.85 -12.92
C GLY I 70 -48.03 -8.51 -11.63
N ALA I 71 -48.85 -7.83 -10.82
CA ALA I 71 -49.23 -8.35 -9.52
C ALA I 71 -50.73 -8.19 -9.31
N THR I 72 -51.32 -9.15 -8.61
CA THR I 72 -52.75 -9.14 -8.31
C THR I 72 -52.94 -9.60 -6.87
N ALA I 73 -53.78 -8.87 -6.12
CA ALA I 73 -54.04 -9.20 -4.73
C ALA I 73 -55.19 -10.18 -4.62
N ILE I 74 -55.06 -11.14 -3.69
CA ILE I 74 -56.07 -12.19 -3.53
C ILE I 74 -57.09 -11.87 -2.45
N GLY I 75 -56.89 -10.82 -1.67
CA GLY I 75 -57.86 -10.41 -0.67
C GLY I 75 -58.08 -11.40 0.46
N ASP I 76 -57.00 -11.86 1.08
CA ASP I 76 -57.09 -12.79 2.19
C ASP I 76 -57.12 -12.04 3.52
N PHE I 77 -57.75 -12.67 4.51
CA PHE I 77 -57.86 -12.12 5.87
C PHE I 77 -58.57 -10.77 5.90
N GLY I 78 -59.50 -10.57 4.97
CA GLY I 78 -60.24 -9.31 4.91
C GLY I 78 -59.53 -8.18 4.21
N SER I 79 -58.32 -8.41 3.69
CA SER I 79 -57.61 -7.36 2.96
C SER I 79 -58.25 -7.14 1.60
N ALA I 80 -57.85 -6.06 0.94
CA ALA I 80 -58.43 -5.69 -0.34
C ALA I 80 -57.96 -6.64 -1.43
N ALA I 81 -58.85 -6.90 -2.39
CA ALA I 81 -58.57 -7.77 -3.53
C ALA I 81 -58.65 -6.94 -4.80
N GLY I 82 -57.65 -7.08 -5.66
CA GLY I 82 -57.62 -6.34 -6.90
C GLY I 82 -56.26 -6.44 -7.55
N GLU I 83 -56.13 -5.74 -8.68
CA GLU I 83 -54.91 -5.75 -9.46
C GLU I 83 -54.11 -4.48 -9.21
N LEU I 84 -52.82 -4.64 -8.94
CA LEU I 84 -51.95 -3.52 -8.61
C LEU I 84 -51.51 -2.78 -9.88
N PRO I 85 -51.42 -1.44 -9.83
CA PRO I 85 -50.91 -0.67 -10.97
C PRO I 85 -49.39 -0.66 -10.98
N VAL I 86 -48.80 -1.37 -11.94
CA VAL I 86 -47.35 -1.50 -12.05
C VAL I 86 -46.93 -0.95 -13.41
N PRO I 87 -45.99 0.00 -13.46
CA PRO I 87 -45.46 0.43 -14.77
C PRO I 87 -44.55 -0.62 -15.39
N VAL I 88 -44.97 -1.18 -16.53
CA VAL I 88 -44.28 -2.33 -17.11
C VAL I 88 -42.88 -1.95 -17.57
N GLU I 89 -42.75 -0.83 -18.29
CA GLU I 89 -41.45 -0.44 -18.82
C GLU I 89 -40.47 -0.10 -17.72
N LEU I 90 -40.92 0.63 -16.70
CA LEU I 90 -40.07 0.96 -15.57
C LEU I 90 -39.65 -0.30 -14.82
N ALA I 91 -40.57 -1.25 -14.65
CA ALA I 91 -40.25 -2.49 -13.97
C ALA I 91 -39.20 -3.29 -14.74
N GLU I 92 -39.35 -3.36 -16.07
CA GLU I 92 -38.37 -4.09 -16.88
C GLU I 92 -37.01 -3.42 -16.85
N ALA I 93 -36.98 -2.09 -16.90
CA ALA I 93 -35.71 -1.38 -16.78
C ALA I 93 -35.06 -1.63 -15.43
N CYS I 94 -35.86 -1.63 -14.36
CA CYS I 94 -35.33 -1.92 -13.02
C CYS I 94 -34.76 -3.33 -12.95
N ALA I 95 -35.47 -4.30 -13.53
CA ALA I 95 -34.98 -5.68 -13.54
C ALA I 95 -33.65 -5.77 -14.27
N HIS I 96 -33.55 -5.13 -15.44
CA HIS I 96 -32.30 -5.15 -16.19
C HIS I 96 -31.16 -4.53 -15.40
N ALA I 97 -31.41 -3.38 -14.77
CA ALA I 97 -30.36 -2.70 -14.02
C ALA I 97 -29.92 -3.51 -12.81
N VAL I 98 -30.86 -4.10 -12.08
CA VAL I 98 -30.50 -4.87 -10.89
C VAL I 98 -29.76 -6.14 -11.29
N MET I 99 -30.19 -6.79 -12.38
CA MET I 99 -29.47 -7.96 -12.87
C MET I 99 -28.05 -7.60 -13.27
N LYS I 100 -27.87 -6.45 -13.92
CA LYS I 100 -26.52 -6.03 -14.32
C LYS I 100 -25.68 -5.65 -13.11
N SER I 101 -26.29 -5.16 -12.04
CA SER I 101 -25.55 -4.76 -10.86
C SER I 101 -24.92 -5.93 -10.11
N GLY I 102 -25.28 -7.15 -10.44
CA GLY I 102 -24.74 -8.32 -9.78
C GLY I 102 -25.68 -9.03 -8.81
N ILE I 103 -26.99 -8.84 -8.94
CA ILE I 103 -27.97 -9.49 -8.08
C ILE I 103 -28.75 -10.48 -8.94
N ASP I 104 -28.87 -11.72 -8.46
CA ASP I 104 -29.59 -12.77 -9.18
C ASP I 104 -31.06 -12.64 -8.81
N LEU I 105 -31.81 -11.93 -9.64
CA LEU I 105 -33.19 -11.55 -9.37
C LEU I 105 -34.13 -12.30 -10.29
N ALA I 106 -35.18 -12.88 -9.71
CA ALA I 106 -36.23 -13.52 -10.50
C ALA I 106 -37.29 -12.50 -10.86
N VAL I 107 -38.00 -12.77 -11.96
CA VAL I 107 -39.06 -11.89 -12.45
C VAL I 107 -40.33 -12.70 -12.62
N SER I 108 -41.47 -12.07 -12.39
CA SER I 108 -42.76 -12.69 -12.53
C SER I 108 -43.72 -11.73 -13.20
N TYR I 109 -44.47 -12.23 -14.19
CA TYR I 109 -45.45 -11.42 -14.88
C TYR I 109 -46.88 -11.67 -14.38
N CYS I 110 -47.05 -12.58 -13.43
CA CYS I 110 -48.35 -12.82 -12.79
C CYS I 110 -48.06 -13.27 -11.36
N MET I 111 -48.06 -12.32 -10.43
CA MET I 111 -47.70 -12.56 -9.04
C MET I 111 -48.93 -12.37 -8.17
N GLN I 112 -49.27 -13.39 -7.39
CA GLN I 112 -50.36 -13.29 -6.43
C GLN I 112 -49.80 -12.89 -5.07
N VAL I 113 -50.36 -11.83 -4.50
CA VAL I 113 -49.84 -11.24 -3.27
C VAL I 113 -50.93 -11.30 -2.20
N ASP I 114 -50.53 -11.63 -0.98
CA ASP I 114 -51.41 -11.77 0.16
C ASP I 114 -51.49 -10.43 0.92
N HIS I 115 -52.02 -10.48 2.15
CA HIS I 115 -52.21 -9.27 2.95
C HIS I 115 -50.91 -8.53 3.22
N GLY I 116 -49.77 -9.21 3.13
CA GLY I 116 -48.50 -8.54 3.38
C GLY I 116 -48.24 -7.39 2.43
N PHE I 117 -48.68 -7.53 1.18
CA PHE I 117 -48.56 -6.45 0.21
C PHE I 117 -49.73 -5.47 0.28
N ALA I 118 -50.95 -5.98 0.49
CA ALA I 118 -52.14 -5.15 0.37
C ALA I 118 -52.34 -4.24 1.58
N GLN I 119 -52.06 -4.74 2.79
CA GLN I 119 -52.41 -3.97 3.98
C GLN I 119 -51.64 -2.65 4.09
N PRO I 120 -50.32 -2.59 3.89
CA PRO I 120 -49.65 -1.28 3.95
C PRO I 120 -50.16 -0.30 2.90
N LEU I 121 -50.54 -0.78 1.71
CA LEU I 121 -51.06 0.11 0.68
C LEU I 121 -52.38 0.75 1.12
N GLU I 122 -53.26 -0.04 1.73
CA GLU I 122 -54.52 0.51 2.23
C GLU I 122 -54.27 1.48 3.39
N PHE I 123 -53.39 1.10 4.33
CA PHE I 123 -53.25 1.88 5.55
C PHE I 123 -52.51 3.19 5.30
N LEU I 124 -51.49 3.19 4.45
CA LEU I 124 -50.61 4.34 4.30
C LEU I 124 -50.91 5.19 3.07
N LEU I 125 -51.37 4.57 1.98
CA LEU I 125 -51.66 5.32 0.77
C LEU I 125 -53.15 5.58 0.56
N GLY I 126 -54.02 4.80 1.20
CA GLY I 126 -55.45 4.95 1.05
C GLY I 126 -56.11 3.96 0.12
N GLY I 127 -55.33 3.28 -0.72
CA GLY I 127 -55.89 2.30 -1.63
C GLY I 127 -54.79 1.62 -2.41
N LEU I 128 -55.20 0.60 -3.17
CA LEU I 128 -54.24 -0.16 -3.98
C LEU I 128 -53.84 0.58 -5.24
N ASP I 129 -54.74 1.36 -5.83
CA ASP I 129 -54.55 1.96 -7.13
C ASP I 129 -54.35 3.48 -7.06
N LYS I 130 -53.61 3.95 -6.05
CA LYS I 130 -53.36 5.39 -5.93
C LYS I 130 -52.07 5.80 -6.64
N VAL I 131 -50.97 5.13 -6.33
CA VAL I 131 -49.65 5.51 -6.84
C VAL I 131 -49.05 4.29 -7.53
N PRO I 132 -48.30 4.47 -8.63
CA PRO I 132 -47.59 3.32 -9.22
C PRO I 132 -46.63 2.69 -8.23
N VAL I 133 -46.56 1.36 -8.25
CA VAL I 133 -45.83 0.59 -7.25
C VAL I 133 -44.97 -0.45 -7.94
N LEU I 134 -43.76 -0.67 -7.41
CA LEU I 134 -42.90 -1.76 -7.82
C LEU I 134 -42.88 -2.81 -6.72
N PRO I 135 -43.54 -3.96 -6.90
CA PRO I 135 -43.54 -4.97 -5.83
C PRO I 135 -42.33 -5.87 -5.84
N VAL I 136 -41.66 -6.00 -4.69
CA VAL I 136 -40.47 -6.83 -4.55
C VAL I 136 -40.74 -7.84 -3.44
N PHE I 137 -40.66 -9.12 -3.77
CA PHE I 137 -40.87 -10.20 -2.83
C PHE I 137 -39.53 -10.71 -2.30
N ILE I 138 -39.43 -10.84 -0.99
CA ILE I 138 -38.26 -11.41 -0.32
C ILE I 138 -38.71 -12.65 0.45
N ASN I 139 -38.01 -13.76 0.25
CA ASN I 139 -38.37 -15.00 0.91
C ASN I 139 -37.98 -14.97 2.38
N GLY I 140 -38.87 -15.43 3.25
CA GLY I 140 -38.60 -15.44 4.67
C GLY I 140 -39.15 -16.61 5.44
N VAL I 141 -39.69 -17.62 4.73
CA VAL I 141 -40.32 -18.75 5.41
C VAL I 141 -39.73 -20.07 4.98
N ALA I 142 -39.14 -20.13 3.78
CA ALA I 142 -38.66 -21.38 3.20
C ALA I 142 -37.13 -21.36 3.17
N THR I 143 -36.51 -22.28 3.91
CA THR I 143 -35.06 -22.39 3.93
C THR I 143 -34.57 -23.12 2.68
N PRO I 144 -33.37 -22.78 2.18
CA PRO I 144 -32.45 -21.75 2.69
C PRO I 144 -32.91 -20.33 2.41
N LEU I 145 -32.53 -19.40 3.27
CA LEU I 145 -32.96 -18.02 3.20
C LEU I 145 -31.81 -17.09 2.84
N PRO I 146 -32.08 -15.96 2.21
CA PRO I 146 -31.02 -14.98 1.95
C PRO I 146 -30.53 -14.34 3.24
N GLY I 147 -29.26 -13.92 3.22
CA GLY I 147 -28.65 -13.29 4.36
C GLY I 147 -28.86 -11.80 4.41
N PHE I 148 -28.34 -11.18 5.47
CA PHE I 148 -28.46 -9.73 5.62
C PHE I 148 -27.63 -8.98 4.58
N GLN I 149 -26.45 -9.49 4.23
CA GLN I 149 -25.58 -8.79 3.30
C GLN I 149 -26.17 -8.76 1.90
N ARG I 150 -26.71 -9.89 1.43
CA ARG I 150 -27.31 -9.90 0.09
C ARG I 150 -28.56 -9.03 0.04
N THR I 151 -29.36 -9.02 1.11
CA THR I 151 -30.52 -8.14 1.16
C THR I 151 -30.09 -6.67 1.12
N ARG I 152 -29.02 -6.32 1.85
CA ARG I 152 -28.52 -4.96 1.82
C ARG I 152 -28.05 -4.58 0.42
N MET I 153 -27.36 -5.50 -0.26
CA MET I 153 -26.90 -5.20 -1.61
C MET I 153 -28.05 -5.07 -2.59
N LEU I 154 -29.11 -5.87 -2.43
CA LEU I 154 -30.29 -5.72 -3.27
C LEU I 154 -30.93 -4.35 -3.07
N GLY I 155 -31.07 -3.93 -1.80
CA GLY I 155 -31.62 -2.62 -1.53
C GLY I 155 -30.76 -1.51 -2.09
N GLU I 156 -29.44 -1.64 -1.99
CA GLU I 156 -28.55 -0.63 -2.53
C GLU I 156 -28.66 -0.54 -4.05
N ALA I 157 -28.75 -1.68 -4.73
CA ALA I 157 -28.89 -1.67 -6.18
C ALA I 157 -30.21 -1.02 -6.61
N ILE I 158 -31.30 -1.35 -5.91
CA ILE I 158 -32.59 -0.76 -6.26
C ILE I 158 -32.58 0.75 -6.02
N GLY I 159 -32.00 1.18 -4.89
CA GLY I 159 -31.92 2.61 -4.63
C GLY I 159 -31.05 3.34 -5.63
N ARG I 160 -29.94 2.72 -6.04
CA ARG I 160 -29.07 3.33 -7.04
C ARG I 160 -29.78 3.46 -8.38
N PHE I 161 -30.59 2.46 -8.75
CA PHE I 161 -31.38 2.61 -9.97
C PHE I 161 -32.41 3.72 -9.84
N THR I 162 -33.12 3.78 -8.72
CA THR I 162 -34.22 4.74 -8.58
C THR I 162 -33.74 6.16 -8.36
N SER I 163 -32.48 6.36 -7.96
CA SER I 163 -32.00 7.72 -7.73
C SER I 163 -31.81 8.52 -9.02
N THR I 164 -31.89 7.88 -10.19
CA THR I 164 -31.70 8.55 -11.46
C THR I 164 -33.01 8.77 -12.22
N LEU I 165 -34.15 8.59 -11.57
CA LEU I 165 -35.44 8.71 -12.25
C LEU I 165 -36.03 10.12 -12.16
N ASN I 166 -35.43 11.01 -11.38
CA ASN I 166 -35.91 12.39 -11.23
C ASN I 166 -37.34 12.43 -10.69
N LYS I 167 -37.69 11.50 -9.81
CA LYS I 167 -38.99 11.46 -9.17
C LYS I 167 -38.84 11.48 -7.66
N ARG I 168 -39.98 11.62 -6.97
CA ARG I 168 -40.03 11.48 -5.53
C ARG I 168 -40.45 10.05 -5.20
N VAL I 169 -39.57 9.33 -4.51
CA VAL I 169 -39.72 7.89 -4.29
C VAL I 169 -40.02 7.63 -2.82
N LEU I 170 -41.01 6.78 -2.58
CA LEU I 170 -41.36 6.32 -1.24
C LEU I 170 -41.02 4.85 -1.12
N PHE I 171 -40.25 4.50 -0.09
CA PHE I 171 -39.84 3.13 0.17
C PHE I 171 -40.62 2.58 1.34
N LEU I 172 -41.09 1.34 1.22
CA LEU I 172 -41.90 0.70 2.25
C LEU I 172 -41.34 -0.67 2.61
N GLY I 173 -41.32 -0.97 3.91
CA GLY I 173 -41.05 -2.31 4.40
C GLY I 173 -42.25 -2.82 5.16
N SER I 174 -42.67 -4.05 4.89
CA SER I 174 -43.93 -4.56 5.41
C SER I 174 -43.78 -5.71 6.39
N GLY I 175 -42.57 -6.14 6.69
CA GLY I 175 -42.39 -7.28 7.57
C GLY I 175 -42.63 -6.96 9.03
N GLY I 176 -42.87 -8.02 9.80
CA GLY I 176 -43.03 -7.89 11.24
C GLY I 176 -41.69 -7.75 11.94
N LEU I 177 -41.76 -7.67 13.26
CA LEU I 177 -40.55 -7.46 14.06
C LEU I 177 -40.06 -8.74 14.73
N SER I 178 -40.90 -9.40 15.53
CA SER I 178 -40.50 -10.62 16.21
C SER I 178 -41.72 -11.44 16.56
N HIS I 179 -41.76 -12.68 16.09
CA HIS I 179 -42.87 -13.61 16.33
C HIS I 179 -42.49 -14.96 15.77
N GLN I 180 -43.26 -15.98 16.13
CA GLN I 180 -43.10 -17.33 15.59
C GLN I 180 -44.45 -18.02 15.59
N PRO I 181 -45.34 -17.63 14.67
CA PRO I 181 -46.67 -18.25 14.60
C PRO I 181 -46.57 -19.62 13.95
N PRO I 182 -47.63 -20.43 14.05
CA PRO I 182 -47.59 -21.75 13.40
C PRO I 182 -47.53 -21.65 11.88
N VAL I 183 -46.41 -22.09 11.31
CA VAL I 183 -46.21 -22.03 9.86
C VAL I 183 -45.91 -23.44 9.35
N PRO I 184 -46.60 -23.90 8.33
CA PRO I 184 -46.33 -25.25 7.80
C PRO I 184 -44.89 -25.40 7.33
N GLU I 185 -44.33 -26.58 7.58
CA GLU I 185 -42.94 -26.88 7.22
C GLU I 185 -42.89 -28.10 6.32
N LEU I 186 -41.84 -28.16 5.50
CA LEU I 186 -41.70 -29.25 4.54
C LEU I 186 -41.24 -30.54 5.21
N ALA I 187 -40.35 -30.43 6.20
CA ALA I 187 -39.75 -31.62 6.81
C ALA I 187 -40.77 -32.46 7.56
N LYS I 188 -41.67 -31.80 8.30
CA LYS I 188 -42.61 -32.49 9.18
C LYS I 188 -43.99 -32.64 8.56
N ALA I 189 -44.12 -32.39 7.26
CA ALA I 189 -45.42 -32.40 6.61
C ALA I 189 -45.91 -33.82 6.34
N ASP I 190 -47.21 -33.95 6.15
CA ASP I 190 -47.85 -35.20 5.74
C ASP I 190 -48.07 -35.16 4.23
N ALA I 191 -48.78 -36.17 3.71
CA ALA I 191 -48.96 -36.30 2.26
C ALA I 191 -49.72 -35.12 1.68
N HIS I 192 -50.89 -34.81 2.24
CA HIS I 192 -51.68 -33.68 1.75
C HIS I 192 -50.95 -32.36 1.99
N MET I 193 -50.32 -32.23 3.15
CA MET I 193 -49.57 -31.02 3.47
C MET I 193 -48.38 -30.84 2.54
N ARG I 194 -47.66 -31.92 2.23
CA ARG I 194 -46.58 -31.86 1.26
C ARG I 194 -47.10 -31.48 -0.12
N ASP I 195 -48.23 -32.06 -0.52
CA ASP I 195 -48.81 -31.73 -1.83
C ASP I 195 -49.18 -30.26 -1.92
N ARG I 196 -49.74 -29.71 -0.85
CA ARG I 196 -50.06 -28.29 -0.84
C ARG I 196 -48.81 -27.42 -0.81
N LEU I 197 -47.74 -27.88 -0.17
CA LEU I 197 -46.51 -27.07 -0.10
C LEU I 197 -45.81 -27.01 -1.44
N LEU I 198 -45.76 -28.12 -2.17
CA LEU I 198 -45.08 -28.15 -3.47
C LEU I 198 -45.99 -27.62 -4.58
N GLY I 199 -46.51 -26.42 -4.40
CA GLY I 199 -47.44 -25.86 -5.36
C GLY I 199 -48.84 -26.42 -5.17
N SER I 200 -49.67 -26.20 -6.18
CA SER I 200 -51.06 -26.66 -6.22
C SER I 200 -51.89 -26.03 -5.10
N GLY I 201 -51.29 -25.09 -4.35
CA GLY I 201 -51.97 -24.35 -3.32
C GLY I 201 -52.36 -22.94 -3.69
N LYS I 202 -52.16 -22.54 -4.95
CA LYS I 202 -52.57 -21.21 -5.37
C LYS I 202 -54.09 -21.08 -5.40
N ASP I 203 -54.77 -22.06 -6.01
CA ASP I 203 -56.23 -22.06 -6.10
C ASP I 203 -56.84 -22.83 -4.94
N LEU I 204 -56.58 -22.35 -3.73
CA LEU I 204 -57.10 -22.98 -2.54
C LEU I 204 -58.61 -22.76 -2.44
N PRO I 205 -59.38 -23.81 -2.12
CA PRO I 205 -60.81 -23.61 -1.84
C PRO I 205 -61.02 -22.82 -0.56
N ALA I 206 -62.20 -22.20 -0.47
CA ALA I 206 -62.49 -21.32 0.66
C ALA I 206 -62.51 -22.07 1.99
N SER I 207 -62.84 -23.37 1.97
CA SER I 207 -62.89 -24.13 3.21
C SER I 207 -61.51 -24.25 3.84
N GLU I 208 -60.49 -24.55 3.03
CA GLU I 208 -59.13 -24.64 3.57
C GLU I 208 -58.66 -23.29 4.08
N ARG I 209 -59.02 -22.21 3.39
CA ARG I 209 -58.68 -20.87 3.87
C ARG I 209 -59.33 -20.59 5.21
N GLU I 210 -60.60 -20.95 5.37
CA GLU I 210 -61.28 -20.77 6.64
C GLU I 210 -60.61 -21.58 7.74
N LEU I 211 -60.25 -22.82 7.46
CA LEU I 211 -59.57 -23.65 8.45
C LEU I 211 -58.22 -23.04 8.84
N ARG I 212 -57.47 -22.54 7.87
CA ARG I 212 -56.18 -21.92 8.16
C ARG I 212 -56.35 -20.68 9.03
N GLN I 213 -57.32 -19.83 8.69
CA GLN I 213 -57.57 -18.62 9.48
C GLN I 213 -58.00 -18.97 10.90
N GLN I 214 -58.86 -19.99 11.05
CA GLN I 214 -59.29 -20.40 12.38
C GLN I 214 -58.13 -20.94 13.19
N ARG I 215 -57.24 -21.73 12.56
CA ARG I 215 -56.07 -22.23 13.27
C ARG I 215 -55.16 -21.08 13.71
N VAL I 216 -54.96 -20.08 12.85
CA VAL I 216 -54.14 -18.94 13.22
C VAL I 216 -54.77 -18.19 14.39
N ILE I 217 -56.09 -17.98 14.36
CA ILE I 217 -56.77 -17.26 15.43
C ILE I 217 -56.67 -18.03 16.74
N SER I 218 -56.87 -19.34 16.70
CA SER I 218 -56.78 -20.16 17.91
C SER I 218 -55.37 -20.14 18.48
N ALA I 219 -54.36 -20.24 17.60
CA ALA I 219 -52.98 -20.17 18.07
C ALA I 219 -52.68 -18.82 18.69
N ALA I 220 -53.22 -17.74 18.11
CA ALA I 220 -53.04 -16.42 18.69
C ALA I 220 -53.66 -16.34 20.08
N GLU I 221 -54.86 -16.90 20.24
CA GLU I 221 -55.51 -16.88 21.56
C GLU I 221 -54.71 -17.68 22.57
N LYS I 222 -54.19 -18.84 22.19
CA LYS I 222 -53.34 -19.61 23.09
C LYS I 222 -52.07 -18.86 23.45
N PHE I 223 -51.50 -18.13 22.48
CA PHE I 223 -50.33 -17.30 22.75
C PHE I 223 -50.66 -16.20 23.75
N VAL I 224 -51.86 -15.61 23.63
CA VAL I 224 -52.31 -14.64 24.62
C VAL I 224 -52.40 -15.28 25.99
N GLU I 225 -52.91 -16.51 26.05
CA GLU I 225 -52.95 -17.22 27.33
C GLU I 225 -51.55 -17.44 27.89
N ASP I 226 -50.61 -17.88 27.05
CA ASP I 226 -49.24 -18.08 27.46
C ASP I 226 -48.33 -17.97 26.25
N GLN I 227 -47.18 -17.31 26.43
CA GLN I 227 -46.25 -17.07 25.34
C GLN I 227 -45.34 -18.25 25.04
N ARG I 228 -45.36 -19.30 25.86
CA ARG I 228 -44.48 -20.44 25.65
C ARG I 228 -45.01 -21.44 24.64
N THR I 229 -46.26 -21.29 24.20
CA THR I 229 -46.77 -22.15 23.13
C THR I 229 -45.98 -21.94 21.84
N LEU I 230 -45.56 -20.71 21.58
CA LEU I 230 -44.66 -20.36 20.50
C LEU I 230 -43.38 -19.79 21.12
N HIS I 231 -42.51 -19.26 20.26
CA HIS I 231 -41.33 -18.58 20.78
C HIS I 231 -41.73 -17.26 21.41
N PRO I 232 -41.33 -17.00 22.66
CA PRO I 232 -41.74 -15.75 23.32
C PRO I 232 -41.12 -14.53 22.65
N LEU I 233 -41.81 -13.40 22.80
CA LEU I 233 -41.34 -12.15 22.22
C LEU I 233 -40.04 -11.71 22.88
N ASN I 234 -39.24 -10.98 22.11
CA ASN I 234 -37.90 -10.53 22.52
C ASN I 234 -37.80 -9.02 22.32
N PRO I 235 -38.31 -8.23 23.27
CA PRO I 235 -38.23 -6.76 23.11
C PRO I 235 -36.81 -6.23 23.03
N ILE I 236 -35.86 -6.87 23.72
CA ILE I 236 -34.48 -6.39 23.73
C ILE I 236 -33.90 -6.41 22.33
N TRP I 237 -34.07 -7.53 21.61
CA TRP I 237 -33.51 -7.62 20.27
C TRP I 237 -34.21 -6.68 19.31
N ASP I 238 -35.53 -6.52 19.46
CA ASP I 238 -36.27 -5.59 18.61
C ASP I 238 -35.76 -4.17 18.77
N ASN I 239 -35.56 -3.75 20.02
CA ASN I 239 -35.05 -2.40 20.27
C ASN I 239 -33.63 -2.25 19.75
N GLN I 240 -32.79 -3.28 19.91
CA GLN I 240 -31.44 -3.22 19.35
C GLN I 240 -31.47 -3.08 17.84
N PHE I 241 -32.34 -3.83 17.17
CA PHE I 241 -32.44 -3.78 15.72
C PHE I 241 -32.87 -2.39 15.25
N MET I 242 -33.90 -1.84 15.89
CA MET I 242 -34.38 -0.51 15.51
C MET I 242 -33.30 0.54 15.74
N THR I 243 -32.60 0.46 16.87
CA THR I 243 -31.54 1.42 17.17
C THR I 243 -30.40 1.31 16.16
N LEU I 244 -30.04 0.09 15.77
CA LEU I 244 -29.00 -0.09 14.77
C LEU I 244 -29.42 0.50 13.44
N LEU I 245 -30.70 0.32 13.06
CA LEU I 245 -31.18 0.91 11.81
C LEU I 245 -31.11 2.43 11.84
N GLU I 246 -31.50 3.04 12.97
CA GLU I 246 -31.53 4.50 13.03
C GLU I 246 -30.14 5.11 13.02
N GLN I 247 -29.18 4.50 13.70
CA GLN I 247 -27.83 5.06 13.79
C GLN I 247 -27.01 4.87 12.52
N GLY I 248 -27.59 4.33 11.45
CA GLY I 248 -26.84 4.10 10.23
C GLY I 248 -25.76 3.06 10.36
N ARG I 249 -26.01 2.00 11.14
CA ARG I 249 -25.03 0.95 11.36
C ARG I 249 -25.55 -0.37 10.78
N ILE I 250 -26.09 -0.29 9.57
CA ILE I 250 -26.76 -1.44 8.96
C ILE I 250 -25.77 -2.57 8.69
N GLN I 251 -24.54 -2.23 8.30
CA GLN I 251 -23.56 -3.26 7.97
C GLN I 251 -23.19 -4.13 9.16
N GLU I 252 -23.39 -3.63 10.39
CA GLU I 252 -23.16 -4.47 11.56
C GLU I 252 -24.07 -5.68 11.60
N LEU I 253 -25.17 -5.66 10.85
CA LEU I 253 -26.05 -6.81 10.76
C LEU I 253 -25.51 -7.92 9.88
N ASP I 254 -24.42 -7.67 9.14
CA ASP I 254 -23.84 -8.72 8.30
C ASP I 254 -23.22 -9.82 9.14
N ALA I 255 -22.84 -9.54 10.39
CA ALA I 255 -22.24 -10.56 11.24
C ALA I 255 -23.28 -11.54 11.78
N VAL I 256 -24.55 -11.12 11.87
CA VAL I 256 -25.60 -12.00 12.35
C VAL I 256 -25.97 -13.01 11.25
N SER I 257 -26.08 -14.27 11.63
CA SER I 257 -26.44 -15.33 10.70
C SER I 257 -27.93 -15.66 10.81
N ASN I 258 -28.39 -16.52 9.90
CA ASN I 258 -29.81 -16.86 9.87
C ASN I 258 -30.19 -17.74 11.05
N GLU I 259 -29.39 -18.76 11.35
CA GLU I 259 -29.69 -19.64 12.47
C GLU I 259 -29.58 -18.92 13.80
N GLU I 260 -28.61 -18.01 13.92
CA GLU I 260 -28.49 -17.21 15.13
C GLU I 260 -29.73 -16.34 15.34
N LEU I 261 -30.23 -15.72 14.27
CA LEU I 261 -31.44 -14.91 14.38
C LEU I 261 -32.65 -15.76 14.73
N SER I 262 -32.77 -16.94 14.11
CA SER I 262 -33.89 -17.83 14.42
C SER I 262 -33.85 -18.29 15.88
N ALA I 263 -32.65 -18.60 16.39
CA ALA I 263 -32.54 -19.01 17.78
C ALA I 263 -32.85 -17.87 18.74
N ILE I 264 -32.38 -16.66 18.42
CA ILE I 264 -32.54 -15.54 19.34
C ILE I 264 -33.99 -15.09 19.38
N ALA I 265 -34.61 -14.89 18.21
CA ALA I 265 -35.91 -14.23 18.15
C ALA I 265 -37.05 -15.08 17.60
N GLY I 266 -36.76 -16.06 16.74
CA GLY I 266 -37.82 -16.85 16.15
C GLY I 266 -37.70 -16.98 14.65
N LYS I 267 -38.40 -17.98 14.08
CA LYS I 267 -38.25 -18.27 12.65
C LYS I 267 -38.83 -17.15 11.80
N SER I 268 -39.94 -16.55 12.22
CA SER I 268 -40.60 -15.54 11.40
C SER I 268 -39.91 -14.18 11.45
N THR I 269 -39.00 -13.97 12.41
CA THR I 269 -38.29 -12.71 12.51
C THR I 269 -37.56 -12.36 11.22
N HIS I 270 -37.32 -13.33 10.35
CA HIS I 270 -36.65 -13.06 9.09
C HIS I 270 -37.41 -12.07 8.22
N GLU I 271 -38.70 -11.86 8.49
CA GLU I 271 -39.44 -10.84 7.76
C GLU I 271 -38.76 -9.47 7.85
N ILE I 272 -38.05 -9.20 8.95
CA ILE I 272 -37.36 -7.92 9.10
C ILE I 272 -36.36 -7.65 7.98
N LYS I 273 -35.99 -8.67 7.20
CA LYS I 273 -35.11 -8.43 6.06
C LYS I 273 -35.67 -7.34 5.17
N THR I 274 -37.00 -7.32 4.99
CA THR I 274 -37.61 -6.27 4.19
C THR I 274 -37.20 -4.90 4.68
N TRP I 275 -37.31 -4.66 6.00
CA TRP I 275 -36.88 -3.40 6.57
C TRP I 275 -35.47 -3.07 6.14
N VAL I 276 -34.55 -4.04 6.27
CA VAL I 276 -33.16 -3.80 5.92
C VAL I 276 -33.06 -3.29 4.49
N ALA I 277 -33.73 -3.99 3.57
CA ALA I 277 -33.68 -3.58 2.17
C ALA I 277 -34.10 -2.13 2.03
N ALA I 278 -35.23 -1.79 2.64
CA ALA I 278 -35.74 -0.42 2.54
C ALA I 278 -34.68 0.58 2.96
N PHE I 279 -34.06 0.34 4.12
CA PHE I 279 -33.09 1.31 4.60
C PHE I 279 -31.91 1.42 3.66
N ALA I 280 -31.45 0.28 3.14
CA ALA I 280 -30.34 0.32 2.19
C ALA I 280 -30.69 1.21 1.01
N ALA I 281 -31.93 1.12 0.54
CA ALA I 281 -32.34 1.92 -0.61
C ALA I 281 -32.15 3.41 -0.33
N ILE I 282 -32.57 3.86 0.85
CA ILE I 282 -32.50 5.30 1.11
C ILE I 282 -31.05 5.74 1.23
N SER I 283 -30.14 4.83 1.57
CA SER I 283 -28.73 5.19 1.66
C SER I 283 -28.18 5.60 0.30
N ALA I 284 -28.86 5.25 -0.79
CA ALA I 284 -28.40 5.66 -2.11
C ALA I 284 -28.79 7.09 -2.44
N PHE I 285 -29.70 7.70 -1.68
CA PHE I 285 -30.16 9.04 -2.04
C PHE I 285 -29.37 10.13 -1.34
N GLY I 286 -28.41 9.77 -0.49
CA GLY I 286 -27.61 10.76 0.20
C GLY I 286 -27.82 10.77 1.69
N ASN I 287 -27.78 11.96 2.30
CA ASN I 287 -27.97 12.07 3.74
C ASN I 287 -29.44 12.01 4.09
N TRP I 288 -29.76 11.33 5.19
CA TRP I 288 -31.13 11.15 5.63
C TRP I 288 -31.17 11.16 7.15
N ARG I 289 -32.36 11.38 7.70
CA ARG I 289 -32.57 11.34 9.14
C ARG I 289 -33.90 10.67 9.44
N SER I 290 -33.97 10.01 10.59
CA SER I 290 -35.10 9.18 10.97
C SER I 290 -36.05 9.93 11.90
N GLU I 291 -37.22 9.34 12.10
CA GLU I 291 -38.28 9.95 12.89
C GLU I 291 -39.37 8.93 13.14
N GLY I 292 -40.32 9.32 13.99
CA GLY I 292 -41.53 8.54 14.20
C GLY I 292 -41.31 7.14 14.75
N ARG I 293 -40.31 6.98 15.60
CA ARG I 293 -40.04 5.66 16.16
C ARG I 293 -41.17 5.26 17.12
N TYR I 294 -41.69 4.05 16.94
CA TYR I 294 -42.71 3.52 17.83
C TYR I 294 -42.53 2.02 17.93
N TYR I 295 -42.57 1.50 19.15
CA TYR I 295 -42.51 0.06 19.38
C TYR I 295 -43.41 -0.28 20.55
N ARG I 296 -44.10 -1.41 20.44
CA ARG I 296 -44.89 -1.91 21.55
C ARG I 296 -45.13 -3.40 21.39
N PRO I 297 -44.81 -4.20 22.40
CA PRO I 297 -45.13 -5.64 22.36
C PRO I 297 -46.61 -5.88 22.64
N ILE I 298 -47.35 -6.25 21.60
CA ILE I 298 -48.79 -6.50 21.71
C ILE I 298 -48.98 -8.01 21.76
N PRO I 299 -49.29 -8.60 22.91
CA PRO I 299 -49.48 -10.06 22.97
C PRO I 299 -50.78 -10.53 22.36
N GLU I 300 -51.80 -9.68 22.25
CA GLU I 300 -53.06 -10.10 21.65
C GLU I 300 -52.86 -10.49 20.20
N TRP I 301 -52.08 -9.72 19.45
CA TRP I 301 -51.56 -10.18 18.19
C TRP I 301 -50.27 -10.97 18.43
N ILE I 302 -49.89 -11.79 17.45
CA ILE I 302 -48.74 -12.66 17.66
C ILE I 302 -47.45 -11.85 17.66
N ALA I 303 -47.34 -10.86 16.79
CA ALA I 303 -46.09 -10.14 16.61
C ALA I 303 -45.98 -8.97 17.59
N GLY I 304 -44.81 -8.34 17.57
CA GLY I 304 -44.56 -7.13 18.33
C GLY I 304 -44.54 -5.93 17.42
N PHE I 305 -45.47 -5.00 17.66
CA PHE I 305 -45.72 -3.92 16.71
C PHE I 305 -44.58 -2.91 16.71
N GLY I 306 -44.22 -2.45 15.51
CA GLY I 306 -43.19 -1.44 15.36
C GLY I 306 -43.45 -0.57 14.16
N SER I 307 -42.85 0.62 14.17
CA SER I 307 -43.03 1.58 13.10
C SER I 307 -41.88 2.59 13.14
N LEU I 308 -41.38 2.95 11.96
CA LEU I 308 -40.26 3.88 11.86
C LEU I 308 -40.35 4.60 10.52
N SER I 309 -39.80 5.82 10.47
CA SER I 309 -39.82 6.59 9.23
C SER I 309 -38.47 7.27 9.05
N ALA I 310 -38.18 7.65 7.81
CA ALA I 310 -36.95 8.37 7.50
C ALA I 310 -37.19 9.29 6.30
N ARG I 311 -36.39 10.35 6.23
CA ARG I 311 -36.54 11.36 5.20
C ARG I 311 -35.17 11.80 4.73
N THR I 312 -35.03 12.00 3.41
CA THR I 312 -33.79 12.55 2.89
C THR I 312 -33.72 14.04 3.18
N GLU I 313 -32.64 14.46 3.86
CA GLU I 313 -32.43 15.87 4.20
C GLU I 313 -31.85 16.58 2.97
N ASN I 314 -32.75 16.92 2.05
CA ASN I 314 -32.39 17.48 0.76
C ASN I 314 -31.68 18.82 0.91
N MET J 1 -27.21 8.75 22.46
CA MET J 1 -26.20 8.08 23.27
C MET J 1 -25.78 8.98 24.44
N HIS J 2 -26.16 8.58 25.64
CA HIS J 2 -25.86 9.31 26.86
C HIS J 2 -25.13 8.40 27.84
N ALA J 3 -24.01 8.85 28.37
CA ALA J 3 -23.18 8.02 29.23
C ALA J 3 -22.49 8.87 30.29
N TYR J 4 -22.42 8.29 31.50
CA TYR J 4 -21.70 8.86 32.61
C TYR J 4 -20.75 7.81 33.17
N LEU J 5 -19.64 8.28 33.74
CA LEU J 5 -18.62 7.39 34.30
C LEU J 5 -18.11 7.98 35.60
N HIS J 6 -17.88 7.12 36.58
CA HIS J 6 -17.26 7.56 37.84
C HIS J 6 -16.42 6.43 38.39
N CYS J 7 -15.13 6.71 38.61
CA CYS J 7 -14.20 5.76 39.20
C CYS J 7 -13.80 6.27 40.58
N LEU J 8 -13.84 5.39 41.57
CA LEU J 8 -13.62 5.78 42.96
C LEU J 8 -12.92 4.65 43.69
N SER J 9 -11.97 5.03 44.56
CA SER J 9 -11.28 4.04 45.39
C SER J 9 -12.19 3.56 46.51
N HIS J 10 -12.08 2.28 46.84
CA HIS J 10 -12.84 1.69 47.93
C HIS J 10 -11.88 1.25 49.03
N SER J 11 -12.32 1.38 50.28
CA SER J 11 -11.47 1.04 51.41
C SER J 11 -12.29 0.39 52.51
N PRO J 12 -12.00 -0.86 52.88
CA PRO J 12 -12.75 -1.52 53.95
C PRO J 12 -12.55 -0.87 55.30
N LEU J 13 -11.49 -0.08 55.48
CA LEU J 13 -11.16 0.49 56.78
C LEU J 13 -11.74 1.90 56.89
N VAL J 14 -13.07 1.95 56.88
CA VAL J 14 -13.81 3.18 57.11
C VAL J 14 -14.45 3.06 58.48
N GLY J 15 -14.01 3.91 59.42
CA GLY J 15 -14.45 3.86 60.80
C GLY J 15 -13.56 3.03 61.69
N TYR J 16 -13.07 1.89 61.18
CA TYR J 16 -12.15 1.07 61.96
C TYR J 16 -10.84 1.80 62.22
N VAL J 17 -10.30 2.45 61.19
CA VAL J 17 -9.12 3.29 61.30
C VAL J 17 -9.43 4.61 60.59
N ASP J 18 -9.17 5.72 61.25
CA ASP J 18 -9.57 7.00 60.72
C ASP J 18 -8.41 7.98 60.68
N PRO J 19 -8.33 8.80 59.64
CA PRO J 19 -7.37 9.92 59.63
C PRO J 19 -7.92 11.12 60.36
N ALA J 20 -7.25 12.26 60.24
CA ALA J 20 -7.73 13.49 60.85
C ALA J 20 -9.13 13.83 60.34
N GLN J 21 -9.86 14.63 61.15
CA GLN J 21 -11.25 14.92 60.82
C GLN J 21 -11.37 15.78 59.57
N GLU J 22 -10.39 16.65 59.31
CA GLU J 22 -10.47 17.55 58.16
C GLU J 22 -10.42 16.77 56.85
N VAL J 23 -9.48 15.83 56.72
CA VAL J 23 -9.38 15.07 55.49
C VAL J 23 -10.57 14.14 55.32
N LEU J 24 -11.11 13.64 56.44
CA LEU J 24 -12.33 12.85 56.39
C LEU J 24 -13.49 13.67 55.85
N ASP J 25 -13.61 14.92 56.32
CA ASP J 25 -14.65 15.81 55.80
C ASP J 25 -14.44 16.09 54.33
N GLU J 26 -13.19 16.28 53.90
CA GLU J 26 -12.90 16.54 52.49
C GLU J 26 -13.30 15.34 51.63
N VAL J 27 -12.95 14.13 52.05
CA VAL J 27 -13.31 12.93 51.31
C VAL J 27 -14.83 12.78 51.24
N ASN J 28 -15.51 13.00 52.37
CA ASN J 28 -16.96 12.89 52.38
C ASN J 28 -17.60 13.92 51.47
N GLY J 29 -17.04 15.13 51.42
CA GLY J 29 -17.57 16.14 50.51
C GLY J 29 -17.37 15.78 49.06
N VAL J 30 -16.20 15.22 48.72
CA VAL J 30 -15.96 14.78 47.35
C VAL J 30 -16.96 13.69 46.95
N ILE J 31 -17.16 12.72 47.85
CA ILE J 31 -18.09 11.63 47.57
C ILE J 31 -19.51 12.16 47.42
N ALA J 32 -19.90 13.12 48.27
CA ALA J 32 -21.23 13.70 48.18
C ALA J 32 -21.42 14.46 46.88
N SER J 33 -20.40 15.20 46.43
CA SER J 33 -20.51 15.90 45.16
C SER J 33 -20.65 14.94 43.99
N ALA J 34 -19.88 13.85 44.02
CA ALA J 34 -20.02 12.83 42.97
C ALA J 34 -21.41 12.21 42.98
N ARG J 35 -21.94 11.93 44.17
CA ARG J 35 -23.29 11.40 44.29
C ARG J 35 -24.32 12.37 43.74
N GLU J 36 -24.14 13.67 44.01
CA GLU J 36 -25.06 14.67 43.48
C GLU J 36 -25.01 14.71 41.96
N ARG J 37 -23.82 14.66 41.37
CA ARG J 37 -23.72 14.63 39.91
C ARG J 37 -24.39 13.40 39.33
N ILE J 38 -24.19 12.24 39.96
CA ILE J 38 -24.80 11.01 39.47
C ILE J 38 -26.33 11.11 39.56
N ALA J 39 -26.84 11.63 40.67
CA ALA J 39 -28.29 11.78 40.83
C ALA J 39 -28.85 12.75 39.80
N ALA J 40 -28.10 13.81 39.48
CA ALA J 40 -28.54 14.73 38.43
C ALA J 40 -28.59 14.02 37.08
N PHE J 41 -27.61 13.13 36.81
CA PHE J 41 -27.59 12.41 35.54
C PHE J 41 -28.81 11.51 35.39
N SER J 42 -29.26 10.90 36.50
CA SER J 42 -30.43 10.01 36.52
C SER J 42 -30.23 8.81 35.59
N PRO J 43 -29.34 7.88 35.93
CA PRO J 43 -29.07 6.75 35.04
C PRO J 43 -30.19 5.71 35.06
N GLU J 44 -30.23 4.91 34.00
CA GLU J 44 -31.16 3.81 33.87
C GLU J 44 -30.53 2.44 34.04
N LEU J 45 -29.24 2.31 33.73
CA LEU J 45 -28.51 1.06 33.86
C LEU J 45 -27.15 1.34 34.47
N VAL J 46 -26.64 0.39 35.25
CA VAL J 46 -25.34 0.48 35.90
C VAL J 46 -24.51 -0.72 35.50
N VAL J 47 -23.31 -0.46 35.00
CA VAL J 47 -22.31 -1.50 34.74
C VAL J 47 -21.16 -1.28 35.71
N LEU J 48 -20.96 -2.23 36.62
CA LEU J 48 -20.02 -2.08 37.72
C LEU J 48 -18.88 -3.07 37.56
N PHE J 49 -17.66 -2.55 37.40
CA PHE J 49 -16.44 -3.35 37.41
C PHE J 49 -15.82 -3.28 38.79
N ALA J 50 -15.62 -4.43 39.42
CA ALA J 50 -15.09 -4.46 40.77
C ALA J 50 -14.21 -5.69 40.94
N PRO J 51 -13.21 -5.63 41.84
CA PRO J 51 -12.39 -6.81 42.12
C PRO J 51 -12.94 -7.65 43.26
N ASP J 52 -12.24 -8.75 43.57
CA ASP J 52 -12.60 -9.62 44.69
C ASP J 52 -11.37 -9.80 45.57
N HIS J 53 -11.63 -10.11 46.85
CA HIS J 53 -10.56 -10.22 47.83
C HIS J 53 -10.56 -11.59 48.50
N TYR J 54 -10.62 -12.64 47.68
CA TYR J 54 -10.66 -14.03 48.17
C TYR J 54 -11.89 -14.28 49.04
N ASN J 55 -13.04 -13.79 48.58
CA ASN J 55 -14.31 -14.04 49.24
C ASN J 55 -15.35 -14.71 48.37
N GLY J 56 -15.28 -14.55 47.05
CA GLY J 56 -16.24 -15.19 46.16
C GLY J 56 -15.62 -16.08 45.11
N PHE J 57 -14.36 -15.83 44.76
CA PHE J 57 -13.65 -16.60 43.76
C PHE J 57 -12.38 -17.18 44.37
N PHE J 58 -12.13 -18.45 44.09
CA PHE J 58 -10.97 -19.13 44.65
C PHE J 58 -10.23 -19.92 43.59
N TYR J 59 -9.26 -20.74 44.01
CA TYR J 59 -8.42 -21.47 43.06
C TYR J 59 -9.05 -22.75 42.55
N ASP J 60 -10.27 -23.09 42.99
CA ASP J 60 -10.97 -24.21 42.36
C ASP J 60 -11.23 -23.92 40.89
N VAL J 61 -11.75 -22.72 40.58
CA VAL J 61 -11.80 -22.17 39.23
C VAL J 61 -11.57 -20.67 39.34
N MET J 62 -10.49 -20.18 38.75
CA MET J 62 -10.19 -18.75 38.79
C MET J 62 -10.17 -18.18 37.39
N PRO J 63 -11.22 -17.47 36.96
CA PRO J 63 -11.22 -16.87 35.62
C PRO J 63 -10.63 -15.48 35.63
N PRO J 64 -10.15 -14.99 34.49
CA PRO J 64 -9.71 -13.59 34.43
C PRO J 64 -10.88 -12.61 34.46
N PHE J 65 -11.95 -12.89 33.72
CA PHE J 65 -13.15 -12.06 33.72
C PHE J 65 -14.35 -12.94 34.01
N CYS J 66 -15.34 -12.36 34.70
CA CYS J 66 -16.59 -13.06 34.98
C CYS J 66 -17.74 -12.08 34.95
N LEU J 67 -18.91 -12.56 34.53
CA LEU J 67 -20.14 -11.78 34.52
C LEU J 67 -21.15 -12.44 35.45
N GLY J 68 -21.75 -11.64 36.33
CA GLY J 68 -22.68 -12.19 37.29
C GLY J 68 -24.13 -12.06 36.89
N VAL J 69 -24.72 -13.14 36.37
CA VAL J 69 -26.15 -13.13 36.07
C VAL J 69 -26.95 -13.07 37.37
N GLY J 70 -26.50 -13.73 38.42
CA GLY J 70 -27.07 -13.59 39.73
C GLY J 70 -26.00 -13.33 40.76
N ALA J 71 -26.15 -12.28 41.57
CA ALA J 71 -25.14 -11.90 42.54
C ALA J 71 -25.78 -11.61 43.88
N THR J 72 -25.06 -11.93 44.95
CA THR J 72 -25.52 -11.72 46.31
C THR J 72 -24.35 -11.20 47.15
N ALA J 73 -24.61 -10.16 47.94
CA ALA J 73 -23.59 -9.55 48.77
C ALA J 73 -23.53 -10.25 50.13
N ILE J 74 -22.31 -10.48 50.62
CA ILE J 74 -22.12 -11.20 51.87
C ILE J 74 -22.05 -10.29 53.08
N GLY J 75 -21.82 -8.99 52.89
CA GLY J 75 -21.82 -8.05 54.00
C GLY J 75 -20.61 -8.16 54.91
N ASP J 76 -19.42 -7.98 54.37
CA ASP J 76 -18.21 -7.98 55.18
C ASP J 76 -17.72 -6.56 55.44
N PHE J 77 -16.97 -6.40 56.54
CA PHE J 77 -16.40 -5.12 56.93
C PHE J 77 -17.49 -4.06 57.14
N GLY J 78 -18.67 -4.48 57.54
CA GLY J 78 -19.77 -3.56 57.77
C GLY J 78 -20.52 -3.14 56.53
N SER J 79 -20.17 -3.66 55.36
CA SER J 79 -20.89 -3.32 54.14
C SER J 79 -22.27 -3.98 54.13
N ALA J 80 -23.12 -3.51 53.22
CA ALA J 80 -24.48 -4.03 53.15
C ALA J 80 -24.48 -5.46 52.63
N ALA J 81 -25.43 -6.24 53.16
CA ALA J 81 -25.63 -7.64 52.76
C ALA J 81 -27.00 -7.77 52.13
N GLY J 82 -27.06 -8.44 50.98
CA GLY J 82 -28.32 -8.61 50.29
C GLY J 82 -28.09 -9.08 48.88
N GLU J 83 -29.20 -9.25 48.17
CA GLU J 83 -29.18 -9.74 46.79
C GLU J 83 -29.31 -8.57 45.83
N LEU J 84 -28.43 -8.55 44.82
CA LEU J 84 -28.39 -7.47 43.85
C LEU J 84 -29.46 -7.68 42.77
N PRO J 85 -30.11 -6.60 42.33
CA PRO J 85 -31.08 -6.70 41.23
C PRO J 85 -30.39 -6.71 39.87
N VAL J 86 -30.41 -7.86 39.22
CA VAL J 86 -29.73 -8.06 37.94
C VAL J 86 -30.79 -8.45 36.92
N PRO J 87 -30.91 -7.76 35.79
CA PRO J 87 -31.81 -8.21 34.72
C PRO J 87 -31.24 -9.44 34.01
N VAL J 88 -31.94 -10.58 34.13
CA VAL J 88 -31.40 -11.84 33.66
C VAL J 88 -31.29 -11.84 32.13
N GLU J 89 -32.34 -11.41 31.44
CA GLU J 89 -32.33 -11.45 29.98
C GLU J 89 -31.26 -10.51 29.40
N LEU J 90 -31.16 -9.30 29.96
CA LEU J 90 -30.14 -8.37 29.51
C LEU J 90 -28.74 -8.90 29.77
N ALA J 91 -28.53 -9.53 30.93
CA ALA J 91 -27.23 -10.10 31.25
C ALA J 91 -26.86 -11.22 30.28
N GLU J 92 -27.82 -12.09 29.95
CA GLU J 92 -27.55 -13.17 29.02
C GLU J 92 -27.24 -12.64 27.63
N ALA J 93 -27.99 -11.62 27.19
CA ALA J 93 -27.69 -11.00 25.89
C ALA J 93 -26.31 -10.38 25.89
N CYS J 94 -25.93 -9.71 26.99
CA CYS J 94 -24.60 -9.12 27.08
C CYS J 94 -23.51 -10.20 27.02
N ALA J 95 -23.72 -11.30 27.72
CA ALA J 95 -22.74 -12.39 27.69
C ALA J 95 -22.59 -12.94 26.27
N HIS J 96 -23.71 -13.15 25.57
CA HIS J 96 -23.65 -13.66 24.21
C HIS J 96 -22.90 -12.69 23.30
N ALA J 97 -23.21 -11.40 23.40
CA ALA J 97 -22.56 -10.40 22.54
C ALA J 97 -21.07 -10.30 22.83
N VAL J 98 -20.68 -10.30 24.10
CA VAL J 98 -19.26 -10.18 24.45
C VAL J 98 -18.50 -11.42 24.01
N MET J 99 -19.08 -12.61 24.20
CA MET J 99 -18.45 -13.82 23.71
C MET J 99 -18.28 -13.79 22.19
N LYS J 100 -19.29 -13.30 21.47
CA LYS J 100 -19.18 -13.21 20.02
C LYS J 100 -18.13 -12.18 19.59
N SER J 101 -17.94 -11.12 20.38
CA SER J 101 -16.97 -10.09 20.02
C SER J 101 -15.53 -10.57 20.08
N GLY J 102 -15.26 -11.72 20.69
CA GLY J 102 -13.92 -12.25 20.79
C GLY J 102 -13.30 -12.22 22.17
N ILE J 103 -14.11 -12.10 23.23
CA ILE J 103 -13.60 -12.08 24.60
C ILE J 103 -14.03 -13.38 25.26
N ASP J 104 -13.08 -14.05 25.92
CA ASP J 104 -13.34 -15.32 26.58
C ASP J 104 -13.83 -15.01 27.99
N LEU J 105 -15.15 -14.97 28.15
CA LEU J 105 -15.80 -14.48 29.37
C LEU J 105 -16.48 -15.63 30.09
N ALA J 106 -16.29 -15.71 31.39
CA ALA J 106 -16.97 -16.69 32.21
C ALA J 106 -18.29 -16.11 32.72
N VAL J 107 -19.24 -16.99 33.02
CA VAL J 107 -20.54 -16.59 33.51
C VAL J 107 -20.82 -17.34 34.81
N SER J 108 -21.57 -16.70 35.70
CA SER J 108 -21.93 -17.28 36.99
C SER J 108 -23.36 -16.90 37.31
N TYR J 109 -24.15 -17.88 37.75
CA TYR J 109 -25.53 -17.64 38.13
C TYR J 109 -25.71 -17.50 39.64
N CYS J 110 -24.63 -17.64 40.41
CA CYS J 110 -24.65 -17.40 41.85
C CYS J 110 -23.26 -16.89 42.23
N MET J 111 -23.09 -15.57 42.25
CA MET J 111 -21.81 -14.94 42.49
C MET J 111 -21.84 -14.26 43.84
N GLN J 112 -20.91 -14.62 44.72
CA GLN J 112 -20.82 -14.05 46.06
C GLN J 112 -19.86 -12.87 46.02
N VAL J 113 -20.38 -11.67 46.17
CA VAL J 113 -19.57 -10.46 46.07
C VAL J 113 -19.27 -9.93 47.48
N ASP J 114 -18.32 -9.00 47.57
CA ASP J 114 -17.82 -8.48 48.83
C ASP J 114 -17.92 -6.95 48.84
N HIS J 115 -17.26 -6.33 49.82
CA HIS J 115 -17.32 -4.88 49.99
C HIS J 115 -16.88 -4.12 48.75
N GLY J 116 -16.03 -4.72 47.91
CA GLY J 116 -15.62 -4.07 46.69
C GLY J 116 -16.78 -3.78 45.74
N PHE J 117 -17.79 -4.65 45.75
CA PHE J 117 -19.00 -4.42 44.96
C PHE J 117 -20.03 -3.59 45.71
N ALA J 118 -20.19 -3.85 47.01
CA ALA J 118 -21.29 -3.25 47.77
C ALA J 118 -21.03 -1.78 48.12
N GLN J 119 -19.79 -1.43 48.45
CA GLN J 119 -19.52 -0.09 48.97
C GLN J 119 -19.80 1.01 47.94
N PRO J 120 -19.35 0.92 46.68
CA PRO J 120 -19.72 1.97 45.72
C PRO J 120 -21.21 2.11 45.51
N LEU J 121 -21.96 1.00 45.54
CA LEU J 121 -23.41 1.09 45.37
C LEU J 121 -24.06 1.86 46.52
N GLU J 122 -23.61 1.62 47.76
CA GLU J 122 -24.14 2.37 48.88
C GLU J 122 -23.74 3.85 48.81
N PHE J 123 -22.49 4.12 48.47
CA PHE J 123 -21.99 5.49 48.55
C PHE J 123 -22.52 6.37 47.42
N LEU J 124 -22.64 5.83 46.21
CA LEU J 124 -22.96 6.63 45.05
C LEU J 124 -24.42 6.55 44.63
N LEU J 125 -25.06 5.40 44.81
CA LEU J 125 -26.45 5.24 44.41
C LEU J 125 -27.43 5.35 45.56
N GLY J 126 -26.97 5.13 46.79
CA GLY J 126 -27.82 5.18 47.96
C GLY J 126 -28.24 3.82 48.51
N GLY J 127 -28.10 2.76 47.72
CA GLY J 127 -28.46 1.44 48.19
C GLY J 127 -28.12 0.41 47.14
N LEU J 128 -28.32 -0.86 47.51
CA LEU J 128 -28.02 -1.96 46.61
C LEU J 128 -29.11 -2.14 45.56
N ASP J 129 -30.37 -1.88 45.91
CA ASP J 129 -31.51 -2.21 45.07
C ASP J 129 -32.18 -0.97 44.47
N LYS J 130 -31.39 0.01 44.05
CA LYS J 130 -31.97 1.21 43.46
C LYS J 130 -32.08 1.09 41.95
N VAL J 131 -31.00 0.75 41.28
CA VAL J 131 -30.95 0.71 39.81
C VAL J 131 -30.49 -0.67 39.39
N PRO J 132 -31.01 -1.23 38.28
CA PRO J 132 -30.48 -2.51 37.79
C PRO J 132 -28.99 -2.41 37.47
N VAL J 133 -28.25 -3.47 37.80
CA VAL J 133 -26.80 -3.47 37.73
C VAL J 133 -26.32 -4.72 37.01
N LEU J 134 -25.26 -4.58 36.22
CA LEU J 134 -24.56 -5.71 35.63
C LEU J 134 -23.21 -5.86 36.30
N PRO J 135 -23.01 -6.84 37.16
CA PRO J 135 -21.72 -6.98 37.86
C PRO J 135 -20.68 -7.73 37.03
N VAL J 136 -19.50 -7.14 36.90
CA VAL J 136 -18.38 -7.72 36.15
C VAL J 136 -17.20 -7.84 37.09
N PHE J 137 -16.71 -9.06 37.27
CA PHE J 137 -15.56 -9.34 38.12
C PHE J 137 -14.29 -9.43 37.27
N ILE J 138 -13.25 -8.72 37.71
CA ILE J 138 -11.93 -8.78 37.09
C ILE J 138 -10.93 -9.27 38.12
N ASN J 139 -10.15 -10.28 37.75
CA ASN J 139 -9.17 -10.85 38.67
C ASN J 139 -8.00 -9.91 38.86
N GLY J 140 -7.58 -9.75 40.11
CA GLY J 140 -6.48 -8.85 40.42
C GLY J 140 -5.55 -9.32 41.51
N VAL J 141 -5.74 -10.54 42.02
CA VAL J 141 -4.94 -11.00 43.16
C VAL J 141 -4.23 -12.32 42.86
N ALA J 142 -4.77 -13.10 41.93
CA ALA J 142 -4.24 -14.43 41.64
C ALA J 142 -3.57 -14.44 40.27
N THR J 143 -2.27 -14.77 40.25
CA THR J 143 -1.52 -14.86 39.01
C THR J 143 -1.77 -16.20 38.33
N PRO J 144 -1.75 -16.24 36.99
CA PRO J 144 -1.52 -15.12 36.07
C PRO J 144 -2.72 -14.17 35.96
N LEU J 145 -2.45 -12.91 35.66
CA LEU J 145 -3.46 -11.87 35.62
C LEU J 145 -3.66 -11.36 34.19
N PRO J 146 -4.84 -10.86 33.86
CA PRO J 146 -5.03 -10.27 32.53
C PRO J 146 -4.26 -8.97 32.39
N GLY J 147 -3.89 -8.65 31.15
CA GLY J 147 -3.14 -7.45 30.85
C GLY J 147 -4.04 -6.25 30.60
N PHE J 148 -3.38 -5.11 30.34
CA PHE J 148 -4.11 -3.88 30.07
C PHE J 148 -4.85 -3.95 28.74
N GLN J 149 -4.27 -4.61 27.74
CA GLN J 149 -4.88 -4.64 26.41
C GLN J 149 -6.16 -5.47 26.40
N ARG J 150 -6.14 -6.63 27.05
CA ARG J 150 -7.34 -7.46 27.10
C ARG J 150 -8.43 -6.79 27.93
N THR J 151 -8.06 -6.10 29.01
CA THR J 151 -9.05 -5.36 29.80
C THR J 151 -9.66 -4.23 28.98
N ARG J 152 -8.84 -3.53 28.20
CA ARG J 152 -9.36 -2.49 27.33
C ARG J 152 -10.32 -3.07 26.29
N MET J 153 -9.98 -4.23 25.71
CA MET J 153 -10.88 -4.85 24.74
C MET J 153 -12.19 -5.28 25.38
N LEU J 154 -12.14 -5.81 26.61
CA LEU J 154 -13.37 -6.17 27.31
C LEU J 154 -14.24 -4.95 27.54
N GLY J 155 -13.64 -3.85 28.00
CA GLY J 155 -14.41 -2.63 28.18
C GLY J 155 -15.02 -2.12 26.89
N GLU J 156 -14.25 -2.18 25.80
CA GLU J 156 -14.76 -1.73 24.51
C GLU J 156 -15.93 -2.59 24.03
N ALA J 157 -15.82 -3.90 24.20
CA ALA J 157 -16.92 -4.78 23.80
C ALA J 157 -18.18 -4.51 24.62
N ILE J 158 -18.03 -4.34 25.94
CA ILE J 158 -19.20 -4.07 26.77
C ILE J 158 -19.82 -2.73 26.41
N GLY J 159 -19.01 -1.70 26.17
CA GLY J 159 -19.54 -0.41 25.77
C GLY J 159 -20.24 -0.47 24.42
N ARG J 160 -19.67 -1.22 23.48
CA ARG J 160 -20.30 -1.36 22.17
C ARG J 160 -21.64 -2.07 22.28
N PHE J 161 -21.74 -3.08 23.15
CA PHE J 161 -23.04 -3.70 23.36
C PHE J 161 -24.03 -2.74 23.99
N THR J 162 -23.60 -1.98 25.00
CA THR J 162 -24.54 -1.15 25.75
C THR J 162 -24.93 0.12 24.99
N SER J 163 -24.17 0.52 23.97
CA SER J 163 -24.52 1.72 23.22
C SER J 163 -25.75 1.55 22.34
N THR J 164 -26.25 0.32 22.18
CA THR J 164 -27.42 0.07 21.34
C THR J 164 -28.68 -0.20 22.15
N LEU J 165 -28.67 0.08 23.45
CA LEU J 165 -29.81 -0.21 24.30
C LEU J 165 -30.78 0.95 24.44
N ASN J 166 -30.45 2.13 23.89
CA ASN J 166 -31.30 3.31 23.97
C ASN J 166 -31.60 3.71 25.41
N LYS J 167 -30.63 3.54 26.30
CA LYS J 167 -30.78 3.87 27.71
C LYS J 167 -29.64 4.76 28.15
N ARG J 168 -29.80 5.34 29.35
CA ARG J 168 -28.74 6.12 29.99
C ARG J 168 -27.95 5.18 30.89
N VAL J 169 -26.66 5.02 30.60
CA VAL J 169 -25.81 4.03 31.24
C VAL J 169 -24.78 4.74 32.12
N LEU J 170 -24.62 4.24 33.34
CA LEU J 170 -23.59 4.71 34.26
C LEU J 170 -22.55 3.61 34.44
N PHE J 171 -21.28 3.97 34.24
CA PHE J 171 -20.17 3.03 34.38
C PHE J 171 -19.41 3.33 35.66
N LEU J 172 -19.09 2.28 36.41
CA LEU J 172 -18.39 2.41 37.69
C LEU J 172 -17.15 1.54 37.70
N GLY J 173 -16.07 2.09 38.25
CA GLY J 173 -14.87 1.32 38.53
C GLY J 173 -14.53 1.37 40.01
N SER J 174 -14.56 0.22 40.67
CA SER J 174 -14.43 0.15 42.12
C SER J 174 -13.00 -0.11 42.60
N GLY J 175 -12.05 -0.29 41.69
CA GLY J 175 -10.70 -0.59 42.11
C GLY J 175 -10.01 0.59 42.76
N GLY J 176 -9.06 0.29 43.63
CA GLY J 176 -8.29 1.32 44.30
C GLY J 176 -6.97 1.61 43.59
N LEU J 177 -6.30 2.66 44.04
CA LEU J 177 -5.04 3.08 43.46
C LEU J 177 -3.89 2.34 44.14
N SER J 178 -2.66 2.78 43.92
CA SER J 178 -1.48 2.04 44.34
C SER J 178 -1.49 1.75 45.83
N HIS J 179 -1.24 0.49 46.18
CA HIS J 179 -1.16 0.01 47.55
C HIS J 179 -0.75 -1.46 47.51
N GLN J 180 -0.41 -2.00 48.68
CA GLN J 180 -0.04 -3.41 48.80
C GLN J 180 -0.28 -3.87 50.22
N PRO J 181 -1.50 -4.30 50.53
CA PRO J 181 -1.80 -4.84 51.85
C PRO J 181 -1.41 -6.31 51.93
N PRO J 182 -1.38 -6.89 53.13
CA PRO J 182 -1.05 -8.32 53.24
C PRO J 182 -2.14 -9.18 52.61
N VAL J 183 -1.75 -9.95 51.60
CA VAL J 183 -2.67 -10.82 50.89
C VAL J 183 -2.10 -12.24 50.86
N PRO J 184 -2.86 -13.25 51.27
CA PRO J 184 -2.33 -14.62 51.25
C PRO J 184 -1.95 -15.06 49.84
N GLU J 185 -0.86 -15.84 49.76
CA GLU J 185 -0.35 -16.32 48.49
C GLU J 185 -0.31 -17.84 48.47
N LEU J 186 -0.48 -18.42 47.28
CA LEU J 186 -0.51 -19.87 47.14
C LEU J 186 0.87 -20.47 47.36
N ALA J 187 1.91 -19.81 46.86
CA ALA J 187 3.26 -20.40 46.90
C ALA J 187 3.78 -20.52 48.33
N LYS J 188 3.57 -19.51 49.15
CA LYS J 188 4.11 -19.46 50.50
C LYS J 188 3.12 -19.97 51.55
N ALA J 189 2.05 -20.62 51.13
CA ALA J 189 0.99 -21.02 52.05
C ALA J 189 1.40 -22.26 52.86
N ASP J 190 0.70 -22.46 53.98
CA ASP J 190 0.78 -23.68 54.74
C ASP J 190 -0.42 -24.57 54.40
N ALA J 191 -0.55 -25.69 55.11
CA ALA J 191 -1.58 -26.67 54.76
C ALA J 191 -2.98 -26.08 54.90
N HIS J 192 -3.28 -25.47 56.05
CA HIS J 192 -4.61 -24.93 56.28
C HIS J 192 -4.94 -23.81 55.31
N MET J 193 -3.99 -22.91 55.08
CA MET J 193 -4.26 -21.78 54.19
C MET J 193 -4.24 -22.19 52.73
N ARG J 194 -3.49 -23.24 52.37
CA ARG J 194 -3.64 -23.85 51.05
C ARG J 194 -5.05 -24.40 50.87
N ASP J 195 -5.55 -25.10 51.89
CA ASP J 195 -6.90 -25.65 51.81
C ASP J 195 -7.93 -24.54 51.66
N ARG J 196 -7.76 -23.44 52.40
CA ARG J 196 -8.68 -22.32 52.30
C ARG J 196 -8.60 -21.64 50.93
N LEU J 197 -7.39 -21.53 50.37
CA LEU J 197 -7.22 -20.79 49.11
C LEU J 197 -7.88 -21.53 47.94
N LEU J 198 -7.71 -22.85 47.86
CA LEU J 198 -8.31 -23.60 46.76
C LEU J 198 -9.82 -23.59 46.84
N GLY J 199 -10.37 -23.70 48.05
CA GLY J 199 -11.81 -23.73 48.22
C GLY J 199 -12.17 -23.67 49.69
N SER J 200 -13.45 -23.94 49.96
CA SER J 200 -14.06 -23.96 51.29
C SER J 200 -13.99 -22.60 51.97
N GLY J 201 -13.51 -21.56 51.30
CA GLY J 201 -13.48 -20.22 51.85
C GLY J 201 -14.76 -19.43 51.68
N LYS J 202 -15.76 -20.00 51.00
CA LYS J 202 -17.04 -19.32 50.85
C LYS J 202 -17.82 -19.34 52.16
N ASP J 203 -18.04 -20.54 52.70
CA ASP J 203 -18.72 -20.69 54.00
C ASP J 203 -17.73 -20.52 55.15
N LEU J 204 -17.02 -19.40 55.12
CA LEU J 204 -16.02 -19.12 56.13
C LEU J 204 -16.68 -18.81 57.46
N PRO J 205 -16.26 -19.43 58.56
CA PRO J 205 -16.84 -19.12 59.87
C PRO J 205 -16.49 -17.70 60.31
N ALA J 206 -17.33 -17.17 61.18
CA ALA J 206 -17.18 -15.77 61.61
C ALA J 206 -15.89 -15.53 62.38
N SER J 207 -15.38 -16.55 63.08
CA SER J 207 -14.13 -16.36 63.83
C SER J 207 -12.95 -16.09 62.89
N GLU J 208 -12.88 -16.84 61.78
CA GLU J 208 -11.82 -16.59 60.81
C GLU J 208 -11.95 -15.22 60.19
N ARG J 209 -13.19 -14.77 59.94
CA ARG J 209 -13.40 -13.43 59.42
C ARG J 209 -12.92 -12.38 60.40
N GLU J 210 -13.22 -12.57 61.69
CA GLU J 210 -12.75 -11.63 62.70
C GLU J 210 -11.23 -11.59 62.76
N LEU J 211 -10.59 -12.76 62.70
CA LEU J 211 -9.12 -12.80 62.71
C LEU J 211 -8.55 -12.10 61.49
N ARG J 212 -9.15 -12.31 60.32
CA ARG J 212 -8.67 -11.65 59.10
C ARG J 212 -8.81 -10.15 59.20
N GLN J 213 -9.96 -9.67 59.68
CA GLN J 213 -10.17 -8.24 59.84
C GLN J 213 -9.19 -7.63 60.83
N GLN J 214 -8.94 -8.33 61.95
CA GLN J 214 -7.99 -7.84 62.94
C GLN J 214 -6.59 -7.78 62.36
N ARG J 215 -6.19 -8.79 61.57
CA ARG J 215 -4.88 -8.76 60.93
C ARG J 215 -4.77 -7.59 59.96
N VAL J 216 -5.82 -7.34 59.19
CA VAL J 216 -5.81 -6.22 58.25
C VAL J 216 -5.68 -4.89 59.00
N ILE J 217 -6.43 -4.74 60.10
CA ILE J 217 -6.38 -3.50 60.86
C ILE J 217 -5.00 -3.30 61.48
N SER J 218 -4.41 -4.37 62.04
CA SER J 218 -3.09 -4.27 62.63
C SER J 218 -2.04 -3.92 61.58
N ALA J 219 -2.13 -4.55 60.41
CA ALA J 219 -1.19 -4.23 59.33
C ALA J 219 -1.35 -2.78 58.89
N ALA J 220 -2.58 -2.28 58.84
CA ALA J 220 -2.81 -0.89 58.50
C ALA J 220 -2.18 0.05 59.53
N GLU J 221 -2.32 -0.28 60.82
CA GLU J 221 -1.72 0.54 61.86
C GLU J 221 -0.19 0.54 61.76
N LYS J 222 0.40 -0.63 61.49
CA LYS J 222 1.86 -0.68 61.31
C LYS J 222 2.28 0.11 60.08
N PHE J 223 1.48 0.08 59.01
CA PHE J 223 1.77 0.88 57.83
C PHE J 223 1.72 2.38 58.16
N VAL J 224 0.77 2.78 58.99
CA VAL J 224 0.72 4.17 59.46
C VAL J 224 1.99 4.50 60.23
N GLU J 225 2.47 3.57 61.05
CA GLU J 225 3.71 3.79 61.77
C GLU J 225 4.89 3.94 60.81
N ASP J 226 4.96 3.08 59.80
CA ASP J 226 6.01 3.15 58.80
C ASP J 226 5.52 2.49 57.51
N GLN J 227 5.84 3.12 56.38
CA GLN J 227 5.39 2.65 55.08
C GLN J 227 6.24 1.51 54.53
N ARG J 228 7.38 1.20 55.15
CA ARG J 228 8.27 0.17 54.62
C ARG J 228 7.86 -1.24 55.03
N THR J 229 6.91 -1.39 55.96
CA THR J 229 6.40 -2.71 56.28
C THR J 229 5.72 -3.35 55.07
N LEU J 230 5.08 -2.53 54.24
CA LEU J 230 4.53 -2.92 52.95
C LEU J 230 5.23 -2.13 51.86
N HIS J 231 4.75 -2.23 50.64
CA HIS J 231 5.29 -1.40 49.58
C HIS J 231 4.83 0.04 49.76
N PRO J 232 5.75 1.01 49.78
CA PRO J 232 5.35 2.40 50.02
C PRO J 232 4.52 2.95 48.87
N LEU J 233 3.70 3.94 49.19
CA LEU J 233 2.83 4.56 48.20
C LEU J 233 3.66 5.29 47.15
N ASN J 234 3.09 5.38 45.94
CA ASN J 234 3.77 5.97 44.78
C ASN J 234 2.87 7.03 44.17
N PRO J 235 2.86 8.24 44.72
CA PRO J 235 1.99 9.30 44.17
C PRO J 235 2.31 9.65 42.73
N ILE J 236 3.59 9.56 42.33
CA ILE J 236 3.98 9.94 40.98
C ILE J 236 3.27 9.06 39.96
N TRP J 237 3.30 7.74 40.18
CA TRP J 237 2.69 6.84 39.20
C TRP J 237 1.17 6.99 39.19
N ASP J 238 0.57 7.23 40.36
CA ASP J 238 -0.87 7.44 40.42
C ASP J 238 -1.29 8.67 39.61
N ASN J 239 -0.54 9.76 39.78
CA ASN J 239 -0.84 10.97 39.02
C ASN J 239 -0.64 10.76 37.53
N GLN J 240 0.42 10.04 37.15
CA GLN J 240 0.63 9.73 35.73
C GLN J 240 -0.52 8.91 35.18
N PHE J 241 -0.99 7.92 35.93
CA PHE J 241 -2.08 7.06 35.48
C PHE J 241 -3.36 7.86 35.28
N MET J 242 -3.70 8.72 36.25
CA MET J 242 -4.91 9.53 36.12
C MET J 242 -4.80 10.50 34.95
N THR J 243 -3.62 11.11 34.77
CA THR J 243 -3.43 12.04 33.65
C THR J 243 -3.56 11.32 32.32
N LEU J 244 -3.00 10.11 32.22
CA LEU J 244 -3.13 9.33 31.00
C LEU J 244 -4.59 8.99 30.72
N LEU J 245 -5.35 8.64 31.76
CA LEU J 245 -6.76 8.33 31.56
C LEU J 245 -7.53 9.55 31.07
N GLU J 246 -7.27 10.73 31.64
CA GLU J 246 -8.03 11.91 31.27
C GLU J 246 -7.70 12.38 29.85
N GLN J 247 -6.44 12.30 29.45
CA GLN J 247 -6.02 12.80 28.14
C GLN J 247 -6.42 11.87 26.99
N GLY J 248 -7.17 10.81 27.27
CA GLY J 248 -7.55 9.88 26.21
C GLY J 248 -6.39 9.10 25.64
N ARG J 249 -5.41 8.74 26.47
CA ARG J 249 -4.23 8.02 26.01
C ARG J 249 -4.18 6.65 26.66
N ILE J 250 -5.33 5.96 26.69
CA ILE J 250 -5.44 4.69 27.38
C ILE J 250 -4.57 3.63 26.71
N GLN J 251 -4.46 3.67 25.38
CA GLN J 251 -3.68 2.68 24.66
C GLN J 251 -2.21 2.67 25.04
N GLU J 252 -1.69 3.81 25.51
CA GLU J 252 -0.30 3.86 25.98
C GLU J 252 -0.06 2.92 27.14
N LEU J 253 -1.11 2.49 27.84
CA LEU J 253 -0.96 1.54 28.94
C LEU J 253 -0.72 0.12 28.46
N ASP J 254 -0.88 -0.15 27.15
CA ASP J 254 -0.62 -1.49 26.65
C ASP J 254 0.85 -1.87 26.73
N ALA J 255 1.75 -0.89 26.78
CA ALA J 255 3.18 -1.18 26.86
C ALA J 255 3.59 -1.62 28.26
N VAL J 256 2.86 -1.19 29.29
CA VAL J 256 3.19 -1.58 30.66
C VAL J 256 2.79 -3.04 30.87
N SER J 257 3.68 -3.81 31.48
CA SER J 257 3.44 -5.21 31.77
C SER J 257 3.00 -5.39 33.22
N ASN J 258 2.60 -6.63 33.55
CA ASN J 258 2.10 -6.90 34.89
C ASN J 258 3.21 -6.87 35.92
N GLU J 259 4.35 -7.50 35.62
CA GLU J 259 5.47 -7.51 36.56
C GLU J 259 6.06 -6.12 36.73
N GLU J 260 6.11 -5.34 35.65
CA GLU J 260 6.58 -3.97 35.76
C GLU J 260 5.68 -3.14 36.67
N LEU J 261 4.37 -3.30 36.54
CA LEU J 261 3.43 -2.58 37.40
C LEU J 261 3.58 -3.03 38.86
N SER J 262 3.73 -4.34 39.08
CA SER J 262 3.89 -4.84 40.44
C SER J 262 5.17 -4.31 41.07
N ALA J 263 6.25 -4.24 40.30
CA ALA J 263 7.50 -3.71 40.83
C ALA J 263 7.41 -2.22 41.11
N ILE J 264 6.79 -1.46 40.21
CA ILE J 264 6.74 -0.01 40.35
C ILE J 264 5.84 0.40 41.50
N ALA J 265 4.64 -0.18 41.58
CA ALA J 265 3.63 0.33 42.50
C ALA J 265 3.17 -0.66 43.56
N GLY J 266 3.25 -1.96 43.30
CA GLY J 266 2.76 -2.94 44.25
C GLY J 266 1.83 -3.96 43.64
N LYS J 267 1.65 -5.10 44.33
CA LYS J 267 0.87 -6.19 43.76
C LYS J 267 -0.62 -5.86 43.66
N SER J 268 -1.15 -5.07 44.60
CA SER J 268 -2.58 -4.79 44.61
C SER J 268 -2.97 -3.69 43.63
N THR J 269 -1.99 -2.96 43.09
CA THR J 269 -2.29 -1.90 42.14
C THR J 269 -3.04 -2.41 40.92
N HIS J 270 -2.99 -3.73 40.68
CA HIS J 270 -3.70 -4.30 39.54
C HIS J 270 -5.20 -4.06 39.63
N GLU J 271 -5.72 -3.71 40.81
CA GLU J 271 -7.14 -3.35 40.90
C GLU J 271 -7.51 -2.24 39.93
N ILE J 272 -6.56 -1.34 39.63
CA ILE J 272 -6.84 -0.24 38.71
C ILE J 272 -7.28 -0.72 37.34
N LYS J 273 -7.09 -2.01 37.02
CA LYS J 273 -7.59 -2.52 35.75
C LYS J 273 -9.07 -2.23 35.59
N THR J 274 -9.83 -2.30 36.69
CA THR J 274 -11.25 -1.96 36.63
C THR J 274 -11.45 -0.57 36.03
N TRP J 275 -10.70 0.42 36.54
CA TRP J 275 -10.77 1.77 36.00
C TRP J 275 -10.60 1.75 34.50
N VAL J 276 -9.56 1.05 34.02
CA VAL J 276 -9.28 1.02 32.59
C VAL J 276 -10.51 0.54 31.84
N ALA J 277 -11.10 -0.58 32.29
CA ALA J 277 -12.27 -1.11 31.61
C ALA J 277 -13.35 -0.05 31.52
N ALA J 278 -13.64 0.62 32.64
CA ALA J 278 -14.68 1.63 32.64
C ALA J 278 -14.43 2.68 31.57
N PHE J 279 -13.20 3.18 31.51
CA PHE J 279 -12.92 4.24 30.54
C PHE J 279 -13.10 3.74 29.13
N ALA J 280 -12.62 2.51 28.86
CA ALA J 280 -12.79 1.95 27.53
C ALA J 280 -14.27 1.94 27.14
N ALA J 281 -15.14 1.58 28.09
CA ALA J 281 -16.55 1.52 27.80
C ALA J 281 -17.07 2.87 27.30
N ILE J 282 -16.69 3.95 27.99
CA ILE J 282 -17.24 5.24 27.59
C ILE J 282 -16.73 5.65 26.22
N SER J 283 -15.56 5.14 25.80
CA SER J 283 -15.05 5.48 24.48
C SER J 283 -15.95 4.95 23.38
N ALA J 284 -16.85 4.01 23.69
CA ALA J 284 -17.76 3.51 22.68
C ALA J 284 -18.96 4.43 22.46
N PHE J 285 -19.18 5.41 23.36
CA PHE J 285 -20.36 6.25 23.23
C PHE J 285 -20.10 7.52 22.44
N GLY J 286 -18.84 7.81 22.11
CA GLY J 286 -18.52 9.00 21.36
C GLY J 286 -17.58 9.94 22.09
N ASN J 287 -17.75 11.24 21.89
CA ASN J 287 -16.90 12.22 22.56
C ASN J 287 -17.31 12.36 24.02
N TRP J 288 -16.32 12.52 24.89
CA TRP J 288 -16.55 12.66 26.32
C TRP J 288 -15.51 13.60 26.91
N ARG J 289 -15.81 14.13 28.08
CA ARG J 289 -14.87 14.98 28.81
C ARG J 289 -14.92 14.63 30.29
N SER J 290 -13.78 14.80 30.96
CA SER J 290 -13.59 14.39 32.34
C SER J 290 -13.81 15.57 33.29
N GLU J 291 -13.92 15.24 34.57
CA GLU J 291 -14.19 16.22 35.61
C GLU J 291 -13.98 15.57 36.97
N GLY J 292 -14.04 16.41 38.01
CA GLY J 292 -14.03 15.93 39.38
C GLY J 292 -12.79 15.16 39.78
N ARG J 293 -11.64 15.54 39.25
CA ARG J 293 -10.40 14.85 39.60
C ARG J 293 -10.04 15.13 41.05
N TYR J 294 -9.76 14.07 41.81
CA TYR J 294 -9.33 14.22 43.18
C TYR J 294 -8.37 13.09 43.51
N TYR J 295 -7.25 13.42 44.14
CA TYR J 295 -6.29 12.43 44.59
C TYR J 295 -5.69 12.88 45.90
N ARG J 296 -5.48 11.94 46.81
CA ARG J 296 -4.80 12.23 48.07
C ARG J 296 -4.23 10.96 48.67
N PRO J 297 -2.94 10.94 48.99
CA PRO J 297 -2.35 9.78 49.67
C PRO J 297 -2.72 9.78 51.15
N ILE J 298 -3.62 8.88 51.54
CA ILE J 298 -4.06 8.75 52.92
C ILE J 298 -3.29 7.59 53.54
N PRO J 299 -2.34 7.85 54.44
CA PRO J 299 -1.56 6.75 55.03
C PRO J 299 -2.34 5.97 56.08
N GLU J 300 -3.34 6.62 56.68
CA GLU J 300 -4.14 5.95 57.70
C GLU J 300 -4.86 4.74 57.13
N TRP J 301 -5.44 4.88 55.94
CA TRP J 301 -5.83 3.72 55.15
C TRP J 301 -4.63 3.24 54.34
N ILE J 302 -4.69 1.98 53.90
CA ILE J 302 -3.55 1.43 53.18
C ILE J 302 -3.42 2.06 51.80
N ALA J 303 -4.54 2.30 51.13
CA ALA J 303 -4.51 2.75 49.75
C ALA J 303 -4.35 4.27 49.65
N GLY J 304 -4.11 4.74 48.43
CA GLY J 304 -4.09 6.15 48.13
C GLY J 304 -5.37 6.55 47.43
N PHE J 305 -6.14 7.42 48.07
CA PHE J 305 -7.50 7.69 47.64
C PHE J 305 -7.52 8.47 46.33
N GLY J 306 -8.44 8.10 45.45
CA GLY J 306 -8.61 8.79 44.18
C GLY J 306 -10.05 8.73 43.73
N SER J 307 -10.40 9.68 42.85
CA SER J 307 -11.75 9.78 42.33
C SER J 307 -11.74 10.58 41.04
N LEU J 308 -12.53 10.15 40.07
CA LEU J 308 -12.57 10.79 38.76
C LEU J 308 -13.94 10.56 38.14
N SER J 309 -14.37 11.47 37.27
CA SER J 309 -15.66 11.33 36.61
C SER J 309 -15.52 11.74 35.15
N ALA J 310 -16.47 11.27 34.33
CA ALA J 310 -16.49 11.62 32.92
C ALA J 310 -17.92 11.64 32.44
N ARG J 311 -18.17 12.44 31.39
CA ARG J 311 -19.51 12.65 30.86
C ARG J 311 -19.43 12.69 29.34
N THR J 312 -20.39 12.05 28.68
CA THR J 312 -20.42 12.14 27.22
C THR J 312 -20.92 13.52 26.78
N GLU J 313 -20.41 13.97 25.64
CA GLU J 313 -20.79 15.26 25.06
C GLU J 313 -21.86 15.00 23.99
N ASN J 314 -23.12 15.07 24.41
CA ASN J 314 -24.24 14.82 23.52
C ASN J 314 -24.32 15.87 22.42
#